data_7RKV
#
_entry.id   7RKV
#
_cell.length_a   1.00
_cell.length_b   1.00
_cell.length_c   1.00
_cell.angle_alpha   90.00
_cell.angle_beta   90.00
_cell.angle_gamma   90.00
#
_symmetry.space_group_name_H-M   'P 1'
#
loop_
_entity.id
_entity.type
_entity.pdbx_description
1 polymer 'Spike glycoprotein'
2 polymer 'C118 Fab Heavy Chain'
3 polymer 'C118 Fab Light Chain'
4 non-polymer 2-acetamido-2-deoxy-beta-D-glucopyranose
#
loop_
_entity_poly.entity_id
_entity_poly.type
_entity_poly.pdbx_seq_one_letter_code
_entity_poly.pdbx_strand_id
1 'polypeptide(L)'
;MFVFLVLLPLVSSQCVNLTTRTQLPPAYTNSFTRGVYYPDKVFRSSVLHSTQDLFLPFFSNVTWFHAIHVSGTNGTKRFD
NPVLPFNDGVYFASTEKSNIIRGWIFGTTLDSKTQSLLIVNNATNVVIKVCEFQFCNDPFLGVYYHKNNKSWMESEFRVY
SSANNCTFEYVSQPFLMDLEGKQGNFKNLREFVFKNIDGYFKIYSKHTPINLVRDLPQGFSALEPLVDLPIGINITRFQT
LLALHRSYLTPGDSSSGWTAGAAAYYVGYLQPRTFLLKYNENGTITDAVDCALDPLSETKCTLKSFTVEKGIYQTSNFRV
QPTESIVRFPNITNLCPFGEVFNATRFASVYAWNRKRISNCVADYSVLYNSASFSTFKCYGVSPTKLNDLCFTNVYADSF
VIRGDEVRQIAPGQTGKIADYNYKLPDDFTGCVIAWNSNNLDSKVGGNYNYLYRLFRKSNLKPFERDISTEIYQAGSTPC
NGVEGFNCYFPLQSYGFQPTNGVGYQPYRVVVLSFELLHAPATVCGPKKSTNLVKNKCVNFNFNGLTGTGVLTESNKKFL
PFQQFGRDIADTTDAVRDPQTLEILDITPCSFGGVSVITPGTNTSNQVAVLYQDVNCTEVPVAIHADQLTPTWRVYSTGS
NVFQTRAGCLIGAEHVNNSYECDIPIGAGICASYQTQTNSPASVASQSIIAYTMSLGAENSVAYSNNSIAIPTNFTISVT
TEILPVSMTKTSVDCTMYICGDSTECSNLLLQYGSFCTQLNRALTGIAVEQDKNTQEVFAQVKQIYKTPPIKDFGGFNFS
QILPDPSKPSKRSPIEDLLFNKVTLADAGFIKQYGDCLGDIAARDLICAQKFNGLTVLPPLLTDEMIAQYTSALLAGTIT
SGWTFGAGPALQIPFPMQMAYRFNGIGVTQNVLYENQKLIANQFNSAIGKIQDSLSSTPSALGKLQDVVNQNAQALNTLV
KQLSSNFGAISSVLNDILSRLDPPEAEVQIDRLITGRLQSLQTYVTQQLIRAAEIRASANLAATKMSECVLGQSKRVDFC
GKGYHLMSFPQSAPHGVVFLHVTYVPAQEKNFTTAPAICHDGKAHFPREGVFVSNGTHWFVTQRNFYEPQIITTDNTFVS
GNCDVVIGIVNNTVYDPLQPELDSFKEELDKYFKNHTSPDVDLGDISGINASVVNIQKEIDRLNEVAKNLNESLIDLQEL
GKYEQYIKWPSGRLVPRGSPGSGYIPEAPRDGQAYVRKDGEWVLLSTFLGHHHHHHGLNDIFEAQKIEWHE
;
A,B,C
2 'polypeptide(L)'
;QVQLVESGGGVVQPGRSLRLSCAASGFTFSNYAMHWVRQAPGKGLEWVAVISYDGSNKYYADSVKGRFTISRDNSKNTLY
LQMNSLRAEDTAIYYCASGYTGYDYFVRGDYYGLDVWGQGTTVTVSSASTKGPSVFPLAPSSKSTSGGTAALGCLVKDYF
PEPVTVSWNSGALTSGVHTFPAVLQSSGLYSLSSVVTVPSSSLGTQTYICNVNHKPSNTKVDKRVEPKSCDKTHHHHHH
;
D,E,G
3 'polypeptide(L)'
;QPVLTQSPSASASLGASVKLTCTLSSGHSSYAIAWHQQQPEKGPRYLMKLNTDGSHSKGDGIPDRFSGSSSGAERYLTIS
SLQSEDEADYYCQTWGTGILVFGGGTKLTVLGQPKAAPSVTLFPPSSEELQANKATLVCLISDFYPGAVTVAWKADSSPV
KAGVETTTPSKQSNNKYAASSYLSLTPEQWKSHRSYSCQVTHEGSTVEKTVAPTECS
;
H,F,L
#
# COMPACT_ATOMS: atom_id res chain seq x y z
N ALA A 27 12.52 -30.99 -48.83
CA ALA A 27 13.68 -31.56 -48.15
C ALA A 27 13.95 -30.82 -46.84
N TYR A 28 14.56 -31.53 -45.90
CA TYR A 28 14.90 -30.96 -44.60
C TYR A 28 16.33 -31.36 -44.26
N THR A 29 16.99 -30.55 -43.42
CA THR A 29 18.30 -30.93 -42.95
C THR A 29 18.45 -30.61 -41.46
N ASN A 30 19.61 -31.04 -40.96
CA ASN A 30 20.03 -30.93 -39.57
C ASN A 30 20.82 -29.65 -39.34
N SER A 31 20.31 -28.76 -38.49
CA SER A 31 20.98 -27.50 -38.21
C SER A 31 22.26 -27.68 -37.41
N PHE A 32 22.47 -28.85 -36.80
CA PHE A 32 23.64 -29.12 -35.98
C PHE A 32 23.83 -28.04 -34.92
N THR A 33 24.96 -27.33 -34.95
CA THR A 33 25.26 -26.32 -33.94
C THR A 33 25.33 -24.92 -34.54
N ARG A 34 24.73 -24.71 -35.71
CA ARG A 34 24.70 -23.42 -36.36
C ARG A 34 23.51 -22.61 -35.84
N GLY A 35 23.58 -21.30 -36.02
CA GLY A 35 22.48 -20.42 -35.68
C GLY A 35 22.64 -19.59 -34.42
N VAL A 36 23.81 -19.61 -33.81
CA VAL A 36 24.09 -18.79 -32.63
C VAL A 36 24.56 -17.41 -33.09
N TYR A 37 24.11 -16.38 -32.38
CA TYR A 37 24.48 -15.00 -32.67
C TYR A 37 24.72 -14.28 -31.34
N TYR A 38 25.44 -13.17 -31.41
CA TYR A 38 25.73 -12.40 -30.21
C TYR A 38 24.47 -11.71 -29.69
N PRO A 39 23.94 -12.11 -28.53
CA PRO A 39 22.68 -11.53 -28.04
C PRO A 39 22.66 -10.02 -27.96
N ASP A 40 23.79 -9.40 -27.63
CA ASP A 40 23.84 -7.95 -27.47
C ASP A 40 25.24 -7.46 -27.79
N LYS A 41 25.42 -6.14 -27.68
CA LYS A 41 26.67 -5.46 -27.98
C LYS A 41 27.51 -5.28 -26.71
N VAL A 42 27.76 -6.38 -26.00
CA VAL A 42 28.46 -6.33 -24.73
C VAL A 42 29.67 -7.24 -24.78
N PHE A 43 30.81 -6.71 -24.36
CA PHE A 43 32.05 -7.47 -24.30
C PHE A 43 32.11 -8.31 -23.04
N ARG A 44 32.38 -9.61 -23.20
CA ARG A 44 32.51 -10.51 -22.06
C ARG A 44 33.76 -11.35 -22.29
N SER A 45 34.56 -11.53 -21.24
CA SER A 45 35.83 -12.23 -21.35
C SER A 45 35.88 -13.43 -20.40
N SER A 46 36.09 -14.61 -20.97
CA SER A 46 36.25 -15.84 -20.19
C SER A 46 35.14 -16.03 -19.16
N VAL A 47 33.91 -15.80 -19.59
CA VAL A 47 32.76 -15.93 -18.71
C VAL A 47 31.73 -16.79 -19.41
N LEU A 48 30.97 -17.56 -18.63
CA LEU A 48 29.85 -18.31 -19.16
C LEU A 48 28.59 -17.49 -18.94
N HIS A 49 27.93 -17.09 -20.02
CA HIS A 49 26.77 -16.23 -19.86
C HIS A 49 25.49 -16.94 -20.24
N SER A 50 24.52 -16.94 -19.33
CA SER A 50 23.23 -17.58 -19.54
C SER A 50 22.22 -16.52 -19.98
N THR A 51 21.62 -16.69 -21.15
CA THR A 51 20.67 -15.71 -21.66
C THR A 51 19.55 -16.42 -22.39
N GLN A 52 18.35 -15.83 -22.34
CA GLN A 52 17.20 -16.37 -23.07
C GLN A 52 16.79 -15.41 -24.18
N ASP A 53 16.70 -15.94 -25.40
CA ASP A 53 16.35 -15.16 -26.58
C ASP A 53 15.87 -16.11 -27.67
N LEU A 54 15.52 -15.54 -28.82
CA LEU A 54 15.09 -16.34 -29.96
C LEU A 54 16.32 -16.86 -30.69
N PHE A 55 16.54 -18.17 -30.60
CA PHE A 55 17.70 -18.82 -31.21
C PHE A 55 17.24 -20.04 -32.00
N LEU A 56 18.07 -20.45 -32.95
CA LEU A 56 17.82 -21.67 -33.69
C LEU A 56 18.23 -22.87 -32.84
N PRO A 57 17.31 -23.77 -32.51
CA PRO A 57 17.65 -24.92 -31.65
C PRO A 57 18.74 -25.78 -32.27
N PHE A 58 19.56 -26.38 -31.40
CA PHE A 58 20.65 -27.25 -31.91
C PHE A 58 20.04 -28.53 -32.48
N PHE A 59 20.49 -28.95 -33.67
CA PHE A 59 20.01 -30.21 -34.29
C PHE A 59 18.54 -30.09 -34.67
N SER A 60 18.04 -28.86 -34.84
CA SER A 60 16.64 -28.68 -35.31
C SER A 60 16.56 -28.96 -36.81
N ASN A 61 15.38 -29.34 -37.32
CA ASN A 61 15.24 -29.53 -38.78
C ASN A 61 14.97 -28.19 -39.44
N VAL A 62 15.78 -27.85 -40.45
CA VAL A 62 15.61 -26.55 -41.18
C VAL A 62 15.22 -26.88 -42.62
N THR A 63 14.18 -26.24 -43.15
CA THR A 63 13.69 -26.59 -44.50
C THR A 63 14.76 -26.30 -45.55
N TRP A 64 14.98 -27.24 -46.47
CA TRP A 64 15.97 -27.05 -47.56
C TRP A 64 15.19 -26.68 -48.82
N PHE A 65 15.67 -25.69 -49.57
CA PHE A 65 15.00 -25.29 -50.79
C PHE A 65 16.02 -25.30 -51.93
N HIS A 66 15.58 -25.69 -53.11
CA HIS A 66 16.45 -25.67 -54.28
C HIS A 66 16.00 -24.60 -55.27
N ASP A 80 14.04 -22.53 -57.56
CA ASP A 80 12.73 -22.07 -57.10
C ASP A 80 12.85 -21.01 -56.02
N ASN A 81 11.68 -20.50 -55.60
CA ASN A 81 11.53 -19.46 -54.59
C ASN A 81 10.05 -19.18 -54.31
N PRO A 82 9.40 -20.09 -53.59
CA PRO A 82 8.00 -19.87 -53.21
C PRO A 82 7.92 -18.87 -52.07
N VAL A 83 6.71 -18.42 -51.79
CA VAL A 83 6.51 -17.54 -50.65
C VAL A 83 6.45 -18.40 -49.41
N LEU A 84 7.28 -18.06 -48.43
CA LEU A 84 7.40 -18.80 -47.20
C LEU A 84 6.90 -18.00 -46.01
N PRO A 85 6.41 -18.66 -44.97
CA PRO A 85 5.97 -17.93 -43.77
C PRO A 85 7.15 -17.39 -42.99
N PHE A 86 6.89 -16.31 -42.25
CA PHE A 86 7.84 -15.69 -41.34
C PHE A 86 7.19 -15.70 -39.97
N ASN A 87 7.77 -16.42 -39.01
CA ASN A 87 7.07 -16.56 -37.73
C ASN A 87 7.61 -15.60 -36.67
N ASP A 88 8.52 -16.08 -35.82
CA ASP A 88 9.13 -15.27 -34.79
C ASP A 88 10.37 -14.56 -35.31
N GLY A 89 11.02 -15.17 -36.28
CA GLY A 89 12.20 -14.66 -36.93
C GLY A 89 12.68 -15.74 -37.87
N VAL A 90 13.59 -15.37 -38.77
CA VAL A 90 14.01 -16.33 -39.77
C VAL A 90 15.53 -16.46 -39.80
N TYR A 91 15.98 -17.70 -39.86
CA TYR A 91 17.37 -18.05 -40.10
C TYR A 91 17.49 -18.38 -41.58
N PHE A 92 18.46 -17.80 -42.25
CA PHE A 92 18.62 -18.05 -43.66
C PHE A 92 20.07 -18.44 -43.89
N ALA A 93 20.29 -19.41 -44.77
CA ALA A 93 21.67 -19.74 -45.11
C ALA A 93 21.75 -20.17 -46.56
N SER A 94 22.90 -19.90 -47.17
CA SER A 94 23.13 -20.30 -48.54
C SER A 94 24.60 -20.64 -48.72
N THR A 95 24.87 -21.47 -49.71
CA THR A 95 26.23 -21.90 -50.05
C THR A 95 26.34 -21.66 -51.55
N GLU A 96 26.48 -20.39 -51.92
CA GLU A 96 26.56 -20.03 -53.33
C GLU A 96 27.93 -19.49 -53.74
N LYS A 97 28.40 -19.96 -54.90
CA LYS A 97 29.62 -19.45 -55.51
C LYS A 97 29.32 -18.42 -56.60
N SER A 98 28.12 -18.47 -57.19
CA SER A 98 27.71 -17.54 -58.24
C SER A 98 26.86 -16.37 -57.73
N ASN A 99 26.60 -16.28 -56.43
CA ASN A 99 25.80 -15.20 -55.85
C ASN A 99 24.46 -15.05 -56.56
N ILE A 100 23.72 -16.16 -56.66
CA ILE A 100 22.43 -16.11 -57.34
C ILE A 100 21.38 -15.44 -56.45
N ILE A 101 21.34 -15.81 -55.17
CA ILE A 101 20.39 -15.24 -54.22
C ILE A 101 21.01 -13.97 -53.64
N ARG A 102 20.36 -12.82 -53.84
CA ARG A 102 21.00 -11.57 -53.40
C ARG A 102 19.97 -10.51 -53.00
N GLY A 103 18.93 -10.92 -52.29
CA GLY A 103 17.95 -9.95 -51.85
C GLY A 103 16.79 -10.63 -51.15
N TRP A 104 15.95 -9.80 -50.55
CA TRP A 104 14.79 -10.28 -49.82
C TRP A 104 13.67 -9.26 -49.86
N ILE A 105 12.46 -9.78 -49.70
CA ILE A 105 11.24 -9.00 -49.53
C ILE A 105 10.62 -9.40 -48.20
N PHE A 106 10.30 -8.41 -47.36
CA PHE A 106 9.66 -8.67 -46.09
C PHE A 106 8.41 -7.81 -46.00
N GLY A 107 7.33 -8.37 -45.47
CA GLY A 107 6.12 -7.62 -45.25
C GLY A 107 4.94 -8.53 -44.96
N THR A 108 3.75 -8.01 -45.21
CA THR A 108 2.51 -8.74 -44.97
C THR A 108 1.73 -8.99 -46.26
N THR A 109 1.27 -7.94 -46.93
CA THR A 109 0.46 -8.06 -48.14
C THR A 109 1.29 -8.23 -49.40
N LEU A 110 2.43 -7.52 -49.47
CA LEU A 110 3.34 -7.58 -50.62
C LEU A 110 2.62 -7.28 -51.94
N ASP A 111 1.61 -6.39 -51.89
CA ASP A 111 0.85 -6.06 -53.09
C ASP A 111 0.53 -4.58 -53.21
N SER A 112 1.25 -3.72 -52.47
CA SER A 112 1.14 -2.25 -52.40
C SER A 112 0.13 -1.80 -51.36
N LYS A 113 -0.59 -2.72 -50.73
CA LYS A 113 -1.55 -2.31 -49.71
C LYS A 113 -0.86 -1.82 -48.44
N THR A 114 0.28 -2.42 -48.10
CA THR A 114 0.98 -2.04 -46.84
C THR A 114 2.45 -1.75 -47.12
N GLN A 115 3.11 -1.02 -46.23
CA GLN A 115 4.57 -0.74 -46.38
C GLN A 115 5.34 -2.06 -46.28
N SER A 116 6.35 -2.25 -47.13
CA SER A 116 7.14 -3.51 -47.13
C SER A 116 8.63 -3.18 -47.27
N LEU A 117 9.50 -4.05 -46.78
CA LEU A 117 10.97 -3.78 -46.84
C LEU A 117 11.58 -4.58 -47.99
N LEU A 118 12.30 -3.89 -48.89
CA LEU A 118 12.96 -4.59 -50.02
C LEU A 118 14.47 -4.36 -49.92
N ILE A 119 15.25 -5.44 -49.97
CA ILE A 119 16.73 -5.33 -49.91
C ILE A 119 17.29 -5.87 -51.22
N VAL A 120 18.21 -5.15 -51.86
CA VAL A 120 18.84 -5.62 -53.12
C VAL A 120 20.35 -5.42 -53.02
N ASN A 121 21.09 -6.49 -52.76
CA ASN A 121 22.54 -6.39 -52.63
C ASN A 121 23.05 -6.48 -54.06
N ASN A 122 22.96 -5.34 -54.74
CA ASN A 122 23.28 -5.27 -56.14
C ASN A 122 24.67 -4.68 -56.34
N ALA A 123 25.47 -5.35 -57.16
CA ALA A 123 26.81 -4.90 -57.54
C ALA A 123 27.64 -4.52 -56.32
N THR A 124 27.92 -3.22 -56.22
CA THR A 124 28.72 -2.59 -55.18
C THR A 124 27.90 -1.75 -54.22
N ASN A 125 26.56 -1.76 -54.34
CA ASN A 125 25.69 -0.93 -53.53
C ASN A 125 24.48 -1.74 -53.08
N VAL A 126 24.40 -2.01 -51.79
CA VAL A 126 23.26 -2.71 -51.22
C VAL A 126 22.27 -1.67 -50.75
N VAL A 127 21.03 -1.77 -51.22
CA VAL A 127 20.02 -0.78 -50.94
C VAL A 127 18.95 -1.40 -50.05
N ILE A 128 18.68 -0.77 -48.92
CA ILE A 128 17.62 -1.18 -48.01
C ILE A 128 16.55 -0.10 -48.14
N LYS A 129 15.37 -0.50 -48.61
CA LYS A 129 14.33 0.49 -48.87
C LYS A 129 13.00 -0.01 -48.34
N VAL A 130 12.28 0.86 -47.65
CA VAL A 130 10.97 0.53 -47.13
C VAL A 130 9.96 1.45 -47.79
N CYS A 131 9.02 0.86 -48.53
CA CYS A 131 8.01 1.58 -49.28
C CYS A 131 6.78 0.69 -49.40
N GLU A 132 5.71 1.28 -49.89
CA GLU A 132 4.49 0.56 -50.22
C GLU A 132 4.67 0.03 -51.62
N PHE A 133 5.49 -1.02 -51.70
CA PHE A 133 5.85 -1.63 -52.97
C PHE A 133 4.69 -2.45 -53.47
N GLN A 134 4.46 -2.40 -54.77
CA GLN A 134 3.48 -3.26 -55.42
C GLN A 134 4.34 -4.32 -56.09
N PHE A 135 4.47 -5.45 -55.42
CA PHE A 135 5.41 -6.46 -55.84
C PHE A 135 4.82 -7.31 -56.94
N CYS A 136 5.71 -7.87 -57.75
CA CYS A 136 5.33 -8.83 -58.75
C CYS A 136 4.84 -10.10 -58.08
N ASN A 137 3.99 -10.84 -58.78
CA ASN A 137 3.47 -12.09 -58.22
C ASN A 137 4.54 -13.16 -58.28
N ASP A 138 5.64 -12.85 -58.96
CA ASP A 138 6.79 -13.74 -59.07
C ASP A 138 7.99 -12.83 -59.25
N PRO A 139 8.38 -12.13 -58.18
CA PRO A 139 9.43 -11.11 -58.32
C PRO A 139 10.79 -11.74 -58.54
N PHE A 140 11.60 -11.07 -59.36
CA PHE A 140 12.95 -11.55 -59.61
C PHE A 140 13.81 -10.40 -60.11
N LEU A 141 15.11 -10.65 -60.09
CA LEU A 141 16.12 -9.75 -60.64
C LEU A 141 16.68 -10.43 -61.88
N GLY A 142 17.11 -9.64 -62.86
CA GLY A 142 17.69 -10.17 -64.07
C GLY A 142 19.21 -10.23 -64.02
N VAL A 143 19.79 -10.48 -65.19
CA VAL A 143 21.23 -10.60 -65.32
C VAL A 143 21.74 -9.64 -66.39
N GLU A 156 18.39 -5.86 -65.33
CA GLU A 156 16.96 -6.11 -65.27
C GLU A 156 16.50 -6.27 -63.82
N PHE A 157 15.43 -5.56 -63.47
CA PHE A 157 14.87 -5.62 -62.12
C PHE A 157 13.35 -5.70 -62.23
N ARG A 158 12.78 -6.84 -61.84
CA ARG A 158 11.34 -7.03 -61.91
C ARG A 158 10.88 -7.63 -60.59
N VAL A 159 10.90 -6.77 -59.57
CA VAL A 159 10.56 -7.12 -58.20
C VAL A 159 9.19 -6.57 -57.84
N TYR A 160 8.95 -5.33 -58.25
CA TYR A 160 7.74 -4.60 -57.98
C TYR A 160 7.40 -3.76 -59.22
N SER A 161 6.12 -3.39 -59.33
CA SER A 161 5.64 -2.55 -60.41
C SER A 161 5.39 -1.11 -59.98
N SER A 162 5.28 -0.85 -58.68
CA SER A 162 4.99 0.47 -58.13
C SER A 162 5.66 0.59 -56.76
N ALA A 163 5.98 1.83 -56.35
CA ALA A 163 6.60 2.05 -55.02
C ALA A 163 6.13 3.36 -54.37
N ASN A 164 4.95 3.30 -53.75
CA ASN A 164 4.23 4.44 -53.17
C ASN A 164 4.60 4.63 -51.70
N ASN A 165 4.40 5.83 -51.18
CA ASN A 165 4.57 6.08 -49.74
C ASN A 165 5.91 5.55 -49.24
N CYS A 166 6.97 5.92 -49.97
CA CYS A 166 8.30 5.51 -49.52
C CYS A 166 8.66 6.19 -48.24
N THR A 167 9.10 5.39 -47.28
CA THR A 167 9.46 5.85 -45.96
C THR A 167 10.94 5.71 -45.63
N PHE A 168 11.67 4.81 -46.29
CA PHE A 168 13.06 4.65 -45.88
C PHE A 168 13.97 4.21 -47.02
N GLU A 169 15.18 4.76 -47.05
CA GLU A 169 16.22 4.30 -47.96
C GLU A 169 17.57 4.46 -47.28
N TYR A 170 18.42 3.45 -47.40
CA TYR A 170 19.74 3.53 -46.81
C TYR A 170 20.68 2.79 -47.74
N VAL A 171 21.86 3.36 -47.97
CA VAL A 171 22.88 2.79 -48.85
C VAL A 171 24.20 2.73 -48.10
N SER A 172 24.86 1.58 -48.16
CA SER A 172 26.15 1.38 -47.53
C SER A 172 27.06 0.48 -48.38
N ASN A 188 30.60 -18.28 -51.00
CA ASN A 188 30.86 -19.41 -50.11
C ASN A 188 29.64 -19.70 -49.25
N LEU A 189 29.84 -19.87 -47.94
CA LEU A 189 28.73 -20.09 -47.01
C LEU A 189 28.36 -18.78 -46.33
N ARG A 190 27.12 -18.35 -46.52
CA ARG A 190 26.61 -17.11 -45.96
C ARG A 190 25.42 -17.41 -45.07
N GLU A 191 25.45 -16.92 -43.84
CA GLU A 191 24.39 -17.16 -42.88
C GLU A 191 23.86 -15.81 -42.39
N PHE A 192 22.55 -15.73 -42.25
CA PHE A 192 21.88 -14.50 -41.83
C PHE A 192 20.80 -14.83 -40.82
N VAL A 193 20.57 -13.89 -39.91
CA VAL A 193 19.43 -13.94 -38.99
C VAL A 193 18.65 -12.65 -39.16
N PHE A 194 17.34 -12.78 -39.37
CA PHE A 194 16.44 -11.65 -39.56
C PHE A 194 15.38 -11.69 -38.47
N LYS A 195 15.35 -10.67 -37.62
CA LYS A 195 14.29 -10.63 -36.61
C LYS A 195 13.81 -9.20 -36.43
N ASN A 196 12.53 -9.03 -36.14
CA ASN A 196 11.96 -7.69 -35.91
C ASN A 196 11.52 -7.62 -34.46
N ILE A 197 12.31 -6.93 -33.64
CA ILE A 197 12.08 -6.82 -32.21
C ILE A 197 11.81 -5.36 -31.83
N ASP A 198 10.63 -5.12 -31.27
CA ASP A 198 10.21 -3.81 -30.75
C ASP A 198 10.42 -2.67 -31.74
N GLY A 199 10.13 -2.92 -33.01
CA GLY A 199 10.21 -1.89 -34.02
C GLY A 199 11.52 -1.85 -34.77
N TYR A 200 12.54 -2.57 -34.33
CA TYR A 200 13.83 -2.60 -35.01
C TYR A 200 13.99 -3.91 -35.76
N PHE A 201 14.32 -3.83 -37.05
CA PHE A 201 14.58 -5.01 -37.85
C PHE A 201 16.08 -5.26 -37.80
N LYS A 202 16.49 -6.25 -37.03
CA LYS A 202 17.89 -6.53 -36.77
C LYS A 202 18.34 -7.68 -37.65
N ILE A 203 19.42 -7.46 -38.38
CA ILE A 203 20.00 -8.44 -39.27
C ILE A 203 21.41 -8.73 -38.80
N TYR A 204 21.70 -10.02 -38.63
CA TYR A 204 23.00 -10.54 -38.24
C TYR A 204 23.52 -11.36 -39.41
N SER A 205 24.84 -11.43 -39.56
CA SER A 205 25.37 -12.21 -40.67
C SER A 205 26.77 -12.74 -40.36
N LYS A 206 27.12 -13.79 -41.11
CA LYS A 206 28.45 -14.39 -41.09
C LYS A 206 28.75 -14.93 -42.48
N HIS A 207 30.00 -14.76 -42.91
CA HIS A 207 30.47 -15.30 -44.19
C HIS A 207 31.70 -16.16 -43.96
N THR A 208 31.60 -17.45 -44.25
CA THR A 208 32.69 -18.37 -44.01
C THR A 208 33.04 -19.20 -45.23
N PRO A 209 34.23 -19.80 -45.24
CA PRO A 209 34.58 -20.80 -46.26
C PRO A 209 33.66 -22.00 -46.19
N ILE A 210 33.49 -22.66 -47.33
CA ILE A 210 32.67 -23.86 -47.45
C ILE A 210 33.50 -24.93 -48.15
N ASN A 211 33.58 -26.11 -47.54
CA ASN A 211 34.32 -27.23 -48.11
C ASN A 211 33.43 -28.42 -48.37
N LEU A 212 32.11 -28.24 -48.29
CA LEU A 212 31.14 -29.29 -48.57
C LEU A 212 30.35 -28.86 -49.79
N VAL A 213 29.90 -29.84 -50.57
CA VAL A 213 29.17 -29.53 -51.80
C VAL A 213 27.67 -29.40 -51.57
N ARG A 214 27.07 -30.33 -50.82
CA ARG A 214 25.63 -30.32 -50.53
C ARG A 214 25.39 -30.59 -49.05
N ASP A 215 25.84 -29.69 -48.18
CA ASP A 215 25.68 -29.93 -46.75
C ASP A 215 25.75 -28.60 -45.99
N LEU A 216 25.54 -28.71 -44.68
CA LEU A 216 25.64 -27.58 -43.74
C LEU A 216 26.70 -27.93 -42.71
N PRO A 217 27.92 -27.44 -42.88
CA PRO A 217 29.06 -27.94 -42.09
C PRO A 217 28.80 -27.95 -40.60
N GLN A 218 29.22 -29.04 -39.95
CA GLN A 218 29.03 -29.24 -38.51
C GLN A 218 30.15 -28.53 -37.76
N GLY A 219 30.05 -27.20 -37.76
CA GLY A 219 31.01 -26.34 -37.10
C GLY A 219 30.29 -25.33 -36.25
N PHE A 220 31.01 -24.34 -35.70
CA PHE A 220 30.37 -23.35 -34.86
C PHE A 220 30.94 -21.97 -35.13
N SER A 221 30.04 -21.04 -35.42
CA SER A 221 30.37 -19.62 -35.57
C SER A 221 29.19 -18.83 -35.05
N ALA A 222 29.47 -17.70 -34.40
CA ALA A 222 28.43 -16.79 -33.96
C ALA A 222 28.29 -15.65 -34.96
N LEU A 223 27.06 -15.33 -35.33
CA LEU A 223 26.81 -14.26 -36.28
C LEU A 223 26.89 -12.90 -35.59
N GLU A 224 27.51 -11.99 -36.24
CA GLU A 224 27.72 -10.67 -35.68
C GLU A 224 26.60 -9.75 -36.14
N PRO A 225 26.20 -8.77 -35.33
CA PRO A 225 25.17 -7.84 -35.78
C PRO A 225 25.65 -7.05 -36.99
N LEU A 226 24.76 -6.89 -37.95
CA LEU A 226 25.05 -6.17 -39.18
C LEU A 226 24.29 -4.85 -39.22
N VAL A 227 22.97 -4.91 -39.16
CA VAL A 227 22.15 -3.70 -39.15
C VAL A 227 21.03 -3.80 -38.14
N ASP A 228 20.52 -2.62 -37.74
CA ASP A 228 19.36 -2.47 -36.85
C ASP A 228 18.40 -1.42 -37.40
N LEU A 229 17.60 -1.80 -38.40
CA LEU A 229 16.82 -0.84 -39.16
C LEU A 229 15.66 -0.30 -38.34
N PRO A 230 15.59 1.00 -38.13
CA PRO A 230 14.51 1.60 -37.32
C PRO A 230 13.21 1.76 -38.11
N ILE A 231 12.65 0.63 -38.58
CA ILE A 231 11.45 0.65 -39.42
C ILE A 231 10.29 -0.07 -38.73
N GLY A 232 9.16 0.62 -38.63
CA GLY A 232 7.94 0.09 -38.03
C GLY A 232 7.16 -0.82 -38.96
N ILE A 233 7.70 -1.98 -39.33
CA ILE A 233 7.06 -2.85 -40.29
C ILE A 233 6.58 -4.05 -39.49
N ASN A 234 5.34 -4.42 -39.70
CA ASN A 234 4.76 -5.59 -39.04
C ASN A 234 4.94 -6.67 -40.10
N ILE A 235 5.83 -7.65 -39.84
CA ILE A 235 6.22 -8.72 -40.79
C ILE A 235 5.69 -10.08 -40.38
N THR A 236 4.87 -10.70 -41.24
CA THR A 236 4.31 -12.02 -40.97
C THR A 236 4.65 -13.06 -42.03
N ARG A 237 5.12 -12.64 -43.20
CA ARG A 237 5.52 -13.49 -44.31
C ARG A 237 6.77 -12.87 -44.91
N PHE A 238 7.58 -13.69 -45.59
CA PHE A 238 8.73 -13.13 -46.28
C PHE A 238 9.02 -13.98 -47.50
N GLN A 239 9.79 -13.40 -48.42
CA GLN A 239 10.19 -14.09 -49.64
C GLN A 239 11.60 -13.68 -50.00
N THR A 240 12.37 -14.61 -50.55
CA THR A 240 13.73 -14.34 -50.98
C THR A 240 13.75 -13.78 -52.40
N LEU A 241 14.86 -13.15 -52.75
CA LEU A 241 15.08 -12.64 -54.10
C LEU A 241 16.36 -13.23 -54.68
N LEU A 242 16.24 -13.80 -55.87
CA LEU A 242 17.36 -14.44 -56.56
C LEU A 242 17.37 -14.02 -58.02
N ALA A 243 18.56 -14.01 -58.60
CA ALA A 243 18.70 -13.77 -60.03
C ALA A 243 18.34 -15.01 -60.84
N ALA A 263 21.74 -23.31 -57.47
CA ALA A 263 21.59 -22.58 -56.21
C ALA A 263 20.72 -23.36 -55.23
N ALA A 264 20.93 -23.10 -53.95
CA ALA A 264 20.17 -23.76 -52.89
C ALA A 264 20.24 -22.89 -51.64
N TYR A 265 19.21 -22.97 -50.81
CA TYR A 265 19.20 -22.21 -49.57
C TYR A 265 18.42 -22.96 -48.49
N TYR A 266 18.65 -22.56 -47.24
CA TYR A 266 18.02 -23.18 -46.08
C TYR A 266 17.28 -22.10 -45.29
N VAL A 267 16.12 -22.46 -44.75
CA VAL A 267 15.32 -21.57 -43.92
C VAL A 267 14.94 -22.24 -42.61
N GLY A 268 15.25 -21.59 -41.50
CA GLY A 268 14.88 -22.07 -40.17
C GLY A 268 14.11 -21.00 -39.41
N TYR A 269 13.63 -21.38 -38.23
CA TYR A 269 12.88 -20.46 -37.38
C TYR A 269 13.45 -20.42 -35.96
N LEU A 270 13.39 -19.24 -35.36
CA LEU A 270 13.92 -18.97 -34.03
C LEU A 270 12.89 -19.30 -32.96
N GLN A 271 13.38 -19.69 -31.78
CA GLN A 271 12.49 -19.98 -30.66
C GLN A 271 13.00 -19.33 -29.38
N PRO A 272 12.10 -19.03 -28.44
CA PRO A 272 12.51 -18.40 -27.18
C PRO A 272 13.21 -19.34 -26.22
N ARG A 273 14.43 -19.74 -26.59
CA ARG A 273 15.22 -20.71 -25.83
C ARG A 273 16.32 -20.01 -25.03
N THR A 274 16.78 -20.70 -23.99
CA THR A 274 17.86 -20.21 -23.16
C THR A 274 19.15 -20.91 -23.57
N PHE A 275 20.21 -20.13 -23.80
CA PHE A 275 21.52 -20.65 -24.15
C PHE A 275 22.58 -20.20 -23.15
N LEU A 276 23.54 -21.09 -22.91
CA LEU A 276 24.74 -20.76 -22.15
C LEU A 276 25.89 -20.59 -23.15
N LEU A 277 26.38 -19.35 -23.28
CA LEU A 277 27.37 -18.91 -24.26
C LEU A 277 28.77 -18.80 -23.68
N LYS A 278 29.76 -19.41 -24.38
CA LYS A 278 31.16 -19.41 -23.92
C LYS A 278 31.97 -18.32 -24.59
N TYR A 279 32.40 -17.35 -23.80
CA TYR A 279 33.20 -16.26 -24.34
C TYR A 279 34.66 -16.60 -24.13
N ASN A 280 35.49 -16.16 -25.06
CA ASN A 280 36.92 -16.32 -24.93
C ASN A 280 37.50 -15.05 -24.33
N GLU A 281 38.83 -15.02 -24.22
CA GLU A 281 39.48 -13.85 -23.67
C GLU A 281 39.36 -12.66 -24.60
N ASN A 282 38.98 -12.89 -25.86
CA ASN A 282 38.85 -11.81 -26.83
C ASN A 282 37.41 -11.37 -27.07
N GLY A 283 36.46 -11.82 -26.26
CA GLY A 283 35.09 -11.35 -26.39
C GLY A 283 34.27 -12.07 -27.43
N THR A 284 34.76 -13.15 -28.03
CA THR A 284 34.00 -13.87 -29.03
C THR A 284 33.33 -15.08 -28.38
N ILE A 285 32.33 -15.61 -29.05
CA ILE A 285 31.66 -16.83 -28.59
C ILE A 285 32.26 -18.04 -29.30
N THR A 286 32.78 -18.98 -28.51
CA THR A 286 33.44 -20.16 -29.07
C THR A 286 32.58 -21.40 -28.99
N ASP A 287 31.61 -21.47 -28.08
CA ASP A 287 30.71 -22.60 -27.97
C ASP A 287 29.42 -22.14 -27.31
N ALA A 288 28.47 -23.07 -27.21
CA ALA A 288 27.20 -22.77 -26.57
C ALA A 288 26.52 -24.08 -26.20
N VAL A 289 25.67 -24.00 -25.17
CA VAL A 289 24.84 -25.11 -24.74
C VAL A 289 23.37 -24.70 -24.83
N ASP A 290 22.58 -25.51 -25.53
CA ASP A 290 21.13 -25.34 -25.64
C ASP A 290 20.48 -26.03 -24.45
N CYS A 291 19.95 -25.26 -23.51
CA CYS A 291 19.52 -25.79 -22.24
C CYS A 291 18.34 -26.77 -22.33
N ALA A 292 17.65 -26.82 -23.47
CA ALA A 292 16.49 -27.69 -23.64
C ALA A 292 16.77 -28.86 -24.58
N LEU A 293 18.01 -29.01 -25.04
CA LEU A 293 18.32 -30.05 -26.03
C LEU A 293 18.19 -31.45 -25.45
N ASP A 294 18.78 -31.69 -24.29
CA ASP A 294 18.72 -33.00 -23.66
C ASP A 294 19.05 -32.84 -22.18
N PRO A 295 18.91 -33.90 -21.38
CA PRO A 295 19.23 -33.77 -19.95
C PRO A 295 20.68 -33.43 -19.65
N LEU A 296 21.59 -33.68 -20.59
CA LEU A 296 22.98 -33.35 -20.30
C LEU A 296 23.22 -31.87 -20.50
N SER A 297 22.64 -31.31 -21.57
CA SER A 297 22.76 -29.88 -21.79
C SER A 297 22.03 -29.13 -20.67
N GLU A 298 20.90 -29.69 -20.24
CA GLU A 298 20.14 -29.08 -19.16
C GLU A 298 20.98 -29.08 -17.88
N THR A 299 21.70 -30.17 -17.61
CA THR A 299 22.56 -30.22 -16.44
C THR A 299 23.65 -29.17 -16.54
N LYS A 300 24.26 -29.05 -17.72
CA LYS A 300 25.29 -28.05 -17.92
C LYS A 300 24.76 -26.67 -17.60
N CYS A 301 23.56 -26.36 -18.07
CA CYS A 301 22.96 -25.04 -17.79
C CYS A 301 22.67 -24.85 -16.31
N THR A 302 22.22 -25.91 -15.63
CA THR A 302 21.95 -25.79 -14.19
C THR A 302 23.21 -25.49 -13.42
N LEU A 303 24.31 -26.16 -13.75
CA LEU A 303 25.57 -25.92 -13.06
C LEU A 303 26.28 -24.67 -13.56
N LYS A 304 25.86 -24.18 -14.73
CA LYS A 304 26.49 -23.06 -15.42
C LYS A 304 27.96 -23.38 -15.66
N SER A 305 28.19 -24.60 -16.13
CA SER A 305 29.50 -25.13 -16.46
C SER A 305 29.40 -25.90 -17.78
N PHE A 306 30.46 -25.89 -18.57
CA PHE A 306 30.48 -26.63 -19.82
C PHE A 306 30.99 -28.03 -19.65
N THR A 307 31.48 -28.33 -18.47
CA THR A 307 32.00 -29.63 -18.12
C THR A 307 31.19 -30.01 -16.90
N VAL A 308 30.64 -31.21 -16.91
CA VAL A 308 29.86 -31.68 -15.77
C VAL A 308 30.74 -32.63 -14.99
N GLU A 309 30.86 -32.38 -13.70
CA GLU A 309 31.70 -33.27 -12.92
C GLU A 309 30.89 -34.49 -12.56
N LYS A 310 31.58 -35.52 -12.12
CA LYS A 310 30.91 -36.75 -11.71
C LYS A 310 30.03 -36.50 -10.50
N GLY A 311 28.79 -36.95 -10.56
CA GLY A 311 27.88 -36.80 -9.44
C GLY A 311 26.44 -36.75 -9.92
N ILE A 312 25.57 -36.37 -8.98
CA ILE A 312 24.12 -36.26 -9.19
C ILE A 312 23.69 -34.83 -8.94
N TYR A 313 22.94 -34.27 -9.90
CA TYR A 313 22.49 -32.89 -9.84
C TYR A 313 20.99 -32.85 -10.08
N GLN A 314 20.27 -32.02 -9.34
CA GLN A 314 18.84 -31.86 -9.57
C GLN A 314 18.70 -30.76 -10.63
N THR A 315 18.07 -31.12 -11.76
CA THR A 315 17.98 -30.21 -12.89
C THR A 315 16.58 -29.75 -13.24
N SER A 316 15.53 -30.48 -12.88
CA SER A 316 14.24 -29.99 -13.29
C SER A 316 13.27 -30.40 -12.19
N ASN A 317 11.96 -30.22 -12.44
CA ASN A 317 10.91 -30.50 -11.45
C ASN A 317 9.71 -31.02 -12.24
N PHE A 318 9.48 -32.32 -12.07
CA PHE A 318 8.41 -33.03 -12.76
C PHE A 318 7.13 -32.80 -11.99
N ARG A 319 6.07 -32.47 -12.74
CA ARG A 319 4.72 -32.26 -12.24
C ARG A 319 3.72 -32.89 -13.20
N VAL A 320 2.85 -33.75 -12.68
CA VAL A 320 1.78 -34.36 -13.47
C VAL A 320 0.65 -33.35 -13.68
N GLN A 321 0.22 -33.19 -14.94
CA GLN A 321 -0.81 -32.19 -15.11
C GLN A 321 -2.20 -32.82 -15.09
N PRO A 322 -3.22 -32.08 -14.66
CA PRO A 322 -4.59 -32.57 -14.76
C PRO A 322 -5.01 -32.72 -16.20
N THR A 323 -5.80 -33.76 -16.48
CA THR A 323 -6.26 -33.99 -17.84
C THR A 323 -7.72 -33.65 -18.03
N GLU A 324 -8.48 -33.50 -16.93
CA GLU A 324 -9.89 -33.19 -17.03
C GLU A 324 -10.28 -32.26 -15.89
N SER A 325 -11.54 -31.85 -15.93
CA SER A 325 -12.14 -30.99 -14.91
C SER A 325 -13.45 -31.67 -14.51
N ILE A 326 -13.52 -32.11 -13.27
CA ILE A 326 -14.64 -32.89 -12.77
C ILE A 326 -15.37 -32.04 -11.76
N VAL A 327 -16.63 -31.72 -12.06
CA VAL A 327 -17.46 -30.92 -11.18
C VAL A 327 -18.66 -31.77 -10.84
N ARG A 328 -18.96 -31.86 -9.55
CA ARG A 328 -20.06 -32.68 -9.07
C ARG A 328 -20.85 -31.97 -7.98
N PHE A 329 -22.15 -32.07 -8.09
CA PHE A 329 -23.11 -31.55 -7.13
C PHE A 329 -24.01 -32.75 -6.92
N PRO A 330 -24.75 -32.81 -5.80
CA PRO A 330 -25.59 -33.98 -5.58
C PRO A 330 -26.67 -34.19 -6.63
N ASN A 331 -27.11 -35.45 -6.71
CA ASN A 331 -28.22 -35.83 -7.56
C ASN A 331 -29.47 -35.02 -7.26
N ILE A 332 -30.12 -34.55 -8.32
CA ILE A 332 -31.28 -33.68 -8.23
C ILE A 332 -32.57 -34.46 -7.99
N THR A 333 -33.13 -34.28 -6.81
CA THR A 333 -34.36 -34.90 -6.32
C THR A 333 -35.19 -33.77 -5.71
N ASN A 334 -36.42 -34.07 -5.30
CA ASN A 334 -37.27 -33.05 -4.66
C ASN A 334 -37.46 -31.84 -5.58
N LEU A 335 -37.90 -32.10 -6.82
CA LEU A 335 -38.15 -31.03 -7.76
C LEU A 335 -39.38 -30.19 -7.38
N CYS A 336 -39.29 -28.90 -7.71
CA CYS A 336 -40.36 -27.95 -7.47
C CYS A 336 -41.60 -28.33 -8.27
N PRO A 337 -42.81 -28.25 -7.70
CA PRO A 337 -43.99 -28.70 -8.45
C PRO A 337 -44.42 -27.75 -9.57
N PHE A 338 -43.49 -27.58 -10.49
CA PHE A 338 -43.62 -26.82 -11.74
C PHE A 338 -44.43 -27.53 -12.81
N GLY A 339 -44.42 -28.86 -12.77
CA GLY A 339 -45.23 -29.63 -13.73
C GLY A 339 -46.70 -29.56 -13.33
N GLU A 340 -47.00 -28.96 -12.17
CA GLU A 340 -48.42 -28.79 -11.77
C GLU A 340 -49.10 -27.85 -12.77
N VAL A 341 -48.42 -26.77 -13.15
CA VAL A 341 -49.02 -25.80 -14.12
C VAL A 341 -48.11 -25.69 -15.36
N PHE A 342 -46.84 -25.32 -15.20
CA PHE A 342 -46.00 -25.11 -16.41
C PHE A 342 -46.12 -26.29 -17.38
N ASN A 343 -45.67 -27.48 -16.97
CA ASN A 343 -45.75 -28.70 -17.84
C ASN A 343 -47.22 -29.11 -18.09
N ALA A 344 -48.08 -29.05 -17.07
CA ALA A 344 -49.48 -29.53 -17.22
C ALA A 344 -50.41 -28.39 -17.64
N THR A 345 -51.72 -28.59 -17.49
CA THR A 345 -52.69 -27.50 -17.80
C THR A 345 -53.59 -27.29 -16.57
N ARG A 346 -53.60 -26.08 -16.02
CA ARG A 346 -54.51 -25.77 -14.87
C ARG A 346 -54.93 -24.30 -14.95
N PHE A 347 -56.12 -23.96 -14.44
CA PHE A 347 -56.56 -22.54 -14.42
C PHE A 347 -57.31 -22.25 -13.12
N ALA A 348 -57.26 -20.99 -12.66
CA ALA A 348 -58.03 -20.60 -11.46
C ALA A 348 -58.84 -19.35 -11.84
N SER A 349 -59.76 -18.92 -10.97
CA SER A 349 -60.48 -17.65 -11.30
C SER A 349 -59.61 -16.40 -11.05
N VAL A 350 -59.80 -15.37 -11.91
CA VAL A 350 -59.03 -14.13 -11.85
C VAL A 350 -59.27 -13.18 -10.65
N TYR A 351 -60.49 -13.11 -10.10
CA TYR A 351 -60.69 -12.25 -8.93
C TYR A 351 -60.05 -12.82 -7.67
N ALA A 352 -59.78 -14.12 -7.71
CA ALA A 352 -59.29 -14.90 -6.60
C ALA A 352 -58.18 -15.79 -7.13
N TRP A 353 -57.16 -15.15 -7.70
CA TRP A 353 -56.10 -15.84 -8.41
C TRP A 353 -55.41 -16.80 -7.45
N ASN A 354 -54.88 -17.89 -7.98
CA ASN A 354 -54.30 -18.95 -7.14
C ASN A 354 -52.80 -18.77 -6.94
N ARG A 355 -52.42 -18.42 -5.71
CA ARG A 355 -51.02 -18.24 -5.34
C ARG A 355 -50.46 -19.51 -4.74
N LYS A 356 -49.47 -20.10 -5.41
CA LYS A 356 -48.77 -21.26 -4.89
C LYS A 356 -47.38 -20.81 -4.47
N ARG A 357 -46.99 -21.13 -3.23
CA ARG A 357 -45.65 -20.76 -2.77
C ARG A 357 -44.69 -21.91 -3.05
N ILE A 358 -43.61 -21.62 -3.76
CA ILE A 358 -42.58 -22.59 -4.10
C ILE A 358 -41.34 -22.29 -3.27
N SER A 359 -40.90 -23.29 -2.51
CA SER A 359 -39.76 -23.16 -1.60
C SER A 359 -39.17 -24.55 -1.39
N ASN A 360 -37.93 -24.57 -0.92
CA ASN A 360 -37.23 -25.79 -0.50
C ASN A 360 -37.30 -26.90 -1.57
N CYS A 361 -36.96 -26.55 -2.80
CA CYS A 361 -37.08 -27.51 -3.89
C CYS A 361 -36.15 -27.13 -5.03
N VAL A 362 -36.04 -28.03 -6.01
CA VAL A 362 -35.24 -27.82 -7.20
C VAL A 362 -36.13 -27.41 -8.35
N ALA A 363 -35.93 -26.19 -8.85
CA ALA A 363 -36.78 -25.58 -9.88
C ALA A 363 -36.23 -25.96 -11.24
N ASP A 364 -36.84 -26.96 -11.88
CA ASP A 364 -36.35 -27.45 -13.17
C ASP A 364 -36.91 -26.52 -14.25
N TYR A 365 -36.29 -25.35 -14.32
CA TYR A 365 -36.76 -24.31 -15.22
C TYR A 365 -36.57 -24.72 -16.66
N SER A 366 -35.66 -25.69 -16.92
CA SER A 366 -35.36 -26.15 -18.28
C SER A 366 -36.55 -26.80 -18.98
N VAL A 367 -37.44 -27.45 -18.22
CA VAL A 367 -38.60 -28.07 -18.85
C VAL A 367 -39.48 -26.93 -19.36
N LEU A 368 -39.63 -25.93 -18.50
CA LEU A 368 -40.42 -24.74 -18.76
C LEU A 368 -39.85 -23.94 -19.92
N TYR A 369 -38.53 -24.03 -20.13
CA TYR A 369 -37.91 -23.14 -21.15
C TYR A 369 -37.89 -23.86 -22.50
N ASN A 370 -37.66 -25.17 -22.47
CA ASN A 370 -37.52 -25.92 -23.74
C ASN A 370 -38.82 -26.18 -24.52
N SER A 371 -39.96 -26.33 -23.88
CA SER A 371 -41.15 -26.68 -24.66
C SER A 371 -41.64 -25.52 -25.54
N ALA A 372 -42.41 -25.89 -26.57
CA ALA A 372 -43.06 -24.98 -27.51
C ALA A 372 -44.56 -24.80 -27.28
N SER A 373 -45.11 -25.21 -26.13
CA SER A 373 -46.56 -25.08 -25.97
C SER A 373 -47.05 -23.66 -25.75
N PHE A 374 -46.18 -22.71 -25.41
CA PHE A 374 -46.60 -21.34 -25.10
C PHE A 374 -46.35 -20.26 -26.14
N SER A 375 -47.35 -19.38 -26.21
CA SER A 375 -47.38 -18.18 -27.02
C SER A 375 -46.94 -16.96 -26.23
N THR A 376 -47.07 -16.97 -24.90
CA THR A 376 -46.64 -15.83 -24.09
C THR A 376 -45.62 -16.32 -23.07
N PHE A 377 -44.50 -15.58 -22.99
CA PHE A 377 -43.40 -15.90 -22.03
C PHE A 377 -42.67 -14.57 -21.76
N LYS A 378 -43.30 -13.63 -21.05
CA LYS A 378 -42.68 -12.29 -20.86
C LYS A 378 -41.94 -12.24 -19.53
N CYS A 379 -40.60 -12.15 -19.56
CA CYS A 379 -39.81 -12.18 -18.30
C CYS A 379 -39.44 -10.77 -17.85
N TYR A 380 -39.77 -10.41 -16.61
CA TYR A 380 -39.47 -9.09 -16.08
C TYR A 380 -38.46 -9.23 -14.95
N GLY A 381 -37.23 -8.79 -15.16
CA GLY A 381 -36.23 -8.82 -14.07
C GLY A 381 -35.30 -10.00 -14.11
N VAL A 382 -35.60 -11.02 -14.91
CA VAL A 382 -34.75 -12.25 -14.92
C VAL A 382 -34.41 -12.60 -16.36
N SER A 383 -33.29 -13.28 -16.58
CA SER A 383 -32.95 -13.71 -17.96
C SER A 383 -33.67 -15.03 -18.28
N PRO A 384 -34.63 -15.14 -19.24
CA PRO A 384 -35.40 -16.39 -19.39
C PRO A 384 -34.57 -17.63 -19.74
N THR A 385 -33.32 -17.46 -20.16
CA THR A 385 -32.45 -18.63 -20.39
C THR A 385 -31.53 -18.82 -19.20
N LYS A 386 -31.19 -17.74 -18.50
CA LYS A 386 -30.24 -17.80 -17.39
C LYS A 386 -30.97 -18.12 -16.09
N LEU A 387 -32.23 -18.53 -16.18
CA LEU A 387 -33.05 -18.76 -15.01
C LEU A 387 -32.50 -19.86 -14.12
N ASN A 388 -31.82 -20.85 -14.70
CA ASN A 388 -31.29 -21.93 -13.88
C ASN A 388 -30.24 -21.44 -12.89
N ASP A 389 -29.55 -20.35 -13.21
CA ASP A 389 -28.48 -19.86 -12.37
C ASP A 389 -28.95 -18.83 -11.35
N LEU A 390 -30.25 -18.53 -11.30
CA LEU A 390 -30.77 -17.53 -10.37
C LEU A 390 -31.51 -18.18 -9.21
N CYS A 391 -30.95 -18.06 -8.01
CA CYS A 391 -31.51 -18.63 -6.79
C CYS A 391 -32.31 -17.58 -6.04
N PHE A 392 -33.55 -17.92 -5.70
CA PHE A 392 -34.44 -17.00 -5.01
C PHE A 392 -34.93 -17.67 -3.73
N THR A 393 -35.37 -16.84 -2.78
CA THR A 393 -35.92 -17.37 -1.54
C THR A 393 -37.31 -17.97 -1.74
N ASN A 394 -38.17 -17.28 -2.47
CA ASN A 394 -39.53 -17.76 -2.71
C ASN A 394 -39.88 -17.55 -4.17
N VAL A 395 -40.62 -18.49 -4.73
CA VAL A 395 -41.23 -18.30 -6.05
C VAL A 395 -42.73 -18.42 -5.90
N TYR A 396 -43.47 -17.42 -6.33
CA TYR A 396 -44.93 -17.44 -6.18
C TYR A 396 -45.55 -17.61 -7.56
N ALA A 397 -46.36 -18.64 -7.71
CA ALA A 397 -47.03 -18.95 -8.96
C ALA A 397 -48.48 -18.47 -8.88
N ASP A 398 -48.76 -17.36 -9.55
CA ASP A 398 -50.08 -16.73 -9.58
C ASP A 398 -50.79 -17.23 -10.83
N SER A 399 -51.83 -18.05 -10.63
CA SER A 399 -52.55 -18.74 -11.71
C SER A 399 -53.94 -18.13 -11.93
N PHE A 400 -54.20 -17.70 -13.17
CA PHE A 400 -55.48 -17.08 -13.52
C PHE A 400 -55.66 -17.22 -15.03
N VAL A 401 -56.89 -17.01 -15.49
CA VAL A 401 -57.20 -17.00 -16.93
C VAL A 401 -57.66 -15.59 -17.31
N ILE A 402 -57.07 -15.04 -18.38
CA ILE A 402 -57.48 -13.73 -18.87
C ILE A 402 -57.68 -13.76 -20.39
N ARG A 403 -58.34 -12.72 -20.90
CA ARG A 403 -58.51 -12.54 -22.33
C ARG A 403 -57.31 -11.85 -22.97
N GLY A 404 -57.11 -12.11 -24.26
CA GLY A 404 -56.01 -11.57 -25.04
C GLY A 404 -55.70 -10.09 -24.91
N ASP A 405 -56.74 -9.25 -25.05
CA ASP A 405 -56.56 -7.80 -25.01
C ASP A 405 -56.04 -7.33 -23.66
N GLU A 406 -56.21 -8.14 -22.61
CA GLU A 406 -55.79 -7.78 -21.28
C GLU A 406 -54.40 -8.31 -20.97
N VAL A 407 -53.79 -9.05 -21.90
CA VAL A 407 -52.47 -9.59 -21.61
C VAL A 407 -51.49 -8.43 -21.44
N ARG A 408 -51.69 -7.35 -22.21
CA ARG A 408 -50.81 -6.21 -22.06
C ARG A 408 -50.98 -5.60 -20.68
N GLN A 409 -52.08 -5.90 -20.01
CA GLN A 409 -52.33 -5.35 -18.69
C GLN A 409 -51.65 -6.17 -17.61
N ILE A 410 -51.19 -7.38 -17.91
CA ILE A 410 -50.53 -8.21 -16.91
C ILE A 410 -49.08 -7.79 -17.00
N ALA A 411 -48.78 -6.66 -16.42
CA ALA A 411 -47.45 -6.08 -16.46
C ALA A 411 -47.39 -4.98 -15.41
N PRO A 412 -46.21 -4.65 -14.92
CA PRO A 412 -46.10 -3.49 -14.03
C PRO A 412 -46.53 -2.22 -14.75
N GLY A 413 -47.30 -1.39 -14.06
CA GLY A 413 -47.72 -0.12 -14.63
C GLY A 413 -48.97 -0.13 -15.49
N GLN A 414 -49.62 -1.29 -15.67
CA GLN A 414 -50.79 -1.36 -16.53
C GLN A 414 -52.11 -1.13 -15.77
N THR A 415 -53.12 -0.69 -16.53
CA THR A 415 -54.48 -0.43 -16.09
C THR A 415 -55.50 -1.12 -16.99
N GLY A 416 -56.75 -1.13 -16.54
CA GLY A 416 -57.88 -1.72 -17.24
C GLY A 416 -58.84 -2.54 -16.38
N LYS A 417 -59.88 -3.12 -16.97
CA LYS A 417 -60.87 -3.81 -16.14
C LYS A 417 -60.27 -4.98 -15.37
N ILE A 418 -59.33 -5.70 -15.97
CA ILE A 418 -58.73 -6.84 -15.29
C ILE A 418 -57.58 -6.39 -14.42
N ALA A 419 -56.69 -5.60 -15.02
CA ALA A 419 -55.54 -5.10 -14.30
C ALA A 419 -55.97 -4.27 -13.09
N ASP A 420 -57.08 -3.55 -13.21
CA ASP A 420 -57.43 -2.69 -12.10
C ASP A 420 -58.50 -3.23 -11.13
N TYR A 421 -59.43 -4.08 -11.54
CA TYR A 421 -60.49 -4.43 -10.57
C TYR A 421 -60.47 -5.92 -10.23
N ASN A 422 -59.66 -6.71 -10.89
CA ASN A 422 -59.59 -8.14 -10.74
C ASN A 422 -58.20 -8.65 -10.38
N TYR A 423 -57.18 -8.42 -11.21
CA TYR A 423 -55.85 -8.96 -10.94
C TYR A 423 -54.79 -7.89 -11.25
N LYS A 424 -54.32 -7.23 -10.20
CA LYS A 424 -53.37 -6.13 -10.33
C LYS A 424 -51.98 -6.60 -9.94
N LEU A 425 -50.99 -6.27 -10.78
CA LEU A 425 -49.55 -6.48 -10.61
C LEU A 425 -48.83 -5.20 -10.18
N PRO A 426 -47.84 -5.33 -9.31
CA PRO A 426 -47.06 -4.16 -8.87
C PRO A 426 -46.14 -3.60 -9.94
N ASP A 427 -45.87 -2.30 -9.81
CA ASP A 427 -44.99 -1.61 -10.75
C ASP A 427 -43.58 -2.20 -10.74
N ASP A 428 -43.15 -2.72 -9.60
CA ASP A 428 -41.82 -3.31 -9.45
C ASP A 428 -41.87 -4.84 -9.50
N PHE A 429 -42.88 -5.41 -10.14
CA PHE A 429 -42.97 -6.87 -10.25
C PHE A 429 -41.68 -7.47 -10.79
N THR A 430 -41.21 -8.50 -10.09
CA THR A 430 -40.05 -9.30 -10.46
C THR A 430 -40.51 -10.74 -10.64
N GLY A 431 -40.36 -11.22 -11.88
CA GLY A 431 -40.77 -12.60 -12.22
C GLY A 431 -41.66 -12.62 -13.46
N CYS A 432 -41.36 -13.53 -14.39
CA CYS A 432 -42.07 -13.59 -15.71
C CYS A 432 -43.52 -14.08 -15.63
N VAL A 433 -44.34 -13.70 -16.61
CA VAL A 433 -45.74 -14.24 -16.67
C VAL A 433 -45.80 -15.18 -17.89
N ILE A 434 -45.97 -16.48 -17.64
CA ILE A 434 -46.06 -17.48 -18.75
C ILE A 434 -47.54 -17.73 -19.06
N ALA A 435 -47.97 -17.50 -20.30
CA ALA A 435 -49.38 -17.66 -20.63
C ALA A 435 -49.51 -18.38 -21.96
N TRP A 436 -50.64 -19.06 -22.11
CA TRP A 436 -50.89 -19.78 -23.35
C TRP A 436 -52.37 -19.80 -23.71
N ASN A 437 -52.63 -19.98 -25.00
CA ASN A 437 -53.99 -20.04 -25.52
C ASN A 437 -54.63 -21.35 -25.08
N SER A 438 -55.76 -21.27 -24.39
CA SER A 438 -56.40 -22.45 -23.83
C SER A 438 -57.78 -22.71 -24.42
N ASN A 439 -58.01 -22.23 -25.64
CA ASN A 439 -59.32 -22.40 -26.28
C ASN A 439 -59.78 -23.85 -26.27
N ASN A 440 -58.88 -24.79 -26.53
CA ASN A 440 -59.31 -26.18 -26.59
C ASN A 440 -59.38 -26.84 -25.22
N LEU A 441 -59.06 -26.13 -24.15
CA LEU A 441 -59.07 -26.69 -22.81
C LEU A 441 -60.19 -26.15 -21.93
N ASP A 442 -60.41 -24.82 -21.96
CA ASP A 442 -61.38 -24.14 -21.12
C ASP A 442 -62.69 -23.78 -21.82
N SER A 443 -62.69 -23.55 -23.13
CA SER A 443 -63.87 -23.06 -23.80
C SER A 443 -64.98 -24.10 -23.89
N LYS A 444 -66.23 -23.62 -23.84
CA LYS A 444 -67.43 -24.44 -23.95
C LYS A 444 -68.30 -23.95 -25.11
N VAL A 445 -69.08 -24.87 -25.68
CA VAL A 445 -69.90 -24.58 -26.85
C VAL A 445 -70.90 -23.46 -26.60
N GLY A 446 -71.53 -23.45 -25.42
CA GLY A 446 -72.51 -22.44 -25.08
C GLY A 446 -71.95 -21.20 -24.44
N GLY A 447 -70.64 -21.11 -24.32
CA GLY A 447 -70.01 -19.99 -23.68
C GLY A 447 -69.68 -20.47 -22.29
N ASN A 448 -68.42 -20.37 -21.88
CA ASN A 448 -68.03 -20.76 -20.54
C ASN A 448 -68.10 -19.53 -19.66
N TYR A 449 -69.12 -19.45 -18.83
CA TYR A 449 -69.36 -18.25 -18.03
C TYR A 449 -68.97 -18.47 -16.58
N ASN A 450 -68.20 -19.53 -16.30
CA ASN A 450 -67.77 -19.81 -14.95
C ASN A 450 -66.56 -18.97 -14.60
N TYR A 451 -66.01 -18.30 -15.60
CA TYR A 451 -64.84 -17.44 -15.44
C TYR A 451 -65.35 -16.01 -15.50
N LEU A 452 -65.09 -15.24 -14.46
CA LEU A 452 -65.56 -13.89 -14.36
C LEU A 452 -64.39 -12.92 -14.19
N TYR A 453 -64.62 -11.69 -14.61
CA TYR A 453 -63.68 -10.62 -14.42
C TYR A 453 -64.47 -9.45 -13.88
N ARG A 454 -63.80 -8.57 -13.16
CA ARG A 454 -64.47 -7.43 -12.59
C ARG A 454 -64.54 -6.26 -13.56
N LEU A 455 -65.73 -5.70 -13.73
CA LEU A 455 -65.88 -4.58 -14.62
C LEU A 455 -66.10 -3.32 -13.80
N PHE A 456 -66.92 -3.44 -12.75
CA PHE A 456 -67.25 -2.34 -11.84
C PHE A 456 -66.84 -2.79 -10.44
N ARG A 457 -66.01 -2.00 -9.76
CA ARG A 457 -65.59 -2.20 -8.38
C ARG A 457 -65.25 -0.84 -7.79
N LYS A 458 -65.34 -0.71 -6.46
CA LYS A 458 -65.00 0.58 -5.84
C LYS A 458 -63.54 1.02 -6.06
N SER A 459 -62.56 0.11 -6.11
CA SER A 459 -61.19 0.57 -6.29
C SER A 459 -60.31 -0.46 -6.97
N ASN A 460 -59.08 -0.06 -7.30
CA ASN A 460 -58.17 -0.97 -7.96
C ASN A 460 -57.58 -1.94 -6.93
N LEU A 461 -57.13 -3.10 -7.42
CA LEU A 461 -56.55 -4.07 -6.52
C LEU A 461 -55.13 -3.66 -6.13
N LYS A 462 -54.72 -4.07 -4.94
CA LYS A 462 -53.33 -3.96 -4.56
C LYS A 462 -52.54 -5.11 -5.16
N PRO A 463 -51.22 -4.96 -5.30
CA PRO A 463 -50.41 -6.07 -5.80
C PRO A 463 -50.67 -7.31 -4.96
N PHE A 464 -50.97 -8.44 -5.62
CA PHE A 464 -51.23 -9.71 -4.96
C PHE A 464 -52.39 -9.66 -3.95
N GLU A 465 -53.35 -8.75 -4.12
CA GLU A 465 -54.54 -8.77 -3.28
C GLU A 465 -55.56 -9.76 -3.84
N ARG A 466 -56.16 -10.59 -2.99
CA ARG A 466 -57.13 -11.59 -3.45
C ARG A 466 -58.48 -11.20 -2.84
N ASP A 467 -59.31 -10.49 -3.61
CA ASP A 467 -60.62 -9.98 -3.17
C ASP A 467 -61.74 -10.89 -3.71
N ILE A 468 -62.41 -11.62 -2.81
CA ILE A 468 -63.42 -12.58 -3.22
C ILE A 468 -64.82 -12.22 -2.71
N SER A 469 -65.09 -10.96 -2.37
CA SER A 469 -66.42 -10.58 -1.94
C SER A 469 -67.41 -10.68 -3.09
N THR A 470 -68.65 -11.11 -2.78
CA THR A 470 -69.70 -11.22 -3.81
C THR A 470 -70.86 -10.26 -3.58
N GLU A 471 -70.70 -9.24 -2.74
CA GLU A 471 -71.78 -8.30 -2.50
C GLU A 471 -72.18 -7.59 -3.79
N ILE A 472 -73.49 -7.45 -4.01
CA ILE A 472 -73.94 -6.78 -5.23
C ILE A 472 -73.50 -5.32 -5.18
N TYR A 473 -72.84 -4.88 -6.25
CA TYR A 473 -72.29 -3.53 -6.29
C TYR A 473 -73.39 -2.49 -6.49
N GLN A 474 -73.39 -1.46 -5.64
CA GLN A 474 -74.33 -0.37 -5.72
C GLN A 474 -73.65 0.77 -6.48
N ALA A 475 -74.05 0.99 -7.73
CA ALA A 475 -73.39 2.03 -8.52
C ALA A 475 -73.97 3.40 -8.22
N GLY A 476 -75.23 3.47 -7.83
CA GLY A 476 -75.94 4.69 -7.55
C GLY A 476 -76.08 4.90 -6.06
N SER A 477 -77.15 5.59 -5.67
CA SER A 477 -77.40 5.88 -4.27
C SER A 477 -78.54 5.04 -3.71
N THR A 478 -79.17 4.21 -4.54
CA THR A 478 -80.28 3.38 -4.12
C THR A 478 -79.76 2.02 -3.63
N PRO A 479 -80.02 1.64 -2.38
CA PRO A 479 -79.60 0.31 -1.93
C PRO A 479 -80.18 -0.77 -2.82
N CYS A 480 -79.34 -1.76 -3.15
CA CYS A 480 -79.77 -2.82 -4.04
C CYS A 480 -80.57 -3.89 -3.31
N ASN A 481 -80.24 -4.16 -2.05
CA ASN A 481 -80.93 -5.14 -1.21
C ASN A 481 -81.03 -6.51 -1.88
N GLY A 482 -79.99 -6.91 -2.59
CA GLY A 482 -79.97 -8.20 -3.23
C GLY A 482 -80.65 -8.26 -4.58
N VAL A 483 -81.14 -7.14 -5.09
CA VAL A 483 -81.87 -7.09 -6.35
C VAL A 483 -81.07 -6.26 -7.36
N GLU A 484 -80.82 -6.84 -8.52
CA GLU A 484 -80.13 -6.15 -9.59
C GLU A 484 -81.08 -5.23 -10.32
N GLY A 485 -80.54 -4.15 -10.89
CA GLY A 485 -81.37 -3.16 -11.54
C GLY A 485 -80.56 -1.93 -11.90
N PHE A 486 -81.27 -0.81 -12.05
CA PHE A 486 -80.63 0.45 -12.41
C PHE A 486 -79.71 0.91 -11.29
N ASN A 487 -78.45 1.18 -11.64
CA ASN A 487 -77.40 1.55 -10.69
C ASN A 487 -77.09 0.41 -9.72
N CYS A 488 -77.51 -0.81 -10.07
CA CYS A 488 -77.20 -2.01 -9.30
C CYS A 488 -76.62 -3.06 -10.22
N TYR A 489 -75.30 -3.19 -10.23
CA TYR A 489 -74.60 -4.05 -11.16
C TYR A 489 -73.76 -5.05 -10.37
N PHE A 490 -73.76 -6.28 -10.81
CA PHE A 490 -72.92 -7.29 -10.18
C PHE A 490 -71.46 -6.96 -10.44
N PRO A 491 -70.60 -6.96 -9.43
CA PRO A 491 -69.22 -6.48 -9.65
C PRO A 491 -68.45 -7.33 -10.63
N LEU A 492 -68.88 -8.56 -10.86
CA LEU A 492 -68.22 -9.51 -11.75
C LEU A 492 -69.07 -9.69 -12.99
N GLN A 493 -68.43 -10.05 -14.10
CA GLN A 493 -69.14 -10.41 -15.32
C GLN A 493 -68.44 -11.60 -15.95
N SER A 494 -69.23 -12.45 -16.59
CA SER A 494 -68.73 -13.66 -17.23
C SER A 494 -68.21 -13.43 -18.65
N TYR A 495 -67.32 -14.34 -19.06
CA TYR A 495 -66.78 -14.40 -20.41
C TYR A 495 -67.61 -15.35 -21.28
N GLY A 496 -67.95 -14.92 -22.48
CA GLY A 496 -68.64 -15.82 -23.38
C GLY A 496 -67.63 -16.66 -24.14
N PHE A 497 -66.98 -17.61 -23.45
CA PHE A 497 -65.94 -18.42 -24.07
C PHE A 497 -66.55 -19.54 -24.89
N GLN A 498 -66.31 -19.52 -26.19
CA GLN A 498 -66.91 -20.47 -27.12
C GLN A 498 -65.85 -20.99 -28.09
N PRO A 499 -66.00 -22.23 -28.57
CA PRO A 499 -65.01 -22.78 -29.51
C PRO A 499 -64.98 -22.02 -30.82
N THR A 500 -65.97 -21.18 -31.08
CA THR A 500 -66.05 -20.41 -32.31
C THR A 500 -65.61 -18.98 -32.08
N ASN A 501 -65.19 -18.65 -30.86
CA ASN A 501 -64.75 -17.30 -30.53
C ASN A 501 -63.40 -17.02 -31.17
N GLY A 502 -63.15 -15.76 -31.47
CA GLY A 502 -61.84 -15.35 -31.94
C GLY A 502 -60.80 -15.37 -30.84
N VAL A 503 -59.53 -15.27 -31.28
CA VAL A 503 -58.41 -15.42 -30.37
C VAL A 503 -58.50 -14.42 -29.23
N GLY A 504 -58.91 -13.18 -29.54
CA GLY A 504 -59.01 -12.14 -28.54
C GLY A 504 -60.01 -12.47 -27.45
N TYR A 505 -60.92 -13.40 -27.71
CA TYR A 505 -61.95 -13.81 -26.75
C TYR A 505 -61.71 -15.22 -26.28
N GLN A 506 -60.60 -15.82 -26.65
CA GLN A 506 -60.25 -17.14 -26.17
C GLN A 506 -59.60 -17.01 -24.80
N PRO A 507 -59.72 -18.02 -23.96
CA PRO A 507 -59.03 -17.96 -22.67
C PRO A 507 -57.53 -18.13 -22.85
N TYR A 508 -56.77 -17.42 -22.02
CA TYR A 508 -55.34 -17.66 -21.95
C TYR A 508 -55.06 -17.92 -20.49
N ARG A 509 -54.25 -18.93 -20.23
CA ARG A 509 -53.86 -19.26 -18.87
C ARG A 509 -52.53 -18.57 -18.57
N VAL A 510 -52.52 -17.76 -17.51
CA VAL A 510 -51.37 -16.96 -17.13
C VAL A 510 -50.93 -17.37 -15.74
N VAL A 511 -49.60 -17.53 -15.59
CA VAL A 511 -49.01 -17.95 -14.28
C VAL A 511 -47.73 -17.16 -14.06
N VAL A 512 -47.74 -16.17 -13.16
CA VAL A 512 -46.55 -15.29 -12.97
C VAL A 512 -45.66 -15.87 -11.86
N LEU A 513 -44.35 -16.02 -12.12
CA LEU A 513 -43.37 -16.54 -11.12
C LEU A 513 -42.73 -15.38 -10.36
N SER A 514 -43.29 -14.92 -9.25
CA SER A 514 -42.71 -13.77 -8.59
C SER A 514 -41.48 -14.30 -7.87
N PHE A 515 -40.35 -13.65 -8.14
CA PHE A 515 -39.06 -14.08 -7.55
C PHE A 515 -38.78 -13.17 -6.36
N GLU A 516 -38.77 -13.75 -5.15
CA GLU A 516 -38.59 -12.98 -3.94
C GLU A 516 -37.29 -13.42 -3.29
N LEU A 517 -36.40 -12.48 -3.04
CA LEU A 517 -35.14 -12.75 -2.37
C LEU A 517 -35.24 -12.05 -1.02
N LEU A 518 -35.27 -12.84 0.04
CA LEU A 518 -35.40 -12.35 1.41
C LEU A 518 -34.07 -12.58 2.12
N HIS A 519 -33.99 -12.11 3.36
CA HIS A 519 -32.79 -12.37 4.15
C HIS A 519 -32.83 -13.81 4.62
N ALA A 520 -32.59 -14.71 3.66
CA ALA A 520 -32.77 -16.13 3.89
C ALA A 520 -31.82 -16.90 2.98
N PRO A 521 -31.57 -18.18 3.26
CA PRO A 521 -30.70 -19.00 2.41
C PRO A 521 -31.05 -19.10 0.93
N ALA A 522 -32.30 -18.82 0.54
CA ALA A 522 -32.72 -18.94 -0.86
C ALA A 522 -32.69 -20.41 -1.27
N THR A 523 -33.78 -21.12 -0.98
CA THR A 523 -33.87 -22.57 -1.08
C THR A 523 -34.34 -23.08 -2.45
N VAL A 524 -34.84 -22.24 -3.33
CA VAL A 524 -35.32 -22.71 -4.64
C VAL A 524 -34.33 -22.26 -5.71
N CYS A 525 -33.73 -23.25 -6.38
CA CYS A 525 -32.72 -23.10 -7.42
C CYS A 525 -32.99 -24.12 -8.52
N GLY A 526 -32.35 -23.91 -9.66
CA GLY A 526 -32.50 -24.83 -10.77
C GLY A 526 -31.65 -26.05 -10.59
N PRO A 527 -31.69 -26.95 -11.57
CA PRO A 527 -30.88 -28.17 -11.48
C PRO A 527 -29.40 -27.88 -11.59
N LYS A 528 -28.60 -28.76 -11.01
CA LYS A 528 -27.15 -28.63 -11.01
C LYS A 528 -26.49 -29.56 -12.01
N LYS A 529 -25.36 -29.10 -12.55
CA LYS A 529 -24.54 -29.90 -13.45
C LYS A 529 -23.80 -31.00 -12.69
N SER A 530 -23.65 -32.16 -13.34
CA SER A 530 -22.85 -33.24 -12.80
C SER A 530 -22.15 -33.95 -13.96
N THR A 531 -20.95 -34.47 -13.69
CA THR A 531 -20.18 -35.19 -14.70
C THR A 531 -19.77 -36.57 -14.19
N ASN A 532 -19.25 -37.37 -15.11
CA ASN A 532 -18.77 -38.72 -14.79
C ASN A 532 -17.55 -38.70 -13.88
N LEU A 533 -17.48 -39.68 -12.99
CA LEU A 533 -16.34 -39.86 -12.08
C LEU A 533 -15.17 -40.48 -12.82
N VAL A 534 -13.98 -39.90 -12.68
CA VAL A 534 -12.76 -40.41 -13.30
C VAL A 534 -11.79 -40.85 -12.20
N LYS A 535 -11.40 -42.12 -12.21
CA LYS A 535 -10.52 -42.69 -11.20
C LYS A 535 -9.11 -42.88 -11.73
N ASN A 536 -8.15 -42.91 -10.79
CA ASN A 536 -6.75 -43.24 -11.03
C ASN A 536 -6.05 -42.25 -11.96
N LYS A 537 -6.56 -41.03 -12.06
CA LYS A 537 -5.93 -40.00 -12.89
C LYS A 537 -5.97 -38.67 -12.16
N CYS A 538 -5.00 -37.82 -12.45
CA CYS A 538 -5.06 -36.46 -11.92
C CYS A 538 -6.16 -35.69 -12.61
N VAL A 539 -7.06 -35.14 -11.81
CA VAL A 539 -8.14 -34.31 -12.32
C VAL A 539 -8.23 -33.08 -11.45
N ASN A 540 -8.83 -32.03 -12.00
CA ASN A 540 -9.18 -30.87 -11.20
C ASN A 540 -10.60 -31.11 -10.73
N PHE A 541 -10.78 -31.42 -9.45
CA PHE A 541 -12.07 -31.86 -8.97
C PHE A 541 -12.74 -30.79 -8.10
N ASN A 542 -14.07 -30.91 -8.06
CA ASN A 542 -14.95 -30.11 -7.20
C ASN A 542 -16.09 -31.01 -6.74
N PHE A 543 -16.03 -31.46 -5.49
CA PHE A 543 -17.06 -32.31 -4.89
C PHE A 543 -17.84 -31.45 -3.91
N ASN A 544 -19.05 -31.03 -4.32
CA ASN A 544 -19.83 -30.05 -3.57
C ASN A 544 -19.01 -28.77 -3.43
N GLY A 545 -18.47 -28.53 -2.24
CA GLY A 545 -17.68 -27.34 -1.98
C GLY A 545 -16.21 -27.62 -1.77
N LEU A 546 -15.75 -28.84 -2.01
CA LEU A 546 -14.38 -29.26 -1.79
C LEU A 546 -13.69 -29.27 -3.14
N THR A 547 -12.69 -28.40 -3.33
CA THR A 547 -12.04 -28.28 -4.62
C THR A 547 -10.55 -28.55 -4.49
N GLY A 548 -9.95 -28.95 -5.60
CA GLY A 548 -8.52 -29.18 -5.61
C GLY A 548 -8.11 -30.01 -6.80
N THR A 549 -6.85 -30.39 -6.83
CA THR A 549 -6.28 -31.19 -7.90
C THR A 549 -5.71 -32.47 -7.31
N GLY A 550 -6.01 -33.62 -7.91
CA GLY A 550 -5.45 -34.84 -7.36
C GLY A 550 -5.96 -36.08 -8.05
N VAL A 551 -5.47 -37.21 -7.54
CA VAL A 551 -5.81 -38.54 -8.04
C VAL A 551 -6.76 -39.16 -7.04
N LEU A 552 -7.90 -39.65 -7.52
CA LEU A 552 -8.90 -40.24 -6.65
C LEU A 552 -8.91 -41.75 -6.83
N THR A 553 -8.91 -42.48 -5.72
CA THR A 553 -8.93 -43.94 -5.76
C THR A 553 -9.98 -44.45 -4.78
N GLU A 554 -10.30 -45.74 -4.89
CA GLU A 554 -11.25 -46.33 -3.95
C GLU A 554 -10.68 -46.28 -2.54
N SER A 555 -11.51 -45.88 -1.59
CA SER A 555 -11.12 -45.80 -0.19
C SER A 555 -11.54 -47.05 0.57
N ASN A 556 -10.75 -47.41 1.58
CA ASN A 556 -11.10 -48.47 2.50
C ASN A 556 -11.50 -47.93 3.87
N LYS A 557 -11.80 -46.64 3.95
CA LYS A 557 -12.22 -45.98 5.18
C LYS A 557 -13.73 -46.09 5.34
N LYS A 558 -14.19 -46.08 6.59
CA LYS A 558 -15.63 -46.13 6.87
C LYS A 558 -16.05 -44.82 7.53
N PHE A 559 -16.86 -44.04 6.81
CA PHE A 559 -17.38 -42.77 7.29
C PHE A 559 -18.68 -42.96 8.04
N LEU A 560 -18.93 -42.05 8.99
CA LEU A 560 -20.22 -42.06 9.65
C LEU A 560 -21.28 -41.53 8.67
N PRO A 561 -22.55 -41.89 8.87
CA PRO A 561 -23.59 -41.47 7.92
C PRO A 561 -23.69 -39.99 7.63
N PHE A 562 -23.18 -39.13 8.50
CA PHE A 562 -23.28 -37.68 8.31
C PHE A 562 -21.99 -36.97 7.94
N GLN A 563 -20.88 -37.69 7.77
CA GLN A 563 -19.60 -37.05 7.45
C GLN A 563 -19.40 -36.98 5.94
N GLN A 564 -19.14 -35.76 5.44
CA GLN A 564 -19.01 -35.54 4.01
C GLN A 564 -17.60 -35.68 3.47
N PHE A 565 -16.56 -35.37 4.26
CA PHE A 565 -15.20 -35.52 3.78
C PHE A 565 -14.27 -35.78 4.96
N GLY A 566 -13.09 -36.29 4.64
CA GLY A 566 -12.07 -36.58 5.63
C GLY A 566 -10.91 -35.60 5.55
N ARG A 567 -10.32 -35.31 6.71
CA ARG A 567 -9.21 -34.39 6.82
C ARG A 567 -8.17 -35.00 7.76
N ASP A 568 -6.91 -34.86 7.39
CA ASP A 568 -5.80 -35.44 8.13
C ASP A 568 -5.31 -34.51 9.23
N ILE A 569 -4.20 -34.89 9.88
CA ILE A 569 -3.65 -34.16 11.02
C ILE A 569 -3.07 -32.81 10.64
N ALA A 570 -2.96 -32.52 9.35
CA ALA A 570 -2.38 -31.27 8.87
C ALA A 570 -3.41 -30.43 8.13
N ASP A 571 -4.69 -30.67 8.42
CA ASP A 571 -5.81 -29.93 7.83
C ASP A 571 -5.87 -30.08 6.31
N THR A 572 -5.43 -31.23 5.80
CA THR A 572 -5.47 -31.51 4.38
C THR A 572 -6.59 -32.52 4.12
N THR A 573 -7.44 -32.22 3.13
CA THR A 573 -8.49 -33.16 2.79
C THR A 573 -7.87 -34.40 2.16
N ASP A 574 -8.21 -35.58 2.68
CA ASP A 574 -7.64 -36.80 2.14
C ASP A 574 -8.67 -37.83 1.74
N ALA A 575 -9.96 -37.53 1.88
CA ALA A 575 -11.00 -38.43 1.43
C ALA A 575 -12.28 -37.63 1.27
N VAL A 576 -13.11 -38.06 0.32
CA VAL A 576 -14.43 -37.48 0.13
C VAL A 576 -15.45 -38.59 -0.08
N ARG A 577 -16.69 -38.29 0.28
CA ARG A 577 -17.81 -39.14 -0.07
C ARG A 577 -18.33 -38.65 -1.41
N ASP A 578 -18.55 -39.57 -2.34
CA ASP A 578 -19.12 -39.20 -3.62
C ASP A 578 -20.56 -38.75 -3.44
N PRO A 579 -20.90 -37.51 -3.79
CA PRO A 579 -22.27 -37.02 -3.62
C PRO A 579 -23.36 -37.87 -4.25
N GLN A 580 -23.06 -38.64 -5.30
CA GLN A 580 -24.10 -39.42 -5.94
C GLN A 580 -24.10 -40.84 -5.40
N THR A 581 -23.27 -41.71 -5.96
CA THR A 581 -23.10 -43.04 -5.38
C THR A 581 -22.31 -42.89 -4.09
N LEU A 582 -22.76 -43.51 -3.01
CA LEU A 582 -22.14 -43.23 -1.72
C LEU A 582 -20.87 -44.06 -1.54
N GLU A 583 -19.94 -43.80 -2.45
CA GLU A 583 -18.63 -44.42 -2.47
C GLU A 583 -17.66 -43.48 -1.76
N ILE A 584 -16.73 -44.04 -1.00
CA ILE A 584 -15.71 -43.22 -0.35
C ILE A 584 -14.46 -43.29 -1.20
N LEU A 585 -13.93 -42.12 -1.54
CA LEU A 585 -12.76 -42.01 -2.39
C LEU A 585 -11.61 -41.33 -1.64
N ASP A 586 -10.42 -41.88 -1.78
CA ASP A 586 -9.24 -41.28 -1.18
C ASP A 586 -8.65 -40.33 -2.20
N ILE A 587 -8.14 -39.20 -1.71
CA ILE A 587 -7.50 -38.20 -2.56
C ILE A 587 -6.00 -38.22 -2.30
N THR A 588 -5.25 -38.58 -3.29
CA THR A 588 -3.81 -38.64 -3.31
C THR A 588 -3.26 -37.46 -4.10
N PRO A 589 -2.37 -36.65 -3.54
CA PRO A 589 -1.89 -35.49 -4.30
C PRO A 589 -1.20 -35.99 -5.55
N CYS A 590 -1.28 -35.20 -6.62
CA CYS A 590 -0.67 -35.63 -7.87
C CYS A 590 0.83 -35.78 -7.76
N SER A 591 1.31 -36.91 -8.29
CA SER A 591 2.72 -37.23 -8.17
C SER A 591 3.56 -36.10 -8.75
N PHE A 592 4.62 -35.78 -8.03
CA PHE A 592 5.56 -34.77 -8.44
C PHE A 592 6.89 -35.13 -7.81
N GLY A 593 7.95 -34.53 -8.32
CA GLY A 593 9.23 -34.73 -7.69
C GLY A 593 10.35 -34.17 -8.53
N GLY A 594 11.52 -34.09 -7.91
CA GLY A 594 12.66 -33.57 -8.61
C GLY A 594 13.14 -34.51 -9.70
N VAL A 595 13.72 -33.94 -10.74
CA VAL A 595 14.31 -34.72 -11.81
C VAL A 595 15.80 -34.47 -11.75
N SER A 596 16.56 -35.54 -11.53
CA SER A 596 18.01 -35.47 -11.40
C SER A 596 18.68 -36.27 -12.51
N VAL A 597 19.80 -35.77 -13.02
CA VAL A 597 20.51 -36.48 -14.07
C VAL A 597 21.77 -37.09 -13.48
N ILE A 598 21.89 -38.41 -13.57
CA ILE A 598 23.03 -39.14 -13.04
C ILE A 598 23.92 -39.49 -14.23
N THR A 599 25.18 -39.05 -14.20
CA THR A 599 26.01 -39.28 -15.37
C THR A 599 27.46 -39.28 -14.99
N PRO A 600 28.29 -40.07 -15.67
CA PRO A 600 29.72 -39.84 -15.59
C PRO A 600 29.92 -38.54 -16.35
N GLY A 601 31.02 -37.87 -16.09
CA GLY A 601 31.22 -36.59 -16.75
C GLY A 601 31.31 -36.72 -18.26
N THR A 602 31.04 -35.58 -18.92
CA THR A 602 31.07 -35.47 -20.37
C THR A 602 32.47 -35.68 -20.88
N ASN A 603 33.41 -35.75 -19.94
CA ASN A 603 34.79 -36.08 -20.21
C ASN A 603 35.01 -37.51 -20.65
N THR A 604 34.09 -38.41 -20.32
CA THR A 604 34.21 -39.81 -20.65
C THR A 604 33.17 -40.26 -21.65
N SER A 605 31.93 -39.84 -21.41
CA SER A 605 30.80 -40.23 -22.22
C SER A 605 29.73 -39.17 -22.03
N ASN A 606 28.96 -38.95 -23.08
CA ASN A 606 27.84 -38.03 -23.06
C ASN A 606 26.53 -38.75 -22.83
N GLN A 607 26.61 -40.01 -22.42
CA GLN A 607 25.42 -40.79 -22.10
C GLN A 607 25.03 -40.47 -20.67
N VAL A 608 23.73 -40.31 -20.43
CA VAL A 608 23.22 -40.02 -19.11
C VAL A 608 22.07 -40.96 -18.77
N ALA A 609 21.78 -41.06 -17.48
CA ALA A 609 20.62 -41.74 -16.97
C ALA A 609 19.82 -40.71 -16.18
N VAL A 610 18.50 -40.82 -16.17
CA VAL A 610 17.70 -39.83 -15.48
C VAL A 610 16.86 -40.50 -14.41
N LEU A 611 16.93 -39.96 -13.19
CA LEU A 611 16.15 -40.46 -12.06
C LEU A 611 15.01 -39.49 -11.80
N TYR A 612 13.79 -40.04 -11.73
CA TYR A 612 12.59 -39.28 -11.37
C TYR A 612 12.26 -39.63 -9.93
N GLN A 613 12.49 -38.67 -9.01
CA GLN A 613 12.39 -38.98 -7.59
C GLN A 613 10.94 -39.19 -7.19
N ASP A 614 10.69 -40.30 -6.51
CA ASP A 614 9.37 -40.66 -6.03
C ASP A 614 8.32 -40.65 -7.14
N VAL A 615 8.68 -41.15 -8.31
CA VAL A 615 7.71 -41.24 -9.39
C VAL A 615 7.75 -42.71 -9.76
N ASN A 616 6.57 -43.27 -9.96
CA ASN A 616 6.41 -44.66 -10.37
C ASN A 616 6.60 -44.70 -11.89
N CYS A 617 7.17 -45.78 -12.42
CA CYS A 617 7.46 -45.86 -13.87
C CYS A 617 6.25 -45.94 -14.79
N THR A 618 5.05 -46.20 -14.28
CA THR A 618 3.88 -46.23 -15.13
C THR A 618 3.33 -44.83 -15.37
N GLU A 619 3.84 -43.84 -14.63
CA GLU A 619 3.41 -42.45 -14.68
C GLU A 619 4.28 -41.60 -15.60
N VAL A 620 5.53 -41.98 -15.84
CA VAL A 620 6.42 -41.18 -16.66
C VAL A 620 6.08 -41.34 -18.14
N ASN A 641 15.65 -49.73 -21.00
CA ASN A 641 16.25 -49.71 -19.67
C ASN A 641 15.42 -48.85 -18.72
N VAL A 642 14.37 -49.43 -18.14
CA VAL A 642 13.54 -48.76 -17.16
C VAL A 642 13.55 -49.60 -15.89
N PHE A 643 14.09 -49.05 -14.81
CA PHE A 643 14.24 -49.75 -13.55
C PHE A 643 13.53 -49.01 -12.44
N GLN A 644 12.55 -49.65 -11.81
CA GLN A 644 11.82 -49.04 -10.70
C GLN A 644 12.57 -49.39 -9.43
N THR A 645 13.02 -48.37 -8.70
CA THR A 645 13.74 -48.59 -7.46
C THR A 645 13.09 -47.81 -6.33
N ARG A 646 13.60 -48.03 -5.12
CA ARG A 646 13.02 -47.42 -3.94
C ARG A 646 13.17 -45.91 -3.95
N ALA A 647 14.12 -45.40 -4.73
CA ALA A 647 14.35 -43.97 -4.82
C ALA A 647 13.51 -43.31 -5.92
N GLY A 648 12.80 -44.09 -6.74
CA GLY A 648 12.09 -43.50 -7.86
C GLY A 648 12.28 -44.32 -9.12
N CYS A 649 11.92 -43.74 -10.25
CA CYS A 649 12.02 -44.42 -11.53
C CYS A 649 13.32 -44.00 -12.22
N LEU A 650 14.18 -44.97 -12.49
CA LEU A 650 15.49 -44.74 -13.10
C LEU A 650 15.45 -45.20 -14.55
N ILE A 651 15.67 -44.28 -15.49
CA ILE A 651 15.59 -44.61 -16.91
C ILE A 651 16.95 -44.39 -17.56
N GLY A 652 17.39 -45.41 -18.32
CA GLY A 652 18.64 -45.39 -19.05
C GLY A 652 19.74 -46.25 -18.47
N ALA A 653 19.64 -46.65 -17.21
CA ALA A 653 20.64 -47.50 -16.60
C ALA A 653 20.26 -48.98 -16.66
N GLU A 654 21.25 -49.83 -16.91
CA GLU A 654 21.04 -51.28 -16.92
C GLU A 654 21.37 -51.77 -15.51
N HIS A 655 20.38 -52.32 -14.82
CA HIS A 655 20.60 -52.81 -13.48
C HIS A 655 21.33 -54.14 -13.52
N VAL A 656 22.35 -54.32 -12.66
CA VAL A 656 23.09 -55.57 -12.63
C VAL A 656 23.17 -56.12 -11.22
N ASN A 657 23.42 -57.42 -11.14
CA ASN A 657 23.57 -58.20 -9.91
C ASN A 657 24.92 -58.06 -9.23
N ASN A 658 25.99 -57.83 -9.98
CA ASN A 658 27.31 -57.77 -9.37
C ASN A 658 27.37 -56.53 -8.50
N SER A 659 27.83 -56.69 -7.25
CA SER A 659 27.98 -55.56 -6.38
C SER A 659 29.39 -54.98 -6.52
N TYR A 660 29.51 -53.69 -6.23
CA TYR A 660 30.78 -53.01 -6.29
C TYR A 660 30.80 -51.94 -5.22
N GLU A 661 31.94 -51.26 -5.11
CA GLU A 661 32.00 -50.11 -4.22
C GLU A 661 31.08 -49.05 -4.80
N CYS A 662 30.37 -48.32 -3.95
CA CYS A 662 29.44 -47.33 -4.47
C CYS A 662 30.22 -46.26 -5.23
N ASP A 663 29.72 -45.92 -6.41
CA ASP A 663 30.40 -44.88 -7.25
C ASP A 663 29.66 -43.54 -7.10
N ILE A 664 28.53 -43.40 -7.78
CA ILE A 664 27.71 -42.17 -7.63
C ILE A 664 26.43 -42.54 -6.89
N PRO A 665 26.07 -41.86 -5.77
CA PRO A 665 24.91 -42.24 -4.99
C PRO A 665 23.55 -41.95 -5.66
N ILE A 666 22.63 -42.91 -5.66
CA ILE A 666 21.27 -42.68 -6.21
C ILE A 666 20.27 -42.82 -5.06
N GLY A 667 20.73 -43.24 -3.89
CA GLY A 667 19.85 -43.42 -2.72
C GLY A 667 19.36 -44.85 -2.59
N ALA A 668 18.87 -45.22 -1.39
CA ALA A 668 18.30 -46.57 -1.16
C ALA A 668 19.32 -47.67 -1.50
N GLY A 669 20.59 -47.47 -1.17
CA GLY A 669 21.61 -48.53 -1.37
C GLY A 669 21.97 -48.71 -2.83
N ILE A 670 21.08 -48.35 -3.75
CA ILE A 670 21.36 -48.45 -5.16
C ILE A 670 22.36 -47.37 -5.55
N CYS A 671 23.40 -47.78 -6.27
CA CYS A 671 24.42 -46.91 -6.81
C CYS A 671 24.55 -47.19 -8.31
N ALA A 672 24.96 -46.17 -9.05
CA ALA A 672 25.21 -46.30 -10.48
C ALA A 672 26.71 -46.20 -10.78
N SER A 673 27.10 -46.78 -11.90
CA SER A 673 28.48 -46.70 -12.33
C SER A 673 28.57 -46.82 -13.84
N TYR A 674 29.63 -46.25 -14.43
CA TYR A 674 29.88 -46.35 -15.86
C TYR A 674 30.85 -47.51 -16.06
N GLN A 675 30.39 -48.56 -16.73
CA GLN A 675 31.17 -49.79 -16.85
C GLN A 675 31.22 -50.25 -18.30
N THR A 676 32.26 -51.03 -18.61
CA THR A 676 32.43 -51.60 -19.94
C THR A 676 31.68 -52.92 -20.06
N GLN A 687 30.31 -49.64 -23.29
CA GLN A 687 30.15 -49.14 -21.93
C GLN A 687 28.77 -48.51 -21.75
N SER A 688 28.28 -48.51 -20.52
CA SER A 688 26.96 -47.96 -20.21
C SER A 688 26.91 -47.66 -18.72
N ILE A 689 25.85 -46.95 -18.33
CA ILE A 689 25.58 -46.68 -16.93
C ILE A 689 24.75 -47.84 -16.38
N ILE A 690 25.17 -48.37 -15.24
CA ILE A 690 24.50 -49.47 -14.59
C ILE A 690 24.03 -49.03 -13.21
N ALA A 691 23.06 -49.77 -12.69
CA ALA A 691 22.53 -49.59 -11.34
C ALA A 691 22.66 -50.92 -10.61
N TYR A 692 23.04 -50.86 -9.34
CA TYR A 692 23.23 -52.09 -8.58
C TYR A 692 23.07 -51.80 -7.11
N THR A 693 22.87 -52.86 -6.34
CA THR A 693 22.87 -52.71 -4.90
C THR A 693 24.34 -52.65 -4.49
N MET A 694 24.70 -51.61 -3.76
CA MET A 694 26.11 -51.40 -3.45
C MET A 694 26.63 -52.44 -2.47
N SER A 695 27.90 -52.80 -2.66
CA SER A 695 28.60 -53.65 -1.72
C SER A 695 29.15 -52.77 -0.61
N LEU A 696 29.23 -53.33 0.59
CA LEU A 696 29.78 -52.57 1.70
C LEU A 696 31.25 -52.86 1.94
N GLY A 697 31.86 -53.68 1.09
CA GLY A 697 33.25 -54.09 1.20
C GLY A 697 33.39 -55.58 1.09
N ALA A 698 34.63 -56.00 0.86
CA ALA A 698 34.86 -57.42 0.75
C ALA A 698 34.65 -58.07 2.11
N GLU A 699 34.16 -59.30 2.11
CA GLU A 699 34.00 -60.03 3.36
C GLU A 699 35.35 -60.61 3.75
N ASN A 700 35.62 -60.63 5.05
CA ASN A 700 36.87 -61.21 5.53
C ASN A 700 36.61 -61.91 6.87
N SER A 701 36.36 -63.21 6.79
CA SER A 701 36.15 -63.98 8.01
C SER A 701 37.46 -64.07 8.77
N VAL A 702 37.38 -63.91 10.08
CA VAL A 702 38.55 -64.02 10.92
C VAL A 702 38.64 -65.44 11.45
N ALA A 703 39.83 -66.04 11.34
CA ALA A 703 40.03 -67.43 11.74
C ALA A 703 40.15 -67.46 13.27
N TYR A 704 39.02 -67.18 13.92
CA TYR A 704 39.03 -67.14 15.37
C TYR A 704 39.09 -68.54 15.94
N SER A 705 39.95 -68.68 16.95
CA SER A 705 40.02 -69.89 17.74
C SER A 705 40.61 -69.49 19.07
N ASN A 706 40.48 -70.38 20.03
CA ASN A 706 40.98 -70.13 21.37
C ASN A 706 42.50 -70.34 21.56
N ASN A 707 43.27 -70.85 20.57
CA ASN A 707 44.72 -71.12 20.73
C ASN A 707 45.75 -70.68 19.63
N SER A 708 45.55 -69.64 18.79
CA SER A 708 46.55 -69.34 17.72
C SER A 708 46.94 -67.85 17.51
N ILE A 709 48.26 -67.41 17.43
CA ILE A 709 48.38 -65.91 17.26
C ILE A 709 49.27 -65.42 16.07
N ALA A 710 48.81 -64.34 15.36
CA ALA A 710 49.46 -63.64 14.20
C ALA A 710 50.19 -62.25 14.32
N ILE A 711 51.48 -62.22 14.05
CA ILE A 711 52.19 -60.94 14.36
C ILE A 711 52.95 -60.44 13.13
N PRO A 712 52.85 -59.14 12.80
CA PRO A 712 53.50 -58.62 11.60
C PRO A 712 55.02 -58.81 11.72
N THR A 713 55.64 -59.25 10.63
CA THR A 713 57.12 -59.40 10.65
C THR A 713 57.77 -58.26 9.87
N ASN A 714 57.03 -57.61 8.97
CA ASN A 714 57.64 -56.55 8.11
C ASN A 714 56.72 -55.33 8.12
N PHE A 715 56.78 -54.51 9.17
CA PHE A 715 55.88 -53.33 9.33
C PHE A 715 56.12 -52.27 8.26
N THR A 716 55.07 -51.51 7.93
CA THR A 716 55.21 -50.40 6.93
C THR A 716 54.74 -49.08 7.56
N ILE A 717 55.47 -47.98 7.32
CA ILE A 717 55.06 -46.64 7.84
C ILE A 717 54.10 -46.02 6.83
N SER A 718 53.09 -45.24 7.27
CA SER A 718 52.15 -44.77 6.30
C SER A 718 52.07 -43.28 6.50
N VAL A 719 52.02 -42.55 5.41
CA VAL A 719 51.82 -41.12 5.50
C VAL A 719 50.53 -40.86 4.77
N THR A 720 49.63 -40.22 5.47
CA THR A 720 48.32 -39.88 4.93
C THR A 720 48.19 -38.38 5.00
N THR A 721 47.31 -37.84 4.18
CA THR A 721 47.11 -36.40 4.17
C THR A 721 45.72 -36.09 4.66
N GLU A 722 45.65 -35.25 5.70
CA GLU A 722 44.39 -34.78 6.23
C GLU A 722 44.36 -33.28 6.03
N ILE A 723 43.34 -32.76 5.37
CA ILE A 723 43.25 -31.36 5.04
C ILE A 723 42.11 -30.74 5.81
N LEU A 724 42.39 -29.68 6.56
CA LEU A 724 41.34 -29.01 7.30
C LEU A 724 41.34 -27.52 6.96
N PRO A 725 40.16 -26.94 6.80
CA PRO A 725 40.07 -25.48 6.69
C PRO A 725 40.33 -24.84 8.03
N VAL A 726 40.95 -23.66 8.00
CA VAL A 726 41.23 -22.89 9.20
C VAL A 726 40.52 -21.54 9.20
N SER A 727 40.44 -20.89 8.04
CA SER A 727 39.89 -19.54 7.98
C SER A 727 39.15 -19.37 6.67
N MET A 728 38.45 -18.25 6.56
CA MET A 728 37.72 -17.88 5.35
C MET A 728 37.93 -16.42 5.04
N THR A 729 37.58 -16.04 3.82
CA THR A 729 37.75 -14.67 3.36
C THR A 729 37.03 -13.69 4.27
N LYS A 730 37.75 -12.65 4.72
CA LYS A 730 37.19 -11.66 5.64
C LYS A 730 36.41 -10.60 4.85
N THR A 731 35.19 -10.98 4.45
CA THR A 731 34.35 -10.08 3.68
C THR A 731 33.66 -9.09 4.62
N SER A 732 33.65 -7.81 4.27
CA SER A 732 32.99 -6.78 5.06
C SER A 732 32.09 -5.95 4.14
N VAL A 733 30.79 -5.99 4.40
CA VAL A 733 29.80 -5.31 3.58
C VAL A 733 29.21 -4.14 4.35
N ASP A 734 29.30 -2.94 3.78
CA ASP A 734 28.74 -1.75 4.40
C ASP A 734 27.25 -1.68 4.10
N CYS A 735 26.44 -1.87 5.15
CA CYS A 735 24.98 -1.95 4.99
C CYS A 735 24.39 -0.75 4.25
N THR A 736 24.71 0.47 4.72
CA THR A 736 24.12 1.68 4.14
C THR A 736 24.55 1.84 2.70
N MET A 737 25.85 1.66 2.45
CA MET A 737 26.37 1.86 1.11
C MET A 737 25.83 0.84 0.17
N TYR A 738 25.64 -0.40 0.65
CA TYR A 738 25.03 -1.47 -0.16
C TYR A 738 23.56 -1.17 -0.51
N ILE A 739 22.76 -0.82 0.50
CA ILE A 739 21.34 -0.60 0.29
C ILE A 739 21.08 0.71 -0.43
N CYS A 740 21.73 1.77 0.02
CA CYS A 740 21.51 3.12 -0.51
C CYS A 740 22.76 3.61 -1.21
N GLY A 741 22.88 3.29 -2.50
CA GLY A 741 24.07 3.61 -3.26
C GLY A 741 24.23 5.09 -3.51
N ASP A 742 24.81 5.81 -2.54
CA ASP A 742 25.12 7.23 -2.67
C ASP A 742 23.91 8.08 -3.07
N SER A 743 22.76 7.80 -2.45
CA SER A 743 21.54 8.54 -2.72
C SER A 743 21.02 9.13 -1.42
N THR A 744 20.86 10.46 -1.40
CA THR A 744 20.46 11.15 -0.17
C THR A 744 19.08 10.69 0.30
N GLU A 745 18.13 10.57 -0.63
CA GLU A 745 16.77 10.22 -0.24
C GLU A 745 16.73 8.84 0.40
N CYS A 746 17.46 7.88 -0.19
CA CYS A 746 17.50 6.54 0.39
C CYS A 746 18.25 6.59 1.71
N SER A 747 19.39 7.29 1.75
CA SER A 747 20.19 7.35 2.97
C SER A 747 19.36 7.88 4.13
N ASN A 748 18.50 8.86 3.86
CA ASN A 748 17.65 9.41 4.91
C ASN A 748 16.52 8.45 5.26
N LEU A 749 15.93 7.79 4.27
CA LEU A 749 14.86 6.82 4.54
C LEU A 749 15.39 5.66 5.37
N LEU A 750 16.65 5.27 5.13
CA LEU A 750 17.27 4.17 5.84
C LEU A 750 17.44 4.46 7.32
N LEU A 751 17.33 5.73 7.72
CA LEU A 751 17.52 6.05 9.13
C LEU A 751 16.32 5.61 9.95
N GLN A 752 15.20 5.28 9.31
CA GLN A 752 14.00 4.86 10.00
C GLN A 752 14.08 3.41 10.45
N TYR A 753 15.13 2.70 10.05
CA TYR A 753 15.34 1.29 10.40
C TYR A 753 16.29 1.14 11.58
N GLY A 754 16.66 2.24 12.21
CA GLY A 754 17.45 2.23 13.42
C GLY A 754 18.84 1.61 13.30
N SER A 755 19.10 0.61 14.13
CA SER A 755 20.41 -0.03 14.22
C SER A 755 20.60 -1.26 13.33
N PHE A 756 19.64 -1.59 12.45
CA PHE A 756 19.80 -2.79 11.63
C PHE A 756 21.14 -2.81 10.91
N CYS A 757 21.52 -1.69 10.29
CA CYS A 757 22.82 -1.64 9.62
C CYS A 757 23.97 -1.73 10.61
N THR A 758 23.79 -1.14 11.79
CA THR A 758 24.86 -1.19 12.79
C THR A 758 25.09 -2.62 13.24
N GLN A 759 24.00 -3.35 13.51
CA GLN A 759 24.11 -4.73 13.97
C GLN A 759 24.71 -5.62 12.88
N LEU A 760 24.35 -5.38 11.62
CA LEU A 760 24.93 -6.19 10.55
C LEU A 760 26.41 -5.92 10.40
N ASN A 761 26.82 -4.65 10.51
CA ASN A 761 28.23 -4.34 10.40
C ASN A 761 28.99 -4.94 11.57
N ARG A 762 28.36 -4.95 12.74
CA ARG A 762 28.99 -5.53 13.92
C ARG A 762 29.17 -7.04 13.75
N ALA A 763 28.15 -7.72 13.25
CA ALA A 763 28.24 -9.17 13.07
C ALA A 763 29.34 -9.52 12.08
N LEU A 764 29.44 -8.77 10.99
CA LEU A 764 30.49 -9.07 10.02
C LEU A 764 31.86 -8.74 10.58
N THR A 765 31.97 -7.69 11.40
CA THR A 765 33.25 -7.39 12.03
C THR A 765 33.64 -8.53 12.96
N GLY A 766 32.68 -9.01 13.75
CA GLY A 766 32.95 -10.11 14.66
C GLY A 766 33.49 -11.32 13.93
N ILE A 767 32.90 -11.63 12.77
CA ILE A 767 33.40 -12.75 11.99
C ILE A 767 34.83 -12.48 11.51
N ALA A 768 35.06 -11.28 10.99
CA ALA A 768 36.40 -10.96 10.48
C ALA A 768 37.45 -11.11 11.57
N VAL A 769 37.12 -10.69 12.79
CA VAL A 769 38.06 -10.84 13.90
C VAL A 769 38.26 -12.31 14.23
N GLU A 770 37.17 -13.07 14.29
CA GLU A 770 37.26 -14.48 14.59
C GLU A 770 38.17 -15.20 13.62
N GLN A 771 38.20 -14.79 12.35
CA GLN A 771 39.06 -15.49 11.40
C GLN A 771 40.53 -15.36 11.75
N ASP A 772 40.92 -14.23 12.35
CA ASP A 772 42.31 -14.07 12.73
C ASP A 772 42.57 -14.81 14.03
N LYS A 773 41.57 -14.84 14.90
CA LYS A 773 41.72 -15.61 16.13
C LYS A 773 41.95 -17.08 15.78
N ASN A 774 41.17 -17.60 14.83
CA ASN A 774 41.30 -18.99 14.42
C ASN A 774 42.67 -19.26 13.82
N THR A 775 43.15 -18.32 12.98
CA THR A 775 44.46 -18.54 12.37
C THR A 775 45.56 -18.59 13.42
N GLN A 776 45.50 -17.68 14.39
CA GLN A 776 46.54 -17.68 15.43
C GLN A 776 46.45 -18.94 16.28
N GLU A 777 45.22 -19.37 16.63
CA GLU A 777 45.06 -20.56 17.45
C GLU A 777 45.60 -21.79 16.74
N VAL A 778 45.45 -21.88 15.43
CA VAL A 778 45.93 -23.05 14.71
C VAL A 778 47.44 -23.01 14.53
N PHE A 779 48.00 -21.87 14.11
CA PHE A 779 49.42 -21.87 13.79
C PHE A 779 50.33 -21.29 14.87
N ALA A 780 49.89 -20.30 15.63
CA ALA A 780 50.79 -19.63 16.58
C ALA A 780 50.82 -20.32 17.95
N GLN A 781 51.26 -21.57 17.95
CA GLN A 781 51.35 -22.32 19.20
C GLN A 781 52.79 -22.44 19.69
N VAL A 782 53.74 -21.84 19.00
CA VAL A 782 55.16 -21.90 19.36
C VAL A 782 55.68 -20.50 19.59
N LYS A 783 56.39 -20.30 20.69
CA LYS A 783 56.90 -18.98 21.07
C LYS A 783 58.28 -18.67 20.52
N GLN A 784 58.93 -19.63 19.87
CA GLN A 784 60.24 -19.42 19.29
C GLN A 784 60.24 -19.93 17.86
N ILE A 785 61.08 -19.33 17.02
CA ILE A 785 61.22 -19.77 15.64
C ILE A 785 62.44 -20.68 15.53
N TYR A 786 62.19 -21.97 15.37
CA TYR A 786 63.24 -22.98 15.29
C TYR A 786 63.69 -23.14 13.85
N LYS A 787 64.95 -23.51 13.67
CA LYS A 787 65.49 -23.74 12.34
C LYS A 787 66.29 -25.04 12.30
N THR A 788 66.25 -25.70 11.15
CA THR A 788 67.05 -26.90 10.94
C THR A 788 68.52 -26.53 10.76
N PRO A 789 69.43 -27.47 11.01
CA PRO A 789 70.86 -27.18 10.79
C PRO A 789 71.19 -27.09 9.31
N PRO A 790 72.28 -26.39 8.98
CA PRO A 790 72.82 -26.43 7.61
C PRO A 790 73.13 -27.81 7.08
N ILE A 791 73.49 -28.75 7.94
CA ILE A 791 73.81 -30.11 7.53
C ILE A 791 72.63 -30.99 7.90
N LYS A 792 71.92 -31.42 6.87
CA LYS A 792 70.68 -32.19 6.98
C LYS A 792 71.01 -33.67 7.14
N ASP A 793 71.57 -34.05 8.29
CA ASP A 793 71.82 -35.48 8.34
C ASP A 793 70.74 -36.08 9.23
N PHE A 794 69.57 -36.34 8.66
CA PHE A 794 68.49 -36.79 9.58
C PHE A 794 68.44 -38.32 9.65
N GLY A 795 69.59 -38.94 9.91
CA GLY A 795 69.64 -40.41 10.03
C GLY A 795 69.15 -41.11 8.78
N GLY A 796 69.41 -40.51 7.61
CA GLY A 796 69.00 -41.11 6.33
C GLY A 796 67.56 -40.79 6.00
N PHE A 797 66.86 -40.07 6.88
CA PHE A 797 65.46 -39.64 6.59
C PHE A 797 65.53 -38.31 5.84
N ASN A 798 64.94 -38.26 4.66
CA ASN A 798 64.96 -37.02 3.83
C ASN A 798 63.71 -36.19 4.17
N PHE A 799 63.90 -34.94 4.59
CA PHE A 799 62.72 -34.07 4.88
C PHE A 799 62.68 -32.91 3.91
N SER A 800 63.45 -32.99 2.82
CA SER A 800 63.54 -31.83 1.89
C SER A 800 62.14 -31.51 1.35
N GLN A 801 61.35 -32.54 1.07
CA GLN A 801 60.01 -32.31 0.47
C GLN A 801 59.12 -31.50 1.43
N ILE A 802 59.19 -31.76 2.74
CA ILE A 802 58.27 -31.08 3.69
C ILE A 802 58.94 -29.85 4.32
N LEU A 803 60.22 -29.60 4.01
CA LEU A 803 60.94 -28.47 4.67
C LEU A 803 61.12 -27.32 3.65
N PRO A 804 61.17 -26.01 4.04
CA PRO A 804 61.29 -24.95 3.03
C PRO A 804 62.65 -25.02 2.37
N ASP A 805 62.70 -24.64 1.10
CA ASP A 805 63.97 -24.61 0.40
C ASP A 805 64.37 -23.17 0.10
N PRO A 806 65.65 -22.91 -0.15
CA PRO A 806 66.09 -21.57 -0.55
C PRO A 806 66.00 -21.28 -2.04
N SER A 807 65.36 -22.15 -2.83
CA SER A 807 65.28 -21.91 -4.27
C SER A 807 64.07 -21.06 -4.65
N LYS A 808 62.94 -21.28 -4.00
CA LYS A 808 61.74 -20.49 -4.28
C LYS A 808 61.71 -19.22 -3.43
N PRO A 809 61.27 -18.11 -4.02
CA PRO A 809 61.20 -16.85 -3.26
C PRO A 809 60.18 -16.88 -2.14
N SER A 810 59.25 -17.83 -2.17
CA SER A 810 58.22 -17.93 -1.14
C SER A 810 58.71 -18.65 0.11
N LYS A 811 59.88 -19.28 0.03
CA LYS A 811 60.47 -20.04 1.14
C LYS A 811 59.48 -21.09 1.64
N ARG A 812 58.87 -21.79 0.71
CA ARG A 812 57.92 -22.86 1.03
C ARG A 812 58.47 -24.18 0.56
N SER A 813 57.91 -25.25 1.09
CA SER A 813 58.34 -26.58 0.69
C SER A 813 57.74 -26.97 -0.65
N PRO A 814 58.36 -27.95 -1.33
CA PRO A 814 57.72 -28.55 -2.51
C PRO A 814 56.26 -28.93 -2.29
N ILE A 815 55.97 -29.61 -1.17
CA ILE A 815 54.59 -29.97 -0.90
C ILE A 815 53.75 -28.70 -0.70
N GLU A 816 54.27 -27.73 0.03
CA GLU A 816 53.50 -26.49 0.18
C GLU A 816 53.30 -25.85 -1.18
N ASP A 817 54.34 -25.92 -2.03
CA ASP A 817 54.25 -25.37 -3.38
C ASP A 817 53.09 -25.98 -4.14
N LEU A 818 52.91 -27.30 -4.03
CA LEU A 818 51.79 -27.95 -4.69
C LEU A 818 50.47 -27.52 -4.09
N LEU A 819 50.39 -27.45 -2.75
CA LEU A 819 49.13 -27.11 -2.12
C LEU A 819 48.69 -25.70 -2.51
N PHE A 820 49.63 -24.78 -2.63
CA PHE A 820 49.29 -23.41 -3.01
C PHE A 820 48.98 -23.29 -4.50
N ASN A 821 49.79 -23.91 -5.36
CA ASN A 821 49.59 -23.78 -6.80
C ASN A 821 48.31 -24.46 -7.28
N LYS A 822 47.84 -25.49 -6.57
CA LYS A 822 46.67 -26.24 -7.02
C LYS A 822 45.35 -25.74 -6.44
N VAL A 823 45.33 -24.61 -5.75
CA VAL A 823 44.07 -24.07 -5.25
C VAL A 823 43.70 -22.81 -6.00
N ASN A 853 29.77 -2.03 -5.09
CA ASN A 853 28.66 -2.72 -4.46
C ASN A 853 28.65 -2.47 -2.96
N GLY A 854 29.65 -1.74 -2.48
CA GLY A 854 29.73 -1.41 -1.08
C GLY A 854 30.39 -2.42 -0.18
N LEU A 855 31.05 -3.43 -0.76
CA LEU A 855 31.72 -4.46 0.01
C LEU A 855 33.21 -4.43 -0.26
N THR A 856 33.98 -4.83 0.74
CA THR A 856 35.44 -4.91 0.66
C THR A 856 35.88 -6.24 1.24
N VAL A 857 37.13 -6.59 0.99
CA VAL A 857 37.76 -7.78 1.56
C VAL A 857 38.96 -7.36 2.37
N LEU A 858 39.00 -7.75 3.63
CA LEU A 858 40.13 -7.32 4.43
C LEU A 858 41.24 -8.35 4.34
N PRO A 859 42.50 -7.91 4.35
CA PRO A 859 43.59 -8.86 4.32
C PRO A 859 43.75 -9.56 5.65
N PRO A 860 44.29 -10.76 5.67
CA PRO A 860 44.56 -11.44 6.93
C PRO A 860 45.71 -10.76 7.66
N LEU A 861 45.72 -10.92 8.98
CA LEU A 861 46.85 -10.41 9.75
C LEU A 861 48.13 -11.16 9.42
N LEU A 862 48.04 -12.49 9.30
CA LEU A 862 49.21 -13.32 9.00
C LEU A 862 49.23 -13.64 7.50
N THR A 863 50.22 -13.09 6.82
CA THR A 863 50.34 -13.31 5.36
C THR A 863 50.81 -14.74 5.14
N ASP A 864 50.79 -15.20 3.89
CA ASP A 864 51.15 -16.61 3.62
C ASP A 864 52.60 -16.82 4.09
N GLU A 865 53.46 -15.82 3.86
CA GLU A 865 54.89 -15.96 4.24
C GLU A 865 54.99 -16.10 5.76
N MET A 866 54.23 -15.30 6.51
CA MET A 866 54.29 -15.36 7.99
C MET A 866 53.78 -16.73 8.47
N ILE A 867 52.69 -17.21 7.86
CA ILE A 867 52.13 -18.53 8.25
C ILE A 867 53.18 -19.59 7.93
N ALA A 868 53.85 -19.45 6.78
CA ALA A 868 54.87 -20.44 6.38
C ALA A 868 56.02 -20.44 7.40
N GLN A 869 56.42 -19.25 7.86
CA GLN A 869 57.52 -19.17 8.86
C GLN A 869 57.11 -19.98 10.08
N TYR A 870 55.81 -20.03 10.39
CA TYR A 870 55.33 -20.77 11.54
C TYR A 870 55.42 -22.27 11.30
N THR A 871 55.04 -22.71 10.10
CA THR A 871 55.11 -24.14 9.85
C THR A 871 56.57 -24.59 9.77
N SER A 872 57.42 -23.72 9.24
CA SER A 872 58.87 -24.05 9.22
C SER A 872 59.30 -24.29 10.67
N ALA A 873 58.93 -23.40 11.57
CA ALA A 873 59.38 -23.51 12.98
C ALA A 873 58.83 -24.80 13.61
N LEU A 874 57.54 -25.07 13.41
CA LEU A 874 56.94 -26.27 14.06
C LEU A 874 57.62 -27.51 13.52
N LEU A 875 57.84 -27.54 12.19
CA LEU A 875 58.48 -28.72 11.56
C LEU A 875 59.90 -28.85 12.13
N ALA A 876 60.62 -27.74 12.24
CA ALA A 876 62.02 -27.80 12.70
C ALA A 876 62.07 -28.35 14.12
N GLY A 877 61.17 -27.87 14.98
CA GLY A 877 61.14 -28.36 16.36
C GLY A 877 60.83 -29.83 16.40
N THR A 878 59.84 -30.25 15.60
CA THR A 878 59.43 -31.67 15.61
C THR A 878 60.63 -32.53 15.17
N ILE A 879 61.42 -32.02 14.22
CA ILE A 879 62.53 -32.82 13.71
C ILE A 879 63.74 -32.82 14.65
N THR A 880 64.12 -31.67 15.19
CA THR A 880 65.35 -31.64 15.99
C THR A 880 65.15 -31.83 17.48
N SER A 881 63.95 -31.64 18.02
CA SER A 881 63.73 -31.76 19.45
C SER A 881 62.51 -32.59 19.82
N GLY A 882 61.86 -33.23 18.85
CA GLY A 882 60.70 -34.06 19.14
C GLY A 882 59.58 -33.26 19.78
N TRP A 883 59.06 -33.78 20.88
CA TRP A 883 57.97 -33.12 21.59
C TRP A 883 58.46 -32.20 22.69
N THR A 884 59.76 -32.12 22.92
CA THR A 884 60.24 -31.38 24.08
C THR A 884 60.01 -29.89 23.92
N PHE A 885 60.02 -29.38 22.69
CA PHE A 885 59.80 -27.95 22.51
C PHE A 885 58.35 -27.56 22.72
N GLY A 886 57.43 -28.51 22.53
CA GLY A 886 56.02 -28.20 22.74
C GLY A 886 55.69 -28.01 24.20
N ALA A 887 56.30 -28.81 25.07
CA ALA A 887 56.03 -28.78 26.50
C ALA A 887 56.93 -27.81 27.26
N GLY A 888 57.83 -27.11 26.58
CA GLY A 888 58.75 -26.21 27.23
C GLY A 888 59.97 -25.92 26.40
N PRO A 889 61.15 -26.11 26.97
CA PRO A 889 62.38 -25.86 26.23
C PRO A 889 62.62 -26.93 25.18
N ALA A 890 63.24 -26.53 24.07
CA ALA A 890 63.56 -27.47 23.01
C ALA A 890 64.84 -28.21 23.36
N LEU A 891 64.73 -29.52 23.51
CA LEU A 891 65.85 -30.37 23.89
C LEU A 891 66.29 -31.16 22.68
N GLN A 892 67.51 -30.93 22.20
CA GLN A 892 67.94 -31.62 21.01
C GLN A 892 68.01 -33.12 21.26
N ILE A 893 67.67 -33.88 20.25
CA ILE A 893 67.81 -35.33 20.31
C ILE A 893 68.11 -35.83 18.91
N PRO A 894 69.00 -36.80 18.75
CA PRO A 894 69.19 -37.41 17.43
C PRO A 894 67.88 -37.95 16.92
N PHE A 895 67.62 -37.73 15.63
CA PHE A 895 66.34 -38.15 15.06
C PHE A 895 66.12 -39.65 15.25
N PRO A 896 67.09 -40.53 14.97
CA PRO A 896 66.84 -41.97 15.22
C PRO A 896 66.37 -42.28 16.64
N MET A 897 66.84 -41.56 17.66
CA MET A 897 66.30 -41.88 18.98
C MET A 897 64.90 -41.34 19.12
N GLN A 898 64.61 -40.18 18.53
CA GLN A 898 63.25 -39.68 18.58
C GLN A 898 62.31 -40.72 17.98
N MET A 899 62.72 -41.33 16.87
CA MET A 899 61.91 -42.38 16.28
C MET A 899 61.83 -43.56 17.23
N ALA A 900 62.94 -43.87 17.91
CA ALA A 900 62.97 -44.99 18.85
C ALA A 900 61.97 -44.80 19.98
N TYR A 901 61.84 -43.56 20.46
CA TYR A 901 60.90 -43.30 21.56
C TYR A 901 59.49 -43.41 21.07
N ARG A 902 59.26 -42.92 19.85
CA ARG A 902 57.93 -42.99 19.28
C ARG A 902 57.53 -44.43 18.98
N PHE A 903 58.51 -45.27 18.63
CA PHE A 903 58.21 -46.67 18.45
C PHE A 903 57.90 -47.32 19.80
N ASN A 904 58.67 -46.97 20.83
CA ASN A 904 58.42 -47.52 22.16
C ASN A 904 57.02 -47.13 22.63
N GLY A 905 56.58 -45.92 22.28
CA GLY A 905 55.29 -45.40 22.68
C GLY A 905 54.10 -46.14 22.11
N ILE A 906 54.29 -46.99 21.11
CA ILE A 906 53.19 -47.74 20.51
C ILE A 906 53.35 -49.23 20.77
N GLY A 907 54.22 -49.61 21.71
CA GLY A 907 54.38 -51.00 22.08
C GLY A 907 55.38 -51.78 21.25
N VAL A 908 56.29 -51.11 20.54
CA VAL A 908 57.31 -51.76 19.76
C VAL A 908 58.66 -51.34 20.32
N THR A 909 59.44 -52.31 20.79
CA THR A 909 60.69 -51.98 21.46
C THR A 909 61.67 -51.31 20.50
N GLN A 910 62.52 -50.45 21.06
CA GLN A 910 63.38 -49.60 20.25
C GLN A 910 64.43 -50.39 19.45
N ASN A 911 64.69 -51.64 19.84
CA ASN A 911 65.67 -52.39 19.05
C ASN A 911 65.11 -52.70 17.67
N VAL A 912 63.79 -52.68 17.52
CA VAL A 912 63.22 -52.97 16.21
C VAL A 912 63.60 -51.84 15.27
N LEU A 913 63.50 -50.60 15.76
CA LEU A 913 63.89 -49.44 14.97
C LEU A 913 65.36 -49.48 14.64
N TYR A 914 66.21 -49.73 15.64
CA TYR A 914 67.64 -49.65 15.39
C TYR A 914 68.10 -50.73 14.42
N GLU A 915 67.57 -51.94 14.56
CA GLU A 915 67.98 -53.02 13.68
C GLU A 915 67.57 -52.75 12.23
N ASN A 916 66.42 -52.10 12.00
CA ASN A 916 65.94 -51.82 10.66
C ASN A 916 66.01 -50.33 10.27
N GLN A 917 66.87 -49.54 10.92
CA GLN A 917 66.90 -48.09 10.67
C GLN A 917 67.14 -47.70 9.21
N LYS A 918 68.05 -48.38 8.51
CA LYS A 918 68.34 -48.02 7.12
C LYS A 918 67.14 -48.32 6.22
N LEU A 919 66.49 -49.45 6.47
CA LEU A 919 65.34 -49.87 5.71
C LEU A 919 64.21 -48.86 5.91
N ILE A 920 64.01 -48.46 7.17
CA ILE A 920 62.95 -47.55 7.50
C ILE A 920 63.16 -46.18 6.85
N ALA A 921 64.39 -45.64 6.90
CA ALA A 921 64.64 -44.34 6.24
C ALA A 921 64.45 -44.34 4.71
N ASN A 922 64.92 -45.39 4.03
CA ASN A 922 64.78 -45.39 2.56
C ASN A 922 63.31 -45.52 2.19
N GLN A 923 62.68 -46.35 2.96
CA GLN A 923 61.29 -46.64 2.86
C GLN A 923 60.47 -45.36 3.14
N PHE A 924 60.91 -44.54 4.09
CA PHE A 924 60.22 -43.30 4.42
C PHE A 924 60.19 -42.40 3.16
N ASN A 925 61.33 -42.29 2.44
CA ASN A 925 61.36 -41.44 1.24
C ASN A 925 60.40 -41.83 0.20
N SER A 926 60.23 -43.11 0.01
CA SER A 926 59.26 -43.41 -1.01
C SER A 926 57.90 -42.94 -0.52
N ALA A 927 57.61 -43.11 0.78
CA ALA A 927 56.31 -42.64 1.25
C ALA A 927 56.13 -41.11 1.08
N ILE A 928 57.17 -40.30 1.36
CA ILE A 928 57.02 -38.85 1.17
C ILE A 928 56.85 -38.50 -0.32
N GLY A 929 57.66 -39.12 -1.17
CA GLY A 929 57.50 -38.85 -2.59
C GLY A 929 56.12 -39.21 -3.06
N LYS A 930 55.58 -40.32 -2.54
CA LYS A 930 54.22 -40.70 -2.91
C LYS A 930 53.23 -39.65 -2.45
N ILE A 931 53.47 -39.00 -1.31
CA ILE A 931 52.50 -37.99 -0.90
C ILE A 931 52.49 -36.88 -1.95
N GLN A 932 53.68 -36.47 -2.40
CA GLN A 932 53.74 -35.41 -3.41
C GLN A 932 53.03 -35.83 -4.68
N ASP A 933 53.24 -37.07 -5.12
CA ASP A 933 52.62 -37.53 -6.36
C ASP A 933 51.12 -37.69 -6.20
N SER A 934 50.66 -38.15 -5.05
CA SER A 934 49.23 -38.33 -4.82
C SER A 934 48.53 -36.99 -4.88
N LEU A 935 49.11 -35.98 -4.22
CA LEU A 935 48.47 -34.67 -4.24
C LEU A 935 48.46 -34.08 -5.65
N SER A 936 49.54 -34.25 -6.40
CA SER A 936 49.59 -33.71 -7.77
C SER A 936 48.59 -34.42 -8.68
N SER A 937 48.54 -35.75 -8.61
CA SER A 937 47.70 -36.57 -9.49
C SER A 937 46.21 -36.38 -9.27
N THR A 938 45.75 -36.32 -8.02
CA THR A 938 44.31 -36.27 -7.78
C THR A 938 43.79 -34.86 -7.53
N PRO A 939 43.01 -34.30 -8.47
CA PRO A 939 42.56 -32.91 -8.34
C PRO A 939 41.57 -32.68 -7.21
N SER A 940 40.93 -33.73 -6.70
CA SER A 940 39.93 -33.64 -5.65
C SER A 940 40.52 -33.75 -4.25
N ALA A 941 41.84 -33.93 -4.16
CA ALA A 941 42.51 -34.15 -2.87
C ALA A 941 42.27 -32.98 -1.92
N LEU A 942 42.15 -31.76 -2.44
CA LEU A 942 41.97 -30.55 -1.64
C LEU A 942 40.55 -30.01 -1.75
N GLY A 943 39.60 -30.88 -2.03
CA GLY A 943 38.22 -30.46 -2.23
C GLY A 943 37.64 -29.65 -1.09
N LYS A 944 38.04 -29.95 0.15
CA LYS A 944 37.48 -29.23 1.29
C LYS A 944 37.81 -27.73 1.25
N LEU A 945 39.02 -27.38 0.81
CA LEU A 945 39.38 -25.97 0.84
C LEU A 945 38.74 -25.24 -0.33
N GLN A 946 38.67 -25.93 -1.47
CA GLN A 946 38.05 -25.33 -2.63
C GLN A 946 36.57 -25.16 -2.35
N ASP A 947 35.97 -26.10 -1.63
CA ASP A 947 34.56 -26.01 -1.29
C ASP A 947 34.29 -24.80 -0.41
N VAL A 948 35.18 -24.53 0.55
CA VAL A 948 35.00 -23.35 1.40
C VAL A 948 35.08 -22.08 0.56
N VAL A 949 36.06 -22.03 -0.34
CA VAL A 949 36.22 -20.87 -1.22
C VAL A 949 34.98 -20.70 -2.08
N ASN A 950 34.47 -21.81 -2.61
CA ASN A 950 33.31 -21.79 -3.48
C ASN A 950 32.09 -21.30 -2.72
N GLN A 951 31.94 -21.71 -1.45
CA GLN A 951 30.78 -21.26 -0.69
C GLN A 951 30.81 -19.75 -0.48
N ASN A 952 31.98 -19.17 -0.22
CA ASN A 952 31.99 -17.72 -0.04
C ASN A 952 31.80 -16.99 -1.36
N ALA A 953 32.36 -17.54 -2.45
CA ALA A 953 32.16 -16.91 -3.76
C ALA A 953 30.69 -16.93 -4.13
N GLN A 954 30.01 -18.03 -3.87
CA GLN A 954 28.60 -18.10 -4.17
C GLN A 954 27.80 -17.14 -3.30
N ALA A 955 28.16 -17.04 -2.01
CA ALA A 955 27.45 -16.13 -1.13
C ALA A 955 27.53 -14.69 -1.61
N LEU A 956 28.72 -14.29 -2.10
CA LEU A 956 28.89 -12.91 -2.55
C LEU A 956 28.22 -12.69 -3.89
N ASN A 957 28.30 -13.67 -4.78
CA ASN A 957 27.66 -13.50 -6.07
C ASN A 957 26.16 -13.46 -5.88
N THR A 958 25.67 -14.17 -4.87
CA THR A 958 24.20 -14.13 -4.58
C THR A 958 23.80 -12.70 -4.21
N LEU A 959 24.56 -12.05 -3.34
CA LEU A 959 24.15 -10.71 -2.85
C LEU A 959 24.09 -9.71 -4.00
N VAL A 960 25.08 -9.73 -4.89
CA VAL A 960 25.13 -8.72 -6.00
C VAL A 960 23.91 -8.94 -6.92
N LYS A 961 23.61 -10.20 -7.22
CA LYS A 961 22.46 -10.50 -8.11
C LYS A 961 21.17 -10.05 -7.42
N GLN A 962 21.07 -10.27 -6.11
CA GLN A 962 19.85 -9.87 -5.35
C GLN A 962 19.70 -8.35 -5.45
N LEU A 963 20.81 -7.63 -5.41
CA LEU A 963 20.74 -6.14 -5.46
C LEU A 963 20.07 -5.75 -6.78
N SER A 964 20.38 -6.46 -7.87
CA SER A 964 19.80 -6.15 -9.19
C SER A 964 18.35 -6.63 -9.30
N SER A 965 17.79 -7.21 -8.24
CA SER A 965 16.38 -7.59 -8.32
C SER A 965 15.47 -6.42 -7.99
N ASN A 966 14.20 -6.56 -8.39
CA ASN A 966 13.19 -5.52 -8.22
C ASN A 966 12.44 -5.61 -6.90
N PHE A 967 12.21 -6.82 -6.40
CA PHE A 967 11.48 -7.04 -5.15
C PHE A 967 10.10 -6.38 -5.16
N GLY A 968 9.47 -6.32 -6.33
CA GLY A 968 8.17 -5.71 -6.45
C GLY A 968 8.19 -4.26 -6.87
N ALA A 969 9.35 -3.63 -6.92
CA ALA A 969 9.46 -2.23 -7.30
C ALA A 969 9.26 -2.07 -8.80
N ILE A 970 8.85 -0.87 -9.20
CA ILE A 970 8.69 -0.55 -10.61
C ILE A 970 10.03 -0.67 -11.34
N SER A 971 11.14 -0.52 -10.63
CA SER A 971 12.45 -0.65 -11.28
C SER A 971 13.48 -1.00 -10.22
N SER A 972 14.45 -1.84 -10.61
CA SER A 972 15.57 -2.26 -9.78
C SER A 972 16.63 -1.18 -9.58
N VAL A 973 16.60 -0.10 -10.36
CA VAL A 973 17.62 0.94 -10.27
C VAL A 973 17.08 2.12 -9.47
N LEU A 974 17.76 2.44 -8.38
CA LEU A 974 17.31 3.49 -7.47
C LEU A 974 17.30 4.85 -8.16
N ASN A 975 18.30 5.12 -9.01
CA ASN A 975 18.36 6.40 -9.68
C ASN A 975 17.21 6.55 -10.65
N ASP A 976 16.74 5.43 -11.21
CA ASP A 976 15.62 5.48 -12.13
C ASP A 976 14.35 5.73 -11.36
N ILE A 977 14.26 5.18 -10.13
CA ILE A 977 13.10 5.40 -9.28
C ILE A 977 13.01 6.88 -8.95
N LEU A 978 14.13 7.48 -8.55
CA LEU A 978 14.14 8.89 -8.17
C LEU A 978 13.83 9.79 -9.37
N SER A 979 14.35 9.45 -10.56
CA SER A 979 14.09 10.24 -11.74
C SER A 979 12.65 10.14 -12.23
N ARG A 980 12.09 8.93 -12.28
CA ARG A 980 10.77 8.73 -12.86
C ARG A 980 9.62 9.12 -11.93
N LEU A 981 9.74 8.89 -10.62
CA LEU A 981 8.62 9.12 -9.72
C LEU A 981 8.88 10.27 -8.76
N ASP A 982 7.83 11.07 -8.56
CA ASP A 982 7.83 12.14 -7.57
C ASP A 982 7.94 11.55 -6.16
N PRO A 983 8.53 12.29 -5.22
CA PRO A 983 8.70 11.80 -3.83
C PRO A 983 7.50 11.07 -3.26
N PRO A 984 6.25 11.53 -3.46
CA PRO A 984 5.11 10.81 -2.88
C PRO A 984 4.96 9.37 -3.38
N GLU A 985 5.53 9.03 -4.53
CA GLU A 985 5.47 7.68 -5.07
C GLU A 985 6.82 7.00 -4.97
N ALA A 986 7.87 7.80 -5.12
CA ALA A 986 9.22 7.25 -5.04
C ALA A 986 9.44 6.70 -3.65
N GLU A 987 8.91 7.37 -2.63
CA GLU A 987 9.08 6.89 -1.26
C GLU A 987 8.60 5.45 -1.14
N VAL A 988 7.47 5.14 -1.78
CA VAL A 988 6.90 3.79 -1.70
C VAL A 988 7.79 2.81 -2.45
N GLN A 989 8.22 3.17 -3.65
CA GLN A 989 9.05 2.22 -4.42
C GLN A 989 10.40 2.01 -3.74
N ILE A 990 10.92 3.05 -3.11
CA ILE A 990 12.18 2.95 -2.39
C ILE A 990 11.99 2.09 -1.16
N ASP A 991 10.87 2.26 -0.45
CA ASP A 991 10.63 1.44 0.73
C ASP A 991 10.58 -0.04 0.33
N ARG A 992 10.00 -0.34 -0.84
CA ARG A 992 9.98 -1.73 -1.27
C ARG A 992 11.39 -2.23 -1.57
N LEU A 993 12.21 -1.40 -2.23
CA LEU A 993 13.59 -1.81 -2.49
C LEU A 993 14.41 -1.93 -1.22
N ILE A 994 14.20 -1.04 -0.26
CA ILE A 994 14.94 -1.10 0.99
C ILE A 994 14.57 -2.37 1.75
N THR A 995 13.28 -2.70 1.82
CA THR A 995 12.88 -3.90 2.55
C THR A 995 13.49 -5.13 1.88
N GLY A 996 13.43 -5.20 0.55
CA GLY A 996 13.99 -6.35 -0.14
C GLY A 996 15.49 -6.50 0.07
N ARG A 997 16.23 -5.40 -0.11
CA ARG A 997 17.68 -5.45 0.03
C ARG A 997 18.09 -5.70 1.47
N LEU A 998 17.34 -5.17 2.44
CA LEU A 998 17.67 -5.44 3.82
C LEU A 998 17.44 -6.90 4.16
N GLN A 999 16.33 -7.47 3.68
CA GLN A 999 16.09 -8.90 3.91
C GLN A 999 17.19 -9.74 3.28
N SER A 1000 17.64 -9.36 2.08
CA SER A 1000 18.71 -10.09 1.41
C SER A 1000 20.00 -10.01 2.22
N LEU A 1001 20.32 -8.82 2.73
CA LEU A 1001 21.54 -8.66 3.51
C LEU A 1001 21.44 -9.43 4.82
N GLN A 1002 20.23 -9.46 5.40
CA GLN A 1002 20.03 -10.21 6.65
C GLN A 1002 20.31 -11.69 6.36
N THR A 1003 19.79 -12.19 5.24
CA THR A 1003 19.99 -13.62 4.89
C THR A 1003 21.48 -13.86 4.69
N TYR A 1004 22.18 -12.95 4.01
CA TYR A 1004 23.60 -13.17 3.72
C TYR A 1004 24.37 -13.25 5.05
N VAL A 1005 24.08 -12.34 5.98
CA VAL A 1005 24.81 -12.31 7.26
C VAL A 1005 24.50 -13.60 8.03
N THR A 1006 23.23 -14.03 8.01
CA THR A 1006 22.84 -15.25 8.75
C THR A 1006 23.58 -16.44 8.15
N GLN A 1007 23.67 -16.51 6.83
CA GLN A 1007 24.37 -17.63 6.16
C GLN A 1007 25.85 -17.58 6.56
N GLN A 1008 26.41 -16.38 6.61
CA GLN A 1008 27.85 -16.26 6.95
C GLN A 1008 28.06 -16.71 8.42
N LEU A 1009 27.21 -16.25 9.34
CA LEU A 1009 27.40 -16.60 10.73
C LEU A 1009 27.39 -18.11 10.90
N ILE A 1010 26.53 -18.79 10.16
CA ILE A 1010 26.48 -20.25 10.24
C ILE A 1010 27.76 -20.86 9.67
N ARG A 1011 28.14 -20.40 8.49
CA ARG A 1011 29.36 -20.93 7.84
C ARG A 1011 30.55 -20.67 8.77
N ALA A 1012 30.56 -19.50 9.40
CA ALA A 1012 31.69 -19.14 10.30
C ALA A 1012 31.74 -20.12 11.48
N ALA A 1013 30.57 -20.48 12.01
CA ALA A 1013 30.54 -21.40 13.17
C ALA A 1013 31.13 -22.75 12.76
N GLU A 1014 30.79 -23.22 11.56
CA GLU A 1014 31.34 -24.50 11.07
C GLU A 1014 32.86 -24.37 10.90
N ILE A 1015 33.30 -23.22 10.36
CA ILE A 1015 34.76 -23.00 10.17
C ILE A 1015 35.44 -22.99 11.54
N ARG A 1016 34.81 -22.34 12.54
CA ARG A 1016 35.42 -22.27 13.89
C ARG A 1016 35.52 -23.66 14.48
N ALA A 1017 34.48 -24.48 14.31
CA ALA A 1017 34.53 -25.87 14.81
C ALA A 1017 35.69 -26.57 14.13
N SER A 1018 35.85 -26.36 12.83
CA SER A 1018 36.94 -26.97 12.09
C SER A 1018 38.28 -26.46 12.60
N ALA A 1019 38.39 -25.16 12.87
CA ALA A 1019 39.62 -24.58 13.38
C ALA A 1019 39.95 -25.15 14.75
N ASN A 1020 38.93 -25.37 15.60
CA ASN A 1020 39.18 -25.93 16.92
C ASN A 1020 39.70 -27.36 16.77
N LEU A 1021 39.16 -28.09 15.80
CA LEU A 1021 39.66 -29.43 15.56
C LEU A 1021 41.09 -29.37 15.06
N ALA A 1022 41.39 -28.46 14.14
CA ALA A 1022 42.74 -28.34 13.60
C ALA A 1022 43.73 -27.95 14.69
N ALA A 1023 43.32 -27.06 15.61
CA ALA A 1023 44.24 -26.65 16.67
C ALA A 1023 44.49 -27.80 17.63
N THR A 1024 43.44 -28.54 17.96
CA THR A 1024 43.61 -29.70 18.83
C THR A 1024 44.49 -30.73 18.12
N LYS A 1025 44.25 -30.93 16.82
CA LYS A 1025 44.97 -31.91 16.03
C LYS A 1025 46.46 -31.59 15.98
N MET A 1026 46.82 -30.33 15.78
CA MET A 1026 48.24 -29.96 15.78
C MET A 1026 48.83 -30.17 17.16
N SER A 1027 48.12 -29.73 18.22
CA SER A 1027 48.70 -29.88 19.56
C SER A 1027 48.97 -31.33 19.90
N GLU A 1028 48.04 -32.22 19.57
CA GLU A 1028 48.16 -33.62 19.94
C GLU A 1028 48.91 -34.46 18.92
N CYS A 1029 48.90 -34.09 17.64
CA CYS A 1029 49.54 -34.87 16.57
C CYS A 1029 50.93 -34.36 16.21
N VAL A 1030 51.18 -33.07 16.37
CA VAL A 1030 52.43 -32.46 15.95
C VAL A 1030 53.35 -32.21 17.14
N LEU A 1031 52.81 -31.68 18.24
CA LEU A 1031 53.63 -31.33 19.38
C LEU A 1031 53.74 -32.49 20.37
N GLY A 1032 53.29 -33.66 19.98
CA GLY A 1032 53.34 -34.81 20.84
C GLY A 1032 53.06 -36.06 20.05
N GLN A 1033 52.69 -37.12 20.75
CA GLN A 1033 52.33 -38.38 20.12
C GLN A 1033 50.97 -38.78 20.67
N SER A 1034 50.04 -39.06 19.76
CA SER A 1034 48.67 -39.38 20.11
C SER A 1034 48.44 -40.86 20.33
N LYS A 1035 47.59 -41.15 21.30
CA LYS A 1035 47.11 -42.50 21.60
C LYS A 1035 45.62 -42.65 21.30
N ARG A 1036 45.03 -41.64 20.66
CA ARG A 1036 43.62 -41.65 20.29
C ARG A 1036 43.53 -42.30 18.93
N VAL A 1037 42.83 -43.42 18.85
CA VAL A 1037 42.79 -44.22 17.64
C VAL A 1037 42.09 -43.44 16.54
N ASP A 1038 42.71 -43.40 15.36
CA ASP A 1038 42.23 -42.71 14.17
C ASP A 1038 42.09 -41.21 14.35
N PHE A 1039 42.63 -40.64 15.42
CA PHE A 1039 42.62 -39.19 15.57
C PHE A 1039 43.64 -38.55 14.64
N CYS A 1040 44.83 -39.15 14.55
CA CYS A 1040 45.93 -38.62 13.75
C CYS A 1040 46.19 -39.58 12.60
N GLY A 1041 45.13 -40.01 11.91
CA GLY A 1041 45.24 -40.90 10.78
C GLY A 1041 45.10 -42.36 11.17
N LYS A 1042 45.00 -43.21 10.15
CA LYS A 1042 44.84 -44.64 10.38
C LYS A 1042 46.16 -45.28 10.74
N GLY A 1043 46.13 -46.18 11.71
CA GLY A 1043 47.32 -46.87 12.16
C GLY A 1043 47.75 -46.33 13.51
N TYR A 1044 48.94 -46.76 13.93
CA TYR A 1044 49.46 -46.37 15.23
C TYR A 1044 50.30 -45.12 15.00
N HIS A 1045 49.83 -43.99 15.52
CA HIS A 1045 50.47 -42.71 15.25
C HIS A 1045 51.90 -42.67 15.75
N LEU A 1046 52.80 -42.20 14.89
CA LEU A 1046 54.19 -41.95 15.21
C LEU A 1046 54.48 -40.46 15.30
N MET A 1047 54.07 -39.70 14.30
CA MET A 1047 54.31 -38.27 14.25
C MET A 1047 53.49 -37.68 13.13
N SER A 1048 53.51 -36.36 13.03
CA SER A 1048 52.86 -35.70 11.91
C SER A 1048 53.63 -34.43 11.59
N PHE A 1049 53.43 -33.93 10.38
CA PHE A 1049 54.10 -32.71 9.95
C PHE A 1049 53.08 -31.75 9.36
N PRO A 1050 52.94 -30.54 9.91
CA PRO A 1050 52.02 -29.55 9.34
C PRO A 1050 52.60 -28.94 8.07
N GLN A 1051 51.70 -28.58 7.16
CA GLN A 1051 52.04 -27.83 5.97
C GLN A 1051 50.97 -26.76 5.82
N SER A 1052 51.35 -25.58 5.36
CA SER A 1052 50.34 -24.55 5.19
C SER A 1052 49.62 -24.75 3.87
N ALA A 1053 48.43 -24.19 3.77
CA ALA A 1053 47.68 -24.21 2.53
C ALA A 1053 46.80 -22.97 2.51
N PRO A 1054 46.33 -22.54 1.34
CA PRO A 1054 45.41 -21.42 1.30
C PRO A 1054 44.21 -21.67 2.19
N HIS A 1055 43.98 -20.74 3.11
CA HIS A 1055 42.88 -20.80 4.07
C HIS A 1055 42.84 -22.08 4.88
N GLY A 1056 43.97 -22.77 5.07
CA GLY A 1056 43.87 -23.98 5.85
C GLY A 1056 45.21 -24.63 6.14
N VAL A 1057 45.13 -25.80 6.76
CA VAL A 1057 46.31 -26.55 7.18
C VAL A 1057 46.20 -27.99 6.71
N VAL A 1058 47.33 -28.54 6.28
CA VAL A 1058 47.42 -29.92 5.80
C VAL A 1058 48.36 -30.68 6.71
N PHE A 1059 47.90 -31.82 7.23
CA PHE A 1059 48.71 -32.63 8.13
C PHE A 1059 49.15 -33.89 7.40
N LEU A 1060 50.45 -34.16 7.44
CA LEU A 1060 51.00 -35.41 6.91
C LEU A 1060 51.19 -36.31 8.11
N HIS A 1061 50.38 -37.35 8.22
CA HIS A 1061 50.41 -38.22 9.38
C HIS A 1061 51.26 -39.45 9.09
N VAL A 1062 52.28 -39.65 9.94
CA VAL A 1062 53.22 -40.74 9.87
C VAL A 1062 52.79 -41.74 10.93
N THR A 1063 52.37 -42.94 10.49
CA THR A 1063 51.82 -43.97 11.36
C THR A 1063 52.49 -45.33 11.15
N TYR A 1064 52.51 -46.14 12.21
CA TYR A 1064 53.00 -47.51 12.15
C TYR A 1064 51.85 -48.46 11.84
N VAL A 1065 51.99 -49.27 10.78
CA VAL A 1065 50.96 -50.22 10.38
C VAL A 1065 51.49 -51.64 10.23
N PRO A 1066 50.94 -52.61 10.98
CA PRO A 1066 51.29 -54.03 10.81
C PRO A 1066 51.06 -54.50 9.38
N ALA A 1067 51.98 -55.30 8.84
CA ALA A 1067 51.83 -55.70 7.44
C ALA A 1067 51.70 -57.20 7.18
N GLN A 1068 52.53 -58.06 7.78
CA GLN A 1068 52.56 -59.48 7.41
C GLN A 1068 52.45 -60.37 8.65
N GLU A 1069 51.23 -60.61 9.12
CA GLU A 1069 51.13 -61.39 10.34
C GLU A 1069 51.34 -62.89 10.15
N LYS A 1070 51.85 -63.54 11.20
CA LYS A 1070 51.97 -64.99 11.23
C LYS A 1070 51.39 -65.62 12.50
N ASN A 1071 50.95 -66.84 12.31
CA ASN A 1071 50.39 -67.81 13.24
C ASN A 1071 51.59 -68.54 13.85
N PHE A 1072 51.88 -68.35 15.14
CA PHE A 1072 53.01 -68.93 15.90
C PHE A 1072 52.59 -69.86 17.01
N THR A 1073 53.48 -70.92 17.48
CA THR A 1073 52.58 -71.42 18.57
C THR A 1073 52.70 -70.69 19.91
N THR A 1074 51.44 -70.45 20.58
CA THR A 1074 51.02 -69.75 21.86
C THR A 1074 50.10 -70.48 22.88
N ALA A 1075 49.99 -69.88 24.08
CA ALA A 1075 49.19 -70.21 25.31
C ALA A 1075 48.94 -69.00 26.23
N PRO A 1076 47.81 -68.96 26.98
CA PRO A 1076 47.62 -67.82 27.93
C PRO A 1076 48.59 -67.81 29.11
N ALA A 1077 49.22 -68.93 29.50
CA ALA A 1077 50.13 -68.96 30.65
C ALA A 1077 50.96 -70.23 30.57
N ILE A 1078 52.10 -70.24 31.27
CA ILE A 1078 52.98 -71.41 31.39
C ILE A 1078 53.01 -72.02 32.79
N CYS A 1079 52.84 -73.34 32.88
CA CYS A 1079 52.93 -74.11 34.12
C CYS A 1079 54.32 -74.72 34.34
N HIS A 1080 54.99 -74.38 35.45
CA HIS A 1080 56.34 -74.90 35.68
C HIS A 1080 56.48 -75.89 36.83
N ASP A 1081 56.55 -75.40 38.06
CA ASP A 1081 56.63 -76.27 39.22
C ASP A 1081 55.28 -76.32 39.93
N GLY A 1082 54.22 -76.10 39.16
CA GLY A 1082 52.88 -75.99 39.69
C GLY A 1082 52.49 -74.53 39.75
N LYS A 1083 53.48 -73.67 39.53
CA LYS A 1083 53.32 -72.23 39.49
C LYS A 1083 52.85 -71.82 38.10
N ALA A 1084 52.01 -70.79 38.04
CA ALA A 1084 51.51 -70.27 36.78
C ALA A 1084 52.33 -69.05 36.41
N HIS A 1085 53.04 -69.14 35.29
CA HIS A 1085 53.90 -68.06 34.82
C HIS A 1085 53.19 -67.26 33.73
N PHE A 1086 52.97 -65.98 33.98
CA PHE A 1086 52.24 -65.13 32.99
C PHE A 1086 53.25 -64.23 32.31
N PRO A 1087 53.11 -63.96 30.99
CA PRO A 1087 54.09 -63.13 30.30
C PRO A 1087 54.05 -61.72 30.91
N ARG A 1088 55.21 -61.14 31.20
CA ARG A 1088 55.21 -59.73 31.69
C ARG A 1088 54.63 -58.90 30.55
N GLU A 1089 55.06 -59.17 29.32
CA GLU A 1089 54.49 -58.48 28.13
C GLU A 1089 54.43 -59.49 26.99
N GLY A 1090 53.42 -59.41 26.12
CA GLY A 1090 53.41 -60.27 24.93
C GLY A 1090 52.73 -61.63 25.01
N VAL A 1091 52.97 -62.51 24.06
CA VAL A 1091 52.21 -63.78 24.08
C VAL A 1091 53.20 -64.93 24.09
N PHE A 1092 52.74 -66.15 24.36
CA PHE A 1092 53.68 -67.28 24.47
C PHE A 1092 53.95 -67.84 23.07
N VAL A 1093 54.55 -67.04 22.21
CA VAL A 1093 54.81 -67.42 20.78
C VAL A 1093 55.81 -68.58 20.68
N SER A 1094 55.91 -69.24 19.52
CA SER A 1094 56.87 -70.37 19.31
C SER A 1094 57.00 -70.73 17.82
N ASN A 1095 57.84 -71.73 17.50
CA ASN A 1095 57.98 -72.18 16.09
C ASN A 1095 57.27 -73.51 15.92
N GLY A 1096 56.13 -73.70 16.60
CA GLY A 1096 55.35 -74.93 16.45
C GLY A 1096 55.87 -76.06 17.31
N THR A 1097 57.02 -75.86 17.98
CA THR A 1097 57.63 -76.96 18.78
C THR A 1097 58.05 -76.45 20.16
N HIS A 1098 58.87 -75.40 20.21
CA HIS A 1098 59.40 -74.94 21.51
C HIS A 1098 58.83 -73.56 21.85
N TRP A 1099 58.15 -73.42 23.00
CA TRP A 1099 57.48 -72.14 23.37
C TRP A 1099 58.49 -71.02 23.57
N PHE A 1100 58.14 -69.79 23.16
CA PHE A 1100 59.00 -68.59 23.33
C PHE A 1100 58.10 -67.46 23.84
N VAL A 1101 58.63 -66.25 24.03
CA VAL A 1101 57.74 -65.11 24.39
C VAL A 1101 58.14 -63.93 23.50
N THR A 1102 57.20 -63.04 23.14
CA THR A 1102 57.51 -61.96 22.22
C THR A 1102 56.51 -60.82 22.38
N GLN A 1103 56.98 -59.62 22.02
CA GLN A 1103 56.17 -58.40 22.05
C GLN A 1103 54.94 -58.49 21.18
N ARG A 1104 53.85 -57.94 21.72
CA ARG A 1104 52.52 -58.03 21.12
C ARG A 1104 52.44 -57.51 19.70
N ASN A 1105 53.11 -56.40 19.41
CA ASN A 1105 52.99 -55.75 18.12
C ASN A 1105 54.12 -56.04 17.14
N PHE A 1106 55.00 -56.99 17.41
CA PHE A 1106 56.08 -57.28 16.46
C PHE A 1106 56.72 -58.62 16.79
N TYR A 1107 56.74 -59.53 15.84
CA TYR A 1107 57.22 -60.89 16.09
C TYR A 1107 58.74 -60.91 16.23
N GLU A 1108 59.20 -61.29 17.40
CA GLU A 1108 60.62 -61.36 17.72
C GLU A 1108 60.77 -62.33 18.89
N PRO A 1109 60.74 -63.63 18.61
CA PRO A 1109 60.58 -64.61 19.68
C PRO A 1109 61.79 -64.63 20.60
N GLN A 1110 61.54 -64.60 21.90
CA GLN A 1110 62.61 -64.67 22.90
C GLN A 1110 62.45 -65.96 23.69
N ILE A 1111 63.56 -66.41 24.29
CA ILE A 1111 63.46 -67.57 25.17
C ILE A 1111 62.67 -67.20 26.41
N ILE A 1112 61.78 -68.10 26.84
CA ILE A 1112 60.97 -67.84 28.02
C ILE A 1112 61.85 -68.05 29.24
N THR A 1113 62.02 -66.99 30.03
CA THR A 1113 62.90 -67.02 31.18
C THR A 1113 62.18 -66.40 32.36
N THR A 1114 62.79 -66.54 33.53
CA THR A 1114 62.23 -65.95 34.74
C THR A 1114 62.37 -64.44 34.76
N ASP A 1115 63.16 -63.87 33.84
CA ASP A 1115 63.37 -62.43 33.77
C ASP A 1115 62.37 -61.71 32.88
N ASN A 1116 61.48 -62.44 32.21
CA ASN A 1116 60.48 -61.82 31.35
C ASN A 1116 59.08 -62.33 31.67
N THR A 1117 58.92 -63.03 32.78
CA THR A 1117 57.63 -63.52 33.25
C THR A 1117 57.51 -63.21 34.74
N PHE A 1118 56.30 -63.41 35.25
CA PHE A 1118 56.02 -63.27 36.68
C PHE A 1118 55.09 -64.41 37.10
N VAL A 1119 55.07 -64.71 38.39
CA VAL A 1119 54.31 -65.85 38.90
C VAL A 1119 53.17 -65.35 39.79
N SER A 1120 51.98 -65.91 39.56
CA SER A 1120 50.81 -65.62 40.38
C SER A 1120 49.86 -66.80 40.28
N GLY A 1121 49.32 -67.22 41.43
CA GLY A 1121 48.39 -68.34 41.44
C GLY A 1121 49.10 -69.66 41.19
N ASN A 1122 48.34 -70.60 40.59
CA ASN A 1122 48.88 -71.92 40.33
C ASN A 1122 48.19 -72.53 39.12
N CYS A 1123 48.66 -73.71 38.74
CA CYS A 1123 48.24 -74.44 37.55
C CYS A 1123 46.79 -74.96 37.64
N ASP A 1124 46.17 -74.95 38.81
CA ASP A 1124 44.80 -75.45 38.89
C ASP A 1124 43.74 -74.36 38.73
N VAL A 1125 44.15 -73.11 38.56
CA VAL A 1125 43.23 -71.98 38.44
C VAL A 1125 43.17 -71.45 37.00
N VAL A 1126 44.33 -71.29 36.37
CA VAL A 1126 44.47 -70.74 35.03
C VAL A 1126 43.99 -71.75 33.99
N ILE A 1127 43.17 -71.29 33.05
CA ILE A 1127 42.61 -72.16 32.01
C ILE A 1127 43.59 -72.39 30.86
N GLY A 1128 43.69 -73.64 30.42
CA GLY A 1128 44.51 -73.93 29.22
C GLY A 1128 45.96 -73.58 29.46
N ILE A 1129 46.36 -73.51 30.72
CA ILE A 1129 47.80 -73.27 31.00
C ILE A 1129 48.54 -74.46 30.42
N VAL A 1130 49.62 -74.22 29.68
CA VAL A 1130 50.34 -75.34 29.01
C VAL A 1130 51.44 -75.83 29.95
N ASN A 1131 51.64 -77.13 30.25
CA ASN A 1131 52.85 -77.29 31.13
C ASN A 1131 54.16 -77.38 30.31
N ASN A 1132 54.94 -76.30 30.32
CA ASN A 1132 56.23 -76.25 29.59
C ASN A 1132 57.30 -75.71 30.54
N THR A 1133 58.57 -76.04 30.30
CA THR A 1133 59.66 -75.60 31.21
C THR A 1133 59.88 -74.09 31.09
N VAL A 1134 60.16 -73.42 32.21
CA VAL A 1134 60.51 -71.96 32.16
C VAL A 1134 62.00 -71.87 32.48
N TYR A 1135 62.80 -71.34 31.54
CA TYR A 1135 64.27 -71.31 31.75
C TYR A 1135 64.62 -70.33 32.86
N ASP A 1136 65.63 -70.68 33.68
CA ASP A 1136 66.12 -69.72 34.71
C ASP A 1136 67.57 -69.41 34.37
N PRO A 1137 67.98 -68.13 34.23
CA PRO A 1137 69.38 -67.79 33.96
C PRO A 1137 70.33 -68.19 35.10
N LEU A 1138 69.89 -68.07 36.35
CA LEU A 1138 70.79 -68.30 37.52
C LEU A 1138 71.33 -69.73 37.64
N GLN A 1139 70.58 -70.77 37.25
CA GLN A 1139 71.06 -72.12 37.55
C GLN A 1139 72.17 -72.48 36.57
N PRO A 1140 72.01 -72.29 35.24
CA PRO A 1140 73.16 -72.50 34.36
C PRO A 1140 74.37 -71.68 34.75
N GLU A 1141 74.16 -70.44 35.22
CA GLU A 1141 75.33 -69.65 35.60
C GLU A 1141 75.94 -70.15 36.91
N LEU A 1142 75.10 -70.43 37.90
CA LEU A 1142 75.59 -70.86 39.21
C LEU A 1142 74.77 -72.03 39.75
N ALA B 27 -34.11 -25.51 40.98
CA ALA B 27 -33.07 -26.51 41.17
C ALA B 27 -32.01 -26.42 40.09
N TYR B 28 -30.79 -26.83 40.43
CA TYR B 28 -29.67 -26.83 39.50
C TYR B 28 -28.96 -28.17 39.59
N THR B 29 -28.28 -28.55 38.52
CA THR B 29 -27.45 -29.75 38.59
C THR B 29 -26.12 -29.53 37.87
N ASN B 30 -25.29 -30.56 37.98
CA ASN B 30 -23.94 -30.65 37.45
C ASN B 30 -23.94 -31.28 36.06
N SER B 31 -23.50 -30.52 35.06
CA SER B 31 -23.48 -31.03 33.69
C SER B 31 -22.41 -32.09 33.48
N PHE B 32 -21.46 -32.23 34.41
CA PHE B 32 -20.36 -33.20 34.29
C PHE B 32 -19.65 -33.07 32.94
N THR B 33 -19.67 -34.13 32.14
CA THR B 33 -18.96 -34.12 30.86
C THR B 33 -19.90 -34.22 29.67
N ARG B 34 -21.17 -33.90 29.88
CA ARG B 34 -22.18 -33.92 28.81
C ARG B 34 -22.16 -32.60 28.06
N GLY B 35 -22.69 -32.63 26.84
CA GLY B 35 -22.86 -31.41 26.06
C GLY B 35 -21.89 -31.23 24.91
N VAL B 36 -21.06 -32.21 24.61
CA VAL B 36 -20.15 -32.16 23.48
C VAL B 36 -20.88 -32.64 22.22
N TYR B 37 -20.60 -31.96 21.11
CA TYR B 37 -21.20 -32.29 19.82
C TYR B 37 -20.13 -32.17 18.74
N TYR B 38 -20.36 -32.81 17.61
CA TYR B 38 -19.41 -32.76 16.52
C TYR B 38 -19.37 -31.37 15.87
N PRO B 39 -18.28 -30.62 16.01
CA PRO B 39 -18.25 -29.24 15.50
C PRO B 39 -18.61 -29.10 14.04
N ASP B 40 -18.26 -30.07 13.21
CA ASP B 40 -18.53 -30.00 11.78
C ASP B 40 -18.69 -31.40 11.21
N LYS B 41 -18.93 -31.45 9.91
CA LYS B 41 -19.14 -32.69 9.16
C LYS B 41 -17.85 -33.19 8.55
N VAL B 42 -16.80 -33.35 9.37
CA VAL B 42 -15.48 -33.73 8.89
C VAL B 42 -15.02 -34.99 9.61
N PHE B 43 -14.56 -35.97 8.84
CA PHE B 43 -14.03 -37.20 9.41
C PHE B 43 -12.59 -37.02 9.86
N ARG B 44 -12.31 -37.41 11.11
CA ARG B 44 -10.97 -37.33 11.64
C ARG B 44 -10.68 -38.66 12.35
N SER B 45 -9.49 -39.19 12.13
CA SER B 45 -9.12 -40.51 12.66
C SER B 45 -7.89 -40.42 13.54
N SER B 46 -8.02 -40.83 14.81
CA SER B 46 -6.91 -40.89 15.75
C SER B 46 -6.12 -39.58 15.79
N VAL B 47 -6.83 -38.47 15.85
CA VAL B 47 -6.19 -37.17 15.89
C VAL B 47 -6.81 -36.38 17.03
N LEU B 48 -6.02 -35.53 17.65
CA LEU B 48 -6.52 -34.62 18.66
C LEU B 48 -6.81 -33.28 17.99
N HIS B 49 -8.06 -32.86 17.98
CA HIS B 49 -8.40 -31.65 17.26
C HIS B 49 -8.81 -30.54 18.22
N SER B 50 -8.16 -29.37 18.09
CA SER B 50 -8.43 -28.22 18.93
C SER B 50 -9.35 -27.27 18.17
N THR B 51 -10.53 -26.97 18.72
CA THR B 51 -11.47 -26.10 18.04
C THR B 51 -12.19 -25.22 19.06
N GLN B 52 -12.54 -24.02 18.65
CA GLN B 52 -13.30 -23.10 19.50
C GLN B 52 -14.71 -22.89 18.94
N ASP B 53 -15.71 -23.13 19.78
CA ASP B 53 -17.11 -23.01 19.39
C ASP B 53 -17.95 -22.86 20.66
N LEU B 54 -19.26 -22.75 20.47
CA LEU B 54 -20.19 -22.65 21.59
C LEU B 54 -20.47 -24.04 22.13
N PHE B 55 -19.96 -24.33 23.32
CA PHE B 55 -20.11 -25.63 23.96
C PHE B 55 -20.58 -25.45 25.40
N LEU B 56 -21.19 -26.51 25.92
CA LEU B 56 -21.57 -26.52 27.32
C LEU B 56 -20.35 -26.80 28.19
N PRO B 57 -19.96 -25.89 29.09
CA PRO B 57 -18.76 -26.10 29.90
C PRO B 57 -18.87 -27.36 30.75
N PHE B 58 -17.74 -28.04 30.96
CA PHE B 58 -17.79 -29.26 31.75
C PHE B 58 -18.10 -28.91 33.20
N PHE B 59 -18.94 -29.72 33.83
CA PHE B 59 -19.37 -29.53 35.21
C PHE B 59 -20.08 -28.19 35.37
N SER B 60 -20.62 -27.69 34.26
CA SER B 60 -21.37 -26.45 34.27
C SER B 60 -22.71 -26.60 34.99
N ASN B 61 -23.24 -25.45 35.35
CA ASN B 61 -24.52 -25.34 36.04
C ASN B 61 -25.72 -25.26 35.11
N VAL B 62 -26.53 -26.33 35.10
CA VAL B 62 -27.68 -26.32 34.21
C VAL B 62 -28.91 -26.42 35.09
N THR B 63 -29.99 -25.77 34.65
CA THR B 63 -31.18 -25.68 35.47
C THR B 63 -32.06 -26.92 35.30
N TRP B 64 -32.55 -27.43 36.42
CA TRP B 64 -33.41 -28.62 36.45
C TRP B 64 -34.85 -28.18 36.70
N PHE B 65 -35.70 -28.36 35.69
CA PHE B 65 -37.10 -27.98 35.73
C PHE B 65 -37.95 -29.23 35.91
N HIS B 66 -39.02 -29.11 36.66
CA HIS B 66 -39.95 -30.22 36.84
C HIS B 66 -41.28 -29.94 36.15
N ASP B 80 -44.41 -28.42 35.04
CA ASP B 80 -44.38 -27.01 34.65
C ASP B 80 -43.66 -26.81 33.32
N ASN B 81 -43.65 -25.54 32.88
CA ASN B 81 -43.04 -25.10 31.65
C ASN B 81 -43.16 -23.57 31.48
N PRO B 82 -42.36 -22.83 32.24
CA PRO B 82 -42.34 -21.38 32.12
C PRO B 82 -41.58 -20.97 30.88
N VAL B 83 -41.70 -19.69 30.53
CA VAL B 83 -40.93 -19.18 29.41
C VAL B 83 -39.52 -18.89 29.90
N LEU B 84 -38.54 -19.46 29.20
CA LEU B 84 -37.15 -19.33 29.57
C LEU B 84 -36.37 -18.53 28.55
N PRO B 85 -35.31 -17.84 28.96
CA PRO B 85 -34.49 -17.09 28.00
C PRO B 85 -33.67 -18.02 27.12
N PHE B 86 -33.35 -17.52 25.93
CA PHE B 86 -32.49 -18.19 24.98
C PHE B 86 -31.33 -17.24 24.70
N ASN B 87 -30.10 -17.64 25.04
CA ASN B 87 -29.02 -16.68 24.93
C ASN B 87 -28.19 -16.88 23.67
N ASP B 88 -27.07 -17.59 23.78
CA ASP B 88 -26.22 -17.91 22.64
C ASP B 88 -26.67 -19.18 21.94
N GLY B 89 -27.26 -20.07 22.70
CA GLY B 89 -27.78 -21.35 22.23
C GLY B 89 -28.25 -22.08 23.45
N VAL B 90 -29.01 -23.15 23.22
CA VAL B 90 -29.58 -23.87 24.36
C VAL B 90 -29.27 -25.35 24.29
N TYR B 91 -28.87 -25.89 25.44
CA TYR B 91 -28.71 -27.31 25.65
C TYR B 91 -29.97 -27.80 26.34
N PHE B 92 -30.58 -28.85 25.83
CA PHE B 92 -31.79 -29.36 26.44
C PHE B 92 -31.60 -30.84 26.69
N ALA B 93 -32.10 -31.32 27.82
CA ALA B 93 -32.04 -32.75 28.04
C ALA B 93 -33.26 -33.21 28.82
N SER B 94 -33.66 -34.44 28.58
CA SER B 94 -34.78 -35.01 29.31
C SER B 94 -34.56 -36.50 29.49
N THR B 95 -35.19 -37.06 30.51
CA THR B 95 -35.11 -38.47 30.83
C THR B 95 -36.56 -38.92 30.99
N GLU B 96 -37.25 -39.05 29.86
CA GLU B 96 -38.65 -39.43 29.89
C GLU B 96 -38.92 -40.81 29.31
N LYS B 97 -39.76 -41.57 30.00
CA LYS B 97 -40.24 -42.85 29.51
C LYS B 97 -41.61 -42.75 28.87
N SER B 98 -42.40 -41.73 29.21
CA SER B 98 -43.73 -41.51 28.66
C SER B 98 -43.77 -40.49 27.54
N ASN B 99 -42.63 -39.93 27.13
CA ASN B 99 -42.57 -38.95 26.05
C ASN B 99 -43.54 -37.80 26.26
N ILE B 100 -43.47 -37.18 27.45
CA ILE B 100 -44.38 -36.07 27.76
C ILE B 100 -43.94 -34.81 27.01
N ILE B 101 -42.65 -34.50 27.03
CA ILE B 101 -42.13 -33.31 26.36
C ILE B 101 -41.82 -33.71 24.91
N ARG B 102 -42.48 -33.04 23.94
CA ARG B 102 -42.30 -33.47 22.56
C ARG B 102 -42.44 -32.31 21.57
N GLY B 103 -41.87 -31.16 21.91
CA GLY B 103 -41.94 -30.05 20.98
C GLY B 103 -41.32 -28.80 21.60
N TRP B 104 -41.17 -27.79 20.75
CA TRP B 104 -40.58 -26.53 21.17
C TRP B 104 -41.13 -25.38 20.35
N ILE B 105 -41.10 -24.20 20.97
CA ILE B 105 -41.39 -22.93 20.34
C ILE B 105 -40.16 -22.04 20.44
N PHE B 106 -39.73 -21.48 19.32
CA PHE B 106 -38.59 -20.57 19.31
C PHE B 106 -39.01 -19.28 18.62
N GLY B 107 -38.56 -18.16 19.17
CA GLY B 107 -38.83 -16.88 18.54
C GLY B 107 -38.53 -15.73 19.48
N THR B 108 -39.16 -14.59 19.21
CA THR B 108 -38.97 -13.38 20.01
C THR B 108 -40.27 -12.94 20.69
N THR B 109 -41.29 -12.58 19.92
CA THR B 109 -42.55 -12.08 20.47
C THR B 109 -43.51 -13.19 20.85
N LEU B 110 -43.56 -14.26 20.06
CA LEU B 110 -44.43 -15.41 20.30
C LEU B 110 -45.89 -15.00 20.46
N ASP B 111 -46.31 -13.96 19.73
CA ASP B 111 -47.68 -13.47 19.84
C ASP B 111 -48.29 -13.09 18.49
N SER B 112 -47.71 -13.56 17.37
CA SER B 112 -48.09 -13.34 15.97
C SER B 112 -47.45 -12.09 15.40
N LYS B 113 -46.74 -11.30 16.21
CA LYS B 113 -46.09 -10.10 15.66
C LYS B 113 -44.91 -10.45 14.77
N THR B 114 -44.18 -11.52 15.11
CA THR B 114 -42.97 -11.88 14.32
C THR B 114 -43.03 -13.36 13.93
N GLN B 115 -42.27 -13.75 12.90
CA GLN B 115 -42.21 -15.18 12.50
C GLN B 115 -41.57 -15.99 13.63
N SER B 116 -42.11 -17.17 13.91
CA SER B 116 -41.59 -18.02 15.02
C SER B 116 -41.51 -19.48 14.55
N LEU B 117 -40.64 -20.28 15.16
CA LEU B 117 -40.46 -21.68 14.74
C LEU B 117 -41.20 -22.60 15.73
N LEU B 118 -42.09 -23.45 15.21
CA LEU B 118 -42.82 -24.40 16.08
C LEU B 118 -42.48 -25.83 15.66
N ILE B 119 -42.09 -26.67 16.63
CA ILE B 119 -41.75 -28.09 16.33
C ILE B 119 -42.73 -28.98 17.09
N VAL B 120 -43.31 -29.97 16.43
CA VAL B 120 -44.24 -30.92 17.11
C VAL B 120 -43.88 -32.34 16.68
N ASN B 121 -43.15 -33.07 17.53
CA ASN B 121 -42.76 -34.44 17.20
C ASN B 121 -43.98 -35.26 17.60
N ASN B 122 -44.96 -35.27 16.70
CA ASN B 122 -46.22 -35.89 16.99
C ASN B 122 -46.30 -37.24 16.29
N ALA B 123 -46.71 -38.26 17.04
CA ALA B 123 -46.93 -39.62 16.52
C ALA B 123 -45.73 -40.12 15.74
N THR B 124 -45.96 -40.27 14.44
CA THR B 124 -45.01 -40.77 13.45
C THR B 124 -44.52 -39.69 12.49
N ASN B 125 -44.91 -38.43 12.72
CA ASN B 125 -44.56 -37.33 11.82
C ASN B 125 -44.14 -36.11 12.62
N VAL B 126 -42.88 -35.74 12.54
CA VAL B 126 -42.38 -34.56 13.22
C VAL B 126 -42.44 -33.43 12.23
N VAL B 127 -43.09 -32.34 12.61
CA VAL B 127 -43.33 -31.21 11.72
C VAL B 127 -42.53 -30.02 12.23
N ILE B 128 -41.70 -29.46 11.34
CA ILE B 128 -40.96 -28.25 11.63
C ILE B 128 -41.60 -27.16 10.78
N LYS B 129 -42.17 -26.14 11.42
CA LYS B 129 -42.90 -25.14 10.68
C LYS B 129 -42.54 -23.75 11.19
N VAL B 130 -42.29 -22.84 10.28
CA VAL B 130 -41.97 -21.46 10.63
C VAL B 130 -43.06 -20.57 10.05
N CYS B 131 -43.77 -19.88 10.94
CA CYS B 131 -44.89 -19.02 10.59
C CYS B 131 -44.99 -17.91 11.63
N GLU B 132 -45.84 -16.95 11.33
CA GLU B 132 -46.18 -15.89 12.27
C GLU B 132 -47.31 -16.43 13.14
N PHE B 133 -46.91 -17.30 14.05
CA PHE B 133 -47.84 -18.00 14.91
C PHE B 133 -48.31 -17.03 15.99
N GLN B 134 -49.59 -17.11 16.33
CA GLN B 134 -50.15 -16.38 17.45
C GLN B 134 -50.29 -17.43 18.52
N PHE B 135 -49.30 -17.48 19.40
CA PHE B 135 -49.21 -18.56 20.35
C PHE B 135 -50.12 -18.30 21.54
N CYS B 136 -50.53 -19.39 22.18
CA CYS B 136 -51.27 -19.31 23.42
C CYS B 136 -50.37 -18.77 24.52
N ASN B 137 -50.98 -18.15 25.52
CA ASN B 137 -50.20 -17.61 26.62
C ASN B 137 -49.74 -18.73 27.52
N ASP B 138 -50.23 -19.93 27.27
CA ASP B 138 -49.85 -21.14 28.00
C ASP B 138 -50.04 -22.29 27.02
N PRO B 139 -49.16 -22.37 26.01
CA PRO B 139 -49.37 -23.35 24.93
C PRO B 139 -49.12 -24.76 25.43
N PHE B 140 -49.91 -25.69 24.90
CA PHE B 140 -49.74 -27.09 25.25
C PHE B 140 -50.37 -27.97 24.17
N LEU B 141 -50.01 -29.24 24.23
CA LEU B 141 -50.59 -30.28 23.39
C LEU B 141 -51.43 -31.16 24.30
N GLY B 142 -52.49 -31.74 23.75
CA GLY B 142 -53.35 -32.63 24.50
C GLY B 142 -52.99 -34.09 24.35
N VAL B 143 -53.88 -34.94 24.83
CA VAL B 143 -53.69 -36.38 24.78
C VAL B 143 -54.86 -37.06 24.09
N GLU B 156 -55.65 -33.31 20.64
CA GLU B 156 -55.80 -31.92 21.04
C GLU B 156 -54.49 -31.16 20.87
N PHE B 157 -54.58 -29.98 20.25
CA PHE B 157 -53.42 -29.13 20.00
C PHE B 157 -53.80 -27.69 20.31
N ARG B 158 -53.23 -27.13 21.37
CA ARG B 158 -53.54 -25.75 21.75
C ARG B 158 -52.22 -25.04 22.03
N VAL B 159 -51.51 -24.77 20.94
CA VAL B 159 -50.19 -24.15 20.95
C VAL B 159 -50.29 -22.70 20.51
N TYR B 160 -51.07 -22.48 19.46
CA TYR B 160 -51.29 -21.19 18.85
C TYR B 160 -52.75 -21.10 18.43
N SER B 161 -53.23 -19.85 18.28
CA SER B 161 -54.58 -19.57 17.82
C SER B 161 -54.65 -19.13 16.36
N SER B 162 -53.52 -18.70 15.79
CA SER B 162 -53.45 -18.22 14.41
C SER B 162 -52.08 -18.54 13.85
N ALA B 163 -51.97 -18.67 12.51
CA ALA B 163 -50.68 -18.95 11.87
C ALA B 163 -50.54 -18.25 10.50
N ASN B 164 -50.18 -16.96 10.54
CA ASN B 164 -50.13 -16.06 9.39
C ASN B 164 -48.73 -16.07 8.77
N ASN B 165 -48.63 -15.67 7.51
CA ASN B 165 -47.33 -15.48 6.87
C ASN B 165 -46.43 -16.71 7.05
N CYS B 166 -47.00 -17.88 6.76
CA CYS B 166 -46.19 -19.09 6.87
C CYS B 166 -45.11 -19.10 5.81
N THR B 167 -43.89 -19.36 6.28
CA THR B 167 -42.72 -19.38 5.43
C THR B 167 -42.08 -20.75 5.28
N PHE B 168 -42.29 -21.66 6.23
CA PHE B 168 -41.58 -22.93 6.10
C PHE B 168 -42.34 -24.11 6.70
N GLU B 169 -42.27 -25.25 6.02
CA GLU B 169 -42.78 -26.50 6.57
C GLU B 169 -41.91 -27.64 6.06
N TYR B 170 -41.56 -28.56 6.95
CA TYR B 170 -40.76 -29.71 6.54
C TYR B 170 -41.25 -30.88 7.37
N VAL B 171 -41.38 -32.04 6.73
CA VAL B 171 -41.83 -33.26 7.38
C VAL B 171 -40.85 -34.39 7.07
N SER B 172 -40.44 -35.12 8.10
CA SER B 172 -39.52 -36.24 7.95
C SER B 172 -39.88 -37.37 8.90
N ASN B 188 -36.16 -42.69 27.06
CA ASN B 188 -34.96 -42.82 27.86
C ASN B 188 -34.31 -41.45 28.07
N LEU B 189 -32.99 -41.34 27.85
CA LEU B 189 -32.29 -40.08 27.97
C LEU B 189 -32.10 -39.46 26.59
N ARG B 190 -32.66 -38.28 26.38
CA ARG B 190 -32.59 -37.58 25.10
C ARG B 190 -31.91 -36.23 25.32
N GLU B 191 -30.89 -35.94 24.52
CA GLU B 191 -30.14 -34.72 24.63
C GLU B 191 -30.19 -34.00 23.28
N PHE B 192 -30.36 -32.68 23.33
CA PHE B 192 -30.44 -31.86 22.14
C PHE B 192 -29.61 -30.60 22.32
N VAL B 193 -29.08 -30.09 21.21
CA VAL B 193 -28.45 -28.78 21.16
C VAL B 193 -29.14 -27.97 20.08
N PHE B 194 -29.57 -26.76 20.43
CA PHE B 194 -30.25 -25.85 19.52
C PHE B 194 -29.44 -24.58 19.40
N LYS B 195 -28.94 -24.28 18.19
CA LYS B 195 -28.23 -23.01 18.03
C LYS B 195 -28.57 -22.42 16.67
N ASN B 196 -28.60 -21.08 16.60
CA ASN B 196 -28.89 -20.40 15.35
C ASN B 196 -27.65 -19.63 14.94
N ILE B 197 -26.92 -20.16 13.96
CA ILE B 197 -25.66 -19.59 13.51
C ILE B 197 -25.77 -19.15 12.05
N ASP B 198 -25.57 -17.86 11.81
CA ASP B 198 -25.54 -17.24 10.48
C ASP B 198 -26.76 -17.60 9.63
N GLY B 199 -27.93 -17.62 10.25
CA GLY B 199 -29.16 -17.86 9.54
C GLY B 199 -29.61 -19.31 9.51
N TYR B 200 -28.79 -20.24 9.95
CA TYR B 200 -29.16 -21.66 10.00
C TYR B 200 -29.43 -22.08 11.43
N PHE B 201 -30.60 -22.68 11.65
CA PHE B 201 -30.94 -23.20 12.96
C PHE B 201 -30.54 -24.66 13.00
N LYS B 202 -29.44 -24.95 13.68
CA LYS B 202 -28.84 -26.27 13.69
C LYS B 202 -29.23 -26.98 14.97
N ILE B 203 -29.76 -28.19 14.80
CA ILE B 203 -30.20 -29.02 15.91
C ILE B 203 -29.38 -30.31 15.88
N TYR B 204 -28.79 -30.63 17.02
CA TYR B 204 -28.01 -31.83 17.24
C TYR B 204 -28.76 -32.67 18.28
N SER B 205 -28.62 -33.99 18.21
CA SER B 205 -29.32 -34.81 19.18
C SER B 205 -28.60 -36.14 19.43
N LYS B 206 -28.92 -36.73 20.57
CA LYS B 206 -28.46 -38.05 20.97
C LYS B 206 -29.53 -38.70 21.82
N HIS B 207 -29.74 -40.00 21.61
CA HIS B 207 -30.68 -40.79 22.40
C HIS B 207 -29.97 -41.99 23.01
N THR B 208 -29.89 -42.04 24.33
CA THR B 208 -29.17 -43.12 24.99
C THR B 208 -30.00 -43.78 26.08
N PRO B 209 -29.59 -44.99 26.49
CA PRO B 209 -30.19 -45.63 27.68
C PRO B 209 -29.97 -44.80 28.94
N ILE B 210 -30.89 -44.94 29.88
CA ILE B 210 -30.80 -44.26 31.17
C ILE B 210 -30.98 -45.30 32.26
N ASN B 211 -30.05 -45.32 33.22
CA ASN B 211 -30.11 -46.24 34.34
C ASN B 211 -30.18 -45.51 35.67
N LEU B 212 -30.43 -44.21 35.65
CA LEU B 212 -30.59 -43.39 36.85
C LEU B 212 -32.01 -42.88 36.88
N VAL B 213 -32.55 -42.69 38.07
CA VAL B 213 -33.94 -42.25 38.20
C VAL B 213 -34.06 -40.73 38.21
N ARG B 214 -33.21 -40.04 38.98
CA ARG B 214 -33.23 -38.58 39.08
C ARG B 214 -31.81 -38.02 38.96
N ASP B 215 -31.17 -38.19 37.82
CA ASP B 215 -29.80 -37.73 37.68
C ASP B 215 -29.47 -37.52 36.21
N LEU B 216 -28.25 -37.03 35.97
CA LEU B 216 -27.68 -36.82 34.64
C LEU B 216 -26.40 -37.64 34.57
N PRO B 217 -26.45 -38.84 33.98
CA PRO B 217 -25.33 -39.79 34.10
C PRO B 217 -23.99 -39.19 33.73
N GLN B 218 -22.98 -39.52 34.55
CA GLN B 218 -21.62 -39.03 34.38
C GLN B 218 -20.90 -39.89 33.35
N GLY B 219 -21.30 -39.70 32.10
CA GLY B 219 -20.73 -40.43 30.99
C GLY B 219 -20.38 -39.46 29.88
N PHE B 220 -20.00 -39.97 28.70
CA PHE B 220 -19.64 -39.08 27.61
C PHE B 220 -20.18 -39.60 26.29
N SER B 221 -20.90 -38.73 25.59
CA SER B 221 -21.38 -39.00 24.24
C SER B 221 -21.37 -37.67 23.50
N ALA B 222 -21.02 -37.72 22.21
CA ALA B 222 -21.10 -36.54 21.36
C ALA B 222 -22.39 -36.57 20.55
N LEU B 223 -23.08 -35.44 20.51
CA LEU B 223 -24.33 -35.34 19.78
C LEU B 223 -24.06 -35.16 18.29
N GLU B 224 -24.81 -35.86 17.50
CA GLU B 224 -24.62 -35.83 16.06
C GLU B 224 -25.55 -34.80 15.45
N PRO B 225 -25.15 -34.15 14.36
CA PRO B 225 -26.06 -33.20 13.72
C PRO B 225 -27.31 -33.90 13.23
N LEU B 226 -28.44 -33.24 13.46
CA LEU B 226 -29.74 -33.75 13.05
C LEU B 226 -30.31 -32.94 11.91
N VAL B 227 -30.51 -31.64 12.13
CA VAL B 227 -31.02 -30.77 11.07
C VAL B 227 -30.27 -29.44 11.04
N ASP B 228 -30.35 -28.78 9.88
CA ASP B 228 -29.78 -27.44 9.65
C ASP B 228 -30.81 -26.56 8.93
N LEU B 229 -31.78 -26.05 9.65
CA LEU B 229 -32.94 -25.40 9.04
C LEU B 229 -32.56 -24.05 8.46
N PRO B 230 -32.75 -23.83 7.17
CA PRO B 230 -32.40 -22.56 6.52
C PRO B 230 -33.44 -21.47 6.76
N ILE B 231 -33.67 -21.12 8.02
CA ILE B 231 -34.69 -20.15 8.38
C ILE B 231 -34.08 -18.92 9.04
N GLY B 232 -34.41 -17.74 8.51
CA GLY B 232 -33.94 -16.46 9.01
C GLY B 232 -34.72 -15.98 10.22
N ILE B 233 -34.61 -16.67 11.36
CA ILE B 233 -35.38 -16.32 12.54
C ILE B 233 -34.38 -15.75 13.53
N ASN B 234 -34.71 -14.62 14.10
CA ASN B 234 -33.89 -13.99 15.11
C ASN B 234 -34.52 -14.48 16.41
N ILE B 235 -33.82 -15.35 17.16
CA ILE B 235 -34.32 -16.02 18.37
C ILE B 235 -33.65 -15.51 19.64
N THR B 236 -34.45 -14.95 20.57
CA THR B 236 -33.91 -14.43 21.83
C THR B 236 -34.54 -15.07 23.06
N ARG B 237 -35.66 -15.78 22.91
CA ARG B 237 -36.37 -16.47 23.96
C ARG B 237 -36.86 -17.79 23.38
N PHE B 238 -37.09 -18.79 24.23
CA PHE B 238 -37.67 -20.03 23.74
C PHE B 238 -38.51 -20.65 24.84
N GLN B 239 -39.37 -21.57 24.43
CA GLN B 239 -40.23 -22.28 25.36
C GLN B 239 -40.41 -23.71 24.87
N THR B 240 -40.49 -24.65 25.82
CA THR B 240 -40.70 -26.04 25.50
C THR B 240 -42.19 -26.35 25.35
N LEU B 241 -42.48 -27.47 24.68
CA LEU B 241 -43.84 -27.95 24.53
C LEU B 241 -43.95 -29.37 25.08
N LEU B 242 -44.93 -29.58 25.96
CA LEU B 242 -45.15 -30.86 26.61
C LEU B 242 -46.63 -31.17 26.60
N ALA B 243 -46.95 -32.47 26.61
CA ALA B 243 -48.33 -32.93 26.73
C ALA B 243 -48.80 -32.84 28.17
N ALA B 263 -42.54 -35.93 34.76
CA ALA B 263 -41.62 -35.44 33.74
C ALA B 263 -40.65 -34.42 34.33
N ALA B 264 -39.47 -34.32 33.72
CA ALA B 264 -38.45 -33.38 34.15
C ALA B 264 -37.52 -33.10 32.98
N TYR B 265 -36.92 -31.91 32.97
CA TYR B 265 -35.99 -31.56 31.92
C TYR B 265 -34.92 -30.61 32.44
N TYR B 266 -33.82 -30.51 31.69
CA TYR B 266 -32.68 -29.67 32.06
C TYR B 266 -32.41 -28.71 30.91
N VAL B 267 -32.03 -27.48 31.27
CA VAL B 267 -31.68 -26.45 30.30
C VAL B 267 -30.33 -25.82 30.64
N GLY B 268 -29.41 -25.82 29.67
CA GLY B 268 -28.12 -25.19 29.82
C GLY B 268 -27.88 -24.20 28.70
N TYR B 269 -26.75 -23.48 28.81
CA TYR B 269 -26.37 -22.49 27.81
C TYR B 269 -24.95 -22.72 27.31
N LEU B 270 -24.74 -22.44 26.03
CA LEU B 270 -23.47 -22.63 25.36
C LEU B 270 -22.57 -21.40 25.50
N GLN B 271 -21.26 -21.63 25.50
CA GLN B 271 -20.31 -20.54 25.60
C GLN B 271 -19.20 -20.69 24.57
N PRO B 272 -18.58 -19.58 24.15
CA PRO B 272 -17.51 -19.63 23.15
C PRO B 272 -16.20 -20.17 23.70
N ARG B 273 -16.18 -21.46 24.02
CA ARG B 273 -15.03 -22.11 24.64
C ARG B 273 -14.26 -22.94 23.62
N THR B 274 -12.99 -23.21 23.94
CA THR B 274 -12.14 -24.02 23.10
C THR B 274 -12.06 -25.42 23.71
N PHE B 275 -12.28 -26.45 22.90
CA PHE B 275 -12.19 -27.84 23.31
C PHE B 275 -11.18 -28.60 22.48
N LEU B 276 -10.50 -29.55 23.14
CA LEU B 276 -9.64 -30.51 22.47
C LEU B 276 -10.39 -31.85 22.42
N LEU B 277 -10.79 -32.26 21.21
CA LEU B 277 -11.64 -33.42 20.92
C LEU B 277 -10.83 -34.64 20.48
N LYS B 278 -11.10 -35.81 21.11
CA LYS B 278 -10.40 -37.05 20.82
C LYS B 278 -11.17 -37.93 19.85
N TYR B 279 -10.64 -38.09 18.66
CA TYR B 279 -11.28 -38.92 17.65
C TYR B 279 -10.69 -40.32 17.73
N ASN B 280 -11.52 -41.30 17.46
CA ASN B 280 -11.07 -42.67 17.39
C ASN B 280 -10.76 -43.01 15.93
N GLU B 281 -10.40 -44.27 15.70
CA GLU B 281 -10.09 -44.70 14.35
C GLU B 281 -11.33 -44.71 13.48
N ASN B 282 -12.51 -44.64 14.08
CA ASN B 282 -13.76 -44.68 13.33
C ASN B 282 -14.41 -43.30 13.17
N GLY B 283 -13.71 -42.23 13.50
CA GLY B 283 -14.25 -40.90 13.27
C GLY B 283 -15.18 -40.37 14.35
N THR B 284 -15.32 -41.08 15.47
CA THR B 284 -16.21 -40.62 16.52
C THR B 284 -15.38 -39.90 17.59
N ILE B 285 -16.05 -39.11 18.41
CA ILE B 285 -15.41 -38.44 19.53
C ILE B 285 -15.60 -39.28 20.80
N THR B 286 -14.48 -39.65 21.43
CA THR B 286 -14.53 -40.50 22.60
C THR B 286 -14.27 -39.74 23.89
N ASP B 287 -13.60 -38.60 23.83
CA ASP B 287 -13.35 -37.78 25.00
C ASP B 287 -13.12 -36.33 24.56
N ALA B 288 -12.96 -35.45 25.53
CA ALA B 288 -12.69 -34.05 25.25
C ALA B 288 -12.11 -33.40 26.49
N VAL B 289 -11.35 -32.33 26.24
CA VAL B 289 -10.79 -31.49 27.30
C VAL B 289 -11.29 -30.07 27.11
N ASP B 290 -11.87 -29.51 28.18
CA ASP B 290 -12.31 -28.12 28.23
C ASP B 290 -11.13 -27.27 28.67
N CYS B 291 -10.59 -26.49 27.75
CA CYS B 291 -9.32 -25.80 27.97
C CYS B 291 -9.37 -24.75 29.08
N ALA B 292 -10.55 -24.33 29.52
CA ALA B 292 -10.69 -23.32 30.56
C ALA B 292 -11.18 -23.88 31.88
N LEU B 293 -11.31 -25.20 32.00
CA LEU B 293 -11.88 -25.80 33.20
C LEU B 293 -10.96 -25.63 34.40
N ASP B 294 -9.68 -25.94 34.24
CA ASP B 294 -8.72 -25.84 35.34
C ASP B 294 -7.32 -25.81 34.75
N PRO B 295 -6.29 -25.56 35.57
CA PRO B 295 -4.93 -25.53 35.02
C PRO B 295 -4.46 -26.85 34.42
N LEU B 296 -5.07 -27.97 34.79
CA LEU B 296 -4.61 -29.23 34.22
C LEU B 296 -5.19 -29.40 32.83
N SER B 297 -6.47 -29.06 32.65
CA SER B 297 -7.06 -29.13 31.33
C SER B 297 -6.39 -28.11 30.42
N GLU B 298 -6.04 -26.94 30.98
CA GLU B 298 -5.36 -25.92 30.20
C GLU B 298 -4.00 -26.44 29.75
N THR B 299 -3.28 -27.14 30.63
CA THR B 299 -2.00 -27.71 30.25
C THR B 299 -2.18 -28.72 29.13
N LYS B 300 -3.19 -29.58 29.26
CA LYS B 300 -3.46 -30.56 28.21
C LYS B 300 -3.66 -29.87 26.88
N CYS B 301 -4.44 -28.79 26.87
CA CYS B 301 -4.69 -28.07 25.62
C CYS B 301 -3.41 -27.44 25.08
N THR B 302 -2.56 -26.90 25.97
CA THR B 302 -1.30 -26.30 25.51
C THR B 302 -0.41 -27.33 24.84
N LEU B 303 -0.31 -28.52 25.42
CA LEU B 303 0.53 -29.56 24.84
C LEU B 303 -0.17 -30.28 23.70
N LYS B 304 -1.48 -30.11 23.59
CA LYS B 304 -2.34 -30.81 22.63
C LYS B 304 -2.16 -32.32 22.80
N SER B 305 -2.20 -32.73 24.07
CA SER B 305 -2.09 -34.11 24.49
C SER B 305 -3.12 -34.37 25.60
N PHE B 306 -3.64 -35.58 25.65
CA PHE B 306 -4.60 -35.94 26.69
C PHE B 306 -3.93 -36.49 27.92
N THR B 307 -2.64 -36.71 27.82
CA THR B 307 -1.83 -37.22 28.91
C THR B 307 -0.75 -36.18 29.05
N VAL B 308 -0.51 -35.72 30.27
CA VAL B 308 0.53 -34.75 30.51
C VAL B 308 1.71 -35.47 31.11
N GLU B 309 2.87 -35.28 30.50
CA GLU B 309 4.03 -35.98 31.02
C GLU B 309 4.56 -35.18 32.20
N LYS B 310 5.41 -35.82 32.97
CA LYS B 310 6.00 -35.17 34.13
C LYS B 310 6.90 -34.02 33.67
N GLY B 311 6.72 -32.86 34.28
CA GLY B 311 7.52 -31.71 33.97
C GLY B 311 6.78 -30.41 34.23
N ILE B 312 7.38 -29.32 33.73
CA ILE B 312 6.85 -27.97 33.87
C ILE B 312 6.57 -27.39 32.49
N TYR B 313 5.38 -26.85 32.31
CA TYR B 313 4.93 -26.30 31.03
C TYR B 313 4.39 -24.90 31.26
N GLN B 314 4.71 -23.97 30.36
CA GLN B 314 4.15 -22.63 30.46
C GLN B 314 2.81 -22.66 29.72
N THR B 315 1.73 -22.33 30.44
CA THR B 315 0.39 -22.45 29.88
C THR B 315 -0.35 -21.13 29.72
N SER B 316 -0.01 -20.09 30.46
CA SER B 316 -0.81 -18.89 30.26
C SER B 316 0.14 -17.72 30.49
N ASN B 317 -0.40 -16.49 30.55
CA ASN B 317 0.39 -15.26 30.71
C ASN B 317 -0.44 -14.32 31.56
N PHE B 318 0.04 -14.15 32.79
CA PHE B 318 -0.60 -13.32 33.79
C PHE B 318 -0.22 -11.89 33.53
N ARG B 319 -1.21 -11.01 33.56
CA ARG B 319 -1.10 -9.57 33.39
C ARG B 319 -2.00 -8.86 34.38
N VAL B 320 -1.44 -7.95 35.18
CA VAL B 320 -2.23 -7.14 36.11
C VAL B 320 -2.94 -6.03 35.36
N GLN B 321 -4.25 -5.89 35.59
CA GLN B 321 -4.92 -4.85 34.82
C GLN B 321 -4.98 -3.54 35.60
N PRO B 322 -5.02 -2.41 34.90
CA PRO B 322 -5.24 -1.14 35.59
C PRO B 322 -6.63 -1.07 36.17
N THR B 323 -6.75 -0.44 37.34
CA THR B 323 -8.05 -0.32 37.98
C THR B 323 -8.62 1.09 37.89
N GLU B 324 -7.79 2.07 37.57
CA GLU B 324 -8.26 3.45 37.48
C GLU B 324 -7.54 4.15 36.32
N SER B 325 -7.94 5.39 36.11
CA SER B 325 -7.37 6.27 35.10
C SER B 325 -7.07 7.58 35.81
N ILE B 326 -5.79 7.91 35.92
CA ILE B 326 -5.32 9.06 36.67
C ILE B 326 -4.77 10.06 35.68
N VAL B 327 -5.39 11.23 35.62
CA VAL B 327 -4.98 12.30 34.73
C VAL B 327 -4.65 13.48 35.61
N ARG B 328 -3.49 14.07 35.39
CA ARG B 328 -3.02 15.19 36.19
C ARG B 328 -2.37 16.25 35.31
N PHE B 329 -2.70 17.49 35.61
CA PHE B 329 -2.14 18.67 34.99
C PHE B 329 -1.78 19.53 36.19
N PRO B 330 -0.88 20.49 36.04
CA PRO B 330 -0.50 21.28 37.21
C PRO B 330 -1.63 22.07 37.83
N ASN B 331 -1.43 22.39 39.11
CA ASN B 331 -2.35 23.24 39.86
C ASN B 331 -2.55 24.58 39.15
N ILE B 332 -3.81 24.99 39.08
CA ILE B 332 -4.21 26.21 38.37
C ILE B 332 -4.03 27.46 39.23
N THR B 333 -3.08 28.29 38.81
CA THR B 333 -2.70 29.55 39.43
C THR B 333 -2.61 30.57 38.30
N ASN B 334 -2.40 31.85 38.63
CA ASN B 334 -2.28 32.89 37.60
C ASN B 334 -3.52 32.94 36.72
N LEU B 335 -4.68 33.06 37.35
CA LEU B 335 -5.93 33.17 36.61
C LEU B 335 -6.07 34.49 35.87
N CYS B 336 -6.73 34.43 34.72
CA CYS B 336 -7.00 35.58 33.88
C CYS B 336 -7.90 36.58 34.63
N PRO B 337 -7.62 37.89 34.54
CA PRO B 337 -8.43 38.83 35.34
C PRO B 337 -9.83 39.06 34.79
N PHE B 338 -10.57 37.95 34.75
CA PHE B 338 -11.98 37.84 34.38
C PHE B 338 -12.95 38.32 35.44
N GLY B 339 -12.57 38.14 36.71
CA GLY B 339 -13.44 38.56 37.82
C GLY B 339 -13.39 40.07 37.99
N GLU B 340 -12.86 40.77 37.00
CA GLU B 340 -12.78 42.25 37.06
C GLU B 340 -13.49 42.85 35.85
N VAL B 341 -13.02 42.54 34.65
CA VAL B 341 -13.62 43.18 33.44
C VAL B 341 -15.09 42.80 33.27
N PHE B 342 -15.48 41.53 33.46
CA PHE B 342 -16.94 41.22 33.36
C PHE B 342 -17.54 40.61 34.63
N ASN B 343 -16.77 39.96 35.51
CA ASN B 343 -17.43 39.50 36.75
C ASN B 343 -17.76 40.75 37.58
N ALA B 344 -16.79 41.65 37.76
CA ALA B 344 -17.11 42.95 38.40
C ALA B 344 -17.96 43.69 37.37
N THR B 345 -17.59 43.58 36.09
CA THR B 345 -18.41 44.17 34.99
C THR B 345 -18.69 45.65 35.21
N ARG B 346 -17.67 46.45 35.49
CA ARG B 346 -17.92 47.91 35.60
C ARG B 346 -17.60 48.62 34.28
N PHE B 347 -18.39 48.40 33.22
CA PHE B 347 -18.07 49.22 32.00
C PHE B 347 -17.65 50.73 31.87
N ALA B 348 -16.86 51.02 30.78
CA ALA B 348 -16.22 52.18 30.07
C ALA B 348 -17.18 52.97 29.14
N SER B 349 -16.82 54.22 28.73
CA SER B 349 -17.64 54.92 27.71
C SER B 349 -17.60 54.22 26.33
N VAL B 350 -18.74 54.27 25.61
CA VAL B 350 -18.88 53.62 24.29
C VAL B 350 -18.09 54.21 23.11
N TYR B 351 -17.83 55.51 23.05
CA TYR B 351 -17.03 56.04 21.94
C TYR B 351 -15.56 55.68 22.07
N ALA B 352 -15.16 55.32 23.28
CA ALA B 352 -13.80 55.05 23.66
C ALA B 352 -13.81 53.77 24.52
N TRP B 353 -14.33 52.71 23.92
CA TRP B 353 -14.58 51.46 24.63
C TRP B 353 -13.26 50.95 25.20
N ASN B 354 -13.34 50.23 26.32
CA ASN B 354 -12.13 49.80 27.02
C ASN B 354 -11.68 48.41 26.60
N ARG B 355 -10.56 48.34 25.90
CA ARG B 355 -9.98 47.09 25.43
C ARG B 355 -8.93 46.58 26.42
N LYS B 356 -9.19 45.45 27.03
CA LYS B 356 -8.23 44.80 27.90
C LYS B 356 -7.68 43.57 27.18
N ARG B 357 -6.35 43.45 27.10
CA ARG B 357 -5.75 42.29 26.45
C ARG B 357 -5.49 41.22 27.50
N ILE B 358 -6.03 40.02 27.27
CA ILE B 358 -5.85 38.87 28.15
C ILE B 358 -4.91 37.89 27.49
N SER B 359 -3.82 37.57 28.17
CA SER B 359 -2.79 36.68 27.67
C SER B 359 -2.05 36.07 28.85
N ASN B 360 -1.36 34.96 28.59
CA ASN B 360 -0.48 34.30 29.55
C ASN B 360 -1.16 34.04 30.90
N CYS B 361 -2.35 33.45 30.86
CA CYS B 361 -3.12 33.26 32.09
C CYS B 361 -4.11 32.12 31.91
N VAL B 362 -4.74 31.73 33.01
CA VAL B 362 -5.75 30.68 33.02
C VAL B 362 -7.13 31.32 33.05
N ALA B 363 -7.90 31.08 32.00
CA ALA B 363 -9.21 31.71 31.80
C ALA B 363 -10.27 30.84 32.46
N ASP B 364 -10.70 31.21 33.66
CA ASP B 364 -11.67 30.40 34.41
C ASP B 364 -13.05 30.76 33.89
N TYR B 365 -13.34 30.23 32.70
CA TYR B 365 -14.57 30.55 32.01
C TYR B 365 -15.77 29.99 32.77
N SER B 366 -15.55 28.99 33.64
CA SER B 366 -16.62 28.35 34.41
C SER B 366 -17.32 29.30 35.36
N VAL B 367 -16.61 30.29 35.91
CA VAL B 367 -17.25 31.24 36.81
C VAL B 367 -18.23 32.05 35.99
N LEU B 368 -17.76 32.47 34.82
CA LEU B 368 -18.51 33.25 33.86
C LEU B 368 -19.70 32.48 33.33
N TYR B 369 -19.54 31.19 33.11
CA TYR B 369 -20.63 30.35 32.63
C TYR B 369 -21.72 30.08 33.69
N ASN B 370 -21.30 29.69 34.90
CA ASN B 370 -22.23 29.21 35.93
C ASN B 370 -23.16 30.27 36.56
N SER B 371 -22.73 31.52 36.68
CA SER B 371 -23.62 32.46 37.38
C SER B 371 -24.87 32.82 36.58
N ALA B 372 -25.88 33.31 37.31
CA ALA B 372 -27.15 33.77 36.78
C ALA B 372 -27.30 35.30 36.73
N SER B 373 -26.22 36.07 36.89
CA SER B 373 -26.39 37.52 36.92
C SER B 373 -26.69 38.14 35.55
N PHE B 374 -26.48 37.44 34.45
CA PHE B 374 -26.67 38.02 33.12
C PHE B 374 -27.90 37.61 32.33
N SER B 375 -28.43 38.62 31.64
CA SER B 375 -29.55 38.54 30.72
C SER B 375 -29.07 38.39 29.28
N THR B 376 -27.85 38.80 28.95
CA THR B 376 -27.33 38.66 27.60
C THR B 376 -26.03 37.86 27.65
N PHE B 377 -25.94 36.82 26.82
CA PHE B 377 -24.74 35.99 26.66
C PHE B 377 -24.75 35.43 25.23
N LYS B 378 -24.44 36.27 24.24
CA LYS B 378 -24.53 35.82 22.82
C LYS B 378 -23.14 35.39 22.33
N CYS B 379 -22.93 34.09 22.07
CA CYS B 379 -21.59 33.60 21.66
C CYS B 379 -21.51 33.44 20.14
N TYR B 380 -20.52 34.09 19.52
CA TYR B 380 -20.35 34.01 18.07
C TYR B 380 -19.04 33.29 17.78
N GLY B 381 -19.13 32.15 17.10
CA GLY B 381 -17.96 31.37 16.73
C GLY B 381 -17.45 30.38 17.74
N VAL B 382 -17.97 30.38 18.97
CA VAL B 382 -17.51 29.46 20.01
C VAL B 382 -18.72 28.85 20.70
N SER B 383 -18.48 27.67 21.34
CA SER B 383 -19.61 27.15 22.09
C SER B 383 -19.53 27.55 23.55
N PRO B 384 -20.59 28.15 24.05
CA PRO B 384 -20.57 28.69 25.42
C PRO B 384 -20.36 27.63 26.50
N THR B 385 -20.62 26.36 26.22
CA THR B 385 -20.43 25.29 27.20
C THR B 385 -19.15 24.50 26.96
N LYS B 386 -18.42 24.83 25.89
CA LYS B 386 -17.18 24.16 25.54
C LYS B 386 -16.02 25.14 25.59
N LEU B 387 -16.24 26.32 26.16
CA LEU B 387 -15.24 27.38 26.18
C LEU B 387 -13.97 26.97 26.91
N ASN B 388 -14.09 26.10 27.93
CA ASN B 388 -12.90 25.70 28.68
C ASN B 388 -11.92 24.95 27.79
N ASP B 389 -12.40 24.28 26.76
CA ASP B 389 -11.53 23.46 25.92
C ASP B 389 -10.97 24.23 24.72
N LEU B 390 -11.27 25.52 24.60
CA LEU B 390 -10.81 26.31 23.47
C LEU B 390 -9.67 27.25 23.88
N CYS B 391 -8.47 26.99 23.36
CA CYS B 391 -7.28 27.78 23.66
C CYS B 391 -7.04 28.81 22.55
N PHE B 392 -6.87 30.06 22.94
CA PHE B 392 -6.67 31.15 22.00
C PHE B 392 -5.39 31.88 22.36
N THR B 393 -4.83 32.58 21.38
CA THR B 393 -3.62 33.36 21.62
C THR B 393 -3.92 34.62 22.42
N ASN B 394 -4.98 35.33 22.08
CA ASN B 394 -5.34 36.56 22.77
C ASN B 394 -6.83 36.58 23.01
N VAL B 395 -7.24 37.11 24.16
CA VAL B 395 -8.65 37.41 24.40
C VAL B 395 -8.77 38.90 24.69
N TYR B 396 -9.62 39.58 23.93
CA TYR B 396 -9.77 41.02 24.10
C TYR B 396 -11.13 41.30 24.71
N ALA B 397 -11.14 41.99 25.84
CA ALA B 397 -12.36 42.33 26.57
C ALA B 397 -12.70 43.78 26.28
N ASP B 398 -13.72 43.97 25.43
CA ASP B 398 -14.20 45.28 25.02
C ASP B 398 -15.37 45.66 25.92
N SER B 399 -15.16 46.65 26.78
CA SER B 399 -16.10 47.06 27.82
C SER B 399 -16.77 48.39 27.47
N PHE B 400 -18.10 48.39 27.43
CA PHE B 400 -18.87 49.59 27.11
C PHE B 400 -20.28 49.42 27.67
N VAL B 401 -21.03 50.51 27.75
CA VAL B 401 -22.43 50.49 28.15
C VAL B 401 -23.29 50.94 26.98
N ILE B 402 -24.33 50.16 26.66
CA ILE B 402 -25.25 50.54 25.59
C ILE B 402 -26.71 50.37 26.06
N ARG B 403 -27.62 50.96 25.29
CA ARG B 403 -29.05 50.81 25.53
C ARG B 403 -29.60 49.54 24.88
N GLY B 404 -30.69 49.03 25.45
CA GLY B 404 -31.36 47.82 25.00
C GLY B 404 -31.60 47.66 23.51
N ASP B 405 -32.19 48.69 22.87
CA ASP B 405 -32.53 48.62 21.46
C ASP B 405 -31.29 48.46 20.59
N GLU B 406 -30.12 48.81 21.11
CA GLU B 406 -28.90 48.74 20.34
C GLU B 406 -28.17 47.42 20.59
N VAL B 407 -28.70 46.57 21.47
CA VAL B 407 -28.00 45.31 21.73
C VAL B 407 -27.99 44.49 20.45
N ARG B 408 -29.05 44.57 19.65
CA ARG B 408 -29.07 43.83 18.40
C ARG B 408 -27.99 44.34 17.47
N GLN B 409 -27.50 45.56 17.74
CA GLN B 409 -26.48 46.14 16.88
C GLN B 409 -25.09 45.68 17.28
N ILE B 410 -24.93 45.07 18.46
CA ILE B 410 -23.61 44.62 18.90
C ILE B 410 -23.53 43.21 18.34
N ALA B 411 -23.24 43.14 17.06
CA ALA B 411 -23.19 41.88 16.35
C ALA B 411 -22.52 42.13 15.00
N PRO B 412 -21.91 41.12 14.40
CA PRO B 412 -21.40 41.30 13.05
C PRO B 412 -22.52 41.63 12.08
N GLY B 413 -22.28 42.60 11.19
CA GLY B 413 -23.26 42.96 10.20
C GLY B 413 -24.31 43.97 10.61
N GLN B 414 -24.27 44.48 11.84
CA GLN B 414 -25.30 45.42 12.29
C GLN B 414 -24.92 46.88 12.04
N THR B 415 -25.97 47.72 11.96
CA THR B 415 -25.90 49.16 11.77
C THR B 415 -26.77 49.90 12.80
N GLY B 416 -26.58 51.21 12.85
CA GLY B 416 -27.30 52.11 13.75
C GLY B 416 -26.45 53.18 14.42
N LYS B 417 -27.04 54.03 15.28
CA LYS B 417 -26.27 55.12 15.85
C LYS B 417 -25.08 54.64 16.67
N ILE B 418 -25.24 53.54 17.40
CA ILE B 418 -24.15 53.04 18.23
C ILE B 418 -23.24 52.15 17.41
N ALA B 419 -23.85 51.21 16.71
CA ALA B 419 -23.09 50.29 15.88
C ALA B 419 -22.29 51.04 14.83
N ASP B 420 -22.84 52.14 14.31
CA ASP B 420 -22.11 52.80 13.24
C ASP B 420 -21.27 54.01 13.64
N TYR B 421 -21.59 54.78 14.68
CA TYR B 421 -20.80 56.00 14.88
C TYR B 421 -20.04 55.96 16.22
N ASN B 422 -20.27 54.96 17.04
CA ASN B 422 -19.69 54.84 18.36
C ASN B 422 -18.93 53.53 18.57
N TYR B 423 -19.57 52.37 18.44
CA TYR B 423 -18.89 51.10 18.71
C TYR B 423 -19.28 50.08 17.64
N LYS B 424 -18.39 49.90 16.67
CA LYS B 424 -18.64 49.03 15.53
C LYS B 424 -17.85 47.73 15.68
N LEU B 425 -18.54 46.60 15.46
CA LEU B 425 -18.02 45.23 15.43
C LEU B 425 -17.85 44.72 14.00
N PRO B 426 -16.80 43.94 13.76
CA PRO B 426 -16.56 43.38 12.43
C PRO B 426 -17.54 42.28 12.06
N ASP B 427 -17.75 42.13 10.75
CA ASP B 427 -18.65 41.11 10.21
C ASP B 427 -18.18 39.70 10.60
N ASP B 428 -16.87 39.51 10.73
CA ASP B 428 -16.30 38.22 11.09
C ASP B 428 -15.90 38.14 12.56
N PHE B 429 -16.55 38.95 13.42
CA PHE B 429 -16.25 38.91 14.85
C PHE B 429 -16.32 37.49 15.40
N THR B 430 -15.27 37.12 16.14
CA THR B 430 -15.14 35.86 16.84
C THR B 430 -15.00 36.17 18.32
N GLY B 431 -15.98 35.69 19.10
CA GLY B 431 -15.98 35.91 20.56
C GLY B 431 -17.31 36.49 21.04
N CYS B 432 -17.85 35.91 22.11
CA CYS B 432 -19.21 36.29 22.62
C CYS B 432 -19.27 37.67 23.27
N VAL B 433 -20.47 38.27 23.30
CA VAL B 433 -20.65 39.57 24.03
C VAL B 433 -21.52 39.27 25.25
N ILE B 434 -20.97 39.42 26.46
CA ILE B 434 -21.76 39.19 27.70
C ILE B 434 -22.26 40.53 28.24
N ALA B 435 -23.57 40.72 28.34
CA ALA B 435 -24.12 42.00 28.76
C ALA B 435 -25.18 41.77 29.82
N TRP B 436 -25.36 42.79 30.66
CA TRP B 436 -26.36 42.69 31.72
C TRP B 436 -26.98 44.05 32.03
N ASN B 437 -28.19 43.99 32.57
CA ASN B 437 -28.94 45.17 32.95
C ASN B 437 -28.27 45.81 34.16
N SER B 438 -27.88 47.08 34.05
CA SER B 438 -27.14 47.75 35.11
C SER B 438 -27.90 48.93 35.69
N ASN B 439 -29.23 48.91 35.60
CA ASN B 439 -30.05 50.00 36.10
C ASN B 439 -29.71 50.36 37.54
N ASN B 440 -29.50 49.36 38.39
CA ASN B 440 -29.24 49.68 39.80
C ASN B 440 -27.77 50.02 40.07
N LEU B 441 -26.92 49.99 39.06
CA LEU B 441 -25.49 50.28 39.23
C LEU B 441 -25.06 51.61 38.63
N ASP B 442 -25.51 51.91 37.40
CA ASP B 442 -25.13 53.09 36.65
C ASP B 442 -26.15 54.23 36.67
N SER B 443 -27.44 53.94 36.80
CA SER B 443 -28.46 54.97 36.67
C SER B 443 -28.45 55.95 37.83
N LYS B 444 -28.81 57.20 37.51
CA LYS B 444 -28.92 58.28 38.48
C LYS B 444 -30.31 58.89 38.43
N VAL B 445 -30.73 59.46 39.57
CA VAL B 445 -32.08 60.01 39.73
C VAL B 445 -32.37 61.11 38.71
N GLY B 446 -31.41 61.99 38.46
CA GLY B 446 -31.58 63.09 37.54
C GLY B 446 -31.23 62.78 36.11
N GLY B 447 -30.87 61.54 35.82
CA GLY B 447 -30.46 61.15 34.49
C GLY B 447 -28.96 61.13 34.55
N ASN B 448 -28.36 60.00 34.18
CA ASN B 448 -26.90 59.90 34.13
C ASN B 448 -26.46 60.26 32.72
N TYR B 449 -25.91 61.46 32.57
CA TYR B 449 -25.56 61.94 31.24
C TYR B 449 -24.06 61.90 31.01
N ASN B 450 -23.34 61.14 31.84
CA ASN B 450 -21.91 61.01 31.69
C ASN B 450 -21.58 59.97 30.64
N TYR B 451 -22.59 59.24 30.19
CA TYR B 451 -22.47 58.22 29.18
C TYR B 451 -23.04 58.80 27.90
N LEU B 452 -22.23 58.83 26.85
CA LEU B 452 -22.63 59.40 25.59
C LEU B 452 -22.51 58.37 24.48
N TYR B 453 -23.30 58.58 23.45
CA TYR B 453 -23.25 57.78 22.25
C TYR B 453 -23.25 58.76 21.09
N ARG B 454 -22.69 58.32 19.98
CA ARG B 454 -22.63 59.20 18.81
C ARG B 454 -23.88 59.12 17.96
N LEU B 455 -24.44 60.27 17.64
CA LEU B 455 -25.64 60.28 16.81
C LEU B 455 -25.27 60.77 15.43
N PHE B 456 -24.42 61.80 15.37
CA PHE B 456 -23.96 62.42 14.12
C PHE B 456 -22.43 62.30 14.11
N ARG B 457 -21.87 61.71 13.07
CA ARG B 457 -20.42 61.60 12.85
C ARG B 457 -20.20 61.50 11.34
N LYS B 458 -19.02 61.90 10.86
CA LYS B 458 -18.75 61.82 9.43
C LYS B 458 -18.78 60.38 8.87
N SER B 459 -18.37 59.36 9.63
CA SER B 459 -18.39 58.00 9.06
C SER B 459 -18.56 56.93 10.12
N ASN B 460 -18.73 55.69 9.65
CA ASN B 460 -18.89 54.58 10.58
C ASN B 460 -17.53 54.19 11.16
N LEU B 461 -17.56 53.56 12.34
CA LEU B 461 -16.31 53.13 12.95
C LEU B 461 -15.78 51.87 12.27
N LYS B 462 -14.47 51.72 12.29
CA LYS B 462 -13.86 50.47 11.90
C LYS B 462 -13.93 49.49 13.06
N PRO B 463 -13.84 48.19 12.79
CA PRO B 463 -13.82 47.21 13.88
C PRO B 463 -12.72 47.57 14.86
N PHE B 464 -13.08 47.63 16.15
CA PHE B 464 -12.15 47.95 17.22
C PHE B 464 -11.45 49.31 17.05
N GLU B 465 -12.07 50.27 16.36
CA GLU B 465 -11.52 51.62 16.30
C GLU B 465 -11.96 52.40 17.54
N ARG B 466 -11.04 53.13 18.17
CA ARG B 466 -11.38 53.91 19.38
C ARG B 466 -11.19 55.38 19.02
N ASP B 467 -12.30 56.05 18.66
CA ASP B 467 -12.29 57.45 18.23
C ASP B 467 -12.76 58.36 19.38
N ILE B 468 -11.84 59.16 19.92
CA ILE B 468 -12.15 59.98 21.08
C ILE B 468 -12.06 61.49 20.79
N SER B 469 -12.16 61.91 19.53
CA SER B 469 -12.13 63.34 19.23
C SER B 469 -13.38 64.03 19.76
N THR B 470 -13.23 65.26 20.25
CA THR B 470 -14.36 66.03 20.76
C THR B 470 -14.66 67.29 19.94
N GLU B 471 -14.15 67.39 18.72
CA GLU B 471 -14.40 68.56 17.89
C GLU B 471 -15.91 68.70 17.61
N ILE B 472 -16.42 69.93 17.71
CA ILE B 472 -17.85 70.13 17.46
C ILE B 472 -18.13 69.81 16.00
N TYR B 473 -19.13 68.95 15.77
CA TYR B 473 -19.44 68.51 14.42
C TYR B 473 -20.15 69.60 13.62
N GLN B 474 -19.65 69.86 12.43
CA GLN B 474 -20.25 70.83 11.51
C GLN B 474 -21.14 70.07 10.54
N ALA B 475 -22.45 70.19 10.72
CA ALA B 475 -23.37 69.44 9.87
C ALA B 475 -23.61 70.15 8.54
N GLY B 476 -23.51 71.47 8.54
CA GLY B 476 -23.74 72.31 7.40
C GLY B 476 -22.44 72.80 6.82
N SER B 477 -22.48 73.97 6.19
CA SER B 477 -21.32 74.57 5.56
C SER B 477 -20.78 75.75 6.37
N THR B 478 -21.45 76.11 7.46
CA THR B 478 -21.03 77.24 8.29
C THR B 478 -20.08 76.74 9.38
N PRO B 479 -18.85 77.26 9.45
CA PRO B 479 -17.96 76.86 10.54
C PRO B 479 -18.59 77.14 11.89
N CYS B 480 -18.44 76.19 12.81
CA CYS B 480 -19.06 76.33 14.12
C CYS B 480 -18.22 77.21 15.06
N ASN B 481 -16.90 77.15 14.93
CA ASN B 481 -15.97 77.95 15.72
C ASN B 481 -16.23 77.81 17.23
N GLY B 482 -16.56 76.59 17.65
CA GLY B 482 -16.78 76.34 19.07
C GLY B 482 -18.16 76.69 19.58
N VAL B 483 -19.07 77.12 18.71
CA VAL B 483 -20.41 77.54 19.09
C VAL B 483 -21.42 76.59 18.46
N GLU B 484 -22.30 76.04 19.30
CA GLU B 484 -23.36 75.17 18.83
C GLU B 484 -24.51 75.99 18.27
N GLY B 485 -25.24 75.40 17.33
CA GLY B 485 -26.30 76.12 16.66
C GLY B 485 -26.83 75.35 15.47
N PHE B 486 -27.45 76.07 14.55
CA PHE B 486 -28.01 75.45 13.36
C PHE B 486 -26.91 74.86 12.49
N ASN B 487 -27.06 73.56 12.16
CA ASN B 487 -26.07 72.79 11.42
C ASN B 487 -24.77 72.63 12.20
N CYS B 488 -24.82 72.88 13.51
CA CYS B 488 -23.69 72.67 14.42
C CYS B 488 -24.14 71.82 15.60
N TYR B 489 -23.83 70.54 15.55
CA TYR B 489 -24.32 69.58 16.53
C TYR B 489 -23.12 68.89 17.16
N PHE B 490 -23.18 68.70 18.46
CA PHE B 490 -22.12 67.97 19.14
C PHE B 490 -22.17 66.51 18.70
N PRO B 491 -21.04 65.90 18.31
CA PRO B 491 -21.11 64.55 17.73
C PRO B 491 -21.62 63.51 18.72
N LEU B 492 -21.57 63.80 20.01
CA LEU B 492 -21.99 62.88 21.06
C LEU B 492 -23.27 63.42 21.68
N GLN B 493 -24.07 62.51 22.25
CA GLN B 493 -25.25 62.89 23.01
C GLN B 493 -25.36 61.98 24.21
N SER B 494 -25.88 62.55 25.31
CA SER B 494 -26.02 61.83 26.56
C SER B 494 -27.31 61.02 26.66
N TYR B 495 -27.25 60.00 27.52
CA TYR B 495 -28.38 59.16 27.87
C TYR B 495 -29.09 59.69 29.11
N GLY B 496 -30.42 59.77 29.06
CA GLY B 496 -31.12 60.17 30.26
C GLY B 496 -31.38 58.97 31.14
N PHE B 497 -30.34 58.43 31.77
CA PHE B 497 -30.46 57.22 32.56
C PHE B 497 -31.03 57.55 33.94
N GLN B 498 -32.22 57.02 34.24
CA GLN B 498 -32.92 57.31 35.47
C GLN B 498 -33.46 56.04 36.09
N PRO B 499 -33.58 55.98 37.42
CA PRO B 499 -34.10 54.76 38.06
C PRO B 499 -35.54 54.48 37.70
N THR B 500 -36.23 55.45 37.10
CA THR B 500 -37.62 55.30 36.69
C THR B 500 -37.73 55.01 35.20
N ASN B 501 -36.60 54.91 34.52
CA ASN B 501 -36.59 54.65 33.08
C ASN B 501 -36.99 53.21 32.81
N GLY B 502 -37.60 52.99 31.66
CA GLY B 502 -37.89 51.64 31.22
C GLY B 502 -36.65 50.88 30.80
N VAL B 503 -36.83 49.56 30.66
CA VAL B 503 -35.70 48.66 30.41
C VAL B 503 -34.95 49.08 29.17
N GLY B 504 -35.69 49.50 28.13
CA GLY B 504 -35.06 49.89 26.88
C GLY B 504 -34.16 51.08 27.02
N TYR B 505 -34.31 51.85 28.10
CA TYR B 505 -33.52 53.04 28.36
C TYR B 505 -32.60 52.83 29.56
N GLN B 506 -32.56 51.61 30.08
CA GLN B 506 -31.66 51.30 31.18
C GLN B 506 -30.28 50.99 30.59
N PRO B 507 -29.22 51.24 31.34
CA PRO B 507 -27.90 50.86 30.85
C PRO B 507 -27.71 49.36 30.87
N TYR B 508 -26.98 48.86 29.88
CA TYR B 508 -26.56 47.47 29.90
C TYR B 508 -25.06 47.52 29.71
N ARG B 509 -24.36 46.72 30.50
CA ARG B 509 -22.92 46.65 30.40
C ARG B 509 -22.57 45.47 29.50
N VAL B 510 -21.81 45.75 28.44
CA VAL B 510 -21.45 44.78 27.42
C VAL B 510 -19.94 44.65 27.38
N VAL B 511 -19.48 43.39 27.36
CA VAL B 511 -18.02 43.10 27.30
C VAL B 511 -17.78 41.93 26.33
N VAL B 512 -17.26 42.19 25.14
CA VAL B 512 -17.08 41.12 24.11
C VAL B 512 -15.69 40.49 24.25
N LEU B 513 -15.60 39.15 24.29
CA LEU B 513 -14.31 38.42 24.38
C LEU B 513 -13.82 38.05 22.98
N SER B 514 -13.04 38.91 22.31
CA SER B 514 -12.64 38.56 20.96
C SER B 514 -11.56 37.51 21.11
N PHE B 515 -11.78 36.39 20.42
CA PHE B 515 -10.84 35.24 20.49
C PHE B 515 -9.92 35.31 19.28
N GLU B 516 -8.63 35.54 19.50
CA GLU B 516 -7.68 35.69 18.42
C GLU B 516 -6.68 34.56 18.49
N LEU B 517 -6.55 33.81 17.40
CA LEU B 517 -5.58 32.73 17.32
C LEU B 517 -4.54 33.19 16.31
N LEU B 518 -3.32 33.40 16.78
CA LEU B 518 -2.22 33.87 15.97
C LEU B 518 -1.22 32.74 15.83
N HIS B 519 -0.18 32.97 15.04
CA HIS B 519 0.88 31.98 14.90
C HIS B 519 1.73 32.03 16.18
N ALA B 520 1.14 31.51 17.26
CA ALA B 520 1.73 31.64 18.58
C ALA B 520 1.29 30.45 19.42
N PRO B 521 1.99 30.20 20.53
CA PRO B 521 1.60 29.10 21.44
C PRO B 521 0.17 29.09 21.98
N ALA B 522 -0.53 30.24 21.97
CA ALA B 522 -1.89 30.31 22.52
C ALA B 522 -1.84 30.08 24.03
N THR B 523 -1.58 31.16 24.77
CA THR B 523 -1.28 31.12 26.20
C THR B 523 -2.49 31.22 27.12
N VAL B 524 -3.68 31.57 26.61
CA VAL B 524 -4.85 31.70 27.46
C VAL B 524 -5.79 30.52 27.20
N CYS B 525 -6.01 29.73 28.25
CA CYS B 525 -6.82 28.50 28.25
C CYS B 525 -7.60 28.45 29.55
N GLY B 526 -8.61 27.58 29.57
CA GLY B 526 -9.40 27.41 30.76
C GLY B 526 -8.70 26.53 31.78
N PRO B 527 -9.37 26.28 32.90
CA PRO B 527 -8.77 25.44 33.93
C PRO B 527 -8.66 24.00 33.49
N LYS B 528 -7.69 23.30 34.07
CA LYS B 528 -7.44 21.90 33.76
C LYS B 528 -7.98 20.96 34.83
N LYS B 529 -8.38 19.77 34.39
CA LYS B 529 -8.83 18.72 35.28
C LYS B 529 -7.65 18.10 36.04
N SER B 530 -7.89 17.73 37.29
CA SER B 530 -6.92 16.99 38.09
C SER B 530 -7.65 15.99 38.97
N THR B 531 -6.99 14.87 39.25
CA THR B 531 -7.58 13.83 40.10
C THR B 531 -6.62 13.46 41.23
N ASN B 532 -7.14 12.68 42.17
CA ASN B 532 -6.36 12.20 43.30
C ASN B 532 -5.26 11.23 42.89
N LEU B 533 -4.12 11.31 43.58
CA LEU B 533 -3.00 10.39 43.35
C LEU B 533 -3.27 9.04 44.00
N VAL B 534 -3.06 7.97 43.25
CA VAL B 534 -3.25 6.60 43.75
C VAL B 534 -1.90 5.90 43.74
N LYS B 535 -1.47 5.42 44.90
CA LYS B 535 -0.19 4.76 45.06
C LYS B 535 -0.33 3.25 45.21
N ASN B 536 0.75 2.54 44.86
CA ASN B 536 0.91 1.10 45.05
C ASN B 536 -0.11 0.28 44.27
N LYS B 537 -0.67 0.83 43.20
CA LYS B 537 -1.60 0.09 42.35
C LYS B 537 -1.32 0.40 40.89
N CYS B 538 -1.64 -0.56 40.02
CA CYS B 538 -1.55 -0.28 38.60
C CYS B 538 -2.65 0.68 38.19
N VAL B 539 -2.25 1.77 37.57
CA VAL B 539 -3.17 2.76 37.06
C VAL B 539 -2.74 3.13 35.66
N ASN B 540 -3.68 3.66 34.89
CA ASN B 540 -3.33 4.26 33.60
C ASN B 540 -3.11 5.73 33.90
N PHE B 541 -1.87 6.18 33.88
CA PHE B 541 -1.54 7.52 34.33
C PHE B 541 -1.18 8.44 33.17
N ASN B 542 -1.38 9.73 33.44
CA ASN B 542 -0.98 10.83 32.57
C ASN B 542 -0.51 11.99 33.44
N PHE B 543 0.79 12.19 33.54
CA PHE B 543 1.39 13.27 34.32
C PHE B 543 1.90 14.31 33.34
N ASN B 544 1.15 15.41 33.21
CA ASN B 544 1.41 16.40 32.17
C ASN B 544 1.34 15.75 30.80
N GLY B 545 2.50 15.50 30.18
CA GLY B 545 2.55 14.88 28.88
C GLY B 545 3.12 13.48 28.90
N LEU B 546 3.35 12.91 30.07
CA LEU B 546 3.95 11.59 30.23
C LEU B 546 2.82 10.60 30.51
N THR B 547 2.60 9.65 29.60
CA THR B 547 1.49 8.73 29.74
C THR B 547 2.00 7.30 29.77
N GLY B 548 1.20 6.43 30.37
CA GLY B 548 1.53 5.02 30.41
C GLY B 548 0.74 4.30 31.47
N THR B 549 1.09 3.03 31.67
CA THR B 549 0.43 2.19 32.66
C THR B 549 1.48 1.68 33.63
N GLY B 550 1.18 1.76 34.93
CA GLY B 550 2.17 1.27 35.88
C GLY B 550 1.78 1.52 37.32
N VAL B 551 2.68 1.07 38.21
CA VAL B 551 2.54 1.19 39.64
C VAL B 551 3.45 2.32 40.10
N LEU B 552 2.92 3.27 40.84
CA LEU B 552 3.71 4.41 41.30
C LEU B 552 3.96 4.27 42.79
N THR B 553 5.21 4.49 43.19
CA THR B 553 5.60 4.40 44.59
C THR B 553 6.44 5.60 44.96
N GLU B 554 6.66 5.80 46.26
CA GLU B 554 7.51 6.89 46.69
C GLU B 554 8.93 6.67 46.19
N SER B 555 9.54 7.73 45.66
CA SER B 555 10.91 7.67 45.16
C SER B 555 11.89 8.17 46.20
N ASN B 556 13.10 7.61 46.17
CA ASN B 556 14.21 8.09 46.98
C ASN B 556 15.25 8.83 46.15
N LYS B 557 14.88 9.23 44.94
CA LYS B 557 15.75 9.96 44.04
C LYS B 557 15.63 11.46 44.30
N LYS B 558 16.70 12.21 44.01
CA LYS B 558 16.70 13.65 44.17
C LYS B 558 16.84 14.31 42.81
N PHE B 559 15.78 14.97 42.36
CA PHE B 559 15.75 15.67 41.09
C PHE B 559 16.25 17.11 41.24
N LEU B 560 16.82 17.63 40.15
CA LEU B 560 17.18 19.03 40.14
C LEU B 560 15.89 19.86 40.04
N PRO B 561 15.93 21.12 40.49
CA PRO B 561 14.71 21.94 40.49
C PRO B 561 13.99 22.08 39.16
N PHE B 562 14.66 21.84 38.04
CA PHE B 562 14.04 22.00 36.73
C PHE B 562 13.75 20.70 35.98
N GLN B 563 14.02 19.53 36.56
CA GLN B 563 13.80 18.27 35.87
C GLN B 563 12.41 17.72 36.17
N GLN B 564 11.64 17.43 35.12
CA GLN B 564 10.25 17.00 35.28
C GLN B 564 10.08 15.48 35.36
N PHE B 565 10.94 14.70 34.73
CA PHE B 565 10.81 13.25 34.81
C PHE B 565 12.16 12.60 34.63
N GLY B 566 12.26 11.34 35.05
CA GLY B 566 13.48 10.56 34.93
C GLY B 566 13.36 9.49 33.86
N ARG B 567 14.48 9.21 33.20
CA ARG B 567 14.54 8.21 32.14
C ARG B 567 15.80 7.38 32.33
N ASP B 568 15.67 6.08 32.13
CA ASP B 568 16.76 5.14 32.36
C ASP B 568 17.62 4.98 31.10
N ILE B 569 18.56 4.03 31.15
CA ILE B 569 19.52 3.80 30.08
C ILE B 569 18.89 3.25 28.81
N ALA B 570 17.62 2.85 28.86
CA ALA B 570 16.94 2.27 27.72
C ALA B 570 15.79 3.16 27.26
N ASP B 571 15.87 4.45 27.56
CA ASP B 571 14.88 5.45 27.17
C ASP B 571 13.50 5.15 27.73
N THR B 572 13.43 4.52 28.90
CA THR B 572 12.17 4.22 29.56
C THR B 572 11.99 5.17 30.73
N THR B 573 10.82 5.79 30.83
CA THR B 573 10.55 6.67 31.96
C THR B 573 10.45 5.84 33.23
N ASP B 574 11.22 6.21 34.25
CA ASP B 574 11.17 5.44 35.49
C ASP B 574 10.89 6.29 36.72
N ALA B 575 10.68 7.59 36.56
CA ALA B 575 10.32 8.44 37.68
C ALA B 575 9.67 9.69 37.12
N VAL B 576 8.74 10.24 37.89
CA VAL B 576 8.12 11.52 37.57
C VAL B 576 8.03 12.39 38.81
N ARG B 577 8.04 13.70 38.59
CA ARG B 577 7.73 14.65 39.64
C ARG B 577 6.23 14.87 39.61
N ASP B 578 5.58 14.81 40.76
CA ASP B 578 4.15 15.10 40.82
C ASP B 578 3.91 16.57 40.53
N PRO B 579 3.15 16.90 39.48
CA PRO B 579 2.89 18.31 39.14
C PRO B 579 2.33 19.16 40.27
N GLN B 580 1.63 18.57 41.25
CA GLN B 580 1.05 19.38 42.31
C GLN B 580 1.97 19.41 43.52
N THR B 581 1.87 18.41 44.39
CA THR B 581 2.83 18.29 45.48
C THR B 581 4.14 17.83 44.89
N LEU B 582 5.25 18.48 45.25
CA LEU B 582 6.50 18.19 44.55
C LEU B 582 7.16 16.94 45.13
N GLU B 583 6.42 15.84 45.01
CA GLU B 583 6.85 14.53 45.43
C GLU B 583 7.44 13.82 44.23
N ILE B 584 8.50 13.05 44.42
CA ILE B 584 9.07 12.27 43.34
C ILE B 584 8.56 10.85 43.47
N LEU B 585 8.00 10.34 42.38
CA LEU B 585 7.41 9.01 42.34
C LEU B 585 8.15 8.13 41.35
N ASP B 586 8.42 6.90 41.75
CA ASP B 586 9.05 5.93 40.87
C ASP B 586 7.93 5.19 40.16
N ILE B 587 8.17 4.87 38.89
CA ILE B 587 7.21 4.12 38.07
C ILE B 587 7.78 2.74 37.82
N THR B 588 7.10 1.75 38.33
CA THR B 588 7.39 0.34 38.20
C THR B 588 6.42 -0.28 37.23
N PRO B 589 6.88 -0.97 36.19
CA PRO B 589 5.94 -1.53 35.22
C PRO B 589 5.05 -2.53 35.95
N CYS B 590 3.81 -2.64 35.49
CA CYS B 590 2.88 -3.55 36.15
C CYS B 590 3.33 -5.00 36.06
N SER B 591 3.27 -5.66 37.21
CA SER B 591 3.75 -7.02 37.32
C SER B 591 3.06 -7.89 36.28
N PHE B 592 3.85 -8.73 35.64
CA PHE B 592 3.37 -9.68 34.66
C PHE B 592 4.33 -10.84 34.67
N GLY B 593 3.89 -11.95 34.09
CA GLY B 593 4.80 -13.06 33.95
C GLY B 593 4.07 -14.30 33.50
N GLY B 594 4.86 -15.29 33.10
CA GLY B 594 4.29 -16.54 32.64
C GLY B 594 3.65 -17.29 33.78
N VAL B 595 2.62 -18.07 33.43
CA VAL B 595 1.97 -18.94 34.39
C VAL B 595 2.25 -20.36 33.93
N SER B 596 2.92 -21.12 34.80
CA SER B 596 3.32 -22.49 34.50
C SER B 596 2.65 -23.44 35.48
N VAL B 597 2.25 -24.62 34.99
CA VAL B 597 1.62 -25.60 35.85
C VAL B 597 2.60 -26.73 36.12
N ILE B 598 2.93 -26.95 37.39
CA ILE B 598 3.87 -27.99 37.80
C ILE B 598 3.04 -29.15 38.34
N THR B 599 3.19 -30.33 37.74
CA THR B 599 2.33 -31.42 38.17
C THR B 599 2.98 -32.75 37.87
N PRO B 600 2.73 -33.76 38.70
CA PRO B 600 3.04 -35.12 38.28
C PRO B 600 2.00 -35.40 37.21
N GLY B 601 2.26 -36.36 36.36
CA GLY B 601 1.31 -36.62 35.29
C GLY B 601 -0.04 -37.07 35.79
N THR B 602 -1.05 -36.87 34.92
CA THR B 602 -2.44 -37.23 35.20
C THR B 602 -2.56 -38.73 35.36
N ASN B 603 -1.47 -39.43 35.05
CA ASN B 603 -1.35 -40.85 35.25
C ASN B 603 -1.30 -41.26 36.71
N THR B 604 -0.92 -40.35 37.60
CA THR B 604 -0.79 -40.65 39.02
C THR B 604 -1.83 -39.89 39.84
N SER B 605 -1.97 -38.61 39.54
CA SER B 605 -2.83 -37.72 40.28
C SER B 605 -3.18 -36.57 39.36
N ASN B 606 -4.38 -36.05 39.54
CA ASN B 606 -4.86 -34.90 38.78
C ASN B 606 -4.70 -33.63 39.58
N GLN B 607 -3.94 -33.69 40.67
CA GLN B 607 -3.65 -32.51 41.47
C GLN B 607 -2.47 -31.78 40.85
N VAL B 608 -2.57 -30.46 40.80
CA VAL B 608 -1.51 -29.63 40.23
C VAL B 608 -1.16 -28.50 41.19
N ALA B 609 0.01 -27.94 40.97
CA ALA B 609 0.45 -26.73 41.64
C ALA B 609 0.73 -25.71 40.55
N VAL B 610 0.51 -24.43 40.83
CA VAL B 610 0.71 -23.42 39.80
C VAL B 610 1.73 -22.40 40.27
N LEU B 611 2.72 -22.16 39.42
CA LEU B 611 3.78 -21.18 39.68
C LEU B 611 3.50 -19.93 38.84
N TYR B 612 3.48 -18.78 39.50
CA TYR B 612 3.36 -17.48 38.83
C TYR B 612 4.74 -16.85 38.83
N GLN B 613 5.36 -16.81 37.65
CA GLN B 613 6.75 -16.39 37.55
C GLN B 613 6.90 -14.91 37.84
N ASP B 614 7.81 -14.59 38.76
CA ASP B 614 8.09 -13.21 39.14
C ASP B 614 6.84 -12.45 39.57
N VAL B 615 5.97 -13.11 40.31
CA VAL B 615 4.79 -12.42 40.82
C VAL B 615 4.88 -12.64 42.32
N ASN B 616 4.61 -11.58 43.06
CA ASN B 616 4.59 -11.61 44.51
C ASN B 616 3.22 -12.15 44.93
N CYS B 617 3.15 -12.90 46.04
CA CYS B 617 1.90 -13.52 46.46
C CYS B 617 0.80 -12.57 46.93
N THR B 618 1.11 -11.31 47.21
CA THR B 618 0.08 -10.36 47.62
C THR B 618 -0.65 -9.79 46.41
N GLU B 619 -0.14 -10.05 45.21
CA GLU B 619 -0.68 -9.55 43.96
C GLU B 619 -1.62 -10.54 43.27
N VAL B 620 -1.47 -11.83 43.54
CA VAL B 620 -2.29 -12.85 42.89
C VAL B 620 -3.70 -12.86 43.47
N ASN B 641 -2.00 -23.38 51.00
CA ASN B 641 -0.64 -23.65 50.54
C ASN B 641 -0.17 -22.58 49.58
N VAL B 642 0.32 -21.47 50.11
CA VAL B 642 0.89 -20.39 49.32
C VAL B 642 2.32 -20.16 49.78
N PHE B 643 3.28 -20.39 48.89
CA PHE B 643 4.70 -20.30 49.21
C PHE B 643 5.37 -19.30 48.28
N GLN B 644 5.95 -18.25 48.87
CA GLN B 644 6.66 -17.24 48.08
C GLN B 644 8.10 -17.70 47.97
N THR B 645 8.58 -17.90 46.74
CA THR B 645 9.94 -18.33 46.53
C THR B 645 10.64 -17.37 45.57
N ARG B 646 11.93 -17.61 45.38
CA ARG B 646 12.76 -16.73 44.56
C ARG B 646 12.33 -16.78 43.11
N ALA B 647 11.64 -17.85 42.71
CA ALA B 647 11.19 -17.99 41.33
C ALA B 647 9.81 -17.38 41.11
N GLY B 648 9.12 -16.94 42.16
CA GLY B 648 7.76 -16.48 41.99
C GLY B 648 6.87 -17.00 43.09
N CYS B 649 5.55 -16.88 42.88
CA CYS B 649 4.58 -17.31 43.87
C CYS B 649 4.08 -18.70 43.48
N LEU B 650 4.28 -19.68 44.37
CA LEU B 650 3.90 -21.06 44.14
C LEU B 650 2.67 -21.38 44.97
N ILE B 651 1.58 -21.76 44.31
CA ILE B 651 0.32 -22.04 45.01
C ILE B 651 -0.07 -23.49 44.81
N GLY B 652 -0.39 -24.16 45.92
CA GLY B 652 -0.83 -25.53 45.94
C GLY B 652 0.18 -26.53 46.46
N ALA B 653 1.46 -26.17 46.52
CA ALA B 653 2.48 -27.07 47.04
C ALA B 653 2.76 -26.80 48.51
N GLU B 654 2.99 -27.88 49.27
CA GLU B 654 3.36 -27.77 50.67
C GLU B 654 4.88 -27.80 50.73
N HIS B 655 5.48 -26.72 51.20
CA HIS B 655 6.93 -26.66 51.27
C HIS B 655 7.42 -27.47 52.46
N VAL B 656 8.49 -28.26 52.27
CA VAL B 656 9.03 -29.06 53.36
C VAL B 656 10.53 -28.85 53.49
N ASN B 657 11.02 -29.17 54.69
CA ASN B 657 12.43 -29.08 55.07
C ASN B 657 13.30 -30.22 54.59
N ASN B 658 12.74 -31.43 54.42
CA ASN B 658 13.57 -32.56 54.03
C ASN B 658 14.04 -32.33 52.60
N SER B 659 15.34 -32.50 52.38
CA SER B 659 15.86 -32.37 51.03
C SER B 659 15.85 -33.72 50.33
N TYR B 660 15.76 -33.69 49.01
CA TYR B 660 15.76 -34.90 48.22
C TYR B 660 16.46 -34.60 46.90
N GLU B 661 16.60 -35.63 46.07
CA GLU B 661 17.12 -35.40 44.73
C GLU B 661 16.07 -34.58 44.00
N CYS B 662 16.51 -33.64 43.17
CA CYS B 662 15.56 -32.79 42.47
C CYS B 662 14.70 -33.65 41.56
N ASP B 663 13.37 -33.42 41.62
CA ASP B 663 12.44 -34.21 40.78
C ASP B 663 12.04 -33.37 39.56
N ILE B 664 11.10 -32.45 39.74
CA ILE B 664 10.71 -31.54 38.62
C ILE B 664 11.26 -30.15 38.94
N PRO B 665 12.04 -29.51 38.05
CA PRO B 665 12.65 -28.22 38.34
C PRO B 665 11.67 -27.04 38.44
N ILE B 666 11.79 -26.22 39.49
CA ILE B 666 10.93 -25.00 39.61
C ILE B 666 11.84 -23.78 39.54
N GLY B 667 13.16 -23.99 39.58
CA GLY B 667 14.12 -22.87 39.54
C GLY B 667 14.56 -22.44 40.92
N ALA B 668 15.68 -21.72 41.01
CA ALA B 668 16.18 -21.19 42.31
C ALA B 668 16.40 -22.31 43.32
N GLY B 669 16.89 -23.47 42.89
CA GLY B 669 17.21 -24.55 43.84
C GLY B 669 15.98 -25.25 44.37
N ILE B 670 14.84 -24.56 44.35
CA ILE B 670 13.59 -25.18 44.79
C ILE B 670 13.13 -26.16 43.73
N CYS B 671 12.77 -27.37 44.17
CA CYS B 671 12.22 -28.43 43.36
C CYS B 671 10.93 -28.93 44.01
N ALA B 672 10.02 -29.42 43.19
CA ALA B 672 8.78 -30.00 43.66
C ALA B 672 8.77 -31.51 43.44
N SER B 673 7.97 -32.19 44.26
CA SER B 673 7.82 -33.64 44.11
C SER B 673 6.46 -34.08 44.62
N TYR B 674 5.96 -35.19 44.09
CA TYR B 674 4.71 -35.78 44.54
C TYR B 674 5.05 -36.84 45.58
N GLN B 675 4.63 -36.63 46.82
CA GLN B 675 5.04 -37.49 47.92
C GLN B 675 3.83 -37.91 48.74
N THR B 676 3.97 -39.04 49.42
CA THR B 676 2.93 -39.55 50.30
C THR B 676 3.04 -38.94 51.70
N GLN B 687 -1.20 -38.13 49.61
CA GLN B 687 -0.11 -37.63 48.78
C GLN B 687 -0.41 -36.21 48.32
N SER B 688 0.65 -35.44 48.05
CA SER B 688 0.52 -34.07 47.62
C SER B 688 1.80 -33.64 46.94
N ILE B 689 1.75 -32.48 46.30
CA ILE B 689 2.93 -31.87 45.70
C ILE B 689 3.61 -31.03 46.76
N ILE B 690 4.91 -31.19 46.91
CA ILE B 690 5.71 -30.47 47.87
C ILE B 690 6.77 -29.67 47.15
N ALA B 691 7.28 -28.65 47.85
CA ALA B 691 8.38 -27.83 47.38
C ALA B 691 9.48 -27.87 48.44
N TYR B 692 10.72 -27.94 47.99
CA TYR B 692 11.83 -28.04 48.93
C TYR B 692 13.09 -27.51 48.29
N THR B 693 14.08 -27.22 49.12
CA THR B 693 15.39 -26.88 48.59
C THR B 693 16.05 -28.20 48.22
N MET B 694 16.50 -28.31 46.99
CA MET B 694 17.02 -29.60 46.53
C MET B 694 18.34 -29.95 47.19
N SER B 695 18.52 -31.24 47.42
CA SER B 695 19.79 -31.76 47.89
C SER B 695 20.69 -31.98 46.68
N LEU B 696 21.98 -31.82 46.87
CA LEU B 696 22.92 -32.05 45.78
C LEU B 696 23.52 -33.44 45.80
N GLY B 697 23.09 -34.27 46.74
CA GLY B 697 23.59 -35.62 46.91
C GLY B 697 23.95 -35.89 48.36
N ALA B 698 24.10 -37.17 48.64
CA ALA B 698 24.46 -37.52 50.00
C ALA B 698 25.88 -37.05 50.29
N GLU B 699 26.13 -36.66 51.53
CA GLU B 699 27.48 -36.27 51.90
C GLU B 699 28.29 -37.52 52.17
N ASN B 700 29.57 -37.48 51.82
CA ASN B 700 30.45 -38.63 52.08
C ASN B 700 31.84 -38.11 52.43
N SER B 701 32.10 -37.98 53.72
CA SER B 701 33.41 -37.54 54.16
C SER B 701 34.42 -38.64 53.87
N VAL B 702 35.57 -38.25 53.38
CA VAL B 702 36.64 -39.21 53.10
C VAL B 702 37.56 -39.27 54.30
N ALA B 703 37.86 -40.48 54.75
CA ALA B 703 38.70 -40.69 55.94
C ALA B 703 40.15 -40.45 55.54
N TYR B 704 40.45 -39.19 55.25
CA TYR B 704 41.80 -38.85 54.83
C TYR B 704 42.76 -38.88 56.00
N SER B 705 43.90 -39.49 55.75
CA SER B 705 45.01 -39.46 56.68
C SER B 705 46.27 -39.69 55.87
N ASN B 706 47.39 -39.40 56.49
CA ASN B 706 48.67 -39.56 55.81
C ASN B 706 49.22 -41.01 55.76
N ASN B 707 48.59 -42.03 56.41
CA ASN B 707 49.12 -43.40 56.44
C ASN B 707 48.18 -44.63 56.19
N SER B 708 47.05 -44.56 55.43
CA SER B 708 46.16 -45.75 55.31
C SER B 708 45.61 -46.07 53.89
N ILE B 709 45.67 -47.35 53.33
CA ILE B 709 45.10 -47.41 51.93
C ILE B 709 44.03 -48.51 51.66
N ALA B 710 42.96 -48.16 50.87
CA ALA B 710 41.79 -49.00 50.43
C ALA B 710 41.65 -49.59 48.99
N ILE B 711 41.73 -50.91 48.85
CA ILE B 711 41.81 -51.43 47.46
C ILE B 711 40.67 -52.41 47.22
N PRO B 712 39.96 -52.35 46.07
CA PRO B 712 38.82 -53.21 45.90
C PRO B 712 39.23 -54.68 45.93
N THR B 713 38.67 -55.45 46.86
CA THR B 713 38.92 -56.90 46.87
C THR B 713 38.24 -57.51 45.66
N ASN B 714 37.06 -57.00 45.31
CA ASN B 714 36.27 -57.57 44.18
C ASN B 714 36.07 -56.43 43.18
N PHE B 715 35.59 -56.75 41.98
CA PHE B 715 35.31 -55.70 40.98
C PHE B 715 34.06 -56.04 40.18
N THR B 716 33.38 -55.02 39.66
CA THR B 716 32.15 -55.25 38.87
C THR B 716 32.30 -54.65 37.47
N ILE B 717 31.97 -55.40 36.42
CA ILE B 717 32.01 -54.85 35.04
C ILE B 717 30.69 -54.09 34.83
N SER B 718 30.71 -52.89 34.26
CA SER B 718 29.48 -52.16 34.19
C SER B 718 29.22 -51.93 32.73
N VAL B 719 27.97 -52.09 32.32
CA VAL B 719 27.61 -51.79 30.96
C VAL B 719 26.59 -50.68 31.08
N THR B 720 26.86 -49.60 30.39
CA THR B 720 26.01 -48.44 30.39
C THR B 720 25.61 -48.19 28.95
N THR B 721 24.50 -47.49 28.77
CA THR B 721 24.04 -47.20 27.43
C THR B 721 24.14 -45.71 27.17
N GLU B 722 24.83 -45.35 26.11
CA GLU B 722 24.95 -43.97 25.69
C GLU B 722 24.31 -43.89 24.30
N ILE B 723 23.35 -43.01 24.13
CA ILE B 723 22.62 -42.92 22.87
C ILE B 723 22.92 -41.58 22.23
N LEU B 724 23.37 -41.61 20.99
CA LEU B 724 23.65 -40.38 20.28
C LEU B 724 22.91 -40.34 18.96
N PRO B 725 22.35 -39.19 18.60
CA PRO B 725 21.80 -39.05 17.25
C PRO B 725 22.93 -38.94 16.24
N VAL B 726 22.68 -39.47 15.04
CA VAL B 726 23.63 -39.41 13.95
C VAL B 726 23.10 -38.63 12.76
N SER B 727 21.81 -38.78 12.45
CA SER B 727 21.24 -38.17 11.25
C SER B 727 19.82 -37.74 11.53
N MET B 728 19.25 -37.01 10.58
CA MET B 728 17.87 -36.55 10.66
C MET B 728 17.20 -36.73 9.31
N THR B 729 15.87 -36.65 9.32
CA THR B 729 15.07 -36.83 8.12
C THR B 729 15.51 -35.86 7.03
N LYS B 730 15.77 -36.38 5.83
CA LYS B 730 16.23 -35.56 4.71
C LYS B 730 15.03 -34.90 4.02
N THR B 731 14.51 -33.85 4.63
CA THR B 731 13.36 -33.14 4.09
C THR B 731 13.82 -32.19 2.99
N SER B 732 13.11 -32.17 1.87
CA SER B 732 13.42 -31.27 0.76
C SER B 732 12.14 -30.57 0.33
N VAL B 733 12.12 -29.24 0.46
CA VAL B 733 10.96 -28.42 0.16
C VAL B 733 11.23 -27.60 -1.09
N ASP B 734 10.36 -27.73 -2.09
CA ASP B 734 10.48 -26.97 -3.32
C ASP B 734 9.89 -25.58 -3.11
N CYS B 735 10.75 -24.57 -3.10
CA CYS B 735 10.34 -23.20 -2.80
C CYS B 735 9.18 -22.71 -3.66
N THR B 736 9.32 -22.83 -5.00
CA THR B 736 8.30 -22.32 -5.92
C THR B 736 7.01 -23.04 -5.74
N MET B 737 7.08 -24.38 -5.67
CA MET B 737 5.87 -25.19 -5.57
C MET B 737 5.19 -24.95 -4.27
N TYR B 738 5.95 -24.73 -3.19
CA TYR B 738 5.38 -24.40 -1.88
C TYR B 738 4.68 -23.04 -1.88
N ILE B 739 5.36 -22.01 -2.38
CA ILE B 739 4.81 -20.65 -2.34
C ILE B 739 3.71 -20.48 -3.37
N CYS B 740 3.94 -20.93 -4.60
CA CYS B 740 3.02 -20.75 -5.71
C CYS B 740 2.46 -22.10 -6.15
N GLY B 741 1.38 -22.52 -5.51
CA GLY B 741 0.83 -23.84 -5.77
C GLY B 741 0.18 -23.95 -7.15
N ASP B 742 1.00 -24.24 -8.16
CA ASP B 742 0.53 -24.48 -9.53
C ASP B 742 -0.32 -23.33 -10.06
N SER B 743 0.09 -22.10 -9.82
CA SER B 743 -0.62 -20.92 -10.29
C SER B 743 0.33 -20.09 -11.15
N THR B 744 -0.07 -19.83 -12.39
CA THR B 744 0.80 -19.11 -13.33
C THR B 744 1.08 -17.70 -12.84
N GLU B 745 0.06 -17.00 -12.34
CA GLU B 745 0.26 -15.61 -11.94
C GLU B 745 1.24 -15.52 -10.79
N CYS B 746 1.11 -16.42 -9.81
CA CYS B 746 2.05 -16.42 -8.69
C CYS B 746 3.43 -16.84 -9.18
N SER B 747 3.49 -17.88 -10.02
CA SER B 747 4.77 -18.37 -10.50
C SER B 747 5.54 -17.27 -11.21
N ASN B 748 4.83 -16.43 -11.96
CA ASN B 748 5.48 -15.32 -12.66
C ASN B 748 5.86 -14.21 -11.69
N LEU B 749 4.99 -13.92 -10.71
CA LEU B 749 5.31 -12.88 -9.74
C LEU B 749 6.53 -13.28 -8.91
N LEU B 750 6.68 -14.58 -8.64
CA LEU B 750 7.79 -15.10 -7.85
C LEU B 750 9.12 -14.90 -8.56
N LEU B 751 9.11 -14.62 -9.86
CA LEU B 751 10.37 -14.45 -10.57
C LEU B 751 11.03 -13.13 -10.21
N GLN B 752 10.29 -12.22 -9.57
CA GLN B 752 10.82 -10.92 -9.21
C GLN B 752 11.68 -10.99 -7.95
N TYR B 753 11.72 -12.15 -7.29
CA TYR B 753 12.50 -12.37 -6.08
C TYR B 753 13.84 -13.02 -6.37
N GLY B 754 14.18 -13.17 -7.65
CA GLY B 754 15.48 -13.66 -8.06
C GLY B 754 15.83 -15.07 -7.62
N SER B 755 16.95 -15.21 -6.92
CA SER B 755 17.49 -16.49 -6.50
C SER B 755 17.04 -16.97 -5.11
N PHE B 756 16.13 -16.26 -4.44
CA PHE B 756 15.73 -16.69 -3.09
C PHE B 756 15.35 -18.16 -3.05
N CYS B 757 14.52 -18.60 -4.00
CA CYS B 757 14.13 -20.01 -4.05
C CYS B 757 15.31 -20.90 -4.38
N THR B 758 16.22 -20.42 -5.23
CA THR B 758 17.38 -21.22 -5.60
C THR B 758 18.27 -21.43 -4.38
N GLN B 759 18.50 -20.37 -3.61
CA GLN B 759 19.36 -20.46 -2.44
C GLN B 759 18.72 -21.36 -1.38
N LEU B 760 17.40 -21.28 -1.22
CA LEU B 760 16.76 -22.14 -0.23
C LEU B 760 16.83 -23.60 -0.65
N ASN B 761 16.65 -23.88 -1.93
CA ASN B 761 16.74 -25.26 -2.39
C ASN B 761 18.16 -25.77 -2.22
N ARG B 762 19.14 -24.89 -2.45
CA ARG B 762 20.53 -25.26 -2.28
C ARG B 762 20.85 -25.58 -0.84
N ALA B 763 20.37 -24.74 0.10
CA ALA B 763 20.65 -24.98 1.51
C ALA B 763 20.05 -26.30 1.96
N LEU B 764 18.82 -26.60 1.51
CA LEU B 764 18.22 -27.85 1.93
C LEU B 764 18.93 -29.04 1.29
N THR B 765 19.40 -28.88 0.05
CA THR B 765 20.16 -29.96 -0.57
C THR B 765 21.44 -30.20 0.21
N GLY B 766 22.13 -29.12 0.60
CA GLY B 766 23.35 -29.25 1.36
C GLY B 766 23.14 -30.02 2.64
N ILE B 767 22.02 -29.74 3.33
CA ILE B 767 21.71 -30.48 4.55
C ILE B 767 21.49 -31.95 4.23
N ALA B 768 20.69 -32.22 3.19
CA ALA B 768 20.39 -33.62 2.85
C ALA B 768 21.66 -34.40 2.56
N VAL B 769 22.62 -33.77 1.87
CA VAL B 769 23.89 -34.44 1.60
C VAL B 769 24.67 -34.66 2.89
N GLU B 770 24.72 -33.63 3.74
CA GLU B 770 25.43 -33.74 5.00
C GLU B 770 24.92 -34.90 5.83
N GLN B 771 23.61 -35.19 5.77
CA GLN B 771 23.10 -36.30 6.58
C GLN B 771 23.70 -37.64 6.17
N ASP B 772 24.01 -37.79 4.87
CA ASP B 772 24.60 -39.06 4.46
C ASP B 772 26.08 -39.05 4.76
N LYS B 773 26.71 -37.88 4.70
CA LYS B 773 28.11 -37.80 5.08
C LYS B 773 28.26 -38.20 6.55
N ASN B 774 27.36 -37.70 7.39
CA ASN B 774 27.39 -38.00 8.82
C ASN B 774 27.19 -39.50 9.05
N THR B 775 26.24 -40.10 8.33
CA THR B 775 25.99 -41.52 8.53
C THR B 775 27.22 -42.34 8.15
N GLN B 776 27.84 -42.01 7.02
CA GLN B 776 29.03 -42.77 6.62
C GLN B 776 30.17 -42.57 7.60
N GLU B 777 30.37 -41.33 8.07
CA GLU B 777 31.45 -41.07 9.02
C GLU B 777 31.26 -41.84 10.31
N VAL B 778 30.01 -41.99 10.76
CA VAL B 778 29.78 -42.71 12.01
C VAL B 778 29.90 -44.22 11.83
N PHE B 779 29.30 -44.77 10.78
CA PHE B 779 29.29 -46.22 10.67
C PHE B 779 30.31 -46.82 9.72
N ALA B 780 30.65 -46.16 8.63
CA ALA B 780 31.52 -46.76 7.61
C ALA B 780 33.00 -46.52 7.90
N GLN B 781 33.46 -47.04 9.04
CA GLN B 781 34.87 -46.89 9.40
C GLN B 781 35.66 -48.18 9.20
N VAL B 782 35.03 -49.22 8.67
CA VAL B 782 35.67 -50.52 8.48
C VAL B 782 35.58 -50.88 6.99
N LYS B 783 36.70 -51.30 6.42
CA LYS B 783 36.78 -51.61 4.99
C LYS B 783 36.45 -53.05 4.67
N GLN B 784 36.25 -53.91 5.66
CA GLN B 784 35.91 -55.31 5.45
C GLN B 784 34.72 -55.67 6.32
N ILE B 785 33.93 -56.64 5.87
CA ILE B 785 32.79 -57.12 6.65
C ILE B 785 33.21 -58.39 7.38
N TYR B 786 33.38 -58.27 8.69
CA TYR B 786 33.81 -59.37 9.53
C TYR B 786 32.60 -60.15 10.01
N LYS B 787 32.79 -61.45 10.25
CA LYS B 787 31.73 -62.29 10.75
C LYS B 787 32.23 -63.17 11.89
N THR B 788 31.34 -63.44 12.84
CA THR B 788 31.64 -64.34 13.94
C THR B 788 31.67 -65.77 13.44
N PRO B 789 32.36 -66.67 14.15
CA PRO B 789 32.36 -68.09 13.76
C PRO B 789 31.02 -68.75 14.01
N PRO B 790 30.73 -69.84 13.30
CA PRO B 790 29.57 -70.69 13.63
C PRO B 790 29.54 -71.19 15.06
N ILE B 791 30.70 -71.42 15.67
CA ILE B 791 30.76 -71.91 17.04
C ILE B 791 31.13 -70.74 17.93
N LYS B 792 30.14 -70.32 18.71
CA LYS B 792 30.22 -69.14 19.58
C LYS B 792 30.86 -69.52 20.90
N ASP B 793 32.16 -69.82 20.89
CA ASP B 793 32.68 -70.16 22.20
C ASP B 793 33.46 -68.94 22.68
N PHE B 794 32.67 -68.09 23.34
CA PHE B 794 33.01 -66.81 23.96
C PHE B 794 32.67 -66.86 25.44
N GLY B 795 32.98 -68.03 26.02
CA GLY B 795 32.98 -68.21 27.48
C GLY B 795 31.73 -67.91 28.25
N GLY B 796 30.57 -68.01 27.63
CA GLY B 796 29.38 -67.61 28.40
C GLY B 796 29.29 -66.10 28.39
N PHE B 797 30.13 -65.45 27.60
CA PHE B 797 29.95 -63.99 27.43
C PHE B 797 28.87 -63.90 26.36
N ASN B 798 27.76 -64.64 26.54
CA ASN B 798 26.62 -64.64 25.58
C ASN B 798 26.97 -63.95 24.27
N PHE B 799 26.75 -62.64 24.19
CA PHE B 799 26.97 -61.84 22.94
C PHE B 799 25.74 -62.01 22.06
N SER B 800 24.79 -62.84 22.49
CA SER B 800 23.57 -63.06 21.70
C SER B 800 22.80 -61.75 21.60
N GLN B 801 22.76 -61.00 22.70
CA GLN B 801 21.97 -59.74 22.72
C GLN B 801 22.58 -58.67 21.82
N ILE B 802 23.90 -58.73 21.58
CA ILE B 802 24.58 -57.69 20.75
C ILE B 802 24.77 -58.18 19.31
N LEU B 803 24.84 -59.49 19.09
CA LEU B 803 25.06 -60.06 17.76
C LEU B 803 23.73 -60.27 17.04
N PRO B 804 23.74 -60.17 15.71
CA PRO B 804 22.52 -60.44 14.95
C PRO B 804 22.20 -61.93 15.02
N ASP B 805 20.92 -62.25 15.00
CA ASP B 805 20.50 -63.63 14.97
C ASP B 805 19.88 -63.99 13.63
N PRO B 806 19.84 -65.28 13.28
CA PRO B 806 19.16 -65.71 12.06
C PRO B 806 17.66 -65.94 12.19
N SER B 807 17.04 -65.56 13.31
CA SER B 807 15.62 -65.80 13.48
C SER B 807 14.77 -64.67 12.94
N LYS B 808 15.21 -63.42 13.11
CA LYS B 808 14.48 -62.27 12.60
C LYS B 808 14.90 -61.97 11.16
N PRO B 809 13.93 -61.60 10.31
CA PRO B 809 14.27 -61.27 8.92
C PRO B 809 15.12 -60.02 8.77
N SER B 810 15.18 -59.17 9.80
CA SER B 810 15.97 -57.95 9.76
C SER B 810 17.43 -58.19 10.06
N LYS B 811 17.78 -59.39 10.53
CA LYS B 811 19.16 -59.75 10.88
C LYS B 811 19.74 -58.75 11.87
N ARG B 812 18.94 -58.41 12.87
CA ARG B 812 19.36 -57.49 13.92
C ARG B 812 19.42 -58.23 15.25
N SER B 813 20.11 -57.63 16.20
CA SER B 813 20.21 -58.23 17.51
C SER B 813 18.94 -58.00 18.32
N PRO B 814 18.72 -58.81 19.36
CA PRO B 814 17.66 -58.50 20.34
C PRO B 814 17.68 -57.07 20.84
N ILE B 815 18.86 -56.58 21.22
CA ILE B 815 18.94 -55.19 21.67
C ILE B 815 18.59 -54.25 20.52
N GLU B 816 19.10 -54.51 19.32
CA GLU B 816 18.72 -53.65 18.21
C GLU B 816 17.22 -53.73 17.99
N ASP B 817 16.66 -54.94 18.14
CA ASP B 817 15.22 -55.13 17.99
C ASP B 817 14.45 -54.21 18.92
N LEU B 818 14.91 -54.11 20.18
CA LEU B 818 14.24 -53.22 21.12
C LEU B 818 14.42 -51.76 20.72
N LEU B 819 15.63 -51.38 20.31
CA LEU B 819 15.88 -49.98 19.97
C LEU B 819 15.01 -49.54 18.80
N PHE B 820 14.82 -50.43 17.82
CA PHE B 820 13.99 -50.10 16.67
C PHE B 820 12.50 -50.13 16.99
N ASN B 821 12.05 -51.16 17.70
CA ASN B 821 10.62 -51.28 17.99
C ASN B 821 10.11 -50.20 18.93
N LYS B 822 10.97 -49.65 19.80
CA LYS B 822 10.54 -48.67 20.78
C LYS B 822 10.66 -47.21 20.33
N VAL B 823 10.99 -46.96 19.06
CA VAL B 823 11.04 -45.59 18.58
C VAL B 823 9.89 -45.32 17.62
N ASN B 853 1.89 -30.18 -0.65
CA ASN B 853 2.46 -29.00 -0.01
C ASN B 853 3.79 -28.63 -0.65
N GLY B 854 4.24 -29.44 -1.60
CA GLY B 854 5.46 -29.17 -2.31
C GLY B 854 6.72 -29.67 -1.66
N LEU B 855 6.62 -30.52 -0.63
CA LEU B 855 7.77 -31.05 0.06
C LEU B 855 7.81 -32.57 -0.09
N THR B 856 9.02 -33.11 -0.08
CA THR B 856 9.25 -34.54 -0.17
C THR B 856 10.27 -34.93 0.89
N VAL B 857 10.40 -36.23 1.12
CA VAL B 857 11.40 -36.78 2.02
C VAL B 857 12.28 -37.74 1.25
N LEU B 858 13.58 -37.51 1.29
CA LEU B 858 14.44 -38.38 0.52
C LEU B 858 14.87 -39.57 1.36
N PRO B 859 15.00 -40.76 0.77
CA PRO B 859 15.47 -41.89 1.55
C PRO B 859 16.96 -41.77 1.84
N PRO B 860 17.43 -42.38 2.92
CA PRO B 860 18.87 -42.39 3.18
C PRO B 860 19.58 -43.30 2.20
N LEU B 861 20.86 -43.02 1.99
CA LEU B 861 21.67 -43.89 1.16
C LEU B 861 21.84 -45.26 1.80
N LEU B 862 22.09 -45.30 3.11
CA LEU B 862 22.29 -46.55 3.82
C LEU B 862 20.99 -46.94 4.54
N THR B 863 20.39 -48.03 4.05
CA THR B 863 19.10 -48.49 4.63
C THR B 863 19.39 -49.12 5.99
N ASP B 864 18.34 -49.43 6.75
CA ASP B 864 18.57 -49.96 8.12
C ASP B 864 19.36 -51.26 7.99
N GLU B 865 19.03 -52.08 6.99
CA GLU B 865 19.72 -53.39 6.85
C GLU B 865 21.21 -53.16 6.58
N MET B 866 21.53 -52.19 5.72
CA MET B 866 22.96 -51.91 5.39
C MET B 866 23.67 -51.40 6.64
N ILE B 867 23.02 -50.50 7.39
CA ILE B 867 23.64 -49.95 8.62
C ILE B 867 23.86 -51.11 9.60
N ALA B 868 22.89 -52.02 9.67
CA ALA B 868 23.00 -53.16 10.59
C ALA B 868 24.20 -54.03 10.18
N GLN B 869 24.38 -54.24 8.88
CA GLN B 869 25.53 -55.06 8.40
C GLN B 869 26.83 -54.43 8.91
N TYR B 870 26.86 -53.10 8.99
CA TYR B 870 28.07 -52.41 9.45
C TYR B 870 28.29 -52.66 10.94
N THR B 871 27.22 -52.60 11.74
CA THR B 871 27.41 -52.82 13.16
C THR B 871 27.76 -54.29 13.41
N SER B 872 27.17 -55.18 12.62
CA SER B 872 27.54 -56.61 12.75
C SER B 872 29.04 -56.73 12.53
N ALA B 873 29.56 -56.10 11.47
CA ALA B 873 30.99 -56.24 11.15
C ALA B 873 31.85 -55.64 12.27
N LEU B 874 31.49 -54.45 12.77
CA LEU B 874 32.32 -53.80 13.80
C LEU B 874 32.30 -54.68 15.06
N LEU B 875 31.12 -55.20 15.41
CA LEU B 875 31.00 -56.05 16.62
C LEU B 875 31.86 -57.30 16.41
N ALA B 876 31.78 -57.89 15.22
CA ALA B 876 32.52 -59.16 14.99
C ALA B 876 34.02 -58.91 15.11
N GLY B 877 34.49 -57.80 14.55
CA GLY B 877 35.92 -57.49 14.63
C GLY B 877 36.33 -57.26 16.07
N THR B 878 35.50 -56.53 16.82
CA THR B 878 35.85 -56.20 18.23
C THR B 878 35.94 -57.52 19.00
N ILE B 879 35.06 -58.48 18.69
CA ILE B 879 35.04 -59.72 19.44
C ILE B 879 36.17 -60.68 19.04
N THR B 880 36.42 -60.84 17.73
CA THR B 880 37.40 -61.84 17.34
C THR B 880 38.81 -61.32 17.13
N SER B 881 39.01 -60.01 16.98
CA SER B 881 40.35 -59.48 16.73
C SER B 881 40.68 -58.27 17.59
N GLY B 882 39.83 -57.91 18.55
CA GLY B 882 40.12 -56.77 19.41
C GLY B 882 40.25 -55.49 18.63
N TRP B 883 41.33 -54.76 18.88
CA TRP B 883 41.57 -53.49 18.22
C TRP B 883 42.44 -53.64 16.97
N THR B 884 42.89 -54.86 16.66
CA THR B 884 43.86 -55.00 15.59
C THR B 884 43.24 -54.72 14.24
N PHE B 885 41.94 -54.97 14.08
CA PHE B 885 41.30 -54.71 12.79
C PHE B 885 41.10 -53.22 12.56
N GLY B 886 41.01 -52.43 13.63
CA GLY B 886 40.83 -51.00 13.46
C GLY B 886 42.09 -50.33 12.93
N ALA B 887 43.25 -50.78 13.38
CA ALA B 887 44.52 -50.18 13.01
C ALA B 887 45.12 -50.81 11.75
N GLY B 888 44.47 -51.80 11.16
CA GLY B 888 45.01 -52.48 10.00
C GLY B 888 44.39 -53.83 9.79
N PRO B 889 45.23 -54.87 9.67
CA PRO B 889 44.71 -56.22 9.46
C PRO B 889 44.08 -56.76 10.74
N ALA B 890 43.06 -57.58 10.57
CA ALA B 890 42.40 -58.20 11.70
C ALA B 890 43.21 -59.41 12.15
N LEU B 891 43.71 -59.36 13.38
CA LEU B 891 44.53 -60.42 13.93
C LEU B 891 43.71 -61.18 14.97
N GLN B 892 43.45 -62.46 14.71
CA GLN B 892 42.61 -63.20 15.63
C GLN B 892 43.31 -63.31 16.98
N ILE B 893 42.50 -63.26 18.04
CA ILE B 893 43.02 -63.49 19.38
C ILE B 893 41.90 -64.13 20.19
N PRO B 894 42.22 -65.11 21.04
CA PRO B 894 41.21 -65.64 21.95
C PRO B 894 40.61 -64.50 22.78
N PHE B 895 39.30 -64.55 22.95
CA PHE B 895 38.64 -63.47 23.67
C PHE B 895 39.20 -63.31 25.07
N PRO B 896 39.39 -64.37 25.87
CA PRO B 896 39.98 -64.17 27.20
C PRO B 896 41.30 -63.41 27.18
N MET B 897 42.14 -63.58 26.16
CA MET B 897 43.37 -62.78 26.19
C MET B 897 43.06 -61.34 25.81
N GLN B 898 42.12 -61.12 24.90
CA GLN B 898 41.73 -59.75 24.59
C GLN B 898 41.29 -59.05 25.86
N MET B 899 40.50 -59.75 26.69
CA MET B 899 40.10 -59.17 27.96
C MET B 899 41.31 -58.95 28.85
N ALA B 900 42.26 -59.90 28.82
CA ALA B 900 43.47 -59.78 29.62
C ALA B 900 44.27 -58.54 29.27
N TYR B 901 44.33 -58.21 27.97
CA TYR B 901 45.10 -57.04 27.55
C TYR B 901 44.39 -55.79 27.97
N ARG B 902 43.05 -55.81 27.87
CA ARG B 902 42.27 -54.65 28.25
C ARG B 902 42.33 -54.44 29.76
N PHE B 903 42.45 -55.52 30.53
CA PHE B 903 42.63 -55.37 31.96
C PHE B 903 44.01 -54.80 32.25
N ASN B 904 45.03 -55.29 31.54
CA ASN B 904 46.38 -54.77 31.74
C ASN B 904 46.43 -53.28 31.42
N GLY B 905 45.66 -52.85 30.43
CA GLY B 905 45.62 -51.47 29.99
C GLY B 905 45.06 -50.49 31.01
N ILE B 906 44.41 -50.97 32.06
CA ILE B 906 43.85 -50.11 33.08
C ILE B 906 44.55 -50.29 34.42
N GLY B 907 45.72 -50.93 34.41
CA GLY B 907 46.49 -51.11 35.62
C GLY B 907 46.15 -52.32 36.44
N VAL B 908 45.48 -53.31 35.87
CA VAL B 908 45.14 -54.54 36.58
C VAL B 908 45.81 -55.69 35.85
N THR B 909 46.69 -56.40 36.55
CA THR B 909 47.49 -57.44 35.90
C THR B 909 46.58 -58.56 35.38
N GLN B 910 47.04 -59.20 34.30
CA GLN B 910 46.20 -60.18 33.59
C GLN B 910 45.90 -61.41 34.43
N ASN B 911 46.67 -61.67 35.48
CA ASN B 911 46.35 -62.85 36.28
C ASN B 911 45.05 -62.66 37.02
N VAL B 912 44.63 -61.41 37.22
CA VAL B 912 43.37 -61.16 37.91
C VAL B 912 42.24 -61.69 37.03
N LEU B 913 42.32 -61.39 35.74
CA LEU B 913 41.32 -61.86 34.79
C LEU B 913 41.32 -63.38 34.73
N TYR B 914 42.50 -63.99 34.57
CA TYR B 914 42.53 -65.44 34.38
C TYR B 914 42.04 -66.17 35.62
N GLU B 915 42.41 -65.71 36.80
CA GLU B 915 41.97 -66.39 38.01
C GLU B 915 40.46 -66.30 38.21
N ASN B 916 39.83 -65.20 37.80
CA ASN B 916 38.39 -65.02 37.94
C ASN B 916 37.61 -65.07 36.63
N GLN B 917 38.16 -65.72 35.58
CA GLN B 917 37.52 -65.70 34.26
C GLN B 917 36.08 -66.24 34.25
N LYS B 918 35.81 -67.33 34.97
CA LYS B 918 34.46 -67.91 34.96
C LYS B 918 33.47 -66.98 35.64
N LEU B 919 33.90 -66.36 36.73
CA LEU B 919 33.08 -65.45 37.48
C LEU B 919 32.74 -64.23 36.63
N ILE B 920 33.76 -63.73 35.93
CA ILE B 920 33.59 -62.56 35.10
C ILE B 920 32.63 -62.83 33.95
N ALA B 921 32.76 -63.96 33.26
CA ALA B 921 31.83 -64.27 32.16
C ALA B 921 30.36 -64.44 32.60
N ASN B 922 30.12 -65.12 33.71
CA ASN B 922 28.72 -65.33 34.13
C ASN B 922 28.11 -64.00 34.54
N GLN B 923 28.95 -63.26 35.21
CA GLN B 923 28.66 -61.96 35.70
C GLN B 923 28.38 -61.01 34.51
N PHE B 924 29.12 -61.17 33.42
CA PHE B 924 28.92 -60.33 32.23
C PHE B 924 27.49 -60.54 31.72
N ASN B 925 27.01 -61.81 31.66
CA ASN B 925 25.64 -62.05 31.16
C ASN B 925 24.59 -61.38 31.94
N SER B 926 24.75 -61.35 33.23
CA SER B 926 23.69 -60.67 33.92
C SER B 926 23.74 -59.20 33.51
N ALA B 927 24.94 -58.62 33.37
CA ALA B 927 24.98 -57.22 32.96
C ALA B 927 24.34 -56.99 31.58
N ILE B 928 24.58 -57.88 30.59
CA ILE B 928 23.95 -57.67 29.28
C ILE B 928 22.43 -57.84 29.36
N GLY B 929 21.96 -58.85 30.08
CA GLY B 929 20.53 -59.02 30.22
C GLY B 929 19.91 -57.80 30.87
N LYS B 930 20.62 -57.23 31.86
CA LYS B 930 20.11 -56.02 32.49
C LYS B 930 20.03 -54.89 31.51
N ILE B 931 20.95 -54.82 30.54
CA ILE B 931 20.84 -53.72 29.59
C ILE B 931 19.55 -53.87 28.82
N GLN B 932 19.25 -55.09 28.39
CA GLN B 932 18.02 -55.31 27.64
C GLN B 932 16.79 -54.95 28.48
N ASP B 933 16.78 -55.34 29.75
CA ASP B 933 15.63 -55.06 30.60
C ASP B 933 15.52 -53.57 30.91
N SER B 934 16.65 -52.90 31.10
CA SER B 934 16.62 -51.47 31.40
C SER B 934 16.03 -50.71 30.23
N LEU B 935 16.46 -51.04 29.01
CA LEU B 935 15.94 -50.34 27.85
C LEU B 935 14.46 -50.62 27.66
N SER B 936 14.02 -51.86 27.88
CA SER B 936 12.60 -52.18 27.73
C SER B 936 11.75 -51.47 28.78
N SER B 937 12.19 -51.49 30.04
CA SER B 937 11.43 -50.94 31.17
C SER B 937 11.28 -49.43 31.12
N THR B 938 12.34 -48.68 30.79
CA THR B 938 12.26 -47.23 30.87
C THR B 938 11.97 -46.58 29.52
N PRO B 939 10.78 -46.00 29.34
CA PRO B 939 10.40 -45.44 28.02
C PRO B 939 11.20 -44.20 27.64
N SER B 940 11.85 -43.53 28.59
CA SER B 940 12.60 -42.32 28.36
C SER B 940 14.06 -42.58 28.01
N ALA B 941 14.47 -43.85 27.99
CA ALA B 941 15.87 -44.21 27.76
C ALA B 941 16.37 -43.69 26.42
N LEU B 942 15.50 -43.59 25.42
CA LEU B 942 15.85 -43.15 24.07
C LEU B 942 15.32 -41.77 23.76
N GLY B 943 15.11 -40.97 24.81
CA GLY B 943 14.52 -39.65 24.63
C GLY B 943 15.24 -38.76 23.63
N LYS B 944 16.56 -38.88 23.52
CA LYS B 944 17.32 -38.03 22.60
C LYS B 944 16.91 -38.26 21.14
N LEU B 945 16.64 -39.51 20.77
CA LEU B 945 16.33 -39.75 19.36
C LEU B 945 14.90 -39.36 19.08
N GLN B 946 14.02 -39.60 20.05
CA GLN B 946 12.63 -39.23 19.86
C GLN B 946 12.54 -37.72 19.82
N ASP B 947 13.37 -37.03 20.60
CA ASP B 947 13.37 -35.57 20.61
C ASP B 947 13.80 -35.02 19.25
N VAL B 948 14.81 -35.65 18.62
CA VAL B 948 15.21 -35.19 17.28
C VAL B 948 14.07 -35.38 16.29
N VAL B 949 13.41 -36.54 16.36
CA VAL B 949 12.29 -36.82 15.47
C VAL B 949 11.18 -35.80 15.70
N ASN B 950 10.91 -35.51 16.97
CA ASN B 950 9.85 -34.58 17.33
C ASN B 950 10.18 -33.18 16.81
N GLN B 951 11.45 -32.78 16.88
CA GLN B 951 11.80 -31.44 16.41
C GLN B 951 11.56 -31.32 14.91
N ASN B 952 11.87 -32.36 14.13
CA ASN B 952 11.62 -32.22 12.69
C ASN B 952 10.13 -32.30 12.38
N ALA B 953 9.39 -33.13 13.12
CA ALA B 953 7.95 -33.19 12.89
C ALA B 953 7.31 -31.86 13.20
N GLN B 954 7.73 -31.21 14.28
CA GLN B 954 7.18 -29.92 14.61
C GLN B 954 7.56 -28.88 13.57
N ALA B 955 8.80 -28.93 13.07
CA ALA B 955 9.22 -27.96 12.06
C ALA B 955 8.37 -28.07 10.80
N LEU B 956 8.04 -29.30 10.39
CA LEU B 956 7.26 -29.48 9.18
C LEU B 956 5.80 -29.12 9.41
N ASN B 957 5.27 -29.47 10.58
CA ASN B 957 3.88 -29.13 10.85
C ASN B 957 3.75 -27.63 10.96
N THR B 958 4.79 -26.97 11.43
CA THR B 958 4.75 -25.49 11.50
C THR B 958 4.57 -24.92 10.09
N LEU B 959 5.34 -25.42 9.11
CA LEU B 959 5.29 -24.82 7.75
C LEU B 959 3.89 -24.97 7.15
N VAL B 960 3.26 -26.14 7.30
CA VAL B 960 1.93 -26.36 6.66
C VAL B 960 0.92 -25.38 7.26
N LYS B 961 0.95 -25.22 8.58
CA LYS B 961 -0.01 -24.31 9.26
C LYS B 961 0.25 -22.88 8.78
N GLN B 962 1.53 -22.51 8.64
CA GLN B 962 1.89 -21.14 8.20
C GLN B 962 1.34 -20.93 6.79
N LEU B 963 1.37 -21.97 5.95
CA LEU B 963 0.89 -21.84 4.56
C LEU B 963 -0.59 -21.45 4.63
N SER B 964 -1.33 -22.02 5.58
CA SER B 964 -2.78 -21.74 5.71
C SER B 964 -3.03 -20.39 6.39
N SER B 965 -1.97 -19.63 6.72
CA SER B 965 -2.22 -18.31 7.28
C SER B 965 -2.45 -17.26 6.19
N ASN B 966 -3.02 -16.13 6.59
CA ASN B 966 -3.37 -15.04 5.69
C ASN B 966 -2.27 -14.03 5.51
N PHE B 967 -1.49 -13.76 6.57
CA PHE B 967 -0.41 -12.78 6.54
C PHE B 967 -0.89 -11.41 6.10
N GLY B 968 -2.13 -11.06 6.43
CA GLY B 968 -2.69 -9.78 6.06
C GLY B 968 -3.50 -9.78 4.78
N ALA B 969 -3.47 -10.88 4.04
CA ALA B 969 -4.22 -10.99 2.79
C ALA B 969 -5.72 -11.13 3.07
N ILE B 970 -6.51 -10.75 2.07
CA ILE B 970 -7.96 -10.90 2.17
C ILE B 970 -8.34 -12.36 2.31
N SER B 971 -7.49 -13.27 1.84
CA SER B 971 -7.79 -14.70 1.95
C SER B 971 -6.49 -15.49 1.88
N SER B 972 -6.43 -16.57 2.66
CA SER B 972 -5.30 -17.50 2.68
C SER B 972 -5.22 -18.40 1.47
N VAL B 973 -6.25 -18.48 0.64
CA VAL B 973 -6.27 -19.38 -0.51
C VAL B 973 -5.98 -18.59 -1.77
N LEU B 974 -4.90 -18.97 -2.46
CA LEU B 974 -4.45 -18.25 -3.65
C LEU B 974 -5.49 -18.31 -4.76
N ASN B 975 -6.16 -19.46 -4.91
CA ASN B 975 -7.15 -19.59 -5.98
C ASN B 975 -8.33 -18.68 -5.71
N ASP B 976 -8.63 -18.44 -4.43
CA ASP B 976 -9.73 -17.56 -4.08
C ASP B 976 -9.34 -16.12 -4.36
N ILE B 977 -8.06 -15.81 -4.15
CA ILE B 977 -7.56 -14.47 -4.44
C ILE B 977 -7.69 -14.19 -5.93
N LEU B 978 -7.26 -15.15 -6.75
CA LEU B 978 -7.32 -14.98 -8.20
C LEU B 978 -8.76 -14.90 -8.70
N SER B 979 -9.67 -15.70 -8.12
CA SER B 979 -11.06 -15.67 -8.53
C SER B 979 -11.78 -14.39 -8.12
N ARG B 980 -11.58 -13.94 -6.87
CA ARG B 980 -12.34 -12.80 -6.36
C ARG B 980 -11.81 -11.44 -6.83
N LEU B 981 -10.50 -11.28 -6.97
CA LEU B 981 -9.95 -9.97 -7.29
C LEU B 981 -9.33 -9.91 -8.68
N ASP B 982 -9.59 -8.80 -9.36
CA ASP B 982 -8.97 -8.50 -10.64
C ASP B 982 -7.46 -8.31 -10.47
N PRO B 983 -6.68 -8.62 -11.50
CA PRO B 983 -5.20 -8.49 -11.43
C PRO B 983 -4.70 -7.24 -10.73
N PRO B 984 -5.29 -6.06 -10.96
CA PRO B 984 -4.75 -4.86 -10.27
C PRO B 984 -4.83 -4.92 -8.75
N GLU B 985 -5.70 -5.77 -8.18
CA GLU B 985 -5.83 -5.93 -6.75
C GLU B 985 -5.25 -7.26 -6.30
N ALA B 986 -5.42 -8.27 -7.16
CA ALA B 986 -4.91 -9.59 -6.83
C ALA B 986 -3.40 -9.52 -6.70
N GLU B 987 -2.75 -8.73 -7.56
CA GLU B 987 -1.30 -8.61 -7.49
C GLU B 987 -0.86 -8.20 -6.08
N VAL B 988 -1.60 -7.28 -5.46
CA VAL B 988 -1.25 -6.81 -4.12
C VAL B 988 -1.48 -7.90 -3.10
N GLN B 989 -2.62 -8.58 -3.18
CA GLN B 989 -2.90 -9.61 -2.18
C GLN B 989 -1.94 -10.79 -2.33
N ILE B 990 -1.54 -11.08 -3.57
CA ILE B 990 -0.59 -12.14 -3.83
C ILE B 990 0.78 -11.73 -3.30
N ASP B 991 1.17 -10.48 -3.52
CA ASP B 991 2.46 -10.02 -3.01
C ASP B 991 2.50 -10.16 -1.49
N ARG B 992 1.38 -9.89 -0.82
CA ARG B 992 1.38 -10.07 0.64
C ARG B 992 1.53 -11.54 1.00
N LEU B 993 0.83 -12.43 0.28
CA LEU B 993 0.98 -13.87 0.57
C LEU B 993 2.38 -14.38 0.24
N ILE B 994 2.98 -13.88 -0.85
CA ILE B 994 4.32 -14.31 -1.22
C ILE B 994 5.32 -13.87 -0.16
N THR B 995 5.23 -12.62 0.30
CA THR B 995 6.17 -12.15 1.31
C THR B 995 6.03 -12.98 2.58
N GLY B 996 4.78 -13.23 3.00
CA GLY B 996 4.58 -14.01 4.22
C GLY B 996 5.12 -15.42 4.10
N ARG B 997 4.79 -16.11 3.01
CA ARG B 997 5.23 -17.49 2.83
C ARG B 997 6.74 -17.58 2.64
N LEU B 998 7.33 -16.59 1.95
CA LEU B 998 8.78 -16.61 1.80
C LEU B 998 9.47 -16.40 3.14
N GLN B 999 8.95 -15.49 3.97
CA GLN B 999 9.54 -15.29 5.28
C GLN B 999 9.42 -16.55 6.12
N SER B 1000 8.28 -17.24 6.02
CA SER B 1000 8.08 -18.49 6.76
C SER B 1000 9.07 -19.55 6.30
N LEU B 1001 9.26 -19.66 4.98
CA LEU B 1001 10.20 -20.65 4.45
C LEU B 1001 11.63 -20.30 4.86
N GLN B 1002 11.93 -19.00 4.89
CA GLN B 1002 13.28 -18.56 5.32
C GLN B 1002 13.48 -19.03 6.76
N THR B 1003 12.47 -18.81 7.60
CA THR B 1003 12.59 -19.19 9.03
C THR B 1003 12.78 -20.70 9.12
N TYR B 1004 12.01 -21.46 8.34
CA TYR B 1004 12.10 -22.93 8.45
C TYR B 1004 13.51 -23.39 8.07
N VAL B 1005 14.04 -22.83 6.99
CA VAL B 1005 15.40 -23.25 6.52
C VAL B 1005 16.43 -22.86 7.58
N THR B 1006 16.28 -21.66 8.15
CA THR B 1006 17.25 -21.19 9.18
C THR B 1006 17.19 -22.13 10.37
N GLN B 1007 15.98 -22.52 10.78
CA GLN B 1007 15.83 -23.44 11.95
C GLN B 1007 16.50 -24.77 11.60
N GLN B 1008 16.32 -25.23 10.36
CA GLN B 1008 16.92 -26.53 9.95
C GLN B 1008 18.44 -26.41 9.96
N LEU B 1009 18.99 -25.33 9.40
CA LEU B 1009 20.45 -25.22 9.33
C LEU B 1009 21.03 -25.27 10.75
N ILE B 1010 20.36 -24.65 11.70
CA ILE B 1010 20.86 -24.68 13.08
C ILE B 1010 20.76 -26.09 13.64
N ARG B 1011 19.59 -26.71 13.47
CA ARG B 1011 19.39 -28.08 13.98
C ARG B 1011 20.44 -29.00 13.35
N ALA B 1012 20.71 -28.79 12.05
CA ALA B 1012 21.68 -29.64 11.34
C ALA B 1012 23.06 -29.48 11.96
N ALA B 1013 23.42 -28.26 12.34
CA ALA B 1013 24.75 -28.01 12.92
C ALA B 1013 24.88 -28.79 14.23
N GLU B 1014 23.81 -28.78 15.04
CA GLU B 1014 23.84 -29.54 16.31
C GLU B 1014 23.96 -31.03 16.00
N ILE B 1015 23.23 -31.50 14.99
CA ILE B 1015 23.27 -32.94 14.62
C ILE B 1015 24.69 -33.27 14.15
N ARG B 1016 25.31 -32.39 13.37
CA ARG B 1016 26.69 -32.65 12.85
C ARG B 1016 27.66 -32.70 14.04
N ALA B 1017 27.51 -31.78 14.99
CA ALA B 1017 28.39 -31.80 16.18
C ALA B 1017 28.19 -33.14 16.89
N SER B 1018 26.94 -33.58 16.99
CA SER B 1018 26.65 -34.86 17.63
C SER B 1018 27.26 -36.02 16.83
N ALA B 1019 27.14 -35.96 15.51
CA ALA B 1019 27.72 -37.00 14.65
C ALA B 1019 29.23 -37.04 14.78
N ASN B 1020 29.87 -35.87 14.90
CA ASN B 1020 31.32 -35.85 15.06
C ASN B 1020 31.70 -36.48 16.38
N LEU B 1021 30.90 -36.22 17.41
CA LEU B 1021 31.16 -36.86 18.70
C LEU B 1021 30.97 -38.36 18.59
N ALA B 1022 29.90 -38.79 17.92
CA ALA B 1022 29.64 -40.22 17.77
C ALA B 1022 30.73 -40.91 16.98
N ALA B 1023 31.26 -40.25 15.94
CA ALA B 1023 32.32 -40.86 15.14
C ALA B 1023 33.60 -40.96 15.95
N THR B 1024 33.92 -39.91 16.71
CA THR B 1024 35.09 -39.96 17.55
C THR B 1024 34.91 -41.04 18.61
N LYS B 1025 33.71 -41.13 19.18
CA LYS B 1025 33.39 -42.09 20.24
C LYS B 1025 33.56 -43.50 19.76
N MET B 1026 33.08 -43.82 18.56
CA MET B 1026 33.26 -45.18 18.02
C MET B 1026 34.74 -45.45 17.77
N SER B 1027 35.45 -44.48 17.17
CA SER B 1027 36.85 -44.74 16.87
C SER B 1027 37.65 -45.02 18.13
N GLU B 1028 37.41 -44.26 19.18
CA GLU B 1028 38.20 -44.39 20.41
C GLU B 1028 37.63 -45.40 21.39
N CYS B 1029 36.33 -45.66 21.38
CA CYS B 1029 35.69 -46.58 22.32
C CYS B 1029 35.49 -47.98 21.76
N VAL B 1030 35.30 -48.10 20.45
CA VAL B 1030 35.00 -49.38 19.81
C VAL B 1030 36.22 -49.98 19.14
N LEU B 1031 36.98 -49.16 18.40
CA LEU B 1031 38.12 -49.67 17.66
C LEU B 1031 39.40 -49.63 18.48
N GLY B 1032 39.28 -49.35 19.77
CA GLY B 1032 40.44 -49.28 20.63
C GLY B 1032 39.99 -49.29 22.07
N GLN B 1033 40.89 -48.83 22.94
CA GLN B 1033 40.59 -48.71 24.36
C GLN B 1033 40.95 -47.29 24.77
N SER B 1034 39.99 -46.63 25.41
CA SER B 1034 40.13 -45.24 25.80
C SER B 1034 40.71 -45.06 27.19
N LYS B 1035 41.55 -44.02 27.32
CA LYS B 1035 42.11 -43.58 28.59
C LYS B 1035 41.57 -42.22 28.99
N ARG B 1036 40.56 -41.72 28.29
CA ARG B 1036 39.94 -40.45 28.57
C ARG B 1036 38.83 -40.73 29.57
N VAL B 1037 38.95 -40.13 30.75
CA VAL B 1037 38.03 -40.42 31.85
C VAL B 1037 36.64 -39.95 31.48
N ASP B 1038 35.65 -40.82 31.68
CA ASP B 1038 34.23 -40.58 31.41
C ASP B 1038 33.94 -40.30 29.94
N PHE B 1039 34.89 -40.55 29.05
CA PHE B 1039 34.60 -40.40 27.63
C PHE B 1039 33.75 -41.56 27.13
N CYS B 1040 34.08 -42.78 27.56
CA CYS B 1040 33.41 -43.99 27.13
C CYS B 1040 32.65 -44.57 28.33
N GLY B 1041 31.93 -43.73 29.05
CA GLY B 1041 31.15 -44.16 30.19
C GLY B 1041 31.92 -44.04 31.50
N LYS B 1042 31.19 -44.23 32.59
CA LYS B 1042 31.78 -44.11 33.93
C LYS B 1042 32.56 -45.37 34.27
N GLY B 1043 33.72 -45.17 34.87
CA GLY B 1043 34.59 -46.27 35.25
C GLY B 1043 35.79 -46.34 34.32
N TYR B 1044 36.55 -47.42 34.46
CA TYR B 1044 37.75 -47.60 33.67
C TYR B 1044 37.34 -48.39 32.43
N HIS B 1045 37.42 -47.74 31.27
CA HIS B 1045 36.92 -48.33 30.04
C HIS B 1045 37.66 -49.60 29.68
N LEU B 1046 36.89 -50.63 29.35
CA LEU B 1046 37.41 -51.90 28.85
C LEU B 1046 37.13 -52.06 27.36
N MET B 1047 35.88 -51.84 26.96
CA MET B 1047 35.47 -51.99 25.56
C MET B 1047 34.08 -51.40 25.41
N SER B 1048 33.61 -51.35 24.17
CA SER B 1048 32.24 -50.93 23.93
C SER B 1048 31.73 -51.67 22.71
N PHE B 1049 30.42 -51.73 22.58
CA PHE B 1049 29.78 -52.39 21.44
C PHE B 1049 28.74 -51.47 20.81
N PRO B 1050 28.89 -51.13 19.53
CA PRO B 1050 27.88 -50.31 18.87
C PRO B 1050 26.63 -51.12 18.55
N GLN B 1051 25.50 -50.44 18.56
CA GLN B 1051 24.23 -50.98 18.12
C GLN B 1051 23.57 -49.90 17.28
N SER B 1052 22.87 -50.31 16.23
CA SER B 1052 22.21 -49.30 15.42
C SER B 1052 20.89 -48.92 16.06
N ALA B 1053 20.39 -47.73 15.70
CA ALA B 1053 19.08 -47.29 16.15
C ALA B 1053 18.53 -46.37 15.09
N PRO B 1054 17.22 -46.16 15.06
CA PRO B 1054 16.66 -45.19 14.11
C PRO B 1054 17.33 -43.85 14.27
N HIS B 1055 17.88 -43.35 13.16
CA HIS B 1055 18.56 -42.06 13.11
C HIS B 1055 19.69 -41.92 14.13
N GLY B 1056 20.29 -43.01 14.58
CA GLY B 1056 21.35 -42.83 15.55
C GLY B 1056 22.08 -44.10 15.91
N VAL B 1057 22.99 -43.96 16.87
CA VAL B 1057 23.83 -45.07 17.32
C VAL B 1057 23.79 -45.16 18.84
N VAL B 1058 23.79 -46.39 19.34
CA VAL B 1058 23.74 -46.68 20.76
C VAL B 1058 25.02 -47.44 21.13
N PHE B 1059 25.73 -46.95 22.13
CA PHE B 1059 26.96 -47.58 22.57
C PHE B 1059 26.75 -48.25 23.90
N LEU B 1060 27.12 -49.53 23.97
CA LEU B 1060 27.10 -50.27 25.23
C LEU B 1060 28.53 -50.25 25.75
N HIS B 1061 28.77 -49.51 26.83
CA HIS B 1061 30.11 -49.33 27.34
C HIS B 1061 30.37 -50.30 28.47
N VAL B 1062 31.42 -51.09 28.31
CA VAL B 1062 31.87 -52.11 29.25
C VAL B 1062 33.07 -51.51 29.97
N THR B 1063 32.92 -51.28 31.29
CA THR B 1063 33.92 -50.62 32.12
C THR B 1063 34.25 -51.41 33.38
N TYR B 1064 35.48 -51.24 33.87
CA TYR B 1064 35.92 -51.83 35.13
C TYR B 1064 35.67 -50.84 36.27
N VAL B 1065 34.95 -51.28 37.31
CA VAL B 1065 34.63 -50.44 38.45
C VAL B 1065 35.02 -51.09 39.78
N PRO B 1066 35.88 -50.44 40.56
CA PRO B 1066 36.21 -50.92 41.92
C PRO B 1066 34.96 -51.05 42.79
N ALA B 1067 34.88 -52.13 43.57
CA ALA B 1067 33.65 -52.33 44.35
C ALA B 1067 33.82 -52.37 45.87
N GLN B 1068 34.80 -53.09 46.42
CA GLN B 1068 34.87 -53.31 47.88
C GLN B 1068 36.26 -52.97 48.39
N GLU B 1069 36.53 -51.69 48.68
CA GLU B 1069 37.88 -51.37 49.11
C GLU B 1069 38.17 -51.71 50.56
N LYS B 1070 39.45 -52.02 50.83
CA LYS B 1070 39.93 -52.21 52.19
C LYS B 1070 41.18 -51.42 52.53
N ASN B 1071 41.26 -51.12 53.81
CA ASN B 1071 42.30 -50.42 54.55
C ASN B 1071 43.33 -51.49 54.94
N PHE B 1072 44.54 -51.45 54.36
CA PHE B 1072 45.63 -52.42 54.57
C PHE B 1072 46.87 -51.82 55.22
N THR B 1073 47.79 -52.64 55.98
CA THR B 1073 48.77 -51.55 56.28
C THR B 1073 49.85 -51.31 55.21
N THR B 1074 50.15 -49.92 54.98
CA THR B 1074 51.05 -49.17 54.01
C THR B 1074 52.03 -48.10 54.56
N ALA B 1075 52.97 -47.66 53.67
CA ALA B 1075 54.04 -46.63 53.76
C ALA B 1075 54.50 -46.09 52.40
N PRO B 1076 54.96 -44.81 52.30
CA PRO B 1076 55.48 -44.34 51.00
C PRO B 1076 56.78 -45.00 50.52
N ALA B 1077 57.60 -45.59 51.41
CA ALA B 1077 58.87 -46.21 51.01
C ALA B 1077 59.32 -47.13 52.15
N ILE B 1078 60.21 -48.08 51.81
CA ILE B 1078 60.84 -48.97 52.79
C ILE B 1078 62.34 -48.72 52.98
N CYS B 1079 62.77 -48.64 54.25
CA CYS B 1079 64.17 -48.48 54.64
C CYS B 1079 64.83 -49.83 54.98
N HIS B 1080 65.91 -50.20 54.27
CA HIS B 1080 66.55 -51.49 54.53
C HIS B 1080 67.94 -51.42 55.15
N ASP B 1081 68.96 -51.17 54.34
CA ASP B 1081 70.32 -51.04 54.85
C ASP B 1081 70.72 -49.58 54.89
N GLY B 1082 69.73 -48.71 55.01
CA GLY B 1082 69.91 -47.28 54.94
C GLY B 1082 69.47 -46.79 53.59
N LYS B 1083 69.21 -47.73 52.69
CA LYS B 1083 68.73 -47.50 51.35
C LYS B 1083 67.22 -47.33 51.40
N ALA B 1084 66.70 -46.46 50.54
CA ALA B 1084 65.26 -46.22 50.44
C ALA B 1084 64.72 -47.03 49.28
N HIS B 1085 63.84 -47.97 49.56
CA HIS B 1085 63.27 -48.85 48.55
C HIS B 1085 61.88 -48.37 48.18
N PHE B 1086 61.72 -47.97 46.92
CA PHE B 1086 60.42 -47.41 46.45
C PHE B 1086 59.68 -48.50 45.69
N PRO B 1087 58.36 -48.64 45.88
CA PRO B 1087 57.62 -49.71 45.22
C PRO B 1087 57.58 -49.51 43.71
N ARG B 1088 57.74 -50.61 42.95
CA ARG B 1088 57.58 -50.49 41.47
C ARG B 1088 56.14 -50.93 41.19
N GLU B 1089 55.32 -50.02 40.67
CA GLU B 1089 53.90 -50.34 40.38
C GLU B 1089 53.19 -50.88 41.63
N GLY B 1090 53.38 -50.26 42.80
CA GLY B 1090 52.78 -50.87 44.00
C GLY B 1090 52.55 -49.99 45.22
N VAL B 1091 51.86 -50.52 46.24
CA VAL B 1091 51.64 -49.82 47.54
C VAL B 1091 51.89 -50.90 48.61
N PHE B 1092 52.12 -50.46 49.83
CA PHE B 1092 52.48 -51.43 50.88
C PHE B 1092 51.21 -51.91 51.56
N VAL B 1093 51.09 -53.22 51.75
CA VAL B 1093 49.85 -53.78 52.34
C VAL B 1093 50.27 -54.81 53.40
N SER B 1094 49.59 -54.86 54.54
CA SER B 1094 49.91 -55.91 55.56
C SER B 1094 48.67 -56.37 56.33
N ASN B 1095 48.46 -57.68 56.45
CA ASN B 1095 47.36 -58.18 57.33
C ASN B 1095 47.75 -57.76 58.75
N GLY B 1096 49.03 -57.87 59.08
CA GLY B 1096 49.54 -57.42 60.40
C GLY B 1096 50.68 -56.45 60.18
N THR B 1097 51.88 -56.82 60.62
CA THR B 1097 53.06 -55.97 60.35
C THR B 1097 53.90 -56.57 59.22
N HIS B 1098 53.48 -57.71 58.65
CA HIS B 1098 54.22 -58.33 57.51
C HIS B 1098 53.99 -57.47 56.27
N TRP B 1099 54.99 -56.68 55.84
CA TRP B 1099 54.71 -55.73 54.76
C TRP B 1099 54.89 -56.39 53.38
N PHE B 1100 53.98 -56.05 52.46
CA PHE B 1100 53.80 -56.53 51.11
C PHE B 1100 53.65 -55.37 50.13
N VAL B 1101 53.85 -55.65 48.85
CA VAL B 1101 53.61 -54.71 47.75
C VAL B 1101 52.52 -55.27 46.84
N THR B 1102 51.56 -54.42 46.46
CA THR B 1102 50.45 -54.85 45.63
C THR B 1102 50.06 -53.77 44.63
N GLN B 1103 49.47 -54.22 43.52
CA GLN B 1103 48.98 -53.36 42.46
C GLN B 1103 47.93 -52.36 42.93
N ARG B 1104 48.07 -51.15 42.41
CA ARG B 1104 47.27 -50.00 42.82
C ARG B 1104 45.77 -50.22 42.72
N ASN B 1105 45.31 -50.86 41.64
CA ASN B 1105 43.88 -50.99 41.38
C ASN B 1105 43.28 -52.34 41.79
N PHE B 1106 44.00 -53.19 42.51
CA PHE B 1106 43.42 -54.47 42.90
C PHE B 1106 44.24 -55.12 44.00
N TYR B 1107 43.62 -55.41 45.13
CA TYR B 1107 44.35 -55.92 46.29
C TYR B 1107 44.78 -57.35 46.07
N GLU B 1108 46.08 -57.56 46.05
CA GLU B 1108 46.69 -58.86 45.86
C GLU B 1108 48.09 -58.82 46.45
N PRO B 1109 48.20 -58.94 47.77
CA PRO B 1109 49.46 -58.60 48.45
C PRO B 1109 50.57 -59.57 48.06
N GLN B 1110 51.73 -59.02 47.72
CA GLN B 1110 52.89 -59.83 47.38
C GLN B 1110 53.98 -59.59 48.41
N ILE B 1111 54.90 -60.54 48.54
CA ILE B 1111 56.03 -60.33 49.42
C ILE B 1111 56.93 -59.25 48.84
N ILE B 1112 57.41 -58.35 49.70
CA ILE B 1112 58.27 -57.28 49.24
C ILE B 1112 59.66 -57.86 49.00
N THR B 1113 60.11 -57.77 47.76
CA THR B 1113 61.38 -58.35 47.35
C THR B 1113 62.16 -57.35 46.53
N THR B 1114 63.42 -57.67 46.28
CA THR B 1114 64.27 -56.81 45.47
C THR B 1114 63.88 -56.85 44.00
N ASP B 1115 63.01 -57.78 43.60
CA ASP B 1115 62.57 -57.91 42.22
C ASP B 1115 61.32 -57.10 41.90
N ASN B 1116 60.72 -56.43 42.89
CA ASN B 1116 59.54 -55.62 42.66
C ASN B 1116 59.70 -54.23 43.24
N THR B 1117 60.91 -53.85 43.65
CA THR B 1117 61.24 -52.53 44.16
C THR B 1117 62.51 -52.04 43.48
N PHE B 1118 62.82 -50.77 43.69
CA PHE B 1118 64.05 -50.15 43.21
C PHE B 1118 64.58 -49.23 44.30
N VAL B 1119 65.87 -48.94 44.25
CA VAL B 1119 66.53 -48.16 45.29
C VAL B 1119 66.98 -46.82 44.72
N SER B 1120 66.69 -45.75 45.48
CA SER B 1120 67.13 -44.40 45.14
C SER B 1120 67.19 -43.59 46.42
N GLY B 1121 68.28 -42.83 46.58
CA GLY B 1121 68.43 -41.99 47.76
C GLY B 1121 68.71 -42.82 49.00
N ASN B 1122 68.27 -42.31 50.14
CA ASN B 1122 68.52 -42.97 51.42
C ASN B 1122 67.43 -42.62 52.41
N CYS B 1123 67.51 -43.25 53.58
CA CYS B 1123 66.53 -43.16 54.64
C CYS B 1123 66.47 -41.77 55.30
N ASP B 1124 67.43 -40.89 55.07
CA ASP B 1124 67.38 -39.58 55.70
C ASP B 1124 66.69 -38.52 54.84
N VAL B 1125 66.26 -38.87 53.63
CA VAL B 1125 65.63 -37.93 52.71
C VAL B 1125 64.12 -38.16 52.61
N VAL B 1126 63.71 -39.43 52.47
CA VAL B 1126 62.33 -39.83 52.29
C VAL B 1126 61.56 -39.68 53.60
N ILE B 1127 60.37 -39.07 53.51
CA ILE B 1127 59.55 -38.82 54.68
C ILE B 1127 58.73 -40.06 55.08
N GLY B 1128 58.72 -40.35 56.39
CA GLY B 1128 57.87 -41.44 56.88
C GLY B 1128 58.25 -42.77 56.26
N ILE B 1129 59.50 -42.87 55.79
CA ILE B 1129 59.94 -44.18 55.27
C ILE B 1129 59.89 -45.14 56.45
N VAL B 1130 59.25 -46.30 56.27
CA VAL B 1130 59.10 -47.24 57.42
C VAL B 1130 60.43 -47.94 57.61
N ASN B 1131 60.90 -48.17 58.85
CA ASN B 1131 62.13 -49.00 59.05
C ASN B 1131 61.71 -50.47 58.92
N ASN B 1132 61.69 -51.03 57.70
CA ASN B 1132 61.17 -52.42 57.52
C ASN B 1132 62.11 -53.28 56.65
N THR B 1133 62.11 -54.60 56.83
CA THR B 1133 63.02 -55.51 56.09
C THR B 1133 62.58 -55.69 54.63
N VAL B 1134 63.54 -55.91 53.71
CA VAL B 1134 63.20 -56.19 52.29
C VAL B 1134 63.79 -57.56 51.94
N TYR B 1135 62.98 -58.50 51.44
CA TYR B 1135 63.46 -59.86 51.11
C TYR B 1135 64.29 -59.84 49.83
N ASP B 1136 65.29 -60.74 49.73
CA ASP B 1136 66.09 -60.85 48.48
C ASP B 1136 65.96 -62.28 47.96
N PRO B 1137 65.56 -62.51 46.69
CA PRO B 1137 65.38 -63.86 46.16
C PRO B 1137 66.70 -64.59 45.83
N LEU B 1138 67.84 -64.09 46.31
CA LEU B 1138 69.11 -64.71 45.95
C LEU B 1138 69.81 -65.31 47.15
N GLN B 1139 69.70 -64.67 48.31
CA GLN B 1139 70.46 -65.15 49.46
C GLN B 1139 69.88 -66.48 49.92
N PRO B 1140 68.55 -66.63 50.12
CA PRO B 1140 68.01 -67.95 50.40
C PRO B 1140 68.39 -68.98 49.35
N GLU B 1141 68.43 -68.59 48.06
CA GLU B 1141 68.80 -69.59 47.07
C GLU B 1141 70.30 -69.90 47.11
N LEU B 1142 71.13 -68.87 47.23
CA LEU B 1142 72.58 -69.08 47.21
C LEU B 1142 73.26 -68.23 48.29
N ALA C 27 38.86 40.89 17.72
CA ALA C 27 39.55 39.86 18.49
C ALA C 27 38.72 38.59 18.56
N TYR C 28 39.40 37.45 18.70
CA TYR C 28 38.76 36.16 18.81
C TYR C 28 39.38 35.38 19.96
N THR C 29 38.62 34.45 20.53
CA THR C 29 39.19 33.58 21.54
C THR C 29 38.72 32.14 21.35
N ASN C 30 39.30 31.29 22.20
CA ASN C 30 39.10 29.85 22.25
C ASN C 30 37.98 29.49 23.22
N SER C 31 36.91 28.88 22.71
CA SER C 31 35.79 28.51 23.55
C SER C 31 36.11 27.35 24.49
N PHE C 32 37.20 26.63 24.25
CA PHE C 32 37.59 25.48 25.06
C PHE C 32 36.44 24.49 25.20
N THR C 33 35.98 24.24 26.43
CA THR C 33 34.94 23.26 26.66
C THR C 33 33.66 23.91 27.20
N ARG C 34 33.50 25.20 27.02
CA ARG C 34 32.32 25.92 27.45
C ARG C 34 31.23 25.83 26.39
N GLY C 35 29.99 26.07 26.80
CA GLY C 35 28.88 26.13 25.88
C GLY C 35 27.94 24.94 25.88
N VAL C 36 28.11 24.01 26.79
CA VAL C 36 27.22 22.86 26.93
C VAL C 36 26.03 23.24 27.81
N TYR C 37 24.84 22.76 27.43
CA TYR C 37 23.62 23.02 28.16
C TYR C 37 22.80 21.74 28.20
N TYR C 38 21.87 21.67 29.14
CA TYR C 38 21.02 20.49 29.26
C TYR C 38 20.04 20.41 28.09
N PRO C 39 20.16 19.43 27.20
CA PRO C 39 19.29 19.38 26.01
C PRO C 39 17.81 19.41 26.33
N ASP C 40 17.39 18.80 27.43
CA ASP C 40 15.98 18.73 27.77
C ASP C 40 15.81 18.66 29.28
N LYS C 41 14.55 18.60 29.71
CA LYS C 41 14.18 18.56 31.13
C LYS C 41 14.02 17.12 31.60
N VAL C 42 15.03 16.29 31.40
CA VAL C 42 14.96 14.86 31.71
C VAL C 42 16.10 14.50 32.67
N PHE C 43 15.75 13.80 33.74
CA PHE C 43 16.74 13.34 34.70
C PHE C 43 17.41 12.06 34.22
N ARG C 44 18.74 12.05 34.22
CA ARG C 44 19.48 10.87 33.83
C ARG C 44 20.58 10.67 34.86
N SER C 45 20.78 9.41 35.28
CA SER C 45 21.73 9.10 36.34
C SER C 45 22.78 8.11 35.86
N SER C 46 24.05 8.50 35.94
CA SER C 46 25.18 7.63 35.60
C SER C 46 24.99 6.95 34.24
N VAL C 47 24.59 7.74 33.25
CA VAL C 47 24.38 7.22 31.91
C VAL C 47 25.09 8.14 30.94
N LEU C 48 25.58 7.58 29.85
CA LEU C 48 26.16 8.36 28.78
C LEU C 48 25.08 8.57 27.73
N HIS C 49 24.71 9.81 27.49
CA HIS C 49 23.61 10.06 26.57
C HIS C 49 24.11 10.75 25.29
N SER C 50 23.78 10.17 24.14
CA SER C 50 24.17 10.71 22.85
C SER C 50 23.00 11.49 22.27
N THR C 51 23.20 12.77 21.99
CA THR C 51 22.12 13.60 21.46
C THR C 51 22.68 14.58 20.44
N GLN C 52 21.88 14.92 19.44
CA GLN C 52 22.25 15.92 18.44
C GLN C 52 21.39 17.17 18.58
N ASP C 53 22.04 18.32 18.72
CA ASP C 53 21.36 19.60 18.89
C ASP C 53 22.33 20.71 18.51
N LEU C 54 21.86 21.95 18.63
CA LEU C 54 22.70 23.11 18.35
C LEU C 54 23.55 23.41 19.58
N PHE C 55 24.85 23.18 19.47
CA PHE C 55 25.79 23.37 20.56
C PHE C 55 26.98 24.18 20.07
N LEU C 56 27.67 24.81 21.01
CA LEU C 56 28.90 25.51 20.70
C LEU C 56 30.03 24.49 20.57
N PRO C 57 30.69 24.39 19.42
CA PRO C 57 31.75 23.39 19.25
C PRO C 57 32.89 23.61 20.24
N PHE C 58 33.51 22.52 20.68
CA PHE C 58 34.59 22.67 21.64
C PHE C 58 35.79 23.32 20.95
N PHE C 59 36.44 24.23 21.68
CA PHE C 59 37.59 24.98 21.18
C PHE C 59 37.21 25.79 19.96
N SER C 60 35.92 26.11 19.85
CA SER C 60 35.42 26.92 18.75
C SER C 60 35.88 28.36 18.88
N ASN C 61 35.77 29.06 17.75
CA ASN C 61 36.12 30.46 17.63
C ASN C 61 34.99 31.41 17.96
N VAL C 62 35.12 32.13 19.09
CA VAL C 62 34.06 33.04 19.48
C VAL C 62 34.66 34.43 19.49
N THR C 63 33.84 35.42 19.13
CA THR C 63 34.35 36.77 18.98
C THR C 63 34.37 37.50 20.31
N TRP C 64 35.48 38.19 20.57
CA TRP C 64 35.67 38.95 21.80
C TRP C 64 35.49 40.44 21.51
N PHE C 65 34.42 41.02 22.07
CA PHE C 65 34.06 42.41 21.88
C PHE C 65 34.42 43.19 23.13
N HIS C 66 34.87 44.43 22.95
CA HIS C 66 35.17 45.29 24.08
C HIS C 66 34.18 46.44 24.18
N ASP C 80 32.07 49.33 23.43
CA ASP C 80 31.31 49.30 22.19
C ASP C 80 30.15 48.31 22.26
N ASN C 81 29.37 48.29 21.17
CA ASN C 81 28.21 47.45 20.99
C ASN C 81 27.61 47.63 19.60
N PRO C 82 28.26 47.07 18.58
CA PRO C 82 27.72 47.12 17.22
C PRO C 82 26.58 46.12 17.06
N VAL C 83 25.87 46.25 15.95
CA VAL C 83 24.83 45.29 15.66
C VAL C 83 25.49 44.05 15.08
N LEU C 84 25.20 42.90 15.66
CA LEU C 84 25.79 41.64 15.28
C LEU C 84 24.75 40.70 14.67
N PRO C 85 25.16 39.82 13.77
CA PRO C 85 24.21 38.86 13.20
C PRO C 85 23.82 37.79 14.22
N PHE C 86 22.62 37.24 14.02
CA PHE C 86 22.10 36.13 14.80
C PHE C 86 21.79 35.01 13.81
N ASN C 87 22.48 33.88 13.94
CA ASN C 87 22.32 32.86 12.92
C ASN C 87 21.36 31.75 13.35
N ASP C 88 21.90 30.64 13.85
CA ASP C 88 21.09 29.54 14.33
C ASP C 88 20.71 29.72 15.79
N GLY C 89 21.56 30.41 16.52
CA GLY C 89 21.39 30.72 17.93
C GLY C 89 22.65 31.40 18.38
N VAL C 90 22.59 32.01 19.55
CA VAL C 90 23.74 32.78 20.01
C VAL C 90 24.17 32.37 21.40
N TYR C 91 25.49 32.20 21.56
CA TYR C 91 26.13 32.00 22.84
C TYR C 91 26.66 33.35 23.27
N PHE C 92 26.37 33.75 24.50
CA PHE C 92 26.83 35.03 24.98
C PHE C 92 27.53 34.80 26.30
N ALA C 93 28.64 35.50 26.53
CA ALA C 93 29.27 35.41 27.83
C ALA C 93 29.89 36.74 28.20
N SER C 94 29.93 36.99 29.51
CA SER C 94 30.56 38.21 30.00
C SER C 94 31.19 37.94 31.35
N THR C 95 32.18 38.75 31.69
CA THR C 95 32.92 38.64 32.94
C THR C 95 32.90 40.05 33.51
N GLU C 96 31.75 40.45 34.03
CA GLU C 96 31.60 41.79 34.57
C GLU C 96 31.40 41.82 36.08
N LYS C 97 32.09 42.75 36.73
CA LYS C 97 31.91 43.01 38.15
C LYS C 97 31.01 44.21 38.40
N SER C 98 30.88 45.12 37.44
CA SER C 98 30.04 46.30 37.55
C SER C 98 28.67 46.16 36.88
N ASN C 99 28.36 44.99 36.31
CA ASN C 99 27.07 44.75 35.65
C ASN C 99 26.75 45.83 34.61
N ILE C 100 27.69 46.07 33.70
CA ILE C 100 27.48 47.09 32.69
C ILE C 100 26.50 46.59 31.61
N ILE C 101 26.69 45.36 31.15
CA ILE C 101 25.83 44.78 30.12
C ILE C 101 24.64 44.13 30.84
N ARG C 102 23.41 44.58 30.55
CA ARG C 102 22.27 44.06 31.32
C ARG C 102 20.98 44.04 30.49
N GLY C 103 21.09 43.65 29.23
CA GLY C 103 19.90 43.58 28.42
C GLY C 103 20.23 43.21 26.99
N TRP C 104 19.17 42.93 26.23
CA TRP C 104 19.33 42.55 24.84
C TRP C 104 18.11 42.98 24.03
N ILE C 105 18.35 43.16 22.74
CA ILE C 105 17.33 43.39 21.72
C ILE C 105 17.42 42.29 20.69
N PHE C 106 16.30 41.65 20.40
CA PHE C 106 16.25 40.60 19.38
C PHE C 106 15.15 40.93 18.40
N GLY C 107 15.42 40.70 17.12
CA GLY C 107 14.41 40.91 16.10
C GLY C 107 15.03 40.90 14.70
N THR C 108 14.31 41.53 13.78
CA THR C 108 14.75 41.62 12.38
C THR C 108 15.00 43.06 11.96
N THR C 109 13.97 43.90 11.95
CA THR C 109 14.08 45.28 11.49
C THR C 109 14.57 46.23 12.57
N LEU C 110 14.13 46.03 13.81
CA LEU C 110 14.52 46.85 14.96
C LEU C 110 14.25 48.33 14.71
N ASP C 111 13.19 48.64 13.97
CA ASP C 111 12.87 50.03 13.65
C ASP C 111 11.37 50.33 13.72
N SER C 112 10.58 49.48 14.40
CA SER C 112 9.13 49.55 14.61
C SER C 112 8.36 48.87 13.48
N LYS C 113 9.03 48.43 12.42
CA LYS C 113 8.31 47.76 11.34
C LYS C 113 7.80 46.38 11.75
N THR C 114 8.57 45.68 12.59
CA THR C 114 8.19 44.30 13.00
C THR C 114 8.23 44.16 14.52
N GLN C 115 7.55 43.15 15.07
CA GLN C 115 7.59 42.91 16.53
C GLN C 115 9.00 42.49 16.92
N SER C 116 9.50 42.98 18.06
CA SER C 116 10.88 42.66 18.51
C SER C 116 10.87 42.36 20.01
N LEU C 117 11.85 41.58 20.49
CA LEU C 117 11.89 41.21 21.92
C LEU C 117 12.94 42.09 22.63
N LEU C 118 12.54 42.77 23.70
CA LEU C 118 13.49 43.61 24.47
C LEU C 118 13.56 43.08 25.90
N ILE C 119 14.76 42.74 26.38
CA ILE C 119 14.88 42.10 27.72
C ILE C 119 15.73 42.99 28.62
N VAL C 120 15.32 44.26 28.78
CA VAL C 120 16.06 45.20 29.67
C VAL C 120 15.84 44.77 31.12
N ASN C 121 16.86 44.94 31.97
CA ASN C 121 16.68 44.64 33.42
C ASN C 121 16.61 45.98 34.17
N ASN C 122 15.49 46.24 34.86
CA ASN C 122 15.36 47.49 35.67
C ASN C 122 15.39 47.09 37.14
N ALA C 123 16.38 47.59 37.89
CA ALA C 123 16.50 47.23 39.33
C ALA C 123 16.54 45.71 39.44
N THR C 124 15.72 45.13 40.33
CA THR C 124 15.65 43.65 40.45
C THR C 124 14.53 43.10 39.56
N ASN C 125 13.76 43.97 38.92
CA ASN C 125 12.61 43.52 38.10
C ASN C 125 13.03 43.36 36.63
N VAL C 126 13.45 42.15 36.24
CA VAL C 126 13.84 41.91 34.86
C VAL C 126 12.56 41.83 34.05
N VAL C 127 12.48 42.63 33.00
CA VAL C 127 11.28 42.71 32.19
C VAL C 127 11.56 42.14 30.81
N ILE C 128 10.74 41.18 30.41
CA ILE C 128 10.81 40.61 29.07
C ILE C 128 9.57 41.11 28.35
N LYS C 129 9.78 41.88 27.28
CA LYS C 129 8.64 42.49 26.60
C LYS C 129 8.78 42.35 25.11
N VAL C 130 7.71 41.95 24.44
CA VAL C 130 7.70 41.82 23.00
C VAL C 130 6.69 42.81 22.44
N CYS C 131 7.19 43.75 21.64
CA CYS C 131 6.38 44.81 21.05
C CYS C 131 7.00 45.23 19.74
N GLU C 132 6.28 46.05 18.99
CA GLU C 132 6.79 46.67 17.78
C GLU C 132 7.52 47.92 18.22
N PHE C 133 8.71 47.68 18.76
CA PHE C 133 9.53 48.74 19.31
C PHE C 133 10.16 49.51 18.16
N GLN C 134 10.25 50.82 18.32
CA GLN C 134 10.97 51.67 17.38
C GLN C 134 12.25 51.98 18.12
N PHE C 135 13.28 51.22 17.81
CA PHE C 135 14.52 51.29 18.57
C PHE C 135 15.36 52.45 18.12
N CYS C 136 16.19 52.93 19.05
CA CYS C 136 17.18 53.94 18.74
C CYS C 136 18.23 53.35 17.82
N ASN C 137 18.86 54.21 17.03
CA ASN C 137 19.90 53.75 16.12
C ASN C 137 21.17 53.43 16.88
N ASP C 138 21.17 53.77 18.17
CA ASP C 138 22.28 53.48 19.07
C ASP C 138 21.66 53.36 20.46
N PRO C 139 20.91 52.27 20.69
CA PRO C 139 20.16 52.16 21.94
C PRO C 139 21.07 51.95 23.12
N PHE C 140 20.69 52.53 24.25
CA PHE C 140 21.45 52.34 25.47
C PHE C 140 20.58 52.64 26.68
N LEU C 141 21.07 52.22 27.84
CA LEU C 141 20.47 52.51 29.13
C LEU C 141 21.40 53.48 29.84
N GLY C 142 20.84 54.34 30.68
CA GLY C 142 21.63 55.29 31.43
C GLY C 142 21.99 54.80 32.83
N VAL C 143 22.50 55.73 33.63
CA VAL C 143 22.92 55.43 34.99
C VAL C 143 22.22 56.36 35.98
N GLU C 156 17.75 56.58 33.42
CA GLU C 156 17.69 56.91 32.00
C GLU C 156 17.57 55.67 31.15
N PHE C 157 16.64 55.69 30.21
CA PHE C 157 16.39 54.57 29.31
C PHE C 157 16.19 55.10 27.91
N ARG C 158 17.13 54.83 27.00
CA ARG C 158 17.03 55.31 25.63
C ARG C 158 17.35 54.14 24.71
N VAL C 159 16.39 53.22 24.64
CA VAL C 159 16.49 52.00 23.88
C VAL C 159 15.64 52.08 22.62
N TYR C 160 14.44 52.62 22.79
CA TYR C 160 13.45 52.79 21.75
C TYR C 160 12.72 54.11 21.96
N SER C 161 12.14 54.62 20.88
CA SER C 161 11.35 55.85 20.92
C SER C 161 9.85 55.60 20.88
N SER C 162 9.41 54.41 20.48
CA SER C 162 8.00 54.06 20.39
C SER C 162 7.84 52.56 20.66
N ALA C 163 6.64 52.15 21.12
CA ALA C 163 6.38 50.73 21.40
C ALA C 163 4.93 50.33 21.09
N ASN C 164 4.67 50.08 19.80
CA ASN C 164 3.35 49.82 19.23
C ASN C 164 3.05 48.32 19.22
N ASN C 165 1.78 47.96 19.16
CA ASN C 165 1.38 46.56 18.98
C ASN C 165 2.09 45.65 19.99
N CYS C 166 2.04 46.06 21.26
CA CYS C 166 2.65 45.21 22.29
C CYS C 166 1.89 43.92 22.44
N THR C 167 2.64 42.83 22.40
CA THR C 167 2.09 41.50 22.49
C THR C 167 2.48 40.75 23.75
N PHE C 168 3.59 41.10 24.40
CA PHE C 168 3.98 40.30 25.56
C PHE C 168 4.72 41.09 26.61
N GLU C 169 4.43 40.79 27.88
CA GLU C 169 5.20 41.33 28.99
C GLU C 169 5.22 40.29 30.10
N TYR C 170 6.40 40.09 30.70
CA TYR C 170 6.51 39.14 31.80
C TYR C 170 7.53 39.72 32.76
N VAL C 171 7.24 39.62 34.06
CA VAL C 171 8.11 40.12 35.12
C VAL C 171 8.33 39.02 36.14
N SER C 172 9.60 38.81 36.51
CA SER C 172 9.96 37.81 37.50
C SER C 172 11.12 38.29 38.37
N ASN C 188 30.40 38.51 38.11
CA ASN C 188 31.43 37.50 37.86
C ASN C 188 31.36 37.03 36.42
N LEU C 189 31.38 35.69 36.20
CA LEU C 189 31.27 35.13 34.86
C LEU C 189 29.83 34.67 34.63
N ARG C 190 29.18 35.25 33.63
CA ARG C 190 27.81 34.94 33.29
C ARG C 190 27.75 34.42 31.86
N GLU C 191 27.12 33.27 31.67
CA GLU C 191 27.02 32.65 30.36
C GLU C 191 25.54 32.43 30.04
N PHE C 192 25.18 32.70 28.79
CA PHE C 192 23.80 32.56 28.34
C PHE C 192 23.77 31.89 26.98
N VAL C 193 22.69 31.15 26.72
CA VAL C 193 22.41 30.62 25.41
C VAL C 193 21.01 31.09 25.01
N PHE C 194 20.91 31.67 23.81
CA PHE C 194 19.65 32.18 23.29
C PHE C 194 19.34 31.46 21.99
N LYS C 195 18.23 30.72 21.96
CA LYS C 195 17.85 30.08 20.70
C LYS C 195 16.34 30.13 20.54
N ASN C 196 15.88 30.24 19.29
CA ASN C 196 14.45 30.28 19.01
C ASN C 196 14.10 29.02 18.22
N ILE C 197 13.47 28.06 18.90
CA ILE C 197 13.13 26.78 18.31
C ILE C 197 11.62 26.58 18.30
N ASP C 198 11.07 26.42 17.09
CA ASP C 198 9.66 26.13 16.86
C ASP C 198 8.71 27.09 17.58
N GLY C 199 9.07 28.37 17.59
CA GLY C 199 8.22 29.38 18.18
C GLY C 199 8.52 29.72 19.62
N TYR C 200 9.37 28.95 20.29
CA TYR C 200 9.75 29.22 21.67
C TYR C 200 11.16 29.80 21.73
N PHE C 201 11.30 30.93 22.40
CA PHE C 201 12.61 31.54 22.59
C PHE C 201 13.15 31.04 23.93
N LYS C 202 14.10 30.12 23.87
CA LYS C 202 14.61 29.44 25.05
C LYS C 202 15.93 30.07 25.44
N ILE C 203 16.02 30.47 26.71
CA ILE C 203 17.20 31.08 27.27
C ILE C 203 17.71 30.20 28.39
N TYR C 204 19.00 29.86 28.32
CA TYR C 204 19.70 29.07 29.31
C TYR C 204 20.76 29.99 29.92
N SER C 205 21.12 29.74 31.19
CA SER C 205 22.13 30.59 31.81
C SER C 205 22.88 29.86 32.90
N LYS C 206 24.06 30.39 33.21
CA LYS C 206 24.89 29.94 34.30
C LYS C 206 25.67 31.14 34.84
N HIS C 207 25.82 31.20 36.16
CA HIS C 207 26.59 32.24 36.83
C HIS C 207 27.65 31.61 37.72
N THR C 208 28.92 31.83 37.40
CA THR C 208 30.00 31.22 38.15
C THR C 208 31.03 32.22 38.61
N PRO C 209 31.85 31.84 39.60
CA PRO C 209 33.02 32.65 39.97
C PRO C 209 34.01 32.78 38.82
N ILE C 210 34.75 33.88 38.83
CA ILE C 210 35.77 34.14 37.82
C ILE C 210 37.06 34.49 38.54
N ASN C 211 38.14 33.81 38.18
CA ASN C 211 39.45 34.06 38.77
C ASN C 211 40.48 34.49 37.73
N LEU C 212 40.03 34.81 36.52
CA LEU C 212 40.88 35.29 35.44
C LEU C 212 40.47 36.72 35.13
N VAL C 213 41.43 37.53 34.70
CA VAL C 213 41.14 38.94 34.42
C VAL C 213 40.68 39.16 32.99
N ARG C 214 41.38 38.56 32.02
CA ARG C 214 41.04 38.71 30.59
C ARG C 214 41.06 37.35 29.91
N ASP C 215 40.16 36.44 30.30
CA ASP C 215 40.17 35.11 29.71
C ASP C 215 38.81 34.46 29.86
N LEU C 216 38.70 33.26 29.30
CA LEU C 216 37.50 32.42 29.38
C LEU C 216 37.92 31.10 30.01
N PRO C 217 37.71 30.93 31.32
CA PRO C 217 38.32 29.82 32.05
C PRO C 217 38.08 28.46 31.41
N GLN C 218 39.15 27.65 31.38
CA GLN C 218 39.11 26.32 30.76
C GLN C 218 38.54 25.33 31.77
N GLY C 219 37.24 25.44 31.97
CA GLY C 219 36.51 24.59 32.90
C GLY C 219 35.27 24.05 32.22
N PHE C 220 34.40 23.39 32.97
CA PHE C 220 33.20 22.84 32.36
C PHE C 220 32.00 23.04 33.28
N SER C 221 30.95 23.63 32.73
CA SER C 221 29.66 23.77 33.41
C SER C 221 28.59 23.67 32.34
N ALA C 222 27.46 23.04 32.69
CA ALA C 222 26.32 22.99 31.80
C ALA C 222 25.30 24.05 32.21
N LEU C 223 24.80 24.79 31.23
CA LEU C 223 23.83 25.85 31.50
C LEU C 223 22.44 25.26 31.69
N GLU C 224 21.75 25.76 32.66
CA GLU C 224 20.44 25.23 33.00
C GLU C 224 19.38 26.07 32.29
N PRO C 225 18.25 25.48 31.92
CA PRO C 225 17.21 26.29 31.29
C PRO C 225 16.70 27.34 32.25
N LEU C 226 16.48 28.53 31.72
CA LEU C 226 16.00 29.66 32.48
C LEU C 226 14.58 30.01 32.08
N VAL C 227 14.36 30.34 30.81
CA VAL C 227 13.02 30.66 30.33
C VAL C 227 12.76 30.01 28.98
N ASP C 228 11.46 29.86 28.66
CA ASP C 228 10.98 29.35 27.37
C ASP C 228 9.83 30.24 26.86
N LEU C 229 10.17 31.39 26.30
CA LEU C 229 9.17 32.42 26.00
C LEU C 229 8.31 32.01 24.82
N PRO C 230 7.01 31.91 24.98
CA PRO C 230 6.12 31.50 23.89
C PRO C 230 5.80 32.64 22.93
N ILE C 231 6.83 33.18 22.28
CA ILE C 231 6.69 34.33 21.39
C ILE C 231 7.07 33.97 19.96
N GLY C 232 6.17 34.25 19.02
CA GLY C 232 6.36 34.00 17.60
C GLY C 232 7.20 35.06 16.92
N ILE C 233 8.49 35.16 17.26
CA ILE C 233 9.34 36.22 16.72
C ILE C 233 10.29 35.51 15.78
N ASN C 234 10.43 36.04 14.58
CA ASN C 234 11.37 35.52 13.60
C ASN C 234 12.59 36.40 13.81
N ILE C 235 13.69 35.83 14.36
CA ILE C 235 14.92 36.55 14.73
C ILE C 235 16.09 36.22 13.82
N THR C 236 16.64 37.25 13.14
CA THR C 236 17.78 37.06 12.24
C THR C 236 18.99 37.90 12.60
N ARG C 237 18.83 38.90 13.47
CA ARG C 237 19.88 39.80 13.94
C ARG C 237 19.60 40.04 15.42
N PHE C 238 20.64 40.39 16.17
CA PHE C 238 20.42 40.76 17.56
C PHE C 238 21.47 41.77 17.97
N GLN C 239 21.19 42.46 19.07
CA GLN C 239 22.08 43.47 19.61
C GLN C 239 22.01 43.42 21.13
N THR C 240 23.14 43.65 21.78
CA THR C 240 23.20 43.70 23.23
C THR C 240 22.85 45.07 23.75
N LEU C 241 22.49 45.13 25.04
CA LEU C 241 22.22 46.39 25.73
C LEU C 241 23.13 46.53 26.95
N LEU C 242 23.81 47.66 27.03
CA LEU C 242 24.75 47.93 28.12
C LEU C 242 24.53 49.36 28.61
N ALA C 243 24.84 49.57 29.88
CA ALA C 243 24.81 50.90 30.47
C ALA C 243 26.04 51.70 30.06
N ALA C 263 34.36 46.93 30.44
CA ALA C 263 33.45 45.84 30.12
C ALA C 263 33.90 45.09 28.86
N ALA C 264 33.53 43.82 28.77
CA ALA C 264 33.88 43.00 27.62
C ALA C 264 32.89 41.83 27.55
N TYR C 265 32.65 41.34 26.34
CA TYR C 265 31.76 40.21 26.16
C TYR C 265 32.19 39.36 24.98
N TYR C 266 31.68 38.14 24.94
CA TYR C 266 32.01 37.17 23.90
C TYR C 266 30.72 36.70 23.24
N VAL C 267 30.75 36.51 21.93
CA VAL C 267 29.63 36.01 21.16
C VAL C 267 30.04 34.82 20.29
N GLY C 268 29.32 33.71 20.43
CA GLY C 268 29.54 32.54 19.61
C GLY C 268 28.25 32.11 18.93
N TYR C 269 28.37 31.09 18.08
CA TYR C 269 27.22 30.55 17.35
C TYR C 269 27.11 29.04 17.51
N LEU C 270 25.87 28.57 17.56
CA LEU C 270 25.55 27.16 17.76
C LEU C 270 25.52 26.41 16.43
N GLN C 271 25.84 25.12 16.47
CA GLN C 271 25.81 24.30 15.28
C GLN C 271 25.11 22.97 15.56
N PRO C 272 24.52 22.36 14.53
CA PRO C 272 23.82 21.08 14.72
C PRO C 272 24.76 19.90 14.89
N ARG C 273 25.43 19.86 16.04
CA ARG C 273 26.42 18.84 16.36
C ARG C 273 25.87 17.80 17.33
N THR C 274 26.50 16.63 17.32
CA THR C 274 26.13 15.56 18.22
C THR C 274 27.12 15.52 19.38
N PHE C 275 26.61 15.47 20.60
CA PHE C 275 27.41 15.39 21.80
C PHE C 275 27.06 14.16 22.63
N LEU C 276 28.09 13.60 23.26
CA LEU C 276 27.91 12.53 24.25
C LEU C 276 28.09 13.16 25.63
N LEU C 277 27.01 13.24 26.40
CA LEU C 277 26.91 13.92 27.70
C LEU C 277 27.01 12.95 28.88
N LYS C 278 27.88 13.28 29.86
CA LYS C 278 28.11 12.44 31.03
C LYS C 278 27.30 12.91 32.23
N TYR C 279 26.34 12.10 32.63
CA TYR C 279 25.51 12.45 33.77
C TYR C 279 26.10 11.79 35.01
N ASN C 280 25.96 12.48 36.14
CA ASN C 280 26.38 11.92 37.40
C ASN C 280 25.19 11.27 38.07
N GLU C 281 25.40 10.77 39.29
CA GLU C 281 24.32 10.13 40.02
C GLU C 281 23.26 11.14 40.43
N ASN C 282 23.57 12.43 40.36
CA ASN C 282 22.63 13.46 40.75
C ASN C 282 21.95 14.15 39.57
N GLY C 283 22.09 13.63 38.36
CA GLY C 283 21.39 14.18 37.23
C GLY C 283 22.05 15.37 36.57
N THR C 284 23.27 15.72 36.95
CA THR C 284 23.95 16.85 36.34
C THR C 284 24.91 16.35 35.27
N ILE C 285 25.32 17.25 34.38
CA ILE C 285 26.30 16.91 33.36
C ILE C 285 27.68 17.33 33.85
N THR C 286 28.61 16.37 33.90
CA THR C 286 29.95 16.63 34.39
C THR C 286 30.98 16.73 33.29
N ASP C 287 30.72 16.13 32.12
CA ASP C 287 31.64 16.22 30.99
C ASP C 287 30.86 16.00 29.71
N ALA C 288 31.54 16.12 28.58
CA ALA C 288 30.92 15.89 27.29
C ALA C 288 32.00 15.66 26.25
N VAL C 289 31.63 14.94 25.20
CA VAL C 289 32.49 14.69 24.04
C VAL C 289 31.80 15.23 22.79
N ASP C 290 32.53 16.08 22.05
CA ASP C 290 32.07 16.63 20.78
C ASP C 290 32.48 15.63 19.69
N CYS C 291 31.50 14.94 19.12
CA CYS C 291 31.77 13.81 18.24
C CYS C 291 32.49 14.18 16.95
N ALA C 292 32.54 15.47 16.59
CA ALA C 292 33.19 15.91 15.36
C ALA C 292 34.49 16.65 15.60
N LEU C 293 34.96 16.72 16.85
CA LEU C 293 36.14 17.50 17.17
C LEU C 293 37.41 16.89 16.57
N ASP C 294 37.60 15.60 16.75
CA ASP C 294 38.79 14.92 16.23
C ASP C 294 38.51 13.43 16.18
N PRO C 295 39.41 12.63 15.60
CA PRO C 295 39.16 11.19 15.53
C PRO C 295 39.08 10.50 16.88
N LEU C 296 39.63 11.11 17.94
CA LEU C 296 39.55 10.45 19.23
C LEU C 296 38.17 10.67 19.84
N SER C 297 37.66 11.90 19.72
CA SER C 297 36.32 12.16 20.22
C SER C 297 35.32 11.36 19.40
N GLU C 298 35.57 11.24 18.11
CA GLU C 298 34.68 10.47 17.24
C GLU C 298 34.68 9.02 17.68
N THR C 299 35.86 8.48 18.01
CA THR C 299 35.93 7.10 18.49
C THR C 299 35.13 6.95 19.79
N LYS C 300 35.30 7.90 20.71
CA LYS C 300 34.56 7.85 21.96
C LYS C 300 33.06 7.80 21.68
N CYS C 301 32.58 8.62 20.75
CA CYS C 301 31.15 8.62 20.43
C CYS C 301 30.72 7.30 19.80
N THR C 302 31.56 6.71 18.94
CA THR C 302 31.22 5.44 18.32
C THR C 302 31.06 4.34 19.37
N LEU C 303 31.97 4.29 20.34
CA LEU C 303 31.91 3.27 21.38
C LEU C 303 30.91 3.64 22.46
N LYS C 304 30.48 4.91 22.50
CA LYS C 304 29.62 5.46 23.53
C LYS C 304 30.26 5.24 24.90
N SER C 305 31.54 5.53 24.96
CA SER C 305 32.36 5.43 26.16
C SER C 305 33.26 6.65 26.24
N PHE C 306 33.56 7.10 27.46
CA PHE C 306 34.45 8.24 27.64
C PHE C 306 35.89 7.83 27.75
N THR C 307 36.13 6.55 27.83
CA THR C 307 37.45 5.98 27.92
C THR C 307 37.50 5.03 26.75
N VAL C 308 38.56 5.11 25.95
CA VAL C 308 38.71 4.23 24.82
C VAL C 308 39.72 3.16 25.21
N GLU C 309 39.32 1.91 25.03
CA GLU C 309 40.24 0.86 25.40
C GLU C 309 41.22 0.67 24.25
N LYS C 310 42.31 -0.03 24.55
CA LYS C 310 43.32 -0.28 23.54
C LYS C 310 42.74 -1.18 22.45
N GLY C 311 42.95 -0.79 21.20
CA GLY C 311 42.46 -1.57 20.08
C GLY C 311 42.20 -0.70 18.86
N ILE C 312 41.54 -1.31 17.89
CA ILE C 312 41.16 -0.68 16.62
C ILE C 312 39.65 -0.69 16.47
N TYR C 313 39.08 0.47 16.16
CA TYR C 313 37.64 0.65 16.04
C TYR C 313 37.34 1.32 14.72
N GLN C 314 36.29 0.87 14.03
CA GLN C 314 35.88 1.53 12.79
C GLN C 314 34.93 2.66 13.19
N THR C 315 35.30 3.89 12.83
CA THR C 315 34.53 5.06 13.26
C THR C 315 33.86 5.83 12.14
N SER C 316 34.32 5.74 10.91
CA SER C 316 33.62 6.55 9.92
C SER C 316 33.69 5.76 8.61
N ASN C 317 33.28 6.39 7.50
CA ASN C 317 33.23 5.74 6.18
C ASN C 317 33.59 6.81 5.16
N PHE C 318 34.79 6.63 4.61
CA PHE C 318 35.36 7.54 3.63
C PHE C 318 34.77 7.20 2.28
N ARG C 319 34.34 8.24 1.57
CA ARG C 319 33.80 8.18 0.22
C ARG C 319 34.33 9.35 -0.60
N VAL C 320 34.93 9.04 -1.76
CA VAL C 320 35.41 10.07 -2.67
C VAL C 320 34.24 10.68 -3.44
N GLN C 321 34.15 12.01 -3.47
CA GLN C 321 33.00 12.54 -4.17
C GLN C 321 33.34 12.88 -5.61
N PRO C 322 32.34 12.83 -6.50
CA PRO C 322 32.58 13.29 -7.89
C PRO C 322 32.82 14.79 -7.91
N THR C 323 33.71 15.21 -8.81
CA THR C 323 34.01 16.62 -8.93
C THR C 323 33.41 17.24 -10.17
N GLU C 324 32.99 16.45 -11.14
CA GLU C 324 32.41 16.96 -12.37
C GLU C 324 31.28 16.05 -12.82
N SER C 325 30.64 16.49 -13.89
CA SER C 325 29.55 15.75 -14.54
C SER C 325 29.89 15.71 -16.02
N ILE C 326 30.15 14.52 -16.54
CA ILE C 326 30.62 14.32 -17.89
C ILE C 326 29.51 13.63 -18.65
N VAL C 327 29.00 14.29 -19.67
CA VAL C 327 27.93 13.75 -20.51
C VAL C 327 28.48 13.73 -21.92
N ARG C 328 28.35 12.58 -22.57
CA ARG C 328 28.86 12.40 -23.91
C ARG C 328 27.87 11.64 -24.78
N PHE C 329 27.72 12.11 -26.00
CA PHE C 329 26.91 11.51 -27.03
C PHE C 329 27.86 11.49 -28.21
N PRO C 330 27.62 10.64 -29.21
CA PRO C 330 28.56 10.60 -30.33
C PRO C 330 28.68 11.89 -31.11
N ASN C 331 29.83 12.02 -31.77
CA ASN C 331 30.10 13.13 -32.67
C ASN C 331 29.02 13.26 -33.74
N ILE C 332 28.57 14.50 -33.94
CA ILE C 332 27.48 14.80 -34.86
C ILE C 332 27.95 14.91 -36.31
N THR C 333 27.51 13.95 -37.12
CA THR C 333 27.80 13.81 -38.53
C THR C 333 26.47 13.54 -39.22
N ASN C 334 26.45 13.50 -40.55
CA ASN C 334 25.22 13.20 -41.29
C ASN C 334 24.12 14.21 -40.94
N LEU C 335 24.44 15.50 -41.07
CA LEU C 335 23.47 16.55 -40.81
C LEU C 335 22.37 16.61 -41.86
N CYS C 336 21.18 16.97 -41.40
CA CYS C 336 20.00 17.12 -42.25
C CYS C 336 20.23 18.24 -43.27
N PRO C 337 19.83 18.04 -44.55
CA PRO C 337 20.14 19.07 -45.55
C PRO C 337 19.27 20.32 -45.44
N PHE C 338 19.41 20.94 -44.27
CA PHE C 338 18.81 22.24 -43.89
C PHE C 338 19.47 23.44 -44.50
N GLY C 339 20.77 23.33 -44.80
CA GLY C 339 21.45 24.43 -45.50
C GLY C 339 20.94 24.53 -46.92
N GLU C 340 20.36 23.44 -47.43
CA GLU C 340 19.83 23.44 -48.83
C GLU C 340 18.53 24.24 -48.90
N VAL C 341 17.52 23.88 -48.09
CA VAL C 341 16.19 24.56 -48.22
C VAL C 341 16.09 25.80 -47.32
N PHE C 342 17.08 26.07 -46.46
CA PHE C 342 16.91 27.22 -45.53
C PHE C 342 18.03 28.26 -45.70
N ASN C 343 19.30 27.87 -45.53
CA ASN C 343 20.40 28.83 -45.81
C ASN C 343 20.36 29.16 -47.31
N ALA C 344 20.49 28.15 -48.17
CA ALA C 344 20.45 28.35 -49.63
C ALA C 344 19.07 28.85 -50.09
N THR C 345 17.99 28.34 -49.49
CA THR C 345 16.60 28.72 -49.91
C THR C 345 16.33 28.25 -51.35
N ARG C 346 16.12 29.17 -52.30
CA ARG C 346 15.76 28.80 -53.70
C ARG C 346 14.43 28.03 -53.70
N PHE C 347 13.40 28.58 -53.04
CA PHE C 347 12.07 27.92 -52.95
C PHE C 347 11.43 27.78 -54.34
N ALA C 348 10.68 26.70 -54.55
CA ALA C 348 10.06 26.43 -55.87
C ALA C 348 8.71 27.14 -56.04
N SER C 349 7.97 26.83 -57.12
CA SER C 349 6.68 27.50 -57.41
C SER C 349 5.61 27.16 -56.34
N VAL C 350 4.49 27.90 -56.36
CA VAL C 350 3.41 27.69 -55.36
C VAL C 350 2.31 26.68 -55.70
N TYR C 351 1.92 26.52 -56.97
CA TYR C 351 0.89 25.51 -57.28
C TYR C 351 1.41 24.09 -57.16
N ALA C 352 2.73 23.96 -57.20
CA ALA C 352 3.44 22.71 -57.21
C ALA C 352 4.60 22.83 -56.23
N TRP C 353 4.25 23.13 -54.98
CA TRP C 353 5.22 23.44 -53.94
C TRP C 353 6.16 22.26 -53.79
N ASN C 354 7.41 22.54 -53.39
CA ASN C 354 8.43 21.50 -53.33
C ASN C 354 8.54 20.87 -51.94
N ARG C 355 8.12 19.61 -51.83
CA ARG C 355 8.17 18.86 -50.59
C ARG C 355 9.44 18.03 -50.50
N LYS C 356 10.30 18.36 -49.54
CA LYS C 356 11.49 17.57 -49.29
C LYS C 356 11.28 16.79 -48.00
N ARG C 357 11.51 15.47 -48.03
CA ARG C 357 11.36 14.66 -46.84
C ARG C 357 12.70 14.57 -46.12
N ILE C 358 12.73 14.96 -44.85
CA ILE C 358 13.92 14.92 -44.01
C ILE C 358 13.77 13.79 -43.02
N SER C 359 14.72 12.85 -43.04
CA SER C 359 14.72 11.68 -42.20
C SER C 359 16.16 11.20 -42.01
N ASN C 360 16.36 10.38 -40.98
CA ASN C 360 17.64 9.71 -40.72
C ASN C 360 18.83 10.66 -40.74
N CYS C 361 18.73 11.77 -40.02
CA CYS C 361 19.77 12.79 -40.06
C CYS C 361 19.73 13.62 -38.79
N VAL C 362 20.75 14.46 -38.63
CA VAL C 362 20.87 15.38 -37.50
C VAL C 362 20.43 16.76 -37.93
N ALA C 363 19.36 17.26 -37.34
CA ALA C 363 18.73 18.52 -37.71
C ALA C 363 19.39 19.64 -36.91
N ASP C 364 20.32 20.37 -37.54
CA ASP C 364 21.06 21.42 -36.84
C ASP C 364 20.19 22.67 -36.86
N TYR C 365 19.17 22.64 -36.00
CA TYR C 365 18.19 23.70 -35.95
C TYR C 365 18.82 25.01 -35.47
N SER C 366 19.97 24.91 -34.78
CA SER C 366 20.65 26.08 -34.23
C SER C 366 21.13 27.06 -35.30
N VAL C 367 21.50 26.57 -36.48
CA VAL C 367 21.94 27.45 -37.55
C VAL C 367 20.74 28.27 -37.97
N LEU C 368 19.62 27.57 -38.12
CA LEU C 368 18.34 28.12 -38.51
C LEU C 368 17.82 29.11 -37.48
N TYR C 369 18.03 28.81 -36.21
CA TYR C 369 17.61 29.71 -35.13
C TYR C 369 18.45 30.98 -35.03
N ASN C 370 19.79 30.83 -35.04
CA ASN C 370 20.70 31.94 -34.73
C ASN C 370 20.79 33.05 -35.78
N SER C 371 20.64 32.76 -37.06
CA SER C 371 20.84 33.85 -38.04
C SER C 371 19.73 34.90 -38.00
N ALA C 372 20.07 36.07 -38.53
CA ALA C 372 19.17 37.22 -38.66
C ALA C 372 18.67 37.46 -40.09
N SER C 373 18.81 36.50 -41.01
CA SER C 373 18.38 36.78 -42.38
C SER C 373 16.87 36.80 -42.57
N PHE C 374 16.07 36.29 -41.64
CA PHE C 374 14.62 36.21 -41.81
C PHE C 374 13.75 37.19 -41.04
N SER C 375 12.71 37.61 -41.75
CA SER C 375 11.65 38.48 -41.29
C SER C 375 10.44 37.68 -40.81
N THR C 376 10.26 36.44 -41.29
CA THR C 376 9.13 35.62 -40.85
C THR C 376 9.68 34.31 -40.28
N PHE C 377 9.26 34.00 -39.05
CA PHE C 377 9.72 32.76 -38.38
C PHE C 377 8.59 32.26 -37.46
N LYS C 378 7.34 32.38 -37.90
CA LYS C 378 6.19 31.91 -37.07
C LYS C 378 6.32 30.41 -36.85
N CYS C 379 6.03 29.94 -35.64
CA CYS C 379 6.08 28.48 -35.35
C CYS C 379 4.72 28.03 -34.81
N TYR C 380 4.28 26.84 -35.22
CA TYR C 380 2.98 26.33 -34.78
C TYR C 380 3.18 24.96 -34.18
N GLY C 381 2.85 24.81 -32.90
CA GLY C 381 2.96 23.53 -32.22
C GLY C 381 4.30 23.20 -31.60
N VAL C 382 5.34 23.99 -31.87
CA VAL C 382 6.67 23.71 -31.34
C VAL C 382 7.25 25.00 -30.76
N SER C 383 8.24 24.84 -29.85
CA SER C 383 8.87 26.08 -29.41
C SER C 383 10.13 26.35 -30.19
N PRO C 384 10.23 27.50 -30.92
CA PRO C 384 11.43 27.84 -31.68
C PRO C 384 12.78 27.73 -30.93
N THR C 385 12.76 27.94 -29.61
CA THR C 385 14.03 27.92 -28.89
C THR C 385 14.28 26.57 -28.23
N LYS C 386 13.34 25.64 -28.37
CA LYS C 386 13.45 24.31 -27.79
C LYS C 386 13.45 23.25 -28.89
N LEU C 387 13.60 23.68 -30.14
CA LEU C 387 13.51 22.79 -31.28
C LEU C 387 14.57 21.70 -31.25
N ASN C 388 15.74 21.99 -30.68
CA ASN C 388 16.80 20.98 -30.65
C ASN C 388 16.40 19.76 -29.84
N ASP C 389 15.52 19.94 -28.84
CA ASP C 389 15.15 18.86 -27.96
C ASP C 389 13.92 18.10 -28.44
N LEU C 390 13.37 18.44 -29.61
CA LEU C 390 12.17 17.78 -30.12
C LEU C 390 12.50 16.85 -31.27
N CYS C 391 12.35 15.55 -31.05
CA CYS C 391 12.63 14.51 -32.04
C CYS C 391 11.35 14.09 -32.75
N PHE C 392 11.39 14.10 -34.07
CA PHE C 392 10.23 13.78 -34.88
C PHE C 392 10.62 12.65 -35.85
N THR C 393 9.60 11.93 -36.33
CA THR C 393 9.84 10.87 -37.30
C THR C 393 10.18 11.43 -38.67
N ASN C 394 9.43 12.43 -39.13
CA ASN C 394 9.67 13.02 -40.44
C ASN C 394 9.57 14.53 -40.32
N VAL C 395 10.41 15.22 -41.08
CA VAL C 395 10.27 16.67 -41.25
C VAL C 395 10.08 16.96 -42.73
N TYR C 396 9.01 17.65 -43.06
CA TYR C 396 8.71 17.94 -44.47
C TYR C 396 8.93 19.42 -44.72
N ALA C 397 9.80 19.73 -45.69
CA ALA C 397 10.12 21.11 -46.04
C ALA C 397 9.36 21.47 -47.30
N ASP C 398 8.32 22.27 -47.13
CA ASP C 398 7.45 22.74 -48.21
C ASP C 398 7.95 24.10 -48.66
N SER C 399 8.51 24.16 -49.86
CA SER C 399 9.18 25.35 -50.40
C SER C 399 8.33 26.01 -51.49
N PHE C 400 8.02 27.30 -51.31
CA PHE C 400 7.22 28.05 -52.27
C PHE C 400 7.51 29.53 -52.07
N VAL C 401 7.13 30.35 -53.04
CA VAL C 401 7.23 31.81 -52.94
C VAL C 401 5.83 32.40 -52.94
N ILE C 402 5.54 33.29 -51.98
CA ILE C 402 4.24 33.97 -51.92
C ILE C 402 4.43 35.47 -51.71
N ARG C 403 3.36 36.22 -51.94
CA ARG C 403 3.34 37.64 -51.68
C ARG C 403 2.99 37.95 -50.22
N GLY C 404 3.46 39.11 -49.75
CA GLY C 404 3.25 39.56 -48.38
C GLY C 404 1.85 39.45 -47.80
N ASP C 405 0.84 39.94 -48.53
CA ASP C 405 -0.54 39.94 -48.05
C ASP C 405 -1.05 38.53 -47.81
N GLU C 406 -0.45 37.54 -48.45
CA GLU C 406 -0.89 36.17 -48.34
C GLU C 406 -0.13 35.43 -47.24
N VAL C 407 0.84 36.08 -46.59
CA VAL C 407 1.58 35.38 -45.55
C VAL C 407 0.64 35.02 -44.42
N ARG C 408 -0.36 35.88 -44.14
CA ARG C 408 -1.32 35.56 -43.10
C ARG C 408 -2.11 34.32 -43.50
N GLN C 409 -2.13 33.99 -44.78
CA GLN C 409 -2.88 32.84 -45.24
C GLN C 409 -2.10 31.56 -45.09
N ILE C 410 -0.79 31.64 -44.85
CA ILE C 410 0.03 30.42 -44.71
C ILE C 410 -0.08 30.12 -43.21
N ALA C 411 -1.20 29.54 -42.85
CA ALA C 411 -1.48 29.23 -41.47
C ALA C 411 -2.68 28.29 -41.44
N PRO C 412 -2.83 27.50 -40.38
CA PRO C 412 -4.05 26.69 -40.26
C PRO C 412 -5.28 27.59 -40.17
N GLY C 413 -6.33 27.22 -40.90
CA GLY C 413 -7.57 27.96 -40.85
C GLY C 413 -7.69 29.15 -41.78
N GLN C 414 -6.69 29.44 -42.60
CA GLN C 414 -6.73 30.60 -43.48
C GLN C 414 -7.31 30.28 -44.87
N THR C 415 -7.84 31.32 -45.50
CA THR C 415 -8.43 31.32 -46.84
C THR C 415 -7.85 32.44 -47.70
N GLY C 416 -8.14 32.36 -49.00
CA GLY C 416 -7.72 33.33 -50.01
C GLY C 416 -7.22 32.73 -51.31
N LYS C 417 -6.78 33.57 -52.27
CA LYS C 417 -6.41 33.01 -53.57
C LYS C 417 -5.25 32.02 -53.48
N ILE C 418 -4.29 32.27 -52.61
CA ILE C 418 -3.15 31.38 -52.50
C ILE C 418 -3.47 30.24 -51.55
N ALA C 419 -3.98 30.60 -50.38
CA ALA C 419 -4.33 29.61 -49.38
C ALA C 419 -5.37 28.65 -49.92
N ASP C 420 -6.29 29.12 -50.76
CA ASP C 420 -7.34 28.23 -51.20
C ASP C 420 -7.15 27.58 -52.58
N TYR C 421 -6.46 28.19 -53.54
CA TYR C 421 -6.46 27.54 -54.86
C TYR C 421 -5.05 27.12 -55.27
N ASN C 422 -4.03 27.46 -54.52
CA ASN C 422 -2.66 27.19 -54.84
C ASN C 422 -1.92 26.41 -53.74
N TYR C 423 -1.84 26.92 -52.51
CA TYR C 423 -1.08 26.24 -51.47
C TYR C 423 -1.87 26.30 -50.15
N LYS C 424 -2.55 25.20 -49.84
CA LYS C 424 -3.41 25.12 -48.66
C LYS C 424 -2.73 24.30 -47.57
N LEU C 425 -2.74 24.84 -46.34
CA LEU C 425 -2.28 24.25 -45.09
C LEU C 425 -3.44 23.71 -44.25
N PRO C 426 -3.22 22.58 -43.58
CA PRO C 426 -4.25 22.01 -42.71
C PRO C 426 -4.48 22.80 -41.44
N ASP C 427 -5.71 22.69 -40.92
CA ASP C 427 -6.09 23.37 -39.68
C ASP C 427 -5.23 22.91 -38.51
N ASP C 428 -4.78 21.66 -38.52
CA ASP C 428 -3.96 21.09 -37.46
C ASP C 428 -2.48 21.04 -37.83
N PHE C 429 -2.05 21.92 -38.74
CA PHE C 429 -0.63 21.95 -39.13
C PHE C 429 0.27 22.05 -37.92
N THR C 430 1.28 21.18 -37.90
CA THR C 430 2.34 21.13 -36.90
C THR C 430 3.66 21.34 -37.60
N GLY C 431 4.35 22.43 -37.20
CA GLY C 431 5.60 22.82 -37.87
C GLY C 431 5.75 24.34 -37.89
N CYS C 432 6.85 24.85 -38.44
CA CYS C 432 7.11 26.32 -38.42
C CYS C 432 7.24 26.86 -39.85
N VAL C 433 6.67 28.04 -40.13
CA VAL C 433 6.84 28.65 -41.48
C VAL C 433 7.99 29.67 -41.42
N ILE C 434 9.13 29.35 -42.03
CA ILE C 434 10.28 30.30 -42.09
C ILE C 434 10.27 30.99 -43.46
N ALA C 435 10.00 32.30 -43.50
CA ALA C 435 9.91 33.01 -44.77
C ALA C 435 10.76 34.26 -44.70
N TRP C 436 11.20 34.70 -45.87
CA TRP C 436 12.02 35.90 -45.92
C TRP C 436 11.79 36.67 -47.22
N ASN C 437 12.08 37.97 -47.15
CA ASN C 437 11.94 38.86 -48.30
C ASN C 437 13.02 38.54 -49.31
N SER C 438 12.63 38.22 -50.54
CA SER C 438 13.58 37.79 -51.56
C SER C 438 13.63 38.74 -52.74
N ASN C 439 13.28 40.01 -52.53
CA ASN C 439 13.27 40.99 -53.60
C ASN C 439 14.58 41.02 -54.37
N ASN C 440 15.71 40.94 -53.67
CA ASN C 440 16.98 41.03 -54.39
C ASN C 440 17.44 39.70 -54.97
N LEU C 441 16.67 38.64 -54.79
CA LEU C 441 17.02 37.31 -55.30
C LEU C 441 16.17 36.85 -56.46
N ASP C 442 14.85 37.02 -56.36
CA ASP C 442 13.88 36.55 -57.33
C ASP C 442 13.36 37.62 -58.29
N SER C 443 13.31 38.89 -57.88
CA SER C 443 12.68 39.92 -58.70
C SER C 443 13.48 40.25 -59.95
N LYS C 444 12.76 40.61 -61.01
CA LYS C 444 13.33 41.00 -62.30
C LYS C 444 12.83 42.40 -62.68
N VAL C 445 13.64 43.11 -63.47
CA VAL C 445 13.35 44.49 -63.86
C VAL C 445 12.03 44.61 -64.61
N GLY C 446 11.74 43.68 -65.50
CA GLY C 446 10.52 43.70 -66.28
C GLY C 446 9.34 43.02 -65.66
N GLY C 447 9.50 42.52 -64.44
CA GLY C 447 8.46 41.79 -63.76
C GLY C 447 8.82 40.33 -63.95
N ASN C 448 8.91 39.59 -62.86
CA ASN C 448 9.20 38.17 -62.94
C ASN C 448 7.87 37.44 -62.96
N TYR C 449 7.48 36.94 -64.13
CA TYR C 449 6.17 36.34 -64.29
C TYR C 449 6.26 34.82 -64.37
N ASN C 450 7.41 34.27 -63.97
CA ASN C 450 7.59 32.83 -64.00
C ASN C 450 6.98 32.20 -62.77
N TYR C 451 6.57 33.03 -61.82
CA TYR C 451 5.94 32.61 -60.58
C TYR C 451 4.46 32.91 -60.72
N LEU C 452 3.64 31.88 -60.58
CA LEU C 452 2.20 32.02 -60.74
C LEU C 452 1.49 31.58 -59.47
N TYR C 453 0.30 32.13 -59.29
CA TYR C 453 -0.57 31.75 -58.21
C TYR C 453 -1.95 31.54 -58.84
N ARG C 454 -2.75 30.72 -58.20
CA ARG C 454 -4.08 30.45 -58.72
C ARG C 454 -5.10 31.46 -58.26
N LEU C 455 -5.85 32.01 -59.20
CA LEU C 455 -6.86 32.98 -58.84
C LEU C 455 -8.23 32.34 -58.99
N PHE C 456 -8.42 31.57 -60.06
CA PHE C 456 -9.67 30.89 -60.37
C PHE C 456 -9.33 29.40 -60.47
N ARG C 457 -10.03 28.56 -59.70
CA ARG C 457 -9.92 27.10 -59.72
C ARG C 457 -11.25 26.53 -59.25
N LYS C 458 -11.57 25.30 -59.67
CA LYS C 458 -12.83 24.70 -59.23
C LYS C 458 -12.94 24.51 -57.71
N SER C 459 -11.86 24.21 -56.98
CA SER C 459 -12.01 24.00 -55.54
C SER C 459 -10.73 24.34 -54.77
N ASN C 460 -10.86 24.31 -53.43
CA ASN C 460 -9.69 24.60 -52.62
C ASN C 460 -8.76 23.39 -52.57
N LEU C 461 -7.49 23.65 -52.28
CA LEU C 461 -6.54 22.55 -52.20
C LEU C 461 -6.71 21.79 -50.88
N LYS C 462 -6.38 20.51 -50.92
CA LYS C 462 -6.26 19.74 -49.69
C LYS C 462 -4.91 20.01 -49.06
N PRO C 463 -4.77 19.78 -47.75
CA PRO C 463 -3.46 19.94 -47.12
C PRO C 463 -2.42 19.12 -47.86
N PHE C 464 -1.30 19.78 -48.22
CA PHE C 464 -0.21 19.13 -48.93
C PHE C 464 -0.62 18.51 -50.28
N GLU C 465 -1.66 19.02 -50.93
CA GLU C 465 -2.00 18.57 -52.27
C GLU C 465 -1.16 19.33 -53.30
N ARG C 466 -0.59 18.63 -54.28
CA ARG C 466 0.24 19.29 -55.30
C ARG C 466 -0.47 19.13 -56.64
N ASP C 467 -1.24 20.16 -57.03
CA ASP C 467 -2.04 20.16 -58.26
C ASP C 467 -1.32 20.93 -59.37
N ILE C 468 -0.87 20.23 -60.40
CA ILE C 468 -0.07 20.85 -61.46
C ILE C 468 -0.77 20.80 -62.82
N SER C 469 -2.09 20.63 -62.88
CA SER C 469 -2.78 20.64 -64.16
C SER C 469 -2.73 22.02 -64.80
N THR C 470 -2.60 22.07 -66.13
CA THR C 470 -2.57 23.34 -66.86
C THR C 470 -3.76 23.53 -67.80
N GLU C 471 -4.83 22.75 -67.63
CA GLU C 471 -5.99 22.89 -68.51
C GLU C 471 -6.60 24.28 -68.36
N ILE C 472 -6.96 24.90 -69.49
CA ILE C 472 -7.54 26.23 -69.44
C ILE C 472 -8.87 26.16 -68.70
N TYR C 473 -9.04 27.02 -67.69
CA TYR C 473 -10.24 26.98 -66.87
C TYR C 473 -11.44 27.56 -67.60
N GLN C 474 -12.54 26.82 -67.60
CA GLN C 474 -13.80 27.25 -68.20
C GLN C 474 -14.66 27.84 -67.10
N ALA C 475 -14.80 29.17 -67.09
CA ALA C 475 -15.56 29.80 -66.01
C ALA C 475 -17.05 29.78 -66.33
N GLY C 476 -17.41 29.78 -67.59
CA GLY C 476 -18.78 29.80 -68.05
C GLY C 476 -19.20 28.43 -68.54
N SER C 477 -20.14 28.42 -69.49
CA SER C 477 -20.66 27.18 -70.04
C SER C 477 -20.13 26.92 -71.45
N THR C 478 -19.36 27.85 -72.00
CA THR C 478 -18.82 27.72 -73.35
C THR C 478 -17.47 27.01 -73.30
N PRO C 479 -17.30 25.87 -73.97
CA PRO C 479 -15.99 25.22 -74.00
C PRO C 479 -14.93 26.16 -74.54
N CYS C 480 -13.77 26.17 -73.89
CA CYS C 480 -12.71 27.07 -74.30
C CYS C 480 -11.91 26.54 -75.49
N ASN C 481 -11.75 25.22 -75.58
CA ASN C 481 -11.05 24.55 -76.68
C ASN C 481 -9.66 25.14 -76.91
N GLY C 482 -8.97 25.49 -75.83
CA GLY C 482 -7.62 26.00 -75.92
C GLY C 482 -7.53 27.48 -76.22
N VAL C 483 -8.65 28.19 -76.28
CA VAL C 483 -8.69 29.62 -76.61
C VAL C 483 -9.20 30.39 -75.40
N GLU C 484 -8.43 31.39 -74.98
CA GLU C 484 -8.83 32.25 -73.88
C GLU C 484 -9.82 33.30 -74.38
N GLY C 485 -10.68 33.75 -73.46
CA GLY C 485 -11.72 34.68 -73.84
C GLY C 485 -12.72 34.86 -72.71
N PHE C 486 -13.92 35.29 -73.07
CA PHE C 486 -14.97 35.53 -72.09
C PHE C 486 -15.38 34.22 -71.43
N ASN C 487 -15.35 34.20 -70.10
CA ASN C 487 -15.62 33.01 -69.29
C ASN C 487 -14.58 31.93 -69.51
N CYS C 488 -13.44 32.29 -70.09
CA CYS C 488 -12.30 31.39 -70.28
C CYS C 488 -11.04 32.03 -69.73
N TYR C 489 -10.65 31.64 -68.53
CA TYR C 489 -9.56 32.27 -67.81
C TYR C 489 -8.53 31.20 -67.48
N PHE C 490 -7.27 31.54 -67.63
CA PHE C 490 -6.20 30.62 -67.26
C PHE C 490 -6.21 30.47 -65.75
N PRO C 491 -6.16 29.25 -65.21
CA PRO C 491 -6.33 29.09 -63.75
C PRO C 491 -5.22 29.74 -62.95
N LEU C 492 -4.07 30.01 -63.58
CA LEU C 492 -2.91 30.60 -62.93
C LEU C 492 -2.75 32.02 -63.44
N GLN C 493 -2.12 32.86 -62.62
CA GLN C 493 -1.75 34.21 -63.04
C GLN C 493 -0.38 34.53 -62.47
N SER C 494 0.38 35.32 -63.24
CA SER C 494 1.73 35.69 -62.88
C SER C 494 1.79 36.91 -61.96
N TYR C 495 2.90 36.99 -61.22
CA TYR C 495 3.25 38.12 -60.36
C TYR C 495 4.12 39.11 -61.11
N GLY C 496 3.78 40.40 -61.00
CA GLY C 496 4.64 41.39 -61.61
C GLY C 496 5.76 41.76 -60.66
N PHE C 497 6.72 40.86 -60.45
CA PHE C 497 7.79 41.07 -59.49
C PHE C 497 8.87 41.96 -60.10
N GLN C 498 9.06 43.15 -59.52
CA GLN C 498 9.98 44.14 -60.03
C GLN C 498 10.83 44.72 -58.90
N PRO C 499 12.06 45.14 -59.20
CA PRO C 499 12.92 45.71 -58.15
C PRO C 499 12.36 47.00 -57.59
N THR C 500 11.38 47.60 -58.26
CA THR C 500 10.76 48.84 -57.82
C THR C 500 9.44 48.59 -57.14
N ASN C 501 9.04 47.32 -57.00
CA ASN C 501 7.78 46.97 -56.38
C ASN C 501 7.86 47.21 -54.87
N GLY C 502 6.72 47.51 -54.27
CA GLY C 502 6.64 47.60 -52.84
C GLY C 502 6.73 46.24 -52.16
N VAL C 503 6.94 46.30 -50.84
CA VAL C 503 7.20 45.08 -50.06
C VAL C 503 6.06 44.09 -50.22
N GLY C 504 4.81 44.60 -50.25
CA GLY C 504 3.66 43.74 -50.38
C GLY C 504 3.63 42.96 -51.67
N TYR C 505 4.39 43.42 -52.67
CA TYR C 505 4.45 42.78 -53.97
C TYR C 505 5.81 42.16 -54.22
N GLN C 506 6.67 42.16 -53.20
CA GLN C 506 7.96 41.52 -53.31
C GLN C 506 7.78 40.03 -53.04
N PRO C 507 8.62 39.18 -53.62
CA PRO C 507 8.53 37.76 -53.30
C PRO C 507 9.02 37.48 -51.89
N TYR C 508 8.40 36.51 -51.24
CA TYR C 508 8.89 36.01 -49.98
C TYR C 508 9.02 34.52 -50.17
N ARG C 509 10.12 33.96 -49.73
CA ARG C 509 10.34 32.53 -49.80
C ARG C 509 9.90 31.91 -48.50
N VAL C 510 8.98 30.95 -48.57
CA VAL C 510 8.38 30.30 -47.42
C VAL C 510 8.69 28.82 -47.48
N VAL C 511 9.09 28.28 -46.32
CA VAL C 511 9.45 26.83 -46.21
C VAL C 511 8.94 26.32 -44.86
N VAL C 512 7.86 25.52 -44.87
CA VAL C 512 7.24 25.07 -43.58
C VAL C 512 7.77 23.69 -43.20
N LEU C 513 8.27 23.52 -41.97
CA LEU C 513 8.81 22.22 -41.47
C LEU C 513 7.71 21.41 -40.80
N SER C 514 6.99 20.55 -41.54
CA SER C 514 5.91 19.83 -40.91
C SER C 514 6.58 18.75 -40.08
N PHE C 515 6.20 18.72 -38.80
CA PHE C 515 6.79 17.74 -37.85
C PHE C 515 5.82 16.59 -37.71
N GLU C 516 6.22 15.40 -38.16
CA GLU C 516 5.36 14.24 -38.14
C GLU C 516 5.97 13.20 -37.21
N LEU C 517 5.19 12.78 -36.22
CA LEU C 517 5.61 11.74 -35.29
C LEU C 517 4.75 10.53 -35.59
N LEU C 518 5.38 9.48 -36.08
CA LEU C 518 4.71 8.25 -36.46
C LEU C 518 5.09 7.16 -35.47
N HIS C 519 4.49 5.99 -35.61
CA HIS C 519 4.87 4.86 -34.76
C HIS C 519 6.22 4.33 -35.26
N ALA C 520 7.26 5.12 -34.98
CA ALA C 520 8.57 4.86 -35.54
C ALA C 520 9.62 5.39 -34.57
N PRO C 521 10.87 4.97 -34.71
CA PRO C 521 11.96 5.47 -33.86
C PRO C 521 12.18 6.97 -33.81
N ALA C 522 11.71 7.74 -34.81
CA ALA C 522 11.93 9.18 -34.85
C ALA C 522 13.41 9.46 -35.04
N THR C 523 13.85 9.46 -36.30
CA THR C 523 15.25 9.50 -36.69
C THR C 523 15.83 10.90 -36.87
N VAL C 524 15.02 11.95 -36.91
CA VAL C 524 15.55 13.29 -37.10
C VAL C 524 15.45 14.07 -35.79
N CYS C 525 16.62 14.46 -35.28
CA CYS C 525 16.81 15.16 -34.01
C CYS C 525 17.89 16.21 -34.20
N GLY C 526 17.96 17.14 -33.25
CA GLY C 526 18.97 18.18 -33.29
C GLY C 526 20.30 17.67 -32.82
N PRO C 527 21.29 18.56 -32.80
CA PRO C 527 22.63 18.15 -32.35
C PRO C 527 22.65 17.85 -30.87
N LYS C 528 23.60 16.99 -30.48
CA LYS C 528 23.76 16.59 -29.10
C LYS C 528 24.92 17.29 -28.42
N LYS C 529 24.77 17.50 -27.11
CA LYS C 529 25.83 18.06 -26.27
C LYS C 529 26.94 17.05 -26.04
N SER C 530 28.18 17.55 -25.99
CA SER C 530 29.33 16.73 -25.64
C SER C 530 30.30 17.57 -24.83
N THR C 531 31.02 16.93 -23.91
CA THR C 531 32.00 17.62 -23.07
C THR C 531 33.36 16.93 -23.14
N ASN C 532 34.36 17.60 -22.58
CA ASN C 532 35.72 17.06 -22.52
C ASN C 532 35.83 15.84 -21.63
N LEU C 533 36.68 14.90 -22.04
CA LEU C 533 36.96 13.70 -21.26
C LEU C 533 37.90 14.01 -20.10
N VAL C 534 37.55 13.56 -18.90
CA VAL C 534 38.37 13.77 -17.71
C VAL C 534 38.84 12.41 -17.19
N LYS C 535 40.15 12.22 -17.12
CA LYS C 535 40.75 10.96 -16.70
C LYS C 535 41.30 11.03 -15.27
N ASN C 536 41.39 9.86 -14.65
CA ASN C 536 42.02 9.65 -13.34
C ASN C 536 41.32 10.40 -12.22
N LYS C 537 40.04 10.75 -12.38
CA LYS C 537 39.29 11.40 -11.33
C LYS C 537 37.89 10.81 -11.27
N CYS C 538 37.29 10.85 -10.08
CA CYS C 538 35.89 10.46 -9.97
C CYS C 538 35.01 11.49 -10.64
N VAL C 539 34.18 11.04 -11.57
CA VAL C 539 33.24 11.89 -12.26
C VAL C 539 31.92 11.16 -12.30
N ASN C 540 30.85 11.93 -12.47
CA ASN C 540 29.55 11.36 -12.75
C ASN C 540 29.44 11.31 -14.26
N PHE C 541 29.53 10.12 -14.85
CA PHE C 541 29.64 10.01 -16.29
C PHE C 541 28.36 9.45 -16.90
N ASN C 542 28.20 9.79 -18.18
CA ASN C 542 27.14 9.28 -19.05
C ASN C 542 27.72 9.11 -20.45
N PHE C 543 28.02 7.88 -20.84
CA PHE C 543 28.55 7.55 -22.15
C PHE C 543 27.43 6.90 -22.95
N ASN C 544 26.84 7.67 -23.87
CA ASN C 544 25.64 7.25 -24.58
C ASN C 544 24.54 6.97 -23.57
N GLY C 545 24.26 5.68 -23.34
CA GLY C 545 23.23 5.29 -22.39
C GLY C 545 23.77 4.64 -21.14
N LEU C 546 25.08 4.65 -20.94
CA LEU C 546 25.72 4.01 -19.79
C LEU C 546 26.05 5.10 -18.77
N THR C 547 25.43 5.03 -17.61
CA THR C 547 25.61 6.08 -16.62
C THR C 547 26.15 5.51 -15.32
N GLY C 548 26.80 6.36 -14.55
CA GLY C 548 27.31 5.94 -13.26
C GLY C 548 28.35 6.91 -12.75
N THR C 549 28.98 6.53 -11.64
CA THR C 549 30.01 7.34 -11.01
C THR C 549 31.29 6.51 -10.92
N GLY C 550 32.41 7.11 -11.30
CA GLY C 550 33.64 6.34 -11.21
C GLY C 550 34.84 7.05 -11.78
N VAL C 551 35.98 6.36 -11.72
CA VAL C 551 37.26 6.84 -12.20
C VAL C 551 37.55 6.13 -13.51
N LEU C 552 37.86 6.88 -14.56
CA LEU C 552 38.12 6.30 -15.86
C LEU C 552 39.60 6.38 -16.16
N THR C 553 40.17 5.28 -16.63
CA THR C 553 41.59 5.22 -16.98
C THR C 553 41.75 4.56 -18.34
N GLU C 554 42.94 4.67 -18.90
CA GLU C 554 43.21 4.01 -20.17
C GLU C 554 43.10 2.51 -20.01
N SER C 555 42.41 1.87 -20.95
CA SER C 555 42.24 0.42 -20.95
C SER C 555 43.27 -0.26 -21.84
N ASN C 556 43.64 -1.49 -21.45
CA ASN C 556 44.49 -2.34 -22.28
C ASN C 556 43.71 -3.49 -22.89
N LYS C 557 42.38 -3.39 -22.90
CA LYS C 557 41.50 -4.39 -23.47
C LYS C 557 41.29 -4.11 -24.96
N LYS C 558 41.02 -5.16 -25.72
CA LYS C 558 40.75 -5.02 -27.16
C LYS C 558 39.31 -5.43 -27.43
N PHE C 559 38.48 -4.46 -27.81
CA PHE C 559 37.08 -4.67 -28.14
C PHE C 559 36.90 -5.03 -29.61
N LEU C 560 35.85 -5.78 -29.90
CA LEU C 560 35.51 -6.04 -31.28
C LEU C 560 34.92 -4.76 -31.88
N PRO C 561 34.99 -4.61 -33.20
CA PRO C 561 34.50 -3.37 -33.84
C PRO C 561 33.07 -2.96 -33.50
N PHE C 562 32.22 -3.89 -33.06
CA PHE C 562 30.83 -3.58 -32.79
C PHE C 562 30.44 -3.56 -31.30
N GLN C 563 31.39 -3.77 -30.39
CA GLN C 563 31.06 -3.80 -28.97
C GLN C 563 31.22 -2.41 -28.35
N GLN C 564 30.16 -1.93 -27.68
CA GLN C 564 30.15 -0.58 -27.13
C GLN C 564 30.64 -0.50 -25.69
N PHE C 565 30.45 -1.53 -24.88
CA PHE C 565 30.92 -1.48 -23.50
C PHE C 565 31.21 -2.89 -23.01
N GLY C 566 31.99 -2.97 -21.93
CA GLY C 566 32.33 -4.23 -21.31
C GLY C 566 31.62 -4.43 -19.99
N ARG C 567 31.31 -5.69 -19.69
CA ARG C 567 30.62 -6.06 -18.47
C ARG C 567 31.30 -7.29 -17.88
N ASP C 568 31.47 -7.30 -16.57
CA ASP C 568 32.16 -8.38 -15.88
C ASP C 568 31.21 -9.51 -15.51
N ILE C 569 31.72 -10.48 -14.73
CA ILE C 569 30.97 -11.67 -14.36
C ILE C 569 29.82 -11.39 -13.41
N ALA C 570 29.73 -10.18 -12.87
CA ALA C 570 28.70 -9.81 -11.92
C ALA C 570 27.77 -8.75 -12.49
N ASP C 571 27.70 -8.66 -13.82
CA ASP C 571 26.85 -7.71 -14.54
C ASP C 571 27.18 -6.27 -14.22
N THR C 572 28.44 -5.98 -13.93
CA THR C 572 28.89 -4.62 -13.65
C THR C 572 29.67 -4.12 -14.85
N THR C 573 29.35 -2.92 -15.31
CA THR C 573 30.10 -2.34 -16.42
C THR C 573 31.51 -2.00 -15.95
N ASP C 574 32.51 -2.48 -16.67
CA ASP C 574 33.89 -2.21 -16.27
C ASP C 574 34.74 -1.60 -17.37
N ALA C 575 34.16 -1.34 -18.54
CA ALA C 575 34.90 -0.67 -19.61
C ALA C 575 33.88 -0.09 -20.57
N VAL C 576 34.26 1.04 -21.19
CA VAL C 576 33.46 1.64 -22.24
C VAL C 576 34.35 2.07 -23.38
N ARG C 577 33.77 2.11 -24.58
CA ARG C 577 34.41 2.71 -25.72
C ARG C 577 34.02 4.18 -25.73
N ASP C 578 34.98 5.07 -25.90
CA ASP C 578 34.67 6.48 -25.99
C ASP C 578 33.92 6.76 -27.30
N PRO C 579 32.69 7.27 -27.23
CA PRO C 579 31.92 7.55 -28.45
C PRO C 579 32.61 8.42 -29.50
N GLN C 580 33.55 9.27 -29.10
CA GLN C 580 34.19 10.14 -30.08
C GLN C 580 35.50 9.53 -30.55
N THR C 581 36.59 9.75 -29.82
CA THR C 581 37.84 9.07 -30.11
C THR C 581 37.68 7.62 -29.70
N LEU C 582 38.05 6.67 -30.56
CA LEU C 582 37.74 5.28 -30.25
C LEU C 582 38.78 4.68 -29.30
N GLU C 583 38.83 5.30 -28.12
CA GLU C 583 39.70 4.89 -27.04
C GLU C 583 38.89 3.99 -26.11
N ILE C 584 39.51 2.96 -25.58
CA ILE C 584 38.84 2.09 -24.62
C ILE C 584 39.26 2.53 -23.24
N LEU C 585 38.27 2.78 -22.38
CA LEU C 585 38.50 3.26 -21.02
C LEU C 585 37.98 2.25 -20.02
N ASP C 586 38.77 1.99 -18.97
CA ASP C 586 38.35 1.12 -17.89
C ASP C 586 37.67 1.98 -16.86
N ILE C 587 36.62 1.44 -16.24
CA ILE C 587 35.89 2.13 -15.19
C ILE C 587 36.17 1.44 -13.87
N THR C 588 36.79 2.14 -12.98
CA THR C 588 37.13 1.73 -11.63
C THR C 588 36.21 2.40 -10.65
N PRO C 589 35.53 1.67 -9.78
CA PRO C 589 34.59 2.33 -8.86
C PRO C 589 35.38 3.29 -7.98
N CYS C 590 34.73 4.38 -7.59
CA CYS C 590 35.43 5.37 -6.78
C CYS C 590 35.86 4.81 -5.43
N SER C 591 37.13 5.09 -5.11
CA SER C 591 37.71 4.56 -3.89
C SER C 591 36.85 4.94 -2.70
N PHE C 592 36.66 3.97 -1.83
CA PHE C 592 35.91 4.14 -0.60
C PHE C 592 36.45 3.13 0.39
N GLY C 593 36.14 3.35 1.66
CA GLY C 593 36.51 2.35 2.64
C GLY C 593 36.30 2.87 4.03
N GLY C 594 36.38 1.94 4.99
CA GLY C 594 36.19 2.31 6.37
C GLY C 594 37.34 3.15 6.88
N VAL C 595 37.03 4.01 7.84
CA VAL C 595 38.06 4.80 8.51
C VAL C 595 38.10 4.32 9.94
N SER C 596 39.26 3.82 10.35
CA SER C 596 39.47 3.27 11.69
C SER C 596 40.51 4.08 12.42
N VAL C 597 40.32 4.28 13.72
CA VAL C 597 41.28 5.03 14.52
C VAL C 597 42.05 4.05 15.40
N ILE C 598 43.38 4.01 15.22
CA ILE C 598 44.24 3.12 15.98
C ILE C 598 44.92 3.97 17.06
N THR C 599 44.73 3.61 18.32
CA THR C 599 45.27 4.46 19.36
C THR C 599 45.51 3.67 20.63
N PRO C 600 46.54 4.03 21.40
CA PRO C 600 46.59 3.54 22.77
C PRO C 600 45.47 4.30 23.46
N GLY C 601 44.99 3.78 24.57
CA GLY C 601 43.87 4.43 25.23
C GLY C 601 44.21 5.83 25.70
N THR C 602 43.13 6.62 25.88
CA THR C 602 43.22 8.01 26.32
C THR C 602 43.78 8.06 27.72
N ASN C 603 43.90 6.90 28.34
CA ASN C 603 44.54 6.71 29.62
C ASN C 603 46.03 6.98 29.62
N THR C 604 46.68 6.87 28.46
CA THR C 604 48.11 7.06 28.35
C THR C 604 48.46 8.30 27.54
N SER C 605 47.78 8.45 26.42
CA SER C 605 48.04 9.53 25.49
C SER C 605 46.77 9.74 24.68
N ASN C 606 46.54 10.97 24.29
CA ASN C 606 45.42 11.34 23.47
C ASN C 606 45.83 11.45 22.01
N GLN C 607 47.01 10.97 21.67
CA GLN C 607 47.48 10.95 20.30
C GLN C 607 46.92 9.72 19.62
N VAL C 608 46.47 9.90 18.38
CA VAL C 608 45.92 8.79 17.60
C VAL C 608 46.56 8.75 16.22
N ALA C 609 46.43 7.59 15.58
CA ALA C 609 46.79 7.41 14.19
C ALA C 609 45.53 6.96 13.48
N VAL C 610 45.37 7.32 12.21
CA VAL C 610 44.16 6.96 11.50
C VAL C 610 44.51 6.14 10.27
N LEU C 611 43.84 5.01 10.12
CA LEU C 611 44.02 4.11 8.98
C LEU C 611 42.82 4.27 8.06
N TYR C 612 43.10 4.51 6.78
CA TYR C 612 42.07 4.57 5.74
C TYR C 612 42.16 3.28 4.95
N GLN C 613 41.17 2.40 5.14
CA GLN C 613 41.25 1.05 4.60
C GLN C 613 41.11 1.08 3.09
N ASP C 614 42.07 0.44 2.42
CA ASP C 614 42.08 0.34 0.96
C ASP C 614 42.00 1.71 0.28
N VAL C 615 42.72 2.68 0.83
CA VAL C 615 42.74 3.98 0.19
C VAL C 615 44.24 4.23 -0.02
N ASN C 616 44.56 4.71 -1.22
CA ASN C 616 45.96 5.08 -1.55
C ASN C 616 46.22 6.46 -0.97
N CYS C 617 47.45 6.74 -0.53
CA CYS C 617 47.77 8.03 0.12
C CYS C 617 47.72 9.25 -0.79
N THR C 618 47.67 9.10 -2.09
CA THR C 618 47.57 10.26 -2.98
C THR C 618 46.13 10.73 -3.11
N GLU C 619 45.19 9.94 -2.61
CA GLU C 619 43.76 10.22 -2.67
C GLU C 619 43.22 10.90 -1.42
N VAL C 620 43.87 10.73 -0.27
CA VAL C 620 43.39 11.31 0.97
C VAL C 620 43.65 12.81 1.01
N ASN C 641 54.09 12.17 8.82
CA ASN C 641 54.01 10.73 9.03
C ASN C 641 52.89 10.11 8.20
N VAL C 642 53.17 9.85 6.93
CA VAL C 642 52.22 9.18 6.03
C VAL C 642 52.89 7.91 5.51
N PHE C 643 52.31 6.77 5.84
CA PHE C 643 52.87 5.47 5.48
C PHE C 643 51.85 4.66 4.68
N GLN C 644 52.20 4.32 3.45
CA GLN C 644 51.32 3.52 2.61
C GLN C 644 51.63 2.05 2.88
N THR C 645 50.64 1.30 3.34
CA THR C 645 50.85 -0.11 3.63
C THR C 645 49.81 -0.94 2.89
N ARG C 646 49.97 -2.26 2.99
CA ARG C 646 49.11 -3.18 2.27
C ARG C 646 47.68 -3.11 2.76
N ALA C 647 47.47 -2.61 3.98
CA ALA C 647 46.14 -2.49 4.54
C ALA C 647 45.47 -1.16 4.20
N GLY C 648 46.18 -0.23 3.58
CA GLY C 648 45.63 1.09 3.36
C GLY C 648 46.63 2.19 3.68
N CYS C 649 46.12 3.41 3.79
CA CYS C 649 46.98 4.56 4.07
C CYS C 649 46.92 4.86 5.57
N LEU C 650 48.07 4.80 6.23
CA LEU C 650 48.19 5.02 7.67
C LEU C 650 48.81 6.38 7.93
N ILE C 651 48.09 7.27 8.59
CA ILE C 651 48.56 8.63 8.83
C ILE C 651 48.72 8.87 10.33
N GLY C 652 49.89 9.39 10.71
CA GLY C 652 50.22 9.73 12.08
C GLY C 652 51.19 8.79 12.76
N ALA C 653 51.39 7.59 12.23
CA ALA C 653 52.35 6.66 12.81
C ALA C 653 53.71 6.74 12.13
N GLU C 654 54.77 6.62 12.93
CA GLU C 654 56.13 6.60 12.40
C GLU C 654 56.50 5.13 12.23
N HIS C 655 56.74 4.72 10.98
CA HIS C 655 57.09 3.33 10.71
C HIS C 655 58.54 3.07 11.11
N VAL C 656 58.79 1.95 11.78
CA VAL C 656 60.16 1.62 12.18
C VAL C 656 60.52 0.21 11.75
N ASN C 657 61.83 -0.02 11.65
CA ASN C 657 62.46 -1.30 11.28
C ASN C 657 62.51 -2.33 12.40
N ASN C 658 62.59 -1.92 13.66
CA ASN C 658 62.71 -2.88 14.74
C ASN C 658 61.40 -3.65 14.84
N SER C 659 61.50 -4.97 14.89
CA SER C 659 60.31 -5.78 15.07
C SER C 659 60.05 -6.02 16.55
N TYR C 660 58.79 -6.24 16.88
CA TYR C 660 58.39 -6.51 18.25
C TYR C 660 57.21 -7.46 18.22
N GLU C 661 56.76 -7.86 19.40
CA GLU C 661 55.55 -8.66 19.48
C GLU C 661 54.40 -7.75 19.02
N CYS C 662 53.45 -8.32 18.29
CA CYS C 662 52.37 -7.48 17.80
C CYS C 662 51.58 -6.91 18.96
N ASP C 663 51.31 -5.61 18.91
CA ASP C 663 50.54 -4.95 20.00
C ASP C 663 49.09 -4.80 19.56
N ILE C 664 48.81 -3.79 18.73
CA ILE C 664 47.43 -3.63 18.19
C ILE C 664 47.45 -4.00 16.70
N PRO C 665 46.61 -4.94 16.24
CA PRO C 665 46.66 -5.38 14.85
C PRO C 665 46.17 -4.34 13.83
N ILE C 666 46.94 -4.13 12.75
CA ILE C 666 46.48 -3.19 11.67
C ILE C 666 46.28 -4.02 10.39
N GLY C 667 46.66 -5.30 10.44
CA GLY C 667 46.50 -6.18 9.27
C GLY C 667 47.76 -6.24 8.41
N ALA C 668 47.87 -7.27 7.56
CA ALA C 668 49.02 -7.41 6.63
C ALA C 668 50.35 -7.42 7.39
N GLY C 669 50.41 -8.07 8.55
CA GLY C 669 51.69 -8.21 9.28
C GLY C 669 52.13 -6.93 9.95
N ILE C 670 51.60 -5.79 9.53
CA ILE C 670 51.94 -4.52 10.16
C ILE C 670 51.13 -4.37 11.45
N CYS C 671 51.83 -4.02 12.52
CA CYS C 671 51.25 -3.74 13.82
C CYS C 671 51.75 -2.38 14.29
N ALA C 672 50.94 -1.71 15.10
CA ALA C 672 51.30 -0.43 15.69
C ALA C 672 51.53 -0.59 17.19
N SER C 673 52.32 0.33 17.74
CA SER C 673 52.58 0.35 19.17
C SER C 673 52.92 1.75 19.63
N TYR C 674 52.63 2.04 20.91
CA TYR C 674 52.97 3.32 21.51
C TYR C 674 54.32 3.16 22.21
N GLN C 675 55.34 3.86 21.72
CA GLN C 675 56.71 3.67 22.19
C GLN C 675 57.35 5.00 22.54
N THR C 676 58.34 4.93 23.42
CA THR C 676 59.10 6.12 23.80
C THR C 676 60.25 6.36 22.83
N GLN C 687 57.22 10.06 23.17
CA GLN C 687 56.52 8.84 22.77
C GLN C 687 55.61 9.13 21.58
N SER C 688 55.36 8.10 20.79
CA SER C 688 54.52 8.22 19.60
C SER C 688 54.01 6.84 19.21
N ILE C 689 53.08 6.82 18.27
CA ILE C 689 52.57 5.57 17.70
C ILE C 689 53.46 5.22 16.52
N ILE C 690 53.91 3.98 16.47
CA ILE C 690 54.76 3.48 15.41
C ILE C 690 54.07 2.33 14.70
N ALA C 691 54.53 2.06 13.48
CA ALA C 691 54.07 0.95 12.68
C ALA C 691 55.30 0.12 12.29
N TYR C 692 55.15 -1.19 12.32
CA TYR C 692 56.28 -2.05 12.01
C TYR C 692 55.78 -3.39 11.52
N THR C 693 56.68 -4.13 10.88
CA THR C 693 56.33 -5.51 10.54
C THR C 693 56.52 -6.32 11.81
N MET C 694 55.49 -7.05 12.19
CA MET C 694 55.53 -7.74 13.46
C MET C 694 56.52 -8.91 13.46
N SER C 695 57.14 -9.11 14.60
CA SER C 695 57.99 -10.27 14.82
C SER C 695 57.10 -11.44 15.23
N LEU C 696 57.50 -12.65 14.85
CA LEU C 696 56.73 -13.81 15.24
C LEU C 696 57.28 -14.49 16.48
N GLY C 697 58.30 -13.91 17.08
CA GLY C 697 58.95 -14.45 18.27
C GLY C 697 60.45 -14.48 18.08
N ALA C 698 61.13 -14.66 19.21
CA ALA C 698 62.57 -14.72 19.14
C ALA C 698 62.99 -15.99 18.42
N GLU C 699 64.08 -15.93 17.68
CA GLU C 699 64.59 -17.12 17.04
C GLU C 699 65.37 -17.93 18.05
N ASN C 700 65.29 -19.25 17.95
CA ASN C 700 66.04 -20.12 18.85
C ASN C 700 66.49 -21.37 18.10
N SER C 701 67.72 -21.31 17.58
CA SER C 701 68.27 -22.45 16.87
C SER C 701 68.51 -23.58 17.87
N VAL C 702 68.18 -24.78 17.48
CA VAL C 702 68.40 -25.94 18.32
C VAL C 702 69.74 -26.57 17.94
N ALA C 703 70.57 -26.85 18.94
CA ALA C 703 71.91 -27.39 18.72
C ALA C 703 71.76 -28.87 18.40
N TYR C 704 71.18 -29.15 17.24
CA TYR C 704 70.97 -30.53 16.85
C TYR C 704 72.26 -31.19 16.44
N SER C 705 72.43 -32.41 16.93
CA SER C 705 73.51 -33.27 16.52
C SER C 705 73.08 -34.69 16.79
N ASN C 706 73.80 -35.62 16.20
CA ASN C 706 73.47 -37.03 16.36
C ASN C 706 73.96 -37.66 17.70
N ASN C 707 74.73 -36.98 18.57
CA ASN C 707 75.26 -37.58 19.81
C ASN C 707 75.18 -36.81 21.17
N SER C 708 74.24 -35.87 21.46
CA SER C 708 74.28 -35.12 22.74
C SER C 708 72.94 -34.94 23.51
N ILE C 709 72.79 -35.22 24.86
CA ILE C 709 71.39 -34.99 25.37
C ILE C 709 71.24 -34.09 26.63
N ALA C 710 70.18 -33.20 26.64
CA ALA C 710 69.78 -32.24 27.72
C ALA C 710 68.57 -32.47 28.69
N ILE C 711 68.84 -32.67 29.97
CA ILE C 711 67.70 -33.09 30.84
C ILE C 711 67.56 -32.12 31.99
N PRO C 712 66.33 -31.68 32.33
CA PRO C 712 66.20 -30.65 33.36
C PRO C 712 66.73 -31.17 34.70
N THR C 713 67.71 -30.47 35.25
CA THR C 713 68.22 -30.82 36.60
C THR C 713 67.11 -30.47 37.60
N ASN C 714 66.42 -29.35 37.35
CA ASN C 714 65.35 -28.89 38.27
C ASN C 714 64.04 -28.85 37.48
N PHE C 715 62.91 -28.72 38.17
CA PHE C 715 61.61 -28.63 37.46
C PHE C 715 60.71 -27.61 38.16
N THR C 716 59.79 -27.01 37.42
CA THR C 716 58.86 -26.01 38.01
C THR C 716 57.41 -26.43 37.78
N ILE C 717 56.58 -26.37 38.82
CA ILE C 717 55.13 -26.68 38.65
C ILE C 717 54.46 -25.39 38.17
N SER C 718 53.54 -25.47 37.19
CA SER C 718 53.01 -24.23 36.68
C SER C 718 51.53 -24.30 36.88
N VAL C 719 50.95 -23.19 37.31
CA VAL C 719 49.51 -23.13 37.44
C VAL C 719 49.10 -22.04 36.48
N THR C 720 48.20 -22.38 35.60
CA THR C 720 47.68 -21.47 34.61
C THR C 720 46.19 -21.40 34.79
N THR C 721 45.59 -20.33 34.32
CA THR C 721 44.16 -20.17 34.46
C THR C 721 43.52 -20.21 33.09
N GLU C 722 42.55 -21.11 32.94
CA GLU C 722 41.77 -21.22 31.71
C GLU C 722 40.33 -20.92 32.10
N ILE C 723 39.72 -19.96 31.43
CA ILE C 723 38.38 -19.53 31.77
C ILE C 723 37.44 -19.88 30.63
N LEU C 724 36.38 -20.61 30.93
CA LEU C 724 35.42 -20.96 29.91
C LEU C 724 34.02 -20.55 30.32
N PRO C 725 33.23 -20.00 29.40
CA PRO C 725 31.82 -19.77 29.69
C PRO C 725 31.08 -21.09 29.71
N VAL C 726 30.06 -21.17 30.56
CA VAL C 726 29.21 -22.34 30.68
C VAL C 726 27.76 -22.04 30.32
N SER C 727 27.25 -20.87 30.71
CA SER C 727 25.85 -20.55 30.53
C SER C 727 25.70 -19.07 30.22
N MET C 728 24.48 -18.69 29.85
CA MET C 728 24.14 -17.30 29.58
C MET C 728 22.80 -16.97 30.20
N THR C 729 22.52 -15.68 30.28
CA THR C 729 21.28 -15.19 30.89
C THR C 729 20.07 -15.80 30.19
N LYS C 730 19.15 -16.35 30.97
CA LYS C 730 17.96 -17.00 30.43
C LYS C 730 16.88 -15.96 30.15
N THR C 731 17.05 -15.24 29.05
CA THR C 731 16.10 -14.19 28.67
C THR C 731 14.89 -14.83 27.98
N SER C 732 13.69 -14.41 28.38
CA SER C 732 12.46 -14.90 27.77
C SER C 732 11.59 -13.70 27.37
N VAL C 733 11.33 -13.58 26.07
CA VAL C 733 10.58 -12.45 25.53
C VAL C 733 9.22 -12.94 25.03
N ASP C 734 8.16 -12.33 25.54
CA ASP C 734 6.80 -12.69 25.12
C ASP C 734 6.48 -11.96 23.82
N CYS C 735 6.36 -12.73 22.73
CA CYS C 735 6.17 -12.17 21.41
C CYS C 735 4.98 -11.21 21.32
N THR C 736 3.80 -11.67 21.78
CA THR C 736 2.59 -10.85 21.66
C THR C 736 2.71 -9.59 22.49
N MET C 737 3.17 -9.74 23.73
CA MET C 737 3.25 -8.62 24.63
C MET C 737 4.26 -7.62 24.14
N TYR C 738 5.37 -8.11 23.55
CA TYR C 738 6.38 -7.23 22.95
C TYR C 738 5.85 -6.45 21.75
N ILE C 739 5.22 -7.16 20.81
CA ILE C 739 4.74 -6.52 19.57
C ILE C 739 3.51 -5.68 19.83
N CYS C 740 2.55 -6.22 20.57
CA CYS C 740 1.27 -5.56 20.80
C CYS C 740 1.14 -5.22 22.28
N GLY C 741 1.63 -4.05 22.66
CA GLY C 741 1.66 -3.66 24.05
C GLY C 741 0.28 -3.37 24.61
N ASP C 742 -0.42 -4.41 25.06
CA ASP C 742 -1.73 -4.28 25.71
C ASP C 742 -2.73 -3.49 24.86
N SER C 743 -2.78 -3.76 23.56
CA SER C 743 -3.71 -3.10 22.66
C SER C 743 -4.55 -4.15 21.97
N THR C 744 -5.88 -4.04 22.11
CA THR C 744 -6.78 -5.04 21.56
C THR C 744 -6.68 -5.12 20.05
N GLU C 745 -6.63 -3.96 19.38
CA GLU C 745 -6.61 -3.96 17.92
C GLU C 745 -5.36 -4.65 17.40
N CYS C 746 -4.21 -4.36 18.02
CA CYS C 746 -2.98 -5.02 17.60
C CYS C 746 -3.03 -6.49 17.95
N SER C 747 -3.50 -6.82 19.15
CA SER C 747 -3.55 -8.21 19.59
C SER C 747 -4.39 -9.04 18.62
N ASN C 748 -5.48 -8.46 18.10
CA ASN C 748 -6.31 -9.17 17.15
C ASN C 748 -5.65 -9.25 15.78
N LEU C 749 -4.99 -8.16 15.36
CA LEU C 749 -4.31 -8.18 14.07
C LEU C 749 -3.18 -9.20 14.07
N LEU C 750 -2.53 -9.37 15.21
CA LEU C 750 -1.41 -10.30 15.37
C LEU C 750 -1.86 -11.75 15.18
N LEU C 751 -3.16 -12.02 15.26
CA LEU C 751 -3.63 -13.39 15.13
C LEU C 751 -3.53 -13.86 13.69
N GLN C 752 -3.35 -12.93 12.74
CA GLN C 752 -3.28 -13.27 11.33
C GLN C 752 -1.91 -13.82 10.95
N TYR C 753 -0.96 -13.79 11.88
CA TYR C 753 0.40 -14.27 11.66
C TYR C 753 0.60 -15.70 12.19
N GLY C 754 -0.50 -16.33 12.62
CA GLY C 754 -0.47 -17.72 13.03
C GLY C 754 0.41 -18.06 14.22
N SER C 755 1.33 -18.99 14.01
CA SER C 755 2.21 -19.50 15.06
C SER C 755 3.55 -18.78 15.21
N PHE C 756 3.79 -17.70 14.47
CA PHE C 756 5.09 -17.03 14.56
C PHE C 756 5.48 -16.74 16.01
N CYS C 757 4.56 -16.19 16.79
CA CYS C 757 4.84 -15.91 18.19
C CYS C 757 5.03 -17.21 18.98
N THR C 758 4.27 -18.25 18.63
CA THR C 758 4.40 -19.51 19.34
C THR C 758 5.78 -20.11 19.11
N GLN C 759 6.24 -20.09 17.85
CA GLN C 759 7.53 -20.65 17.52
C GLN C 759 8.65 -19.85 18.17
N LEU C 760 8.51 -18.52 18.23
CA LEU C 760 9.56 -17.73 18.88
C LEU C 760 9.61 -18.01 20.37
N ASN C 761 8.45 -18.14 21.01
CA ASN C 761 8.43 -18.43 22.43
C ASN C 761 9.03 -19.80 22.69
N ARG C 762 8.76 -20.75 21.79
CA ARG C 762 9.29 -22.09 21.91
C ARG C 762 10.82 -22.09 21.78
N ALA C 763 11.35 -21.35 20.81
CA ALA C 763 12.79 -21.31 20.61
C ALA C 763 13.48 -20.72 21.83
N LEU C 764 12.90 -19.65 22.39
CA LEU C 764 13.53 -19.05 23.56
C LEU C 764 13.43 -19.97 24.77
N THR C 765 12.31 -20.69 24.89
CA THR C 765 12.19 -21.66 25.98
C THR C 765 13.26 -22.74 25.84
N GLY C 766 13.44 -23.24 24.62
CA GLY C 766 14.43 -24.27 24.37
C GLY C 766 15.81 -23.81 24.80
N ILE C 767 16.15 -22.55 24.49
CA ILE C 767 17.44 -22.02 24.91
C ILE C 767 17.53 -21.97 26.43
N ALA C 768 16.47 -21.46 27.08
CA ALA C 768 16.49 -21.34 28.53
C ALA C 768 16.71 -22.69 29.19
N VAL C 769 16.08 -23.74 28.65
CA VAL C 769 16.27 -25.08 29.19
C VAL C 769 17.69 -25.56 28.95
N GLU C 770 18.19 -25.34 27.74
CA GLU C 770 19.55 -25.75 27.42
C GLU C 770 20.57 -25.14 28.38
N GLN C 771 20.33 -23.91 28.83
CA GLN C 771 21.31 -23.30 29.74
C GLN C 771 21.42 -24.07 31.05
N ASP C 772 20.33 -24.67 31.52
CA ASP C 772 20.41 -25.43 32.75
C ASP C 772 21.00 -26.80 32.47
N LYS C 773 20.73 -27.33 31.29
CA LYS C 773 21.34 -28.60 30.92
C LYS C 773 22.85 -28.44 30.89
N ASN C 774 23.32 -27.34 30.30
CA ASN C 774 24.76 -27.07 30.22
C ASN C 774 25.37 -26.92 31.60
N THR C 775 24.67 -26.20 32.49
CA THR C 775 25.23 -26.01 33.84
C THR C 775 25.35 -27.34 34.55
N GLN C 776 24.33 -28.20 34.47
CA GLN C 776 24.41 -29.49 35.14
C GLN C 776 25.49 -30.36 34.53
N GLU C 777 25.63 -30.35 33.20
CA GLU C 777 26.65 -31.16 32.55
C GLU C 777 28.04 -30.74 32.97
N VAL C 778 28.26 -29.44 33.16
CA VAL C 778 29.58 -28.97 33.54
C VAL C 778 29.88 -29.24 35.01
N PHE C 779 28.94 -28.94 35.90
CA PHE C 779 29.25 -29.04 37.32
C PHE C 779 28.74 -30.30 38.01
N ALA C 780 27.59 -30.83 37.62
CA ALA C 780 26.99 -31.95 38.35
C ALA C 780 27.49 -33.30 37.85
N GLN C 781 28.80 -33.53 37.99
CA GLN C 781 29.38 -34.80 37.57
C GLN C 781 29.72 -35.70 38.74
N VAL C 782 29.41 -35.28 39.96
CA VAL C 782 29.72 -36.03 41.16
C VAL C 782 28.42 -36.32 41.92
N LYS C 783 28.23 -37.57 42.34
CA LYS C 783 27.01 -37.99 43.00
C LYS C 783 27.05 -37.84 44.52
N GLN C 784 28.19 -37.48 45.09
CA GLN C 784 28.32 -37.29 46.52
C GLN C 784 29.02 -35.97 46.79
N ILE C 785 28.71 -35.37 47.93
CA ILE C 785 29.34 -34.12 48.34
C ILE C 785 30.47 -34.44 49.29
N TYR C 786 31.70 -34.30 48.81
CA TYR C 786 32.90 -34.60 49.59
C TYR C 786 33.33 -33.36 50.37
N LYS C 787 33.97 -33.59 51.51
CA LYS C 787 34.48 -32.49 52.32
C LYS C 787 35.89 -32.78 52.78
N THR C 788 36.68 -31.71 52.91
CA THR C 788 38.03 -31.81 53.43
C THR C 788 37.98 -32.06 54.94
N PRO C 789 39.05 -32.62 55.51
CA PRO C 789 39.08 -32.81 56.97
C PRO C 789 39.25 -31.50 57.71
N PRO C 790 38.83 -31.46 58.97
CA PRO C 790 39.15 -30.32 59.85
C PRO C 790 40.63 -29.98 59.96
N ILE C 791 41.51 -30.98 59.85
CA ILE C 791 42.94 -30.77 59.95
C ILE C 791 43.51 -30.83 58.55
N LYS C 792 43.91 -29.67 58.06
CA LYS C 792 44.40 -29.47 56.69
C LYS C 792 45.88 -29.81 56.63
N ASP C 793 46.18 -31.11 56.82
CA ASP C 793 47.59 -31.58 56.71
C ASP C 793 47.73 -32.31 55.38
N PHE C 794 48.19 -31.61 54.34
CA PHE C 794 48.25 -32.22 52.99
C PHE C 794 49.71 -32.30 52.54
N GLY C 795 50.63 -32.61 53.46
CA GLY C 795 52.05 -32.74 53.10
C GLY C 795 52.70 -31.39 52.84
N GLY C 796 52.14 -30.33 53.42
CA GLY C 796 52.73 -28.98 53.28
C GLY C 796 52.15 -28.24 52.10
N PHE C 797 51.29 -28.89 51.33
CA PHE C 797 50.61 -28.20 50.20
C PHE C 797 49.47 -27.36 50.76
N ASN C 798 49.44 -26.06 50.42
CA ASN C 798 48.41 -25.16 50.99
C ASN C 798 47.30 -24.96 49.96
N PHE C 799 46.05 -25.19 50.36
CA PHE C 799 44.91 -25.07 49.41
C PHE C 799 43.86 -24.10 49.98
N SER C 800 44.16 -23.46 51.12
CA SER C 800 43.19 -22.53 51.74
C SER C 800 42.76 -21.49 50.71
N GLN C 801 43.60 -21.27 49.70
CA GLN C 801 43.31 -20.25 48.65
C GLN C 801 42.26 -20.79 47.68
N ILE C 802 42.34 -22.08 47.33
CA ILE C 802 41.39 -22.65 46.32
C ILE C 802 40.22 -23.35 47.02
N LEU C 803 40.22 -23.43 48.36
CA LEU C 803 39.14 -24.16 49.08
C LEU C 803 38.19 -23.17 49.77
N PRO C 804 36.89 -23.45 50.00
CA PRO C 804 36.01 -22.46 50.64
C PRO C 804 36.44 -22.24 52.08
N ASP C 805 36.25 -21.01 52.55
CA ASP C 805 36.55 -20.72 53.94
C ASP C 805 35.27 -20.45 54.72
N PRO C 806 35.31 -20.58 56.05
CA PRO C 806 34.15 -20.23 56.87
C PRO C 806 34.04 -18.76 57.25
N SER C 807 34.86 -17.88 56.67
CA SER C 807 34.80 -16.46 57.04
C SER C 807 33.78 -15.69 56.21
N LYS C 808 33.68 -15.99 54.92
CA LYS C 808 32.72 -15.32 54.06
C LYS C 808 31.37 -16.04 54.09
N PRO C 809 30.27 -15.28 54.10
CA PRO C 809 28.93 -15.90 54.11
C PRO C 809 28.62 -16.68 52.85
N SER C 810 29.35 -16.43 51.76
CA SER C 810 29.12 -17.12 50.50
C SER C 810 29.76 -18.49 50.46
N LYS C 811 30.61 -18.81 51.43
CA LYS C 811 31.33 -20.08 51.50
C LYS C 811 32.08 -20.36 50.20
N ARG C 812 32.76 -19.33 49.72
CA ARG C 812 33.55 -19.43 48.51
C ARG C 812 35.02 -19.23 48.86
N SER C 813 35.89 -19.64 47.93
CA SER C 813 37.31 -19.49 48.14
C SER C 813 37.74 -18.04 47.87
N PRO C 814 38.90 -17.65 48.40
CA PRO C 814 39.51 -16.37 47.98
C PRO C 814 39.57 -16.19 46.47
N ILE C 815 40.02 -17.20 45.75
CA ILE C 815 40.05 -17.09 44.30
C ILE C 815 38.64 -16.95 43.75
N GLU C 816 37.69 -17.73 44.25
CA GLU C 816 36.33 -17.56 43.78
C GLU C 816 35.84 -16.16 44.11
N ASP C 817 36.22 -15.66 45.30
CA ASP C 817 35.84 -14.32 45.70
C ASP C 817 36.30 -13.29 44.68
N LEU C 818 37.53 -13.44 44.18
CA LEU C 818 38.03 -12.51 43.16
C LEU C 818 37.26 -12.68 41.86
N LEU C 819 37.02 -13.93 41.45
CA LEU C 819 36.35 -14.14 40.17
C LEU C 819 34.95 -13.54 40.18
N PHE C 820 34.25 -13.64 41.31
CA PHE C 820 32.91 -13.08 41.41
C PHE C 820 32.92 -11.57 41.55
N ASN C 821 33.80 -11.03 42.40
CA ASN C 821 33.81 -9.59 42.63
C ASN C 821 34.28 -8.79 41.41
N LYS C 822 35.09 -9.40 40.54
CA LYS C 822 35.64 -8.68 39.40
C LYS C 822 34.83 -8.81 38.13
N VAL C 823 33.64 -9.40 38.18
CA VAL C 823 32.80 -9.47 36.98
C VAL C 823 31.59 -8.55 37.14
N ASN C 853 8.50 -3.95 28.60
CA ASN C 853 8.87 -4.28 27.23
C ASN C 853 8.44 -5.68 26.87
N GLY C 854 7.87 -6.40 27.85
CA GLY C 854 7.38 -7.73 27.62
C GLY C 854 8.38 -8.84 27.76
N LEU C 855 9.56 -8.56 28.30
CA LEU C 855 10.60 -9.56 28.48
C LEU C 855 10.90 -9.73 29.96
N THR C 856 11.31 -10.94 30.32
CA THR C 856 11.70 -11.29 31.67
C THR C 856 13.00 -12.06 31.63
N VAL C 857 13.62 -12.21 32.79
CA VAL C 857 14.83 -13.02 32.94
C VAL C 857 14.56 -14.11 33.96
N LEU C 858 14.79 -15.35 33.55
CA LEU C 858 14.49 -16.43 34.49
C LEU C 858 15.71 -16.74 35.33
N PRO C 859 15.53 -17.07 36.61
CA PRO C 859 16.69 -17.43 37.42
C PRO C 859 17.21 -18.79 37.04
N PRO C 860 18.50 -19.04 37.26
CA PRO C 860 19.04 -20.38 37.02
C PRO C 860 18.52 -21.36 38.05
N LEU C 861 18.51 -22.64 37.67
CA LEU C 861 18.14 -23.67 38.63
C LEU C 861 19.17 -23.79 39.74
N LEU C 862 20.45 -23.73 39.40
CA LEU C 862 21.53 -23.85 40.37
C LEU C 862 22.05 -22.45 40.73
N THR C 863 21.83 -22.06 41.98
CA THR C 863 22.26 -20.72 42.45
C THR C 863 23.77 -20.75 42.62
N ASP C 864 24.39 -19.60 42.83
CA ASP C 864 25.86 -19.56 42.92
C ASP C 864 26.30 -20.43 44.11
N GLU C 865 25.56 -20.37 45.22
CA GLU C 865 25.94 -21.14 46.42
C GLU C 865 25.93 -22.63 46.09
N MET C 866 24.90 -23.09 45.38
CA MET C 866 24.78 -24.53 45.03
C MET C 866 25.94 -24.92 44.09
N ILE C 867 26.24 -24.06 43.12
CA ILE C 867 27.34 -24.36 42.16
C ILE C 867 28.64 -24.41 42.97
N ALA C 868 28.80 -23.50 43.93
CA ALA C 868 30.01 -23.48 44.78
C ALA C 868 30.10 -24.77 45.58
N GLN C 869 28.98 -25.25 46.10
CA GLN C 869 28.97 -26.53 46.86
C GLN C 869 29.47 -27.64 45.94
N TYR C 870 29.18 -27.55 44.64
CA TYR C 870 29.66 -28.56 43.71
C TYR C 870 31.17 -28.46 43.52
N THR C 871 31.68 -27.23 43.39
CA THR C 871 33.11 -27.10 43.20
C THR C 871 33.85 -27.48 44.48
N SER C 872 33.25 -27.17 45.63
CA SER C 872 33.86 -27.60 46.90
C SER C 872 34.02 -29.11 46.88
N ALA C 873 32.96 -29.83 46.50
CA ALA C 873 33.01 -31.31 46.53
C ALA C 873 34.06 -31.83 45.56
N LEU C 874 34.10 -31.30 44.33
CA LEU C 874 35.04 -31.83 43.33
C LEU C 874 36.46 -31.58 43.82
N LEU C 875 36.71 -30.39 44.37
CA LEU C 875 38.06 -30.05 44.88
C LEU C 875 38.40 -31.01 46.02
N ALA C 876 37.44 -31.24 46.92
CA ALA C 876 37.74 -32.09 48.10
C ALA C 876 38.08 -33.50 47.64
N GLY C 877 37.31 -34.02 46.68
CA GLY C 877 37.59 -35.38 46.17
C GLY C 877 38.93 -35.43 45.50
N THR C 878 39.25 -34.41 44.70
CA THR C 878 40.54 -34.40 43.97
C THR C 878 41.66 -34.38 45.03
N ILE C 879 41.46 -33.64 46.12
CA ILE C 879 42.53 -33.54 47.11
C ILE C 879 42.65 -34.79 47.98
N THR C 880 41.53 -35.34 48.46
CA THR C 880 41.63 -36.45 49.40
C THR C 880 41.59 -37.84 48.77
N SER C 881 41.10 -37.98 47.53
CA SER C 881 40.99 -39.30 46.91
C SER C 881 41.51 -39.34 45.48
N GLY C 882 42.13 -38.27 45.00
CA GLY C 882 42.66 -38.27 43.65
C GLY C 882 41.58 -38.50 42.61
N TRP C 883 41.83 -39.43 41.69
CA TRP C 883 40.88 -39.73 40.64
C TRP C 883 39.95 -40.87 41.00
N THR C 884 40.10 -41.47 42.18
CA THR C 884 39.33 -42.67 42.48
C THR C 884 37.85 -42.35 42.65
N PHE C 885 37.52 -41.14 43.10
CA PHE C 885 36.11 -40.80 43.29
C PHE C 885 35.42 -40.56 41.96
N GLY C 886 36.17 -40.18 40.93
CA GLY C 886 35.57 -39.94 39.63
C GLY C 886 35.13 -41.23 38.97
N ALA C 887 35.91 -42.29 39.12
CA ALA C 887 35.65 -43.57 38.49
C ALA C 887 34.78 -44.48 39.34
N GLY C 888 34.38 -44.05 40.53
CA GLY C 888 33.60 -44.88 41.41
C GLY C 888 33.67 -44.42 42.85
N PRO C 889 34.02 -45.34 43.76
CA PRO C 889 34.11 -44.98 45.17
C PRO C 889 35.34 -44.12 45.43
N ALA C 890 35.21 -43.21 46.39
CA ALA C 890 36.32 -42.35 46.77
C ALA C 890 37.25 -43.11 47.70
N LEU C 891 38.49 -43.32 47.26
CA LEU C 891 39.48 -44.06 48.02
C LEU C 891 40.50 -43.08 48.56
N GLN C 892 40.58 -42.98 49.88
CA GLN C 892 41.49 -42.00 50.46
C GLN C 892 42.92 -42.37 50.12
N ILE C 893 43.74 -41.35 49.89
CA ILE C 893 45.17 -41.55 49.69
C ILE C 893 45.89 -40.33 50.23
N PRO C 894 47.03 -40.51 50.89
CA PRO C 894 47.83 -39.35 51.28
C PRO C 894 48.15 -38.51 50.07
N PHE C 895 48.06 -37.19 50.23
CA PHE C 895 48.28 -36.31 49.09
C PHE C 895 49.67 -36.52 48.50
N PRO C 896 50.76 -36.59 49.27
CA PRO C 896 52.07 -36.85 48.64
C PRO C 896 52.09 -38.08 47.75
N MET C 897 51.36 -39.15 48.08
CA MET C 897 51.39 -40.28 47.14
C MET C 897 50.57 -39.96 45.91
N GLN C 898 49.46 -39.24 46.07
CA GLN C 898 48.70 -38.84 44.89
C GLN C 898 49.60 -38.07 43.94
N MET C 899 50.41 -37.17 44.49
CA MET C 899 51.35 -36.44 43.66
C MET C 899 52.36 -37.40 43.05
N ALA C 900 52.80 -38.40 43.83
CA ALA C 900 53.77 -39.38 43.35
C ALA C 900 53.24 -40.16 42.15
N TYR C 901 51.94 -40.49 42.18
CA TYR C 901 51.36 -41.25 41.08
C TYR C 901 51.25 -40.38 39.85
N ARG C 902 50.89 -39.11 40.08
CA ARG C 902 50.76 -38.18 38.98
C ARG C 902 52.11 -37.88 38.36
N PHE C 903 53.17 -37.89 39.17
CA PHE C 903 54.51 -37.72 38.61
C PHE C 903 54.89 -38.95 37.82
N ASN C 904 54.58 -40.15 38.34
CA ASN C 904 54.88 -41.37 37.62
C ASN C 904 54.17 -41.39 36.27
N GLY C 905 52.95 -40.85 36.23
CA GLY C 905 52.13 -40.81 35.03
C GLY C 905 52.69 -39.98 33.90
N ILE C 906 53.68 -39.13 34.17
CA ILE C 906 54.27 -38.29 33.13
C ILE C 906 55.72 -38.68 32.86
N GLY C 907 56.14 -39.86 33.33
CA GLY C 907 57.47 -40.34 33.07
C GLY C 907 58.53 -39.90 34.05
N VAL C 908 58.16 -39.45 35.24
CA VAL C 908 59.10 -39.05 36.28
C VAL C 908 58.88 -39.95 37.47
N THR C 909 59.92 -40.69 37.85
CA THR C 909 59.77 -41.68 38.91
C THR C 909 59.43 -41.00 40.24
N GLN C 910 58.69 -41.72 41.08
CA GLN C 910 58.14 -41.15 42.31
C GLN C 910 59.22 -40.74 43.30
N ASN C 911 60.45 -41.27 43.17
CA ASN C 911 61.46 -40.85 44.12
C ASN C 911 61.83 -39.40 43.92
N VAL C 912 61.58 -38.87 42.71
CA VAL C 912 61.90 -37.47 42.47
C VAL C 912 61.01 -36.61 43.35
N LEU C 913 59.71 -36.97 43.40
CA LEU C 913 58.77 -36.26 44.25
C LEU C 913 59.15 -36.37 45.71
N TYR C 914 59.43 -37.59 46.17
CA TYR C 914 59.67 -37.76 47.60
C TYR C 914 60.94 -37.05 48.04
N GLU C 915 61.99 -37.11 47.22
CA GLU C 915 63.23 -36.45 47.61
C GLU C 915 63.07 -34.94 47.67
N ASN C 916 62.25 -34.34 46.81
CA ASN C 916 62.05 -32.90 46.79
C ASN C 916 60.67 -32.45 47.30
N GLN C 917 59.98 -33.26 48.11
CA GLN C 917 58.62 -32.94 48.54
C GLN C 917 58.48 -31.59 49.24
N LYS C 918 59.41 -31.24 50.13
CA LYS C 918 59.30 -29.97 50.86
C LYS C 918 59.46 -28.78 49.92
N LEU C 919 60.39 -28.91 48.98
CA LEU C 919 60.67 -27.87 48.01
C LEU C 919 59.45 -27.67 47.13
N ILE C 920 58.85 -28.77 46.70
CA ILE C 920 57.70 -28.73 45.82
C ILE C 920 56.51 -28.07 46.51
N ALA C 921 56.23 -28.43 47.77
CA ALA C 921 55.09 -27.80 48.47
C ALA C 921 55.26 -26.29 48.72
N ASN C 922 56.45 -25.84 49.10
CA ASN C 922 56.61 -24.41 49.36
C ASN C 922 56.50 -23.63 48.07
N GLN C 923 57.08 -24.24 47.08
CA GLN C 923 57.10 -23.75 45.74
C GLN C 923 55.65 -23.69 45.19
N PHE C 924 54.82 -24.67 45.53
CA PHE C 924 53.44 -24.69 45.07
C PHE C 924 52.72 -23.44 45.60
N ASN C 925 52.94 -23.07 46.88
CA ASN C 925 52.27 -21.87 47.43
C ASN C 925 52.59 -20.63 46.72
N SER C 926 53.83 -20.49 46.33
CA SER C 926 54.06 -19.25 45.63
C SER C 926 53.26 -19.29 44.33
N ALA C 927 53.21 -20.45 43.67
CA ALA C 927 52.43 -20.50 42.43
C ALA C 927 50.94 -20.17 42.66
N ILE C 928 50.32 -20.69 43.74
CA ILE C 928 48.90 -20.37 43.97
C ILE C 928 48.72 -18.88 44.31
N GLY C 929 49.59 -18.33 45.15
CA GLY C 929 49.48 -16.92 45.46
C GLY C 929 49.62 -16.09 44.20
N LYS C 930 50.52 -16.50 43.31
CA LYS C 930 50.66 -15.78 42.05
C LYS C 930 49.39 -15.86 41.23
N ILE C 931 48.66 -16.97 41.30
CA ILE C 931 47.43 -17.01 40.52
C ILE C 931 46.49 -15.93 41.03
N GLN C 932 46.39 -15.84 42.36
CA GLN C 932 45.50 -14.82 42.94
C GLN C 932 45.92 -13.41 42.52
N ASP C 933 47.23 -13.15 42.56
CA ASP C 933 47.71 -11.81 42.21
C ASP C 933 47.55 -11.53 40.72
N SER C 934 47.76 -12.54 39.88
CA SER C 934 47.61 -12.33 38.45
C SER C 934 46.18 -11.99 38.11
N LEU C 935 45.23 -12.71 38.70
CA LEU C 935 43.83 -12.42 38.41
C LEU C 935 43.43 -11.04 38.91
N SER C 936 43.92 -10.65 40.10
CA SER C 936 43.58 -9.33 40.63
C SER C 936 44.19 -8.21 39.78
N SER C 937 45.46 -8.35 39.41
CA SER C 937 46.20 -7.32 38.68
C SER C 937 45.69 -7.08 37.27
N THR C 938 45.38 -8.13 36.51
CA THR C 938 45.01 -7.94 35.11
C THR C 938 43.51 -7.93 34.89
N PRO C 939 42.93 -6.77 34.53
CA PRO C 939 41.47 -6.66 34.39
C PRO C 939 40.90 -7.44 33.22
N SER C 940 41.74 -7.81 32.24
CA SER C 940 41.31 -8.51 31.04
C SER C 940 41.36 -10.03 31.19
N ALA C 941 41.79 -10.51 32.36
CA ALA C 941 41.96 -11.95 32.58
C ALA C 941 40.65 -12.72 32.37
N LEU C 942 39.52 -12.09 32.67
CA LEU C 942 38.21 -12.71 32.57
C LEU C 942 37.41 -12.16 31.39
N GLY C 943 38.11 -11.67 30.37
CA GLY C 943 37.44 -11.05 29.24
C GLY C 943 36.40 -11.91 28.56
N LYS C 944 36.59 -13.23 28.54
CA LYS C 944 35.63 -14.11 27.87
C LYS C 944 34.26 -14.08 28.53
N LEU C 945 34.21 -13.98 29.86
CA LEU C 945 32.91 -14.02 30.52
C LEU C 945 32.24 -12.67 30.40
N GLN C 946 33.04 -11.61 30.48
CA GLN C 946 32.48 -10.29 30.36
C GLN C 946 31.98 -10.10 28.94
N ASP C 947 32.68 -10.68 27.97
CA ASP C 947 32.26 -10.58 26.57
C ASP C 947 30.93 -11.27 26.36
N VAL C 948 30.72 -12.43 26.99
CA VAL C 948 29.42 -13.10 26.85
C VAL C 948 28.31 -12.23 27.45
N VAL C 949 28.58 -11.66 28.63
CA VAL C 949 27.60 -10.79 29.28
C VAL C 949 27.30 -9.59 28.39
N ASN C 950 28.35 -9.01 27.80
CA ASN C 950 28.20 -7.85 26.95
C ASN C 950 27.38 -8.18 25.72
N GLN C 951 27.58 -9.38 25.15
CA GLN C 951 26.82 -9.73 23.95
C GLN C 951 25.34 -9.84 24.27
N ASN C 952 24.97 -10.40 25.43
CA ASN C 952 23.53 -10.47 25.72
C ASN C 952 22.97 -9.10 26.08
N ALA C 953 23.75 -8.27 26.76
CA ALA C 953 23.26 -6.92 27.07
C ALA C 953 23.03 -6.14 25.79
N GLN C 954 23.95 -6.26 24.84
CA GLN C 954 23.77 -5.56 23.58
C GLN C 954 22.57 -6.10 22.83
N ALA C 955 22.37 -7.42 22.84
CA ALA C 955 21.23 -7.99 22.12
C ALA C 955 19.91 -7.46 22.68
N LEU C 956 19.82 -7.32 24.00
CA LEU C 956 18.57 -6.85 24.60
C LEU C 956 18.40 -5.36 24.39
N ASN C 957 19.49 -4.60 24.48
CA ASN C 957 19.35 -3.17 24.27
C ASN C 957 19.00 -2.91 22.83
N THR C 958 19.46 -3.77 21.93
CA THR C 958 19.08 -3.63 20.50
C THR C 958 17.57 -3.77 20.37
N LEU C 959 16.98 -4.79 21.02
CA LEU C 959 15.53 -5.04 20.85
C LEU C 959 14.72 -3.84 21.33
N VAL C 960 15.08 -3.29 22.49
CA VAL C 960 14.27 -2.17 23.06
C VAL C 960 14.35 -0.97 22.12
N LYS C 961 15.55 -0.68 21.61
CA LYS C 961 15.73 0.48 20.68
C LYS C 961 14.92 0.23 19.41
N GLN C 962 14.93 -1.01 18.92
CA GLN C 962 14.20 -1.35 17.67
C GLN C 962 12.71 -1.12 17.90
N LEU C 963 12.22 -1.40 19.11
CA LEU C 963 10.78 -1.21 19.41
C LEU C 963 10.45 0.26 19.20
N SER C 964 11.36 1.16 19.58
CA SER C 964 11.10 2.62 19.46
C SER C 964 11.29 3.11 18.02
N SER C 965 11.56 2.22 17.06
CA SER C 965 11.66 2.68 15.69
C SER C 965 10.29 2.72 15.01
N ASN C 966 10.23 3.44 13.89
CA ASN C 966 9.00 3.65 13.14
C ASN C 966 8.76 2.61 12.07
N PHE C 967 9.82 2.12 11.43
CA PHE C 967 9.74 1.12 10.37
C PHE C 967 8.83 1.58 9.24
N GLY C 968 8.79 2.89 8.98
CA GLY C 968 7.95 3.43 7.93
C GLY C 968 6.60 3.92 8.38
N ALA C 969 6.23 3.65 9.63
CA ALA C 969 4.95 4.09 10.16
C ALA C 969 4.94 5.59 10.43
N ILE C 970 3.74 6.17 10.42
CA ILE C 970 3.59 7.59 10.72
C ILE C 970 4.07 7.88 12.14
N SER C 971 4.05 6.89 13.02
CA SER C 971 4.52 7.11 14.40
C SER C 971 4.93 5.77 15.00
N SER C 972 5.99 5.82 15.80
CA SER C 972 6.50 4.67 16.54
C SER C 972 5.65 4.24 17.72
N VAL C 973 4.69 5.06 18.15
CA VAL C 973 3.87 4.74 19.31
C VAL C 973 2.51 4.22 18.86
N LEU C 974 2.20 2.99 19.28
CA LEU C 974 0.97 2.32 18.85
C LEU C 974 -0.26 3.08 19.33
N ASN C 975 -0.21 3.61 20.56
CA ASN C 975 -1.37 4.32 21.09
C ASN C 975 -1.61 5.60 20.31
N ASP C 976 -0.55 6.20 19.77
CA ASP C 976 -0.71 7.41 18.99
C ASP C 976 -1.30 7.05 17.64
N ILE C 977 -0.93 5.88 17.11
CA ILE C 977 -1.49 5.43 15.85
C ILE C 977 -2.99 5.22 16.00
N LEU C 978 -3.39 4.55 17.08
CA LEU C 978 -4.82 4.30 17.30
C LEU C 978 -5.60 5.59 17.55
N SER C 979 -5.00 6.53 18.27
CA SER C 979 -5.68 7.80 18.54
C SER C 979 -5.80 8.68 17.30
N ARG C 980 -4.73 8.81 16.52
CA ARG C 980 -4.72 9.74 15.39
C ARG C 980 -5.45 9.22 14.15
N LEU C 981 -5.38 7.92 13.86
CA LEU C 981 -5.94 7.40 12.62
C LEU C 981 -7.14 6.49 12.86
N ASP C 982 -8.15 6.65 12.01
CA ASP C 982 -9.30 5.78 11.99
C ASP C 982 -8.90 4.37 11.56
N PRO C 983 -9.63 3.35 12.03
CA PRO C 983 -9.29 1.94 11.71
C PRO C 983 -8.89 1.70 10.26
N PRO C 984 -9.57 2.28 9.26
CA PRO C 984 -9.16 2.02 7.86
C PRO C 984 -7.74 2.44 7.53
N GLU C 985 -7.14 3.35 8.30
CA GLU C 985 -5.77 3.80 8.08
C GLU C 985 -4.86 3.25 9.17
N ALA C 986 -5.40 3.15 10.38
CA ALA C 986 -4.62 2.64 11.48
C ALA C 986 -4.20 1.21 11.18
N GLU C 987 -5.10 0.44 10.57
CA GLU C 987 -4.77 -0.95 10.25
C GLU C 987 -3.49 -1.02 9.44
N VAL C 988 -3.33 -0.10 8.47
CA VAL C 988 -2.15 -0.10 7.62
C VAL C 988 -0.91 0.29 8.42
N GLN C 989 -1.02 1.33 9.25
CA GLN C 989 0.16 1.76 10.00
C GLN C 989 0.55 0.71 11.04
N ILE C 990 -0.45 0.02 11.59
CA ILE C 990 -0.19 -1.05 12.55
C ILE C 990 0.46 -2.21 11.84
N ASP C 991 -0.03 -2.56 10.65
CA ASP C 991 0.58 -3.66 9.91
C ASP C 991 2.04 -3.37 9.64
N ARG C 992 2.37 -2.11 9.34
CA ARG C 992 3.78 -1.78 9.12
C ARG C 992 4.59 -1.94 10.41
N LEU C 993 4.03 -1.50 11.55
CA LEU C 993 4.73 -1.67 12.81
C LEU C 993 4.86 -3.14 13.21
N ILE C 994 3.82 -3.93 12.94
CA ILE C 994 3.86 -5.35 13.29
C ILE C 994 4.93 -6.05 12.45
N THR C 995 4.98 -5.77 11.15
CA THR C 995 5.97 -6.42 10.31
C THR C 995 7.38 -6.04 10.77
N GLY C 996 7.60 -4.76 11.07
CA GLY C 996 8.92 -4.34 11.52
C GLY C 996 9.33 -4.99 12.82
N ARG C 997 8.44 -4.96 13.81
CA ARG C 997 8.76 -5.52 15.12
C ARG C 997 8.90 -7.04 15.06
N LEU C 998 8.11 -7.71 14.22
CA LEU C 998 8.25 -9.15 14.09
C LEU C 998 9.58 -9.49 13.45
N GLN C 999 9.99 -8.74 12.42
CA GLN C 999 11.28 -8.99 11.80
C GLN C 999 12.41 -8.77 12.80
N SER C 1000 12.28 -7.73 13.63
CA SER C 1000 13.29 -7.46 14.65
C SER C 1000 13.36 -8.60 15.65
N LEU C 1001 12.21 -9.09 16.10
CA LEU C 1001 12.19 -10.20 17.06
C LEU C 1001 12.76 -11.46 16.43
N GLN C 1002 12.47 -11.67 15.14
CA GLN C 1002 13.01 -12.85 14.43
C GLN C 1002 14.53 -12.76 14.48
N THR C 1003 15.07 -11.58 14.18
CA THR C 1003 16.55 -11.42 14.14
C THR C 1003 17.10 -11.68 15.54
N TYR C 1004 16.43 -11.16 16.58
CA TYR C 1004 16.99 -11.32 17.95
C TYR C 1004 17.04 -12.81 18.29
N VAL C 1005 15.97 -13.54 17.99
CA VAL C 1005 15.93 -14.99 18.34
C VAL C 1005 17.02 -15.71 17.56
N THR C 1006 17.18 -15.37 16.27
CA THR C 1006 18.19 -16.05 15.43
C THR C 1006 19.57 -15.77 16.01
N GLN C 1007 19.82 -14.52 16.41
CA GLN C 1007 21.15 -14.16 16.99
C GLN C 1007 21.35 -14.96 18.28
N GLN C 1008 20.29 -15.09 19.08
CA GLN C 1008 20.40 -15.86 20.34
C GLN C 1008 20.67 -17.33 20.01
N LEU C 1009 19.95 -17.91 19.06
CA LEU C 1009 20.14 -19.33 18.76
C LEU C 1009 21.59 -19.58 18.38
N ILE C 1010 22.18 -18.67 17.60
CA ILE C 1010 23.57 -18.83 17.21
C ILE C 1010 24.49 -18.70 18.41
N ARG C 1011 24.27 -17.66 19.21
CA ARG C 1011 25.13 -17.44 20.40
C ARG C 1011 25.01 -18.65 21.32
N ALA C 1012 23.80 -19.18 21.47
CA ALA C 1012 23.57 -20.33 22.37
C ALA C 1012 24.38 -21.53 21.88
N ALA C 1013 24.43 -21.74 20.57
CA ALA C 1013 25.15 -22.90 20.03
C ALA C 1013 26.62 -22.79 20.39
N GLU C 1014 27.19 -21.59 20.27
CA GLU C 1014 28.62 -21.36 20.63
C GLU C 1014 28.79 -21.65 22.13
N ILE C 1015 27.84 -21.19 22.95
CA ILE C 1015 27.93 -21.40 24.42
C ILE C 1015 27.87 -22.92 24.69
N ARG C 1016 26.98 -23.63 23.99
CA ARG C 1016 26.86 -25.10 24.19
C ARG C 1016 28.16 -25.79 23.77
N ALA C 1017 28.74 -25.36 22.66
CA ALA C 1017 30.03 -25.94 22.23
C ALA C 1017 31.05 -25.66 23.33
N SER C 1018 31.03 -24.45 23.86
CA SER C 1018 31.95 -24.11 24.96
C SER C 1018 31.65 -24.96 26.19
N ALA C 1019 30.38 -25.15 26.51
CA ALA C 1019 30.00 -25.97 27.66
C ALA C 1019 30.43 -27.41 27.47
N ASN C 1020 30.33 -27.93 26.23
CA ASN C 1020 30.76 -29.29 25.98
C ASN C 1020 32.26 -29.41 26.17
N LEU C 1021 32.99 -28.38 25.76
CA LEU C 1021 34.43 -28.38 25.99
C LEU C 1021 34.72 -28.32 27.47
N ALA C 1022 34.01 -27.46 28.21
CA ALA C 1022 34.23 -27.34 29.65
C ALA C 1022 33.91 -28.64 30.37
N ALA C 1023 32.85 -29.34 29.95
CA ALA C 1023 32.50 -30.59 30.61
C ALA C 1023 33.54 -31.66 30.32
N THR C 1024 34.01 -31.72 29.08
CA THR C 1024 35.06 -32.67 28.74
C THR C 1024 36.31 -32.33 29.52
N LYS C 1025 36.64 -31.02 29.60
CA LYS C 1025 37.84 -30.54 30.27
C LYS C 1025 37.83 -30.91 31.74
N MET C 1026 36.70 -30.75 32.42
CA MET C 1026 36.62 -31.14 33.84
C MET C 1026 36.77 -32.65 33.96
N SER C 1027 36.07 -33.41 33.11
CA SER C 1027 36.15 -34.87 33.26
C SER C 1027 37.57 -35.36 33.09
N GLU C 1028 38.29 -34.84 32.10
CA GLU C 1028 39.63 -35.33 31.81
C GLU C 1028 40.73 -34.63 32.59
N CYS C 1029 40.53 -33.38 33.00
CA CYS C 1029 41.54 -32.60 33.71
C CYS C 1029 41.39 -32.62 35.23
N VAL C 1030 40.15 -32.77 35.72
CA VAL C 1030 39.87 -32.70 37.14
C VAL C 1030 39.65 -34.08 37.73
N LEU C 1031 38.89 -34.93 37.05
CA LEU C 1031 38.57 -36.25 37.58
C LEU C 1031 39.58 -37.30 37.17
N GLY C 1032 40.68 -36.86 36.57
CA GLY C 1032 41.70 -37.79 36.12
C GLY C 1032 42.96 -37.02 35.80
N GLN C 1033 43.82 -37.66 35.01
CA GLN C 1033 45.06 -37.04 34.56
C GLN C 1033 45.10 -37.20 33.05
N SER C 1034 45.31 -36.07 32.37
CA SER C 1034 45.30 -36.02 30.92
C SER C 1034 46.67 -36.25 30.30
N LYS C 1035 46.66 -36.96 29.18
CA LYS C 1035 47.83 -37.19 28.33
C LYS C 1035 47.70 -36.48 26.99
N ARG C 1036 46.71 -35.64 26.84
CA ARG C 1036 46.48 -34.87 25.63
C ARG C 1036 47.26 -33.59 25.77
N VAL C 1037 48.22 -33.38 24.88
CA VAL C 1037 49.15 -32.27 24.98
C VAL C 1037 48.40 -30.96 24.80
N ASP C 1038 48.63 -30.02 25.71
CA ASP C 1038 48.02 -28.69 25.74
C ASP C 1038 46.51 -28.72 25.90
N PHE C 1039 45.93 -29.87 26.26
CA PHE C 1039 44.50 -29.90 26.53
C PHE C 1039 44.21 -29.27 27.89
N CYS C 1040 45.03 -29.58 28.89
CA CYS C 1040 44.84 -29.11 30.25
C CYS C 1040 45.97 -28.14 30.59
N GLY C 1041 46.26 -27.20 29.69
CA GLY C 1041 47.30 -26.23 29.90
C GLY C 1041 48.64 -26.66 29.33
N LYS C 1042 49.58 -25.70 29.31
CA LYS C 1042 50.90 -25.97 28.77
C LYS C 1042 51.75 -26.74 29.77
N GLY C 1043 52.49 -27.72 29.27
CA GLY C 1043 53.34 -28.55 30.10
C GLY C 1043 52.73 -29.92 30.26
N TYR C 1044 53.33 -30.70 31.16
CA TYR C 1044 52.87 -32.06 31.39
C TYR C 1044 51.86 -32.00 32.52
N HIS C 1045 50.61 -32.30 32.19
CA HIS C 1045 49.52 -32.14 33.16
C HIS C 1045 49.71 -33.04 34.37
N LEU C 1046 49.54 -32.43 35.55
CA LEU C 1046 49.53 -33.13 36.83
C LEU C 1046 48.13 -33.21 37.41
N MET C 1047 47.45 -32.08 37.47
CA MET C 1047 46.10 -32.01 38.04
C MET C 1047 45.51 -30.66 37.70
N SER C 1048 44.25 -30.48 38.04
CA SER C 1048 43.62 -29.18 37.89
C SER C 1048 42.58 -29.03 39.00
N PHE C 1049 42.21 -27.78 39.24
CA PHE C 1049 41.21 -27.47 40.26
C PHE C 1049 40.15 -26.55 39.70
N PRO C 1050 38.89 -26.95 39.70
CA PRO C 1050 37.83 -26.07 39.21
C PRO C 1050 37.50 -24.98 40.23
N GLN C 1051 37.09 -23.84 39.73
CA GLN C 1051 36.58 -22.74 40.53
C GLN C 1051 35.35 -22.22 39.81
N SER C 1052 34.34 -21.82 40.57
CA SER C 1052 33.16 -21.29 39.90
C SER C 1052 33.38 -19.83 39.55
N ALA C 1053 32.60 -19.35 38.59
CA ALA C 1053 32.63 -17.95 38.22
C ALA C 1053 31.26 -17.59 37.68
N PRO C 1054 30.91 -16.30 37.66
CA PRO C 1054 29.63 -15.93 37.06
C PRO C 1054 29.53 -16.45 35.65
N HIS C 1055 28.46 -17.20 35.40
CA HIS C 1055 28.16 -17.77 34.09
C HIS C 1055 29.31 -18.63 33.55
N GLY C 1056 30.17 -19.19 34.38
CA GLY C 1056 31.23 -19.98 33.81
C GLY C 1056 32.09 -20.70 34.83
N VAL C 1057 33.13 -21.35 34.33
CA VAL C 1057 34.04 -22.14 35.14
C VAL C 1057 35.48 -21.76 34.84
N VAL C 1058 36.30 -21.71 35.88
CA VAL C 1058 37.71 -21.37 35.79
C VAL C 1058 38.52 -22.57 36.24
N PHE C 1059 39.47 -23.00 35.42
CA PHE C 1059 40.31 -24.16 35.74
C PHE C 1059 41.71 -23.68 36.05
N LEU C 1060 42.23 -24.11 37.21
CA LEU C 1060 43.61 -23.85 37.58
C LEU C 1060 44.38 -25.12 37.23
N HIS C 1061 45.22 -25.05 36.21
CA HIS C 1061 45.92 -26.22 35.72
C HIS C 1061 47.31 -26.28 36.31
N VAL C 1062 47.59 -27.39 36.98
CA VAL C 1062 48.86 -27.68 37.64
C VAL C 1062 49.61 -28.63 36.72
N THR C 1063 50.73 -28.17 36.17
CA THR C 1063 51.52 -28.91 35.19
C THR C 1063 53.00 -28.99 35.56
N TYR C 1064 53.65 -30.07 35.11
CA TYR C 1064 55.10 -30.24 35.27
C TYR C 1064 55.83 -29.67 34.06
N VAL C 1065 56.79 -28.76 34.30
CA VAL C 1065 57.54 -28.13 33.22
C VAL C 1065 59.05 -28.25 33.44
N PRO C 1066 59.78 -28.86 32.50
CA PRO C 1066 61.25 -28.90 32.55
C PRO C 1066 61.85 -27.50 32.62
N ALA C 1067 62.88 -27.31 33.43
CA ALA C 1067 63.42 -25.96 33.59
C ALA C 1067 64.88 -25.77 33.19
N GLN C 1068 65.80 -26.65 33.61
CA GLN C 1068 67.25 -26.40 33.41
C GLN C 1068 67.91 -27.60 32.77
N GLU C 1069 67.87 -27.71 31.44
CA GLU C 1069 68.45 -28.90 30.84
C GLU C 1069 69.96 -28.87 30.75
N LYS C 1070 70.56 -30.07 30.80
CA LYS C 1070 71.98 -30.23 30.56
C LYS C 1070 72.32 -31.32 29.54
N ASN C 1071 73.46 -31.01 28.88
CA ASN C 1071 74.05 -31.95 27.91
C ASN C 1071 74.94 -32.87 28.72
N PHE C 1072 74.72 -34.16 28.65
CA PHE C 1072 75.41 -35.24 29.38
C PHE C 1072 76.09 -36.24 28.47
N THR C 1073 77.23 -37.02 28.93
CA THR C 1073 77.40 -37.84 27.67
C THR C 1073 76.54 -39.11 27.59
N THR C 1074 75.98 -39.35 26.29
CA THR C 1074 75.05 -40.40 25.72
C THR C 1074 75.44 -41.16 24.41
N ALA C 1075 74.67 -42.24 24.11
CA ALA C 1075 74.67 -43.19 22.97
C ALA C 1075 73.34 -43.92 22.75
N PRO C 1076 72.98 -44.30 21.50
CA PRO C 1076 71.71 -45.07 21.32
C PRO C 1076 71.73 -46.49 21.91
N ALA C 1077 72.90 -47.12 22.14
CA ALA C 1077 72.95 -48.48 22.68
C ALA C 1077 74.37 -48.73 23.18
N ILE C 1078 74.51 -49.73 24.07
CA ILE C 1078 75.82 -50.18 24.57
C ILE C 1078 76.22 -51.57 24.09
N CYS C 1079 77.47 -51.69 23.61
CA CYS C 1079 78.07 -52.95 23.18
C CYS C 1079 78.91 -53.61 24.28
N HIS C 1080 78.57 -54.84 24.68
CA HIS C 1080 79.32 -55.49 25.77
C HIS C 1080 80.15 -56.70 25.35
N ASP C 1081 79.54 -57.85 25.20
CA ASP C 1081 80.25 -59.05 24.76
C ASP C 1081 79.94 -59.32 23.30
N GLY C 1082 79.61 -58.28 22.57
CA GLY C 1082 79.17 -58.37 21.19
C GLY C 1082 77.67 -58.23 21.15
N LYS C 1083 77.05 -58.24 22.32
CA LYS C 1083 75.63 -58.06 22.51
C LYS C 1083 75.32 -56.58 22.55
N ALA C 1084 74.16 -56.21 22.01
CA ALA C 1084 73.72 -54.82 22.00
C ALA C 1084 72.74 -54.62 23.15
N HIS C 1085 73.12 -53.77 24.10
CA HIS C 1085 72.30 -53.50 25.27
C HIS C 1085 71.53 -52.20 25.09
N PHE C 1086 70.20 -52.31 25.08
CA PHE C 1086 69.36 -51.12 24.85
C PHE C 1086 68.80 -50.64 26.18
N PRO C 1087 68.77 -49.34 26.45
CA PRO C 1087 68.31 -48.86 27.74
C PRO C 1087 66.83 -49.15 27.96
N ARG C 1088 66.47 -49.58 29.17
CA ARG C 1088 65.02 -49.76 29.47
C ARG C 1088 64.59 -48.46 30.13
N GLU C 1089 63.68 -47.72 29.49
CA GLU C 1089 63.22 -46.42 30.05
C GLU C 1089 64.40 -45.50 30.34
N GLY C 1090 65.36 -45.36 29.41
CA GLY C 1090 66.55 -44.54 29.77
C GLY C 1090 67.39 -43.98 28.63
N VAL C 1091 68.35 -43.11 28.96
CA VAL C 1091 69.32 -42.54 27.97
C VAL C 1091 70.67 -42.59 28.69
N PHE C 1092 71.74 -42.51 27.90
CA PHE C 1092 73.07 -42.69 28.51
C PHE C 1092 73.60 -41.33 28.96
N VAL C 1093 74.13 -41.28 30.18
CA VAL C 1093 74.61 -39.98 30.73
C VAL C 1093 75.98 -40.23 31.37
N SER C 1094 76.88 -39.25 31.33
CA SER C 1094 78.25 -39.46 31.87
C SER C 1094 78.95 -38.14 32.16
N ASN C 1095 79.44 -37.96 33.40
CA ASN C 1095 80.23 -36.75 33.76
C ASN C 1095 81.49 -36.73 32.90
N GLY C 1096 82.12 -37.90 32.72
CA GLY C 1096 83.31 -38.01 31.85
C GLY C 1096 83.11 -39.13 30.85
N THR C 1097 83.67 -40.31 31.12
CA THR C 1097 83.41 -41.47 30.23
C THR C 1097 82.66 -42.56 31.01
N HIS C 1098 82.37 -42.33 32.30
CA HIS C 1098 81.62 -43.32 33.12
C HIS C 1098 80.16 -43.32 32.67
N TRP C 1099 79.73 -44.31 31.88
CA TRP C 1099 78.37 -44.23 31.30
C TRP C 1099 77.31 -44.77 32.28
N PHE C 1100 76.17 -44.08 32.31
CA PHE C 1100 75.01 -44.25 33.16
C PHE C 1100 73.73 -44.24 32.32
N VAL C 1101 72.65 -44.76 32.91
CA VAL C 1101 71.31 -44.71 32.35
C VAL C 1101 70.39 -43.90 33.26
N THR C 1102 69.60 -42.99 32.68
CA THR C 1102 68.72 -42.14 33.46
C THR C 1102 67.39 -41.91 32.74
N GLN C 1103 66.37 -41.62 33.55
CA GLN C 1103 65.02 -41.34 33.07
C GLN C 1103 64.97 -40.15 32.12
N ARG C 1104 64.16 -40.31 31.09
CA ARG C 1104 64.05 -39.36 29.99
C ARG C 1104 63.72 -37.94 30.43
N ASN C 1105 62.80 -37.80 31.38
CA ASN C 1105 62.32 -36.47 31.76
C ASN C 1105 62.96 -35.89 33.01
N PHE C 1106 64.02 -36.48 33.55
CA PHE C 1106 64.64 -35.91 34.75
C PHE C 1106 66.03 -36.51 34.95
N TYR C 1107 67.04 -35.65 35.01
CA TYR C 1107 68.42 -36.13 35.10
C TYR C 1107 68.72 -36.71 36.47
N GLU C 1108 69.03 -37.99 36.50
CA GLU C 1108 69.35 -38.71 37.72
C GLU C 1108 70.17 -39.93 37.33
N PRO C 1109 71.46 -39.74 37.08
CA PRO C 1109 72.25 -40.79 36.41
C PRO C 1109 72.38 -42.02 37.29
N GLN C 1110 72.14 -43.19 36.72
CA GLN C 1110 72.29 -44.45 37.41
C GLN C 1110 73.41 -45.25 36.77
N ILE C 1111 73.99 -46.18 37.52
CA ILE C 1111 74.99 -47.06 36.94
C ILE C 1111 74.31 -48.00 35.95
N ILE C 1112 74.94 -48.20 34.80
CA ILE C 1112 74.37 -49.07 33.77
C ILE C 1112 74.60 -50.51 34.23
N THR C 1113 73.51 -51.24 34.41
CA THR C 1113 73.55 -52.59 34.91
C THR C 1113 72.65 -53.47 34.07
N THR C 1114 72.77 -54.78 34.28
CA THR C 1114 71.93 -55.72 33.57
C THR C 1114 70.48 -55.68 34.04
N ASP C 1115 70.20 -55.00 35.15
CA ASP C 1115 68.85 -54.90 35.70
C ASP C 1115 68.07 -53.71 35.17
N ASN C 1116 68.68 -52.86 34.35
CA ASN C 1116 68.00 -51.70 33.79
C ASN C 1116 68.17 -51.62 32.28
N THR C 1117 68.68 -52.68 31.66
CA THR C 1117 68.84 -52.80 30.22
C THR C 1117 68.32 -54.16 29.77
N PHE C 1118 68.22 -54.31 28.46
CA PHE C 1118 67.84 -55.58 27.84
C PHE C 1118 68.70 -55.78 26.61
N VAL C 1119 68.82 -57.02 26.16
CA VAL C 1119 69.71 -57.37 25.05
C VAL C 1119 68.88 -57.84 23.86
N SER C 1120 69.22 -57.33 22.68
CA SER C 1120 68.59 -57.73 21.43
C SER C 1120 69.56 -57.45 20.30
N GLY C 1121 69.72 -58.40 19.40
CA GLY C 1121 70.61 -58.22 18.27
C GLY C 1121 72.07 -58.27 18.69
N ASN C 1122 72.91 -57.55 17.94
CA ASN C 1122 74.34 -57.55 18.21
C ASN C 1122 74.95 -56.23 17.74
N CYS C 1123 76.24 -56.09 18.02
CA CYS C 1123 77.01 -54.87 17.78
C CYS C 1123 77.22 -54.58 16.30
N ASP C 1124 76.93 -55.50 15.39
CA ASP C 1124 77.14 -55.21 13.98
C ASP C 1124 75.89 -54.68 13.28
N VAL C 1125 74.77 -54.54 13.99
CA VAL C 1125 73.50 -54.08 13.42
C VAL C 1125 73.17 -52.66 13.87
N VAL C 1126 73.33 -52.39 15.16
CA VAL C 1126 73.00 -51.11 15.79
C VAL C 1126 74.02 -50.05 15.39
N ILE C 1127 73.53 -48.88 14.99
CA ILE C 1127 74.39 -47.79 14.53
C ILE C 1127 74.96 -46.99 15.73
N GLY C 1128 76.26 -46.71 15.66
CA GLY C 1128 76.86 -45.84 16.69
C GLY C 1128 76.79 -46.47 18.06
N ILE C 1129 76.61 -47.78 18.10
CA ILE C 1129 76.64 -48.46 19.42
C ILE C 1129 78.05 -48.23 19.98
N VAL C 1130 78.14 -47.80 21.24
CA VAL C 1130 79.48 -47.47 21.81
C VAL C 1130 80.10 -48.74 22.39
N ASN C 1131 81.42 -48.92 22.28
CA ASN C 1131 82.06 -50.10 22.94
C ASN C 1131 82.24 -49.76 24.43
N ASN C 1132 81.25 -50.07 25.28
CA ASN C 1132 81.33 -49.69 26.72
C ASN C 1132 80.95 -50.88 27.62
N THR C 1133 81.52 -50.94 28.83
CA THR C 1133 81.26 -52.09 29.75
C THR C 1133 79.85 -52.02 30.36
N VAL C 1134 79.23 -53.16 30.61
CA VAL C 1134 77.89 -53.18 31.30
C VAL C 1134 78.09 -53.93 32.63
N TYR C 1135 77.75 -53.29 33.74
CA TYR C 1135 77.94 -53.91 35.09
C TYR C 1135 76.91 -55.02 35.31
N ASP C 1136 77.27 -56.08 36.03
CA ASP C 1136 76.30 -57.15 36.37
C ASP C 1136 76.20 -57.23 37.90
N PRO C 1137 75.00 -57.11 38.51
CA PRO C 1137 74.85 -57.13 39.97
C PRO C 1137 75.02 -58.53 40.58
N LEU C 1138 75.53 -59.49 39.82
CA LEU C 1138 75.62 -60.86 40.35
C LEU C 1138 77.06 -61.30 40.51
N GLN C 1139 77.95 -60.88 39.60
CA GLN C 1139 79.31 -61.39 39.66
C GLN C 1139 80.02 -60.81 40.86
N PRO C 1140 79.97 -59.49 41.13
CA PRO C 1140 80.52 -58.99 42.39
C PRO C 1140 79.90 -59.67 43.60
N GLU C 1141 78.60 -59.98 43.57
CA GLU C 1141 78.03 -60.63 44.75
C GLU C 1141 78.45 -62.09 44.83
N LEU C 1142 78.44 -62.81 43.72
CA LEU C 1142 78.78 -64.23 43.72
C LEU C 1142 79.68 -64.59 42.54
N GLN D 1 -25.51 43.99 6.27
CA GLN D 1 -26.89 43.50 6.30
C GLN D 1 -26.98 42.03 5.86
N VAL D 2 -27.30 41.17 6.84
CA VAL D 2 -27.38 39.70 6.59
C VAL D 2 -28.47 39.37 5.57
N GLN D 3 -28.14 38.57 4.55
CA GLN D 3 -29.18 38.12 3.58
C GLN D 3 -29.17 36.59 3.55
N LEU D 4 -30.34 35.96 3.69
CA LEU D 4 -30.43 34.47 3.67
C LEU D 4 -31.22 34.06 2.41
N VAL D 5 -30.66 33.13 1.62
CA VAL D 5 -31.33 32.68 0.37
C VAL D 5 -31.47 31.15 0.44
N GLU D 6 -32.51 30.59 -0.19
CA GLU D 6 -32.75 29.13 -0.09
C GLU D 6 -32.71 28.47 -1.48
N SER D 7 -32.02 27.33 -1.61
CA SER D 7 -32.03 26.60 -2.91
C SER D 7 -33.41 26.00 -3.10
N GLY D 8 -33.78 25.67 -4.33
CA GLY D 8 -35.18 25.27 -4.58
C GLY D 8 -35.59 23.82 -4.45
N GLY D 9 -36.62 23.54 -3.64
CA GLY D 9 -37.30 22.29 -3.60
C GLY D 9 -38.17 22.36 -4.83
N GLY D 10 -39.42 21.93 -4.70
CA GLY D 10 -40.26 21.71 -5.84
C GLY D 10 -41.09 20.48 -5.58
N VAL D 11 -41.42 19.75 -6.65
CA VAL D 11 -42.30 18.59 -6.55
C VAL D 11 -41.47 17.31 -6.70
N VAL D 12 -41.77 16.32 -5.85
CA VAL D 12 -41.14 15.00 -5.89
C VAL D 12 -42.14 13.97 -5.40
N GLN D 13 -41.95 12.69 -5.84
CA GLN D 13 -42.80 11.55 -5.48
C GLN D 13 -42.49 11.08 -4.05
N PRO D 14 -43.52 10.76 -3.26
CA PRO D 14 -43.28 10.31 -1.89
C PRO D 14 -42.31 9.14 -1.87
N GLY D 15 -41.43 9.13 -0.87
CA GLY D 15 -40.36 8.16 -0.81
C GLY D 15 -39.09 8.54 -1.55
N ARG D 16 -39.08 9.64 -2.31
CA ARG D 16 -37.84 10.11 -2.92
C ARG D 16 -37.15 11.12 -1.98
N SER D 17 -36.03 11.68 -2.43
CA SER D 17 -35.22 12.58 -1.56
C SER D 17 -35.06 13.97 -2.18
N LEU D 18 -34.91 15.00 -1.35
CA LEU D 18 -34.66 16.38 -1.85
C LEU D 18 -33.57 17.03 -1.00
N ARG D 19 -32.73 17.88 -1.60
CA ARG D 19 -31.67 18.59 -0.83
C ARG D 19 -31.91 20.09 -0.93
N LEU D 20 -31.91 20.79 0.22
CA LEU D 20 -32.10 22.27 0.22
C LEU D 20 -30.78 22.93 0.63
N SER D 21 -30.30 23.87 -0.18
CA SER D 21 -29.04 24.60 0.16
C SER D 21 -29.34 26.04 0.54
N CYS D 22 -29.00 26.44 1.76
CA CYS D 22 -29.33 27.80 2.23
C CYS D 22 -28.07 28.66 2.12
N ALA D 23 -28.10 29.70 1.29
CA ALA D 23 -26.90 30.54 1.07
C ALA D 23 -26.87 31.68 2.09
N ALA D 24 -25.73 31.86 2.76
CA ALA D 24 -25.60 32.90 3.76
C ALA D 24 -24.56 33.92 3.32
N SER D 25 -24.90 35.20 3.46
CA SER D 25 -23.99 36.30 3.16
C SER D 25 -24.18 37.40 4.20
N GLY D 26 -23.10 38.12 4.50
CA GLY D 26 -23.18 39.29 5.34
C GLY D 26 -22.80 39.13 6.80
N PHE D 27 -22.29 37.97 7.20
CA PHE D 27 -21.86 37.70 8.58
C PHE D 27 -20.95 36.47 8.56
N THR D 28 -20.24 36.28 9.66
CA THR D 28 -19.29 35.17 9.77
C THR D 28 -20.04 33.85 10.00
N PHE D 29 -20.53 33.27 8.89
CA PHE D 29 -21.42 32.10 8.92
C PHE D 29 -20.88 30.98 9.79
N SER D 30 -19.59 30.72 9.71
CA SER D 30 -19.03 29.61 10.45
C SER D 30 -18.97 29.82 11.96
N ASN D 31 -19.52 30.90 12.55
CA ASN D 31 -19.56 31.08 13.99
C ASN D 31 -20.96 31.03 14.59
N TYR D 32 -22.00 30.98 13.74
CA TYR D 32 -23.40 31.02 14.16
C TYR D 32 -24.06 29.65 14.04
N ALA D 33 -25.07 29.40 14.88
CA ALA D 33 -25.92 28.24 14.72
C ALA D 33 -26.90 28.47 13.58
N MET D 34 -27.43 27.36 13.05
CA MET D 34 -28.21 27.39 11.81
C MET D 34 -29.38 26.42 11.92
N HIS D 35 -30.58 26.90 11.58
CA HIS D 35 -31.84 26.18 11.72
C HIS D 35 -32.48 25.86 10.38
N TRP D 36 -33.44 24.91 10.44
CA TRP D 36 -34.45 24.70 9.42
C TRP D 36 -35.80 24.79 10.09
N VAL D 37 -36.71 25.58 9.51
CA VAL D 37 -38.08 25.70 10.00
C VAL D 37 -38.96 25.53 8.77
N ARG D 38 -40.13 24.94 8.97
CA ARG D 38 -41.02 24.72 7.85
C ARG D 38 -42.42 25.13 8.22
N GLN D 39 -43.22 25.43 7.19
CA GLN D 39 -44.60 25.83 7.40
C GLN D 39 -45.45 25.13 6.36
N ALA D 40 -46.32 24.22 6.81
CA ALA D 40 -47.21 23.54 5.89
C ALA D 40 -48.27 24.53 5.41
N PRO D 41 -48.84 24.31 4.19
CA PRO D 41 -49.82 25.27 3.66
C PRO D 41 -51.00 25.45 4.59
N GLY D 42 -51.11 26.65 5.14
CA GLY D 42 -52.11 27.05 6.12
C GLY D 42 -51.87 26.57 7.53
N LYS D 43 -50.72 25.98 7.82
CA LYS D 43 -50.36 25.58 9.18
C LYS D 43 -49.41 26.59 9.79
N GLY D 44 -49.09 26.40 11.07
CA GLY D 44 -48.16 27.26 11.75
C GLY D 44 -46.71 26.90 11.45
N LEU D 45 -45.81 27.64 12.07
CA LEU D 45 -44.40 27.28 12.00
C LEU D 45 -44.15 26.03 12.85
N GLU D 46 -43.28 25.15 12.33
CA GLU D 46 -42.80 23.94 12.99
C GLU D 46 -41.29 23.92 12.86
N TRP D 47 -40.59 23.87 14.00
CA TRP D 47 -39.14 23.77 13.98
C TRP D 47 -38.70 22.37 13.56
N VAL D 48 -37.68 22.30 12.67
CA VAL D 48 -37.24 21.04 12.04
C VAL D 48 -35.88 20.57 12.58
N ALA D 49 -34.83 21.39 12.39
CA ALA D 49 -33.50 20.95 12.79
C ALA D 49 -32.63 22.16 13.17
N VAL D 50 -31.51 21.88 13.85
CA VAL D 50 -30.53 22.94 14.18
C VAL D 50 -29.13 22.31 14.07
N ILE D 51 -28.15 23.04 13.56
CA ILE D 51 -26.75 22.50 13.51
C ILE D 51 -25.83 23.50 14.22
N SER D 52 -24.84 22.99 14.96
CA SER D 52 -23.87 23.89 15.66
C SER D 52 -22.93 24.50 14.63
N TYR D 53 -22.30 25.63 14.99
CA TYR D 53 -21.35 26.33 14.08
C TYR D 53 -20.28 25.35 13.60
N ASP D 54 -19.76 24.53 14.51
CA ASP D 54 -18.69 23.56 14.16
C ASP D 54 -18.85 22.30 15.02
N GLY D 55 -18.30 21.17 14.57
CA GLY D 55 -18.44 19.90 15.30
C GLY D 55 -19.73 19.21 14.91
N SER D 56 -20.53 19.85 14.04
CA SER D 56 -21.76 19.22 13.51
C SER D 56 -22.66 18.69 14.64
N ASN D 57 -22.85 19.46 15.72
CA ASN D 57 -23.81 18.98 16.76
C ASN D 57 -25.20 19.23 16.16
N LYS D 58 -26.01 18.18 16.02
CA LYS D 58 -27.30 18.35 15.31
C LYS D 58 -28.47 17.88 16.19
N TYR D 59 -29.53 18.68 16.27
CA TYR D 59 -30.75 18.23 17.01
C TYR D 59 -31.90 18.20 16.00
N TYR D 60 -32.69 17.12 16.01
CA TYR D 60 -33.76 16.97 14.99
C TYR D 60 -35.13 16.80 15.63
N ALA D 61 -36.19 17.19 14.94
CA ALA D 61 -37.56 16.95 15.43
C ALA D 61 -37.88 15.46 15.33
N ASP D 62 -38.78 14.95 16.17
CA ASP D 62 -39.07 13.49 16.18
C ASP D 62 -39.62 13.04 14.82
N SER D 63 -40.49 13.85 14.21
CA SER D 63 -41.10 13.48 12.90
C SER D 63 -40.01 13.36 11.82
N VAL D 64 -39.04 14.27 11.82
CA VAL D 64 -37.98 14.28 10.77
C VAL D 64 -36.84 13.33 11.15
N LYS D 65 -36.88 12.77 12.37
CA LYS D 65 -35.77 11.90 12.84
C LYS D 65 -35.61 10.70 11.91
N GLY D 66 -34.35 10.32 11.62
CA GLY D 66 -34.10 9.20 10.77
C GLY D 66 -34.17 9.49 9.28
N ARG D 67 -35.02 10.44 8.89
CA ARG D 67 -35.23 10.72 7.45
C ARG D 67 -34.56 12.05 7.04
N PHE D 68 -34.50 13.01 7.95
CA PHE D 68 -33.96 14.36 7.56
C PHE D 68 -32.58 14.56 8.17
N THR D 69 -31.62 15.02 7.37
CA THR D 69 -30.25 15.29 7.87
C THR D 69 -29.89 16.76 7.62
N ILE D 70 -29.39 17.46 8.65
CA ILE D 70 -28.95 18.87 8.46
C ILE D 70 -27.42 18.87 8.29
N SER D 71 -26.92 19.55 7.26
CA SER D 71 -25.47 19.56 6.98
C SER D 71 -25.02 21.01 6.76
N ARG D 72 -23.73 21.29 6.95
CA ARG D 72 -23.24 22.67 6.67
C ARG D 72 -21.87 22.61 5.98
N ASP D 73 -21.58 23.58 5.11
CA ASP D 73 -20.24 23.67 4.47
C ASP D 73 -19.68 25.04 4.87
N ASN D 74 -18.77 25.10 5.85
CA ASN D 74 -18.35 26.40 6.31
C ASN D 74 -17.48 27.10 5.27
N SER D 75 -16.75 26.34 4.44
CA SER D 75 -15.93 26.93 3.38
C SER D 75 -16.78 27.60 2.31
N LYS D 76 -18.06 27.26 2.20
CA LYS D 76 -18.91 27.88 1.20
C LYS D 76 -20.08 28.67 1.81
N ASN D 77 -20.11 28.85 3.12
CA ASN D 77 -21.19 29.59 3.77
C ASN D 77 -22.56 29.05 3.35
N THR D 78 -22.69 27.73 3.32
CA THR D 78 -23.93 27.10 2.86
C THR D 78 -24.44 26.11 3.90
N LEU D 79 -25.74 26.15 4.13
CA LEU D 79 -26.45 25.24 5.01
C LEU D 79 -27.30 24.28 4.18
N TYR D 80 -27.34 23.01 4.58
CA TYR D 80 -28.00 21.96 3.81
C TYR D 80 -29.10 21.31 4.64
N LEU D 81 -30.12 20.83 3.94
CA LEU D 81 -31.13 19.93 4.52
C LEU D 81 -31.43 18.82 3.52
N GLN D 82 -30.95 17.62 3.81
CA GLN D 82 -31.23 16.42 3.02
C GLN D 82 -32.51 15.79 3.56
N MET D 83 -33.53 15.73 2.71
CA MET D 83 -34.75 15.06 3.07
C MET D 83 -34.79 13.73 2.33
N ASN D 84 -35.20 12.68 3.04
CA ASN D 84 -35.26 11.32 2.51
C ASN D 84 -36.63 10.76 2.84
N SER D 85 -37.07 9.76 2.05
CA SER D 85 -38.39 9.13 2.22
C SER D 85 -39.46 10.19 2.41
N LEU D 86 -39.54 11.10 1.46
CA LEU D 86 -40.42 12.25 1.64
C LEU D 86 -41.87 11.79 1.71
N ARG D 87 -42.64 12.48 2.52
CA ARG D 87 -44.03 12.15 2.78
C ARG D 87 -44.90 13.36 2.47
N ALA D 88 -46.20 13.10 2.18
CA ALA D 88 -47.04 14.23 1.78
C ALA D 88 -47.18 15.25 2.89
N GLU D 89 -46.94 14.86 4.14
CA GLU D 89 -46.92 15.80 5.25
C GLU D 89 -45.64 16.62 5.29
N ASP D 90 -44.65 16.25 4.47
CA ASP D 90 -43.39 17.04 4.40
C ASP D 90 -43.57 18.13 3.32
N THR D 91 -44.81 18.38 2.93
CA THR D 91 -45.07 19.46 1.95
C THR D 91 -45.13 20.77 2.75
N ALA D 92 -44.12 21.61 2.63
CA ALA D 92 -44.07 22.84 3.46
C ALA D 92 -43.15 23.88 2.83
N ILE D 93 -43.27 25.15 3.24
CA ILE D 93 -42.32 26.19 2.76
C ILE D 93 -41.17 26.18 3.76
N TYR D 94 -39.94 25.99 3.29
CA TYR D 94 -38.80 25.84 4.24
C TYR D 94 -38.02 27.15 4.36
N TYR D 95 -37.91 27.68 5.57
CA TYR D 95 -37.12 28.91 5.79
C TYR D 95 -35.90 28.53 6.64
N CYS D 96 -34.69 28.85 6.15
CA CYS D 96 -33.50 28.60 7.00
C CYS D 96 -33.34 29.79 7.95
N ALA D 97 -32.56 29.63 9.02
CA ALA D 97 -32.44 30.67 10.04
C ALA D 97 -31.10 30.55 10.73
N SER D 98 -30.65 31.68 11.32
CA SER D 98 -29.38 31.72 12.04
C SER D 98 -29.59 32.26 13.45
N GLY D 99 -28.55 32.10 14.27
CA GLY D 99 -28.60 32.58 15.64
C GLY D 99 -27.25 32.46 16.31
N TYR D 100 -27.22 32.94 17.55
CA TYR D 100 -26.05 32.88 18.41
C TYR D 100 -26.05 31.55 19.15
N THR D 101 -25.00 31.29 19.93
CA THR D 101 -24.90 30.09 20.75
C THR D 101 -24.81 30.48 22.22
N GLY D 102 -25.90 30.29 22.97
CA GLY D 102 -25.88 30.76 24.34
C GLY D 102 -25.99 29.69 25.40
N TYR D 103 -25.59 30.02 26.60
CA TYR D 103 -25.69 29.05 27.69
C TYR D 103 -26.88 29.44 28.52
N ASP D 104 -27.82 28.53 28.74
CA ASP D 104 -28.93 28.97 29.59
C ASP D 104 -28.88 28.15 30.87
N TYR D 105 -29.16 28.78 31.99
CA TYR D 105 -29.06 28.14 33.31
C TYR D 105 -30.20 27.17 33.53
N PHE D 106 -31.31 27.33 32.82
CA PHE D 106 -32.48 26.46 32.99
C PHE D 106 -32.28 25.08 32.38
N VAL D 107 -31.34 24.91 31.47
CA VAL D 107 -31.14 23.53 30.94
C VAL D 107 -29.69 23.13 31.13
N ARG D 108 -28.89 23.99 31.72
CA ARG D 108 -27.46 23.73 31.99
C ARG D 108 -26.72 23.31 30.75
N GLY D 109 -26.92 24.01 29.64
CA GLY D 109 -26.22 23.65 28.41
C GLY D 109 -26.40 24.69 27.35
N ASP D 110 -26.04 24.39 26.14
CA ASP D 110 -26.21 25.36 25.05
C ASP D 110 -27.62 25.32 24.52
N TYR D 111 -28.15 26.48 24.20
CA TYR D 111 -29.39 26.64 23.47
C TYR D 111 -28.97 27.36 22.23
N TYR D 112 -29.70 27.19 21.14
CA TYR D 112 -29.37 27.87 19.89
C TYR D 112 -30.41 28.93 19.54
N GLY D 113 -29.94 30.16 19.33
CA GLY D 113 -30.84 31.25 19.06
C GLY D 113 -31.29 31.26 17.62
N LEU D 114 -32.46 31.85 17.40
CA LEU D 114 -33.04 31.96 16.07
C LEU D 114 -33.46 33.43 15.90
N ASP D 115 -32.57 34.25 15.32
CA ASP D 115 -32.76 35.70 15.32
C ASP D 115 -32.87 36.30 13.91
N VAL D 116 -32.65 35.49 12.86
CA VAL D 116 -32.60 35.92 11.47
C VAL D 116 -33.24 34.82 10.62
N TRP D 117 -34.21 35.19 9.80
CA TRP D 117 -34.99 34.29 8.97
C TRP D 117 -34.65 34.45 7.50
N GLY D 118 -34.78 33.35 6.73
CA GLY D 118 -34.63 33.39 5.29
C GLY D 118 -35.93 33.72 4.57
N GLN D 119 -35.86 33.74 3.24
CA GLN D 119 -37.02 34.09 2.41
C GLN D 119 -37.95 32.91 2.14
N GLY D 120 -37.41 31.68 2.03
CA GLY D 120 -38.21 30.48 1.83
C GLY D 120 -38.01 29.70 0.53
N THR D 121 -38.40 28.43 0.53
CA THR D 121 -38.40 27.59 -0.66
C THR D 121 -39.52 26.55 -0.55
N THR D 122 -40.20 26.27 -1.65
CA THR D 122 -41.37 25.41 -1.57
C THR D 122 -41.06 23.97 -1.97
N VAL D 123 -41.58 23.03 -1.17
CA VAL D 123 -41.40 21.59 -1.32
C VAL D 123 -42.76 20.92 -1.36
N THR D 124 -43.10 20.33 -2.50
CA THR D 124 -44.38 19.66 -2.71
C THR D 124 -44.16 18.16 -2.92
N VAL D 125 -44.81 17.35 -2.08
CA VAL D 125 -44.69 15.90 -2.10
C VAL D 125 -46.07 15.33 -2.43
N SER D 126 -46.18 14.69 -3.60
CA SER D 126 -47.47 14.20 -4.08
C SER D 126 -47.28 12.97 -4.98
N SER D 127 -48.23 12.05 -4.88
CA SER D 127 -48.40 11.03 -5.90
C SER D 127 -49.39 11.60 -6.92
N ALA D 128 -48.87 12.47 -7.81
CA ALA D 128 -49.65 13.00 -8.90
C ALA D 128 -48.71 13.28 -10.06
N SER D 129 -49.20 13.09 -11.27
CA SER D 129 -48.40 13.30 -12.47
C SER D 129 -48.64 14.73 -12.96
N THR D 130 -47.63 15.27 -13.64
CA THR D 130 -47.78 16.59 -14.25
C THR D 130 -49.02 16.57 -15.15
N LYS D 131 -49.87 17.58 -15.03
CA LYS D 131 -51.15 17.57 -15.75
C LYS D 131 -51.64 18.99 -15.98
N GLY D 132 -52.07 19.27 -17.22
CA GLY D 132 -52.62 20.54 -17.59
C GLY D 132 -54.07 20.69 -17.16
N PRO D 133 -54.52 21.93 -16.99
CA PRO D 133 -55.87 22.18 -16.50
C PRO D 133 -56.92 22.13 -17.60
N SER D 134 -58.16 21.99 -17.16
CA SER D 134 -59.34 22.21 -17.98
C SER D 134 -59.92 23.59 -17.67
N VAL D 135 -60.30 24.34 -18.71
CA VAL D 135 -60.74 25.72 -18.52
C VAL D 135 -62.19 25.84 -18.97
N PHE D 136 -63.07 26.13 -18.03
CA PHE D 136 -64.51 26.28 -18.24
C PHE D 136 -64.97 27.68 -17.83
N PRO D 137 -66.10 28.16 -18.36
CA PRO D 137 -66.55 29.53 -18.03
C PRO D 137 -67.41 29.68 -16.76
N ALA D 151 -70.40 40.24 -13.27
CA ALA D 151 -69.38 39.23 -12.88
C ALA D 151 -69.34 37.90 -13.72
N LEU D 152 -68.14 37.59 -14.23
CA LEU D 152 -67.89 36.42 -15.07
C LEU D 152 -66.49 35.89 -14.81
N GLY D 153 -66.23 34.66 -15.23
CA GLY D 153 -64.87 34.19 -15.01
C GLY D 153 -64.53 32.85 -15.63
N CYS D 154 -63.40 32.32 -15.16
CA CYS D 154 -62.78 31.09 -15.63
C CYS D 154 -62.58 30.11 -14.48
N LEU D 155 -63.00 28.87 -14.69
CA LEU D 155 -62.76 27.78 -13.74
C LEU D 155 -61.57 27.00 -14.24
N VAL D 156 -60.46 27.04 -13.51
CA VAL D 156 -59.22 26.38 -13.90
C VAL D 156 -59.15 25.07 -13.12
N LYS D 157 -59.50 23.97 -13.78
CA LYS D 157 -59.84 22.72 -13.10
C LYS D 157 -58.77 21.66 -13.32
N ASP D 158 -58.42 20.98 -12.22
CA ASP D 158 -57.69 19.70 -12.21
C ASP D 158 -56.34 19.77 -12.93
N TYR D 159 -55.44 20.53 -12.31
CA TYR D 159 -54.06 20.61 -12.78
C TYR D 159 -53.09 20.23 -11.66
N PHE D 160 -51.85 19.99 -12.06
CA PHE D 160 -50.77 19.66 -11.14
C PHE D 160 -49.44 19.80 -11.86
N PRO D 161 -48.41 20.40 -11.23
CA PRO D 161 -48.43 21.05 -9.92
C PRO D 161 -48.75 22.51 -10.05
N GLU D 162 -48.73 23.25 -8.95
CA GLU D 162 -48.77 24.70 -9.02
C GLU D 162 -47.57 25.25 -9.78
N PRO D 163 -47.64 26.51 -10.27
CA PRO D 163 -48.82 27.39 -10.30
C PRO D 163 -49.39 27.60 -11.71
N VAL D 164 -50.60 28.16 -11.74
CA VAL D 164 -51.22 28.59 -12.98
C VAL D 164 -51.44 30.10 -12.89
N THR D 165 -51.18 30.81 -13.99
CA THR D 165 -51.46 32.24 -14.09
C THR D 165 -52.64 32.49 -15.01
N VAL D 166 -53.43 33.49 -14.65
CA VAL D 166 -54.64 33.83 -15.38
C VAL D 166 -54.59 35.32 -15.66
N SER D 167 -54.48 35.68 -16.94
CA SER D 167 -54.65 37.06 -17.36
C SER D 167 -55.89 37.16 -18.22
N TRP D 168 -56.45 38.37 -18.30
CA TRP D 168 -57.69 38.59 -19.02
C TRP D 168 -57.46 39.50 -20.21
N ASN D 169 -57.95 39.08 -21.37
CA ASN D 169 -57.79 39.84 -22.61
C ASN D 169 -56.34 40.18 -22.84
N SER D 170 -55.49 39.18 -22.60
CA SER D 170 -54.04 39.29 -22.78
C SER D 170 -53.43 40.39 -21.90
N GLY D 171 -54.01 40.61 -20.72
CA GLY D 171 -53.52 41.63 -19.81
C GLY D 171 -54.11 43.01 -20.01
N ALA D 172 -54.73 43.28 -21.17
CA ALA D 172 -55.39 44.55 -21.42
C ALA D 172 -56.58 44.78 -20.50
N LEU D 173 -56.99 43.77 -19.73
CA LEU D 173 -58.13 43.85 -18.82
C LEU D 173 -57.63 43.53 -17.42
N THR D 174 -57.70 44.50 -16.50
CA THR D 174 -57.21 44.31 -15.14
C THR D 174 -58.11 44.84 -14.03
N SER D 175 -58.93 45.86 -14.26
CA SER D 175 -59.82 46.34 -13.20
C SER D 175 -60.92 45.33 -12.96
N GLY D 176 -61.11 44.95 -11.68
CA GLY D 176 -62.14 44.00 -11.31
C GLY D 176 -61.72 42.55 -11.38
N VAL D 177 -60.50 42.28 -11.86
CA VAL D 177 -59.96 40.94 -11.87
C VAL D 177 -59.59 40.51 -10.46
N HIS D 178 -59.93 39.27 -10.10
CA HIS D 178 -59.42 38.69 -8.86
C HIS D 178 -59.22 37.19 -9.08
N THR D 179 -57.97 36.76 -9.02
CA THR D 179 -57.64 35.34 -9.11
C THR D 179 -57.53 34.76 -7.70
N PHE D 180 -58.31 33.71 -7.45
CA PHE D 180 -58.37 33.11 -6.13
C PHE D 180 -57.19 32.19 -5.91
N PRO D 181 -56.94 31.83 -4.66
CA PRO D 181 -55.93 30.79 -4.39
C PRO D 181 -56.42 29.44 -4.86
N ALA D 182 -55.47 28.56 -5.13
CA ALA D 182 -55.78 27.19 -5.48
C ALA D 182 -56.52 26.48 -4.35
N VAL D 183 -57.25 25.44 -4.73
CA VAL D 183 -57.81 24.50 -3.80
C VAL D 183 -57.21 23.14 -4.14
N LEU D 184 -56.96 22.32 -3.14
CA LEU D 184 -56.30 21.04 -3.36
C LEU D 184 -57.32 19.98 -2.98
N GLN D 185 -57.81 19.24 -3.99
CA GLN D 185 -58.88 18.30 -3.78
C GLN D 185 -58.32 16.98 -3.30
N SER D 186 -59.22 16.19 -2.71
CA SER D 186 -58.87 14.82 -2.34
C SER D 186 -58.42 13.99 -3.52
N SER D 187 -58.55 14.51 -4.75
CA SER D 187 -57.96 13.80 -5.89
C SER D 187 -56.46 13.97 -5.96
N GLY D 188 -55.90 14.99 -5.31
CA GLY D 188 -54.50 15.33 -5.50
C GLY D 188 -54.23 16.39 -6.56
N LEU D 189 -55.26 16.90 -7.22
CA LEU D 189 -55.16 17.87 -8.29
C LEU D 189 -55.67 19.22 -7.81
N TYR D 190 -55.10 20.29 -8.38
CA TYR D 190 -55.45 21.63 -7.92
C TYR D 190 -56.55 22.26 -8.80
N SER D 191 -57.24 23.24 -8.21
CA SER D 191 -58.24 24.00 -8.91
C SER D 191 -58.23 25.43 -8.37
N LEU D 192 -58.33 26.41 -9.28
CA LEU D 192 -58.53 27.79 -8.88
C LEU D 192 -59.49 28.47 -9.86
N SER D 193 -59.93 29.66 -9.48
CA SER D 193 -60.84 30.47 -10.27
C SER D 193 -60.29 31.88 -10.40
N SER D 194 -60.66 32.53 -11.51
CA SER D 194 -60.41 33.94 -11.74
C SER D 194 -61.72 34.59 -12.18
N VAL D 195 -62.10 35.66 -11.52
CA VAL D 195 -63.37 36.31 -11.78
C VAL D 195 -63.11 37.78 -12.07
N VAL D 196 -63.94 38.38 -12.92
CA VAL D 196 -63.92 39.82 -13.13
C VAL D 196 -65.35 40.33 -13.11
N THR D 197 -65.57 41.41 -12.36
CA THR D 197 -66.84 42.12 -12.37
C THR D 197 -66.77 43.14 -13.48
N VAL D 198 -67.80 43.16 -14.31
CA VAL D 198 -67.80 44.03 -15.48
C VAL D 198 -69.06 44.88 -15.47
N PRO D 199 -69.03 46.04 -16.12
CA PRO D 199 -70.28 46.77 -16.40
C PRO D 199 -71.26 45.92 -17.19
N SER D 200 -72.48 45.83 -16.65
CA SER D 200 -73.48 44.89 -17.16
C SER D 200 -73.76 45.08 -18.65
N SER D 201 -73.72 46.31 -19.15
CA SER D 201 -74.11 46.55 -20.54
C SER D 201 -73.00 46.27 -21.54
N SER D 202 -71.76 46.04 -21.08
CA SER D 202 -70.66 45.74 -22.00
C SER D 202 -70.73 44.34 -22.60
N LEU D 203 -71.72 43.55 -22.19
CA LEU D 203 -71.74 42.15 -22.57
C LEU D 203 -72.08 41.97 -24.06
N GLY D 204 -72.92 42.84 -24.60
CA GLY D 204 -73.21 42.66 -26.01
C GLY D 204 -72.17 43.27 -26.95
N THR D 205 -71.21 43.99 -26.41
CA THR D 205 -70.26 44.71 -27.25
C THR D 205 -68.83 44.25 -27.08
N GLN D 206 -68.30 44.19 -25.85
CA GLN D 206 -66.93 43.73 -25.65
C GLN D 206 -66.83 42.22 -25.42
N THR D 207 -65.61 41.73 -25.57
CA THR D 207 -65.32 40.31 -25.44
C THR D 207 -64.32 40.05 -24.32
N TYR D 208 -64.56 39.00 -23.56
CA TYR D 208 -63.76 38.67 -22.39
C TYR D 208 -63.13 37.31 -22.59
N ILE D 209 -61.80 37.26 -22.54
CA ILE D 209 -61.04 36.04 -22.80
C ILE D 209 -60.04 35.88 -21.69
N CYS D 210 -60.13 34.77 -20.94
CA CYS D 210 -59.15 34.54 -19.89
C CYS D 210 -58.01 33.69 -20.42
N ASN D 211 -56.81 34.11 -20.11
CA ASN D 211 -55.61 33.45 -20.60
C ASN D 211 -55.03 32.65 -19.44
N VAL D 212 -55.06 31.33 -19.57
CA VAL D 212 -54.61 30.42 -18.54
C VAL D 212 -53.28 29.85 -19.00
N ASN D 213 -52.28 29.94 -18.13
CA ASN D 213 -50.92 29.55 -18.46
C ASN D 213 -50.38 28.62 -17.40
N HIS D 214 -49.94 27.44 -17.83
CA HIS D 214 -49.45 26.39 -16.93
C HIS D 214 -48.12 25.87 -17.47
N LYS D 215 -47.02 26.51 -17.09
CA LYS D 215 -45.71 26.11 -17.61
C LYS D 215 -45.34 24.66 -17.29
N PRO D 216 -45.62 24.10 -16.11
CA PRO D 216 -45.22 22.71 -15.82
C PRO D 216 -45.75 21.66 -16.80
N SER D 217 -46.77 21.95 -17.62
CA SER D 217 -47.21 21.00 -18.63
C SER D 217 -47.24 21.62 -20.02
N ASN D 218 -46.61 22.78 -20.20
CA ASN D 218 -46.55 23.52 -21.48
C ASN D 218 -47.93 23.83 -22.02
N THR D 219 -48.91 23.97 -21.13
CA THR D 219 -50.29 24.20 -21.52
C THR D 219 -50.53 25.70 -21.47
N LYS D 220 -51.16 26.20 -22.52
CA LYS D 220 -51.57 27.59 -22.63
C LYS D 220 -52.94 27.56 -23.27
N VAL D 221 -53.94 28.11 -22.58
CA VAL D 221 -55.33 27.99 -23.03
C VAL D 221 -55.97 29.37 -23.03
N ASP D 222 -56.61 29.72 -24.14
CA ASP D 222 -57.41 30.93 -24.24
C ASP D 222 -58.86 30.47 -24.34
N LYS D 223 -59.67 30.88 -23.39
CA LYS D 223 -61.08 30.51 -23.35
C LYS D 223 -61.90 31.79 -23.32
N ARG D 224 -62.83 31.90 -24.25
CA ARG D 224 -63.66 33.08 -24.35
C ARG D 224 -64.95 32.84 -23.57
N VAL D 225 -65.37 33.84 -22.80
CA VAL D 225 -66.46 33.67 -21.86
C VAL D 225 -67.63 34.51 -22.36
N GLU D 226 -68.69 33.85 -22.80
CA GLU D 226 -69.90 34.50 -23.28
C GLU D 226 -71.06 34.17 -22.36
N PRO D 227 -72.16 34.91 -22.45
CA PRO D 227 -73.44 34.60 -21.76
C PRO D 227 -74.17 33.36 -22.33
N GLN E 1 -39.71 18.29 26.97
CA GLN E 1 -39.89 19.30 25.95
C GLN E 1 -41.05 20.21 26.36
N PRO E 2 -40.76 21.49 26.59
CA PRO E 2 -41.82 22.43 26.98
C PRO E 2 -42.80 22.72 25.86
N VAL E 3 -43.97 23.23 26.23
CA VAL E 3 -45.02 23.57 25.27
C VAL E 3 -45.58 24.96 25.57
N LEU E 4 -45.83 25.70 24.50
CA LEU E 4 -46.28 27.09 24.54
C LEU E 4 -47.76 27.17 24.14
N THR E 5 -48.53 27.90 24.93
CA THR E 5 -49.97 27.98 24.75
C THR E 5 -50.34 29.43 24.39
N GLN E 6 -50.73 29.65 23.14
CA GLN E 6 -51.14 30.95 22.65
C GLN E 6 -52.64 30.93 22.34
N SER E 7 -53.31 32.05 22.61
CA SER E 7 -54.69 32.19 22.18
C SER E 7 -54.75 32.21 20.65
N PRO E 8 -55.65 31.43 20.03
CA PRO E 8 -55.64 31.32 18.56
C PRO E 8 -55.95 32.60 17.80
N SER E 9 -56.61 33.60 18.38
CA SER E 9 -56.90 34.83 17.65
C SER E 9 -57.05 36.01 18.59
N ALA E 10 -56.83 37.21 18.05
CA ALA E 10 -57.05 38.44 18.80
C ALA E 10 -57.28 39.57 17.81
N SER E 11 -57.98 40.60 18.27
CA SER E 11 -58.21 41.77 17.45
C SER E 11 -58.35 43.02 18.31
N ALA E 12 -57.99 44.16 17.72
CA ALA E 12 -58.22 45.47 18.30
C ALA E 12 -58.23 46.48 17.16
N SER E 13 -58.82 47.64 17.42
CA SER E 13 -59.02 48.58 16.33
C SER E 13 -57.73 49.33 16.04
N LEU E 14 -57.66 49.90 14.84
CA LEU E 14 -56.53 50.75 14.47
C LEU E 14 -56.31 51.79 15.55
N GLY E 15 -55.05 52.03 15.88
CA GLY E 15 -54.70 52.96 16.94
C GLY E 15 -54.85 52.43 18.36
N ALA E 16 -55.56 51.31 18.55
CA ALA E 16 -55.67 50.70 19.87
C ALA E 16 -54.38 49.94 20.19
N SER E 17 -54.38 49.18 21.28
CA SER E 17 -53.24 48.37 21.68
C SER E 17 -53.70 46.97 22.05
N VAL E 18 -52.80 46.00 21.89
CA VAL E 18 -53.09 44.62 22.26
C VAL E 18 -51.98 44.07 23.14
N LYS E 19 -52.31 43.00 23.85
CA LYS E 19 -51.41 42.29 24.74
C LYS E 19 -51.55 40.84 24.34
N LEU E 20 -50.70 40.40 23.42
CA LEU E 20 -50.68 39.02 23.02
C LEU E 20 -50.00 38.23 24.12
N THR E 21 -50.63 37.15 24.58
CA THR E 21 -50.10 36.38 25.69
C THR E 21 -49.74 34.97 25.25
N CYS E 22 -48.55 34.54 25.69
CA CYS E 22 -48.03 33.20 25.32
C CYS E 22 -47.65 32.51 26.61
N THR E 23 -48.55 31.68 27.14
CA THR E 23 -48.27 31.06 28.46
C THR E 23 -47.54 29.74 28.22
N LEU E 24 -46.27 29.66 28.63
CA LEU E 24 -45.57 28.36 28.52
C LEU E 24 -46.11 27.46 29.62
N SER E 25 -45.90 26.15 29.51
CA SER E 25 -46.47 25.21 30.50
C SER E 25 -45.87 25.51 31.88
N SER E 26 -46.60 25.18 32.96
CA SER E 26 -46.06 25.40 34.32
C SER E 26 -44.76 24.61 34.43
N GLY E 27 -44.73 23.40 33.87
CA GLY E 27 -43.44 22.68 33.81
C GLY E 27 -42.52 23.48 32.92
N HIS E 28 -41.26 23.67 33.33
CA HIS E 28 -40.33 24.54 32.55
C HIS E 28 -40.81 26.00 32.59
N SER E 29 -41.38 26.45 33.71
CA SER E 29 -41.73 27.85 33.82
C SER E 29 -40.45 28.64 34.05
N SER E 30 -40.53 29.94 33.85
CA SER E 30 -39.37 30.83 33.84
C SER E 30 -38.39 30.55 32.70
N TYR E 31 -38.77 29.71 31.72
CA TYR E 31 -37.98 29.59 30.51
C TYR E 31 -38.06 30.86 29.68
N ALA E 32 -36.96 31.22 29.03
CA ALA E 32 -37.01 32.40 28.17
C ALA E 32 -37.67 32.05 26.84
N ILE E 33 -38.19 33.08 26.17
CA ILE E 33 -38.86 32.92 24.90
C ILE E 33 -38.39 33.99 23.92
N ALA E 34 -38.87 33.86 22.68
CA ALA E 34 -38.68 34.85 21.64
C ALA E 34 -40.01 35.05 20.94
N TRP E 35 -40.22 36.25 20.37
CA TRP E 35 -41.42 36.55 19.59
C TRP E 35 -41.06 36.75 18.12
N HIS E 36 -41.88 36.19 17.25
CA HIS E 36 -41.69 36.30 15.82
C HIS E 36 -42.99 36.80 15.20
N GLN E 37 -42.84 37.57 14.14
CA GLN E 37 -43.96 38.17 13.42
C GLN E 37 -44.05 37.55 12.03
N GLN E 38 -45.25 37.18 11.61
CA GLN E 38 -45.49 36.74 10.22
C GLN E 38 -46.66 37.53 9.62
N GLN E 39 -46.34 38.52 8.78
CA GLN E 39 -47.32 39.29 8.02
C GLN E 39 -47.81 38.48 6.83
N PRO E 40 -48.99 38.83 6.28
CA PRO E 40 -49.55 38.04 5.20
C PRO E 40 -48.65 37.98 3.96
N GLU E 41 -48.52 36.76 3.41
CA GLU E 41 -47.76 36.49 2.19
C GLU E 41 -46.28 36.79 2.34
N LYS E 42 -45.77 36.70 3.57
CA LYS E 42 -44.39 37.07 3.91
C LYS E 42 -43.75 36.01 4.80
N GLY E 43 -42.42 36.06 4.86
CA GLY E 43 -41.66 35.24 5.76
C GLY E 43 -41.67 35.80 7.18
N PRO E 44 -41.17 34.99 8.12
CA PRO E 44 -41.15 35.42 9.52
C PRO E 44 -40.11 36.51 9.75
N ARG E 45 -40.30 37.21 10.87
CA ARG E 45 -39.36 38.25 11.30
C ARG E 45 -39.17 38.19 12.82
N TYR E 46 -37.90 38.22 13.27
CA TYR E 46 -37.58 38.14 14.69
C TYR E 46 -37.81 39.48 15.41
N LEU E 47 -38.65 39.44 16.45
CA LEU E 47 -38.95 40.62 17.26
C LEU E 47 -37.97 40.81 18.41
N MET E 48 -38.06 39.96 19.43
CA MET E 48 -37.25 40.11 20.64
C MET E 48 -37.17 38.78 21.38
N LYS E 49 -36.21 38.68 22.30
CA LYS E 49 -36.17 37.64 23.31
C LYS E 49 -36.63 38.18 24.67
N LEU E 50 -37.40 37.37 25.40
CA LEU E 50 -37.95 37.74 26.71
C LEU E 50 -37.40 36.83 27.79
N ASN E 51 -36.75 37.41 28.80
CA ASN E 51 -36.27 36.65 29.95
C ASN E 51 -37.33 36.62 31.05
N THR E 52 -37.06 35.85 32.11
CA THR E 52 -38.03 35.73 33.19
C THR E 52 -38.14 37.01 34.01
N ASP E 53 -37.13 37.90 33.94
CA ASP E 53 -37.11 39.12 34.73
C ASP E 53 -37.80 40.29 34.04
N GLY E 54 -38.31 40.12 32.83
CA GLY E 54 -38.98 41.20 32.14
C GLY E 54 -38.08 41.89 31.15
N SER E 55 -36.82 41.45 31.06
CA SER E 55 -35.80 42.09 30.24
C SER E 55 -35.82 41.51 28.83
N HIS E 56 -35.91 42.41 27.85
CA HIS E 56 -35.96 42.03 26.46
C HIS E 56 -34.63 42.31 25.78
N SER E 57 -34.50 41.81 24.56
CA SER E 57 -33.42 42.21 23.66
C SER E 57 -34.02 42.29 22.26
N LYS E 58 -34.19 43.51 21.74
CA LYS E 58 -34.85 43.55 20.45
C LYS E 58 -33.88 43.25 19.33
N GLY E 59 -34.43 42.84 18.19
CA GLY E 59 -33.64 42.83 16.99
C GLY E 59 -33.40 44.25 16.56
N ASP E 60 -32.60 44.43 15.53
CA ASP E 60 -32.44 45.79 15.03
C ASP E 60 -33.61 46.11 14.10
N GLY E 61 -34.05 47.37 14.14
CA GLY E 61 -35.08 47.88 13.25
C GLY E 61 -36.51 47.60 13.60
N ILE E 62 -36.82 47.11 14.79
CA ILE E 62 -38.20 46.81 15.16
C ILE E 62 -38.71 47.97 16.05
N PRO E 63 -39.90 48.48 15.80
CA PRO E 63 -40.33 49.74 16.44
C PRO E 63 -40.56 49.62 17.93
N ASP E 64 -40.63 50.79 18.58
CA ASP E 64 -40.84 50.92 20.02
C ASP E 64 -42.26 50.62 20.47
N ARG E 65 -43.23 50.56 19.54
CA ARG E 65 -44.60 50.22 19.94
C ARG E 65 -44.73 48.78 20.40
N PHE E 66 -43.68 47.96 20.22
CA PHE E 66 -43.62 46.57 20.65
C PHE E 66 -42.81 46.47 21.94
N SER E 67 -43.46 46.06 23.03
CA SER E 67 -42.72 45.81 24.27
C SER E 67 -43.11 44.47 24.86
N GLY E 68 -42.15 43.87 25.57
CA GLY E 68 -42.36 42.60 26.22
C GLY E 68 -42.27 42.71 27.73
N SER E 69 -43.01 41.83 28.40
CA SER E 69 -43.08 41.79 29.85
C SER E 69 -43.40 40.36 30.23
N SER E 70 -43.30 40.07 31.52
CA SER E 70 -43.21 38.69 31.96
C SER E 70 -43.85 38.60 33.34
N SER E 71 -44.54 37.48 33.60
CA SER E 71 -45.24 37.27 34.87
C SER E 71 -45.64 35.81 35.09
N GLY E 72 -45.12 35.20 36.15
CA GLY E 72 -45.43 33.80 36.41
C GLY E 72 -44.95 32.95 35.25
N ALA E 73 -45.79 32.04 34.79
CA ALA E 73 -45.47 31.23 33.63
C ALA E 73 -45.90 31.90 32.32
N GLU E 74 -46.31 33.16 32.37
CA GLU E 74 -46.90 33.85 31.23
C GLU E 74 -45.91 34.83 30.63
N ARG E 75 -45.97 35.02 29.31
CA ARG E 75 -45.20 36.03 28.60
C ARG E 75 -46.11 36.82 27.67
N TYR E 76 -45.85 38.12 27.57
CA TYR E 76 -46.74 39.04 26.88
C TYR E 76 -45.97 39.81 25.80
N LEU E 77 -46.58 39.91 24.62
CA LEU E 77 -46.17 40.87 23.60
C LEU E 77 -47.20 41.99 23.59
N THR E 78 -46.74 43.23 23.77
CA THR E 78 -47.57 44.40 23.79
C THR E 78 -47.25 45.27 22.59
N ILE E 79 -48.28 45.67 21.84
CA ILE E 79 -48.16 46.53 20.67
C ILE E 79 -49.04 47.74 20.88
N SER E 80 -48.43 48.92 21.01
CA SER E 80 -49.14 50.17 21.23
C SER E 80 -49.46 50.86 19.91
N SER E 81 -50.45 51.77 19.98
CA SER E 81 -50.95 52.55 18.85
C SER E 81 -50.90 51.77 17.53
N LEU E 82 -51.76 50.75 17.43
CA LEU E 82 -51.75 49.79 16.33
C LEU E 82 -51.85 50.45 14.96
N GLN E 83 -51.16 49.86 14.00
CA GLN E 83 -51.11 50.31 12.63
C GLN E 83 -51.63 49.20 11.71
N SER E 84 -51.86 49.55 10.43
CA SER E 84 -52.40 48.58 9.49
C SER E 84 -51.44 47.40 9.31
N GLU E 85 -50.12 47.68 9.28
CA GLU E 85 -49.08 46.68 9.03
C GLU E 85 -48.90 45.69 10.18
N ASP E 86 -49.36 46.02 11.39
CA ASP E 86 -49.19 45.09 12.50
C ASP E 86 -50.11 43.89 12.42
N GLU E 87 -51.01 43.85 11.44
CA GLU E 87 -51.86 42.69 11.25
C GLU E 87 -50.99 41.55 10.77
N ALA E 88 -50.93 40.47 11.56
CA ALA E 88 -49.99 39.40 11.28
C ALA E 88 -50.19 38.27 12.28
N ASP E 89 -49.47 37.18 12.04
CA ASP E 89 -49.40 36.07 12.97
C ASP E 89 -48.18 36.27 13.87
N TYR E 90 -48.37 36.11 15.19
CA TYR E 90 -47.29 36.28 16.17
C TYR E 90 -47.01 34.95 16.86
N TYR E 91 -45.83 34.40 16.57
CA TYR E 91 -45.40 33.12 17.10
C TYR E 91 -44.38 33.39 18.20
N CYS E 92 -44.68 32.91 19.40
CA CYS E 92 -43.67 32.81 20.44
C CYS E 92 -42.99 31.46 20.28
N GLN E 93 -41.68 31.43 20.57
CA GLN E 93 -40.93 30.21 20.54
C GLN E 93 -40.03 30.18 21.76
N THR E 94 -39.67 28.98 22.18
CA THR E 94 -38.81 28.80 23.34
C THR E 94 -37.77 27.75 23.00
N TRP E 95 -36.95 27.38 23.97
CA TRP E 95 -35.92 26.37 23.78
C TRP E 95 -36.11 25.23 24.75
N GLY E 96 -35.79 24.03 24.29
CA GLY E 96 -35.67 22.90 25.19
C GLY E 96 -34.22 22.46 25.21
N THR E 97 -34.01 21.15 25.20
CA THR E 97 -32.65 20.58 25.18
C THR E 97 -32.21 20.46 23.72
N GLY E 98 -31.49 21.46 23.25
CA GLY E 98 -31.01 21.47 21.89
C GLY E 98 -32.13 21.87 20.94
N ILE E 99 -33.33 21.43 21.21
CA ILE E 99 -34.42 21.64 20.30
C ILE E 99 -35.14 22.92 20.71
N LEU E 100 -35.85 23.49 19.75
CA LEU E 100 -36.71 24.64 20.01
C LEU E 100 -38.14 24.27 19.66
N VAL E 101 -39.08 24.96 20.30
CA VAL E 101 -40.51 24.68 20.15
C VAL E 101 -41.26 25.99 19.95
N PHE E 102 -42.12 26.01 18.97
CA PHE E 102 -43.04 27.10 18.70
C PHE E 102 -44.40 26.84 19.36
N GLY E 103 -45.18 27.92 19.47
CA GLY E 103 -46.57 27.84 19.83
C GLY E 103 -47.46 27.83 18.58
N GLY E 104 -48.76 27.67 18.82
CA GLY E 104 -49.70 27.61 17.70
C GLY E 104 -49.74 28.89 16.88
N GLY E 105 -49.44 30.02 17.49
CA GLY E 105 -49.53 31.30 16.81
C GLY E 105 -50.81 32.05 17.17
N THR E 106 -50.76 33.36 16.97
CA THR E 106 -51.91 34.22 17.19
C THR E 106 -52.12 35.06 15.94
N LYS E 107 -53.29 34.93 15.31
CA LYS E 107 -53.66 35.81 14.21
C LYS E 107 -54.24 37.09 14.81
N LEU E 108 -53.49 38.18 14.68
CA LEU E 108 -53.98 39.50 15.16
C LEU E 108 -54.63 40.19 13.97
N THR E 109 -55.89 40.64 14.11
CA THR E 109 -56.60 41.29 12.98
C THR E 109 -56.89 42.75 13.33
N VAL E 110 -56.56 43.66 12.42
CA VAL E 110 -56.88 45.11 12.65
C VAL E 110 -58.28 45.35 12.09
N LEU E 111 -59.18 45.94 12.88
CA LEU E 111 -60.59 46.14 12.45
C LEU E 111 -60.81 47.60 12.04
N GLY E 112 -59.73 48.38 11.93
CA GLY E 112 -59.88 49.83 11.63
C GLY E 112 -60.56 50.08 10.30
N GLN E 113 -60.21 49.31 9.26
CA GLN E 113 -60.78 49.52 7.91
C GLN E 113 -62.26 49.14 7.90
N PRO E 114 -63.13 49.77 7.09
CA PRO E 114 -64.58 49.53 7.12
C PRO E 114 -65.21 48.13 7.14
N LYS E 115 -66.22 47.92 7.99
CA LYS E 115 -66.99 46.67 8.06
C LYS E 115 -67.73 46.46 6.74
N ALA E 116 -67.90 45.20 6.35
CA ALA E 116 -68.48 44.91 5.03
C ALA E 116 -69.06 43.50 4.98
N ALA E 117 -70.36 43.38 4.65
CA ALA E 117 -71.00 42.09 4.43
C ALA E 117 -70.70 41.59 3.01
N PRO E 118 -70.68 40.28 2.80
CA PRO E 118 -70.11 39.72 1.56
C PRO E 118 -71.04 39.74 0.35
N SER E 119 -70.44 39.87 -0.84
CA SER E 119 -71.12 39.61 -2.12
C SER E 119 -71.01 38.13 -2.45
N VAL E 120 -72.13 37.50 -2.83
CA VAL E 120 -72.21 36.05 -3.01
C VAL E 120 -72.83 35.75 -4.36
N THR E 121 -72.00 35.31 -5.31
CA THR E 121 -72.47 34.88 -6.63
C THR E 121 -72.17 33.40 -6.81
N LEU E 122 -73.18 32.63 -7.19
CA LEU E 122 -73.12 31.18 -7.27
C LEU E 122 -73.31 30.73 -8.71
N PHE E 123 -72.32 30.00 -9.25
CA PHE E 123 -72.35 29.59 -10.65
C PHE E 123 -72.71 28.12 -10.77
N PRO E 124 -73.76 27.77 -11.50
CA PRO E 124 -74.04 26.35 -11.80
C PRO E 124 -72.96 25.77 -12.71
N PRO E 125 -72.96 24.47 -12.98
CA PRO E 125 -71.90 23.91 -13.82
C PRO E 125 -72.09 24.36 -15.26
N SER E 126 -70.99 24.83 -15.86
CA SER E 126 -71.02 25.21 -17.26
C SER E 126 -71.50 24.04 -18.11
N SER E 127 -72.15 24.38 -19.22
CA SER E 127 -72.62 23.34 -20.13
C SER E 127 -71.43 22.57 -20.70
N GLU E 128 -70.33 23.28 -21.00
CA GLU E 128 -69.14 22.59 -21.48
C GLU E 128 -68.59 21.60 -20.47
N GLU E 129 -68.78 21.85 -19.18
CA GLU E 129 -68.30 20.92 -18.17
C GLU E 129 -69.14 19.64 -18.14
N LEU E 130 -70.46 19.78 -18.30
CA LEU E 130 -71.34 18.61 -18.28
C LEU E 130 -71.04 17.68 -19.46
N GLN E 131 -70.81 18.24 -20.64
CA GLN E 131 -70.42 17.45 -21.81
C GLN E 131 -69.10 16.73 -21.59
N ALA E 132 -68.39 17.05 -20.52
CA ALA E 132 -67.14 16.40 -20.16
C ALA E 132 -67.30 15.47 -18.96
N ASN E 133 -68.55 15.17 -18.58
CA ASN E 133 -68.90 14.22 -17.53
C ASN E 133 -68.65 14.76 -16.14
N LYS E 134 -68.35 16.04 -16.01
CA LYS E 134 -68.11 16.63 -14.70
C LYS E 134 -69.17 17.68 -14.41
N ALA E 135 -69.29 18.02 -13.14
CA ALA E 135 -70.17 19.09 -12.70
C ALA E 135 -69.57 19.71 -11.45
N THR E 136 -69.27 20.99 -11.51
CA THR E 136 -68.79 21.72 -10.36
C THR E 136 -69.68 22.93 -10.17
N LEU E 137 -69.99 23.23 -8.92
CA LEU E 137 -70.68 24.46 -8.57
C LEU E 137 -69.66 25.40 -7.94
N VAL E 138 -69.50 26.59 -8.52
CA VAL E 138 -68.49 27.55 -8.06
C VAL E 138 -69.18 28.69 -7.36
N CYS E 139 -68.96 28.80 -6.05
CA CYS E 139 -69.56 29.85 -5.24
C CYS E 139 -68.48 30.84 -4.83
N LEU E 140 -68.60 32.08 -5.29
CA LEU E 140 -67.60 33.11 -5.02
C LEU E 140 -68.14 34.13 -4.03
N ILE E 141 -67.30 34.49 -3.06
CA ILE E 141 -67.61 35.45 -2.01
C ILE E 141 -66.61 36.60 -2.13
N SER E 142 -67.11 37.82 -2.20
CA SER E 142 -66.23 38.96 -2.41
C SER E 142 -66.71 40.15 -1.58
N ASP E 143 -65.81 41.13 -1.42
CA ASP E 143 -66.10 42.46 -0.84
C ASP E 143 -66.64 42.39 0.58
N PHE E 144 -65.95 41.65 1.45
CA PHE E 144 -66.26 41.64 2.87
C PHE E 144 -65.03 42.03 3.68
N TYR E 145 -65.30 42.50 4.92
CA TYR E 145 -64.36 42.94 5.94
C TYR E 145 -65.07 42.84 7.29
N PRO E 146 -64.53 42.08 8.27
CA PRO E 146 -63.27 41.35 8.20
C PRO E 146 -63.34 40.03 7.41
N GLY E 147 -62.20 39.56 6.92
CA GLY E 147 -62.15 38.33 6.14
C GLY E 147 -62.27 37.03 6.93
N ALA E 148 -63.45 36.76 7.46
CA ALA E 148 -63.75 35.53 8.18
C ALA E 148 -65.17 35.12 7.83
N VAL E 149 -65.32 33.92 7.24
CA VAL E 149 -66.59 33.45 6.72
C VAL E 149 -66.71 31.94 6.95
N THR E 150 -67.94 31.45 7.14
CA THR E 150 -68.25 30.02 7.16
C THR E 150 -69.24 29.65 6.07
N VAL E 151 -68.99 28.53 5.39
CA VAL E 151 -69.71 28.15 4.17
C VAL E 151 -70.36 26.78 4.35
N ALA E 152 -71.65 26.69 4.04
CA ALA E 152 -72.38 25.42 4.09
C ALA E 152 -73.22 25.27 2.84
N TRP E 153 -73.12 24.10 2.19
CA TRP E 153 -73.91 23.80 0.98
C TRP E 153 -75.12 22.94 1.36
N LYS E 154 -76.32 23.27 0.83
CA LYS E 154 -77.51 22.42 1.10
C LYS E 154 -78.13 21.93 -0.22
N ALA E 155 -78.38 20.63 -0.35
CA ALA E 155 -79.06 20.10 -1.55
C ALA E 155 -80.53 19.84 -1.18
N ASP E 156 -81.46 20.58 -1.79
CA ASP E 156 -82.89 20.44 -1.38
C ASP E 156 -82.96 20.64 0.14
N SER E 157 -82.26 21.64 0.68
CA SER E 157 -82.24 21.93 2.13
C SER E 157 -81.61 20.79 2.95
N SER E 158 -80.70 20.01 2.35
CA SER E 158 -79.98 18.96 3.11
C SER E 158 -78.47 19.25 3.06
N PRO E 159 -77.77 19.42 4.20
CA PRO E 159 -76.35 19.79 4.19
C PRO E 159 -75.41 18.75 3.56
N VAL E 160 -74.84 19.05 2.38
CA VAL E 160 -73.88 18.15 1.77
C VAL E 160 -72.53 18.41 2.44
N LYS E 161 -71.83 17.33 2.76
CA LYS E 161 -70.51 17.46 3.34
C LYS E 161 -69.39 16.98 2.43
N ALA E 162 -69.71 16.08 1.51
CA ALA E 162 -68.75 15.54 0.57
C ALA E 162 -68.65 16.43 -0.66
N GLY E 163 -67.46 16.44 -1.26
CA GLY E 163 -67.25 17.17 -2.50
C GLY E 163 -67.12 18.65 -2.35
N VAL E 164 -66.76 19.12 -1.16
CA VAL E 164 -66.68 20.54 -0.85
C VAL E 164 -65.22 20.91 -0.60
N GLU E 165 -64.81 22.02 -1.19
CA GLU E 165 -63.53 22.65 -0.94
C GLU E 165 -63.76 24.15 -0.84
N THR E 166 -62.87 24.82 -0.13
CA THR E 166 -63.06 26.24 0.15
C THR E 166 -61.69 26.86 0.37
N THR E 167 -61.48 28.04 -0.24
CA THR E 167 -60.23 28.75 -0.05
C THR E 167 -60.26 29.52 1.26
N THR E 168 -59.18 29.83 1.70
CA THR E 168 -59.40 30.75 2.80
C THR E 168 -59.29 32.19 2.30
N PRO E 169 -59.95 33.12 3.00
CA PRO E 169 -60.05 34.51 2.52
C PRO E 169 -58.70 35.15 2.21
N SER E 170 -58.74 36.13 1.30
CA SER E 170 -57.55 36.88 0.93
C SER E 170 -57.98 38.24 0.40
N LYS E 171 -57.29 39.30 0.84
CA LYS E 171 -57.78 40.65 0.54
C LYS E 171 -57.59 40.98 -0.95
N GLN E 172 -58.50 41.82 -1.45
CA GLN E 172 -58.52 42.28 -2.83
C GLN E 172 -57.70 43.55 -3.00
N SER E 173 -57.56 43.97 -4.26
CA SER E 173 -56.80 45.18 -4.55
C SER E 173 -57.46 46.45 -4.00
N ASN E 174 -58.73 46.39 -3.60
CA ASN E 174 -59.38 47.49 -2.91
C ASN E 174 -59.53 47.24 -1.41
N ASN E 175 -58.61 46.46 -0.82
CA ASN E 175 -58.47 46.25 0.63
C ASN E 175 -59.69 45.58 1.26
N LYS E 176 -60.54 44.94 0.48
CA LYS E 176 -61.59 44.09 1.04
C LYS E 176 -61.23 42.63 0.74
N TYR E 177 -61.97 41.70 1.35
CA TYR E 177 -61.64 40.29 1.25
C TYR E 177 -62.48 39.54 0.22
N ALA E 178 -62.07 38.30 -0.04
CA ALA E 178 -62.73 37.42 -0.99
C ALA E 178 -62.36 35.98 -0.68
N ALA E 179 -63.27 35.06 -1.01
CA ALA E 179 -63.03 33.63 -0.89
C ALA E 179 -63.98 32.86 -1.80
N SER E 180 -63.54 31.68 -2.24
CA SER E 180 -64.30 30.85 -3.17
C SER E 180 -64.51 29.48 -2.56
N SER E 181 -65.63 28.86 -2.92
CA SER E 181 -65.98 27.52 -2.49
C SER E 181 -66.45 26.70 -3.68
N TYR E 182 -66.18 25.40 -3.63
CA TYR E 182 -66.52 24.51 -4.71
C TYR E 182 -67.29 23.31 -4.20
N LEU E 183 -68.26 22.84 -4.98
CA LEU E 183 -69.04 21.66 -4.66
C LEU E 183 -69.05 20.74 -5.88
N SER E 184 -68.30 19.64 -5.79
CA SER E 184 -68.22 18.69 -6.88
C SER E 184 -69.34 17.65 -6.78
N LEU E 185 -69.96 17.37 -7.93
CA LEU E 185 -71.02 16.38 -8.04
C LEU E 185 -70.82 15.59 -9.32
N THR E 186 -71.51 14.46 -9.39
CA THR E 186 -71.62 13.76 -10.65
C THR E 186 -72.78 14.36 -11.45
N PRO E 187 -72.76 14.23 -12.77
CA PRO E 187 -73.87 14.80 -13.56
C PRO E 187 -75.24 14.29 -13.16
N GLU E 188 -75.39 13.02 -12.79
CA GLU E 188 -76.67 12.54 -12.27
C GLU E 188 -77.10 13.38 -11.07
N GLN E 189 -76.21 13.49 -10.09
CA GLN E 189 -76.47 14.26 -8.88
C GLN E 189 -76.90 15.69 -9.21
N TRP E 190 -76.32 16.28 -10.26
CA TRP E 190 -76.71 17.63 -10.63
C TRP E 190 -78.17 17.69 -11.07
N LYS E 191 -78.60 16.72 -11.88
CA LYS E 191 -79.92 16.75 -12.52
C LYS E 191 -81.04 16.39 -11.57
N SER E 192 -80.79 15.44 -10.67
CA SER E 192 -81.83 14.79 -9.85
C SER E 192 -82.01 15.46 -8.49
N HIS E 193 -82.10 16.78 -8.52
CA HIS E 193 -82.59 17.57 -7.40
C HIS E 193 -83.40 18.72 -7.99
N ARG E 194 -84.00 19.54 -7.13
CA ARG E 194 -84.64 20.77 -7.58
C ARG E 194 -83.86 22.02 -7.24
N SER E 195 -82.86 21.93 -6.37
CA SER E 195 -82.03 23.10 -6.09
C SER E 195 -80.78 22.70 -5.31
N TYR E 196 -79.87 23.65 -5.22
CA TYR E 196 -78.67 23.58 -4.39
C TYR E 196 -78.47 24.96 -3.81
N SER E 197 -78.07 25.01 -2.54
CA SER E 197 -77.86 26.29 -1.86
C SER E 197 -76.39 26.47 -1.51
N CYS E 198 -75.92 27.71 -1.67
CA CYS E 198 -74.66 28.17 -1.11
C CYS E 198 -75.03 29.15 -0.01
N GLN E 199 -74.61 28.86 1.23
CA GLN E 199 -74.97 29.63 2.42
C GLN E 199 -73.71 30.16 3.08
N VAL E 200 -73.56 31.48 3.09
CA VAL E 200 -72.35 32.16 3.52
C VAL E 200 -72.67 32.95 4.77
N THR E 201 -72.01 32.61 5.87
CA THR E 201 -72.25 33.24 7.16
C THR E 201 -71.08 34.16 7.47
N HIS E 202 -71.39 35.44 7.75
CA HIS E 202 -70.37 36.47 7.98
C HIS E 202 -70.80 37.33 9.16
N GLU E 203 -70.14 37.13 10.31
CA GLU E 203 -70.48 37.81 11.56
C GLU E 203 -71.94 37.53 11.92
N GLY E 204 -72.25 36.26 12.10
CA GLY E 204 -73.59 35.86 12.47
C GLY E 204 -74.63 35.99 11.37
N SER E 205 -74.43 36.91 10.42
CA SER E 205 -75.35 37.11 9.31
C SER E 205 -75.07 36.10 8.18
N THR E 206 -76.13 35.75 7.45
CA THR E 206 -76.07 34.71 6.44
C THR E 206 -76.66 35.18 5.11
N VAL E 207 -75.87 35.04 4.04
CA VAL E 207 -76.33 35.21 2.67
C VAL E 207 -76.61 33.83 2.09
N GLU E 208 -77.63 33.75 1.24
CA GLU E 208 -78.05 32.49 0.65
C GLU E 208 -78.26 32.68 -0.84
N LYS E 209 -77.58 31.88 -1.65
CA LYS E 209 -77.82 31.83 -3.09
C LYS E 209 -78.24 30.43 -3.50
N THR E 210 -79.19 30.36 -4.43
CA THR E 210 -79.76 29.10 -4.87
C THR E 210 -79.81 29.07 -6.39
N VAL E 211 -79.44 27.93 -6.97
CA VAL E 211 -79.48 27.66 -8.40
C VAL E 211 -80.20 26.34 -8.61
N ALA E 212 -80.70 26.14 -9.83
CA ALA E 212 -81.42 24.91 -10.16
C ALA E 212 -81.13 24.49 -11.59
N PRO E 213 -81.15 23.19 -11.87
CA PRO E 213 -80.97 22.70 -13.25
C PRO E 213 -82.17 23.02 -14.13
N THR E 214 -81.91 23.66 -15.27
CA THR E 214 -82.91 24.05 -16.27
C THR E 214 -82.21 24.45 -17.58
N GLN F 1 -48.57 4.55 -15.29
CA GLN F 1 -48.38 4.88 -16.71
C GLN F 1 -46.92 5.22 -17.02
N VAL F 2 -46.30 4.34 -17.80
CA VAL F 2 -44.88 4.37 -18.11
C VAL F 2 -44.54 5.54 -19.04
N GLN F 3 -43.37 6.16 -18.81
CA GLN F 3 -42.90 7.21 -19.70
C GLN F 3 -41.37 7.24 -19.83
N LEU F 4 -40.92 7.41 -21.06
CA LEU F 4 -39.50 7.45 -21.39
C LEU F 4 -39.20 8.80 -22.04
N VAL F 5 -38.38 9.62 -21.39
CA VAL F 5 -38.09 10.97 -21.86
C VAL F 5 -36.59 11.06 -22.16
N GLU F 6 -36.26 11.17 -23.44
CA GLU F 6 -34.88 11.25 -23.90
C GLU F 6 -34.24 12.60 -23.58
N SER F 7 -32.97 12.56 -23.16
CA SER F 7 -32.21 13.79 -23.02
C SER F 7 -31.50 14.09 -24.34
N GLY F 8 -30.91 15.27 -24.40
CA GLY F 8 -30.71 15.91 -25.67
C GLY F 8 -29.48 15.59 -26.49
N GLY F 9 -29.68 15.78 -27.79
CA GLY F 9 -28.60 15.86 -28.72
C GLY F 9 -28.68 17.29 -29.19
N GLY F 10 -28.53 17.49 -30.49
CA GLY F 10 -28.33 18.81 -31.02
C GLY F 10 -27.34 18.73 -32.16
N VAL F 11 -26.56 19.79 -32.34
CA VAL F 11 -25.63 19.87 -33.46
C VAL F 11 -24.21 19.68 -32.95
N VAL F 12 -23.42 18.88 -33.69
CA VAL F 12 -22.00 18.64 -33.40
C VAL F 12 -21.29 18.39 -34.71
N GLN F 13 -19.93 18.66 -34.71
CA GLN F 13 -19.06 18.49 -35.87
C GLN F 13 -18.74 17.00 -36.08
N PRO F 14 -18.75 16.53 -37.33
CA PRO F 14 -18.44 15.12 -37.59
C PRO F 14 -17.12 14.73 -36.97
N GLY F 15 -17.07 13.51 -36.42
CA GLY F 15 -15.92 13.07 -35.66
C GLY F 15 -15.92 13.43 -34.19
N ARG F 16 -16.88 14.22 -33.71
CA ARG F 16 -17.00 14.47 -32.28
C ARG F 16 -17.97 13.45 -31.65
N SER F 17 -18.32 13.62 -30.38
CA SER F 17 -19.08 12.60 -29.66
C SER F 17 -20.19 13.23 -28.82
N LEU F 18 -21.25 12.44 -28.55
CA LEU F 18 -22.48 12.85 -27.83
C LEU F 18 -23.00 11.77 -26.91
N ARG F 19 -23.44 12.15 -25.72
CA ARG F 19 -24.12 11.24 -24.82
C ARG F 19 -25.62 11.58 -24.79
N LEU F 20 -26.41 10.71 -25.39
CA LEU F 20 -27.87 10.76 -25.25
C LEU F 20 -28.29 10.06 -23.97
N SER F 21 -29.40 10.53 -23.39
CA SER F 21 -29.89 9.94 -22.16
C SER F 21 -31.37 9.66 -22.31
N CYS F 22 -31.85 8.72 -21.50
CA CYS F 22 -33.24 8.31 -21.54
C CYS F 22 -33.69 8.11 -20.11
N ALA F 23 -34.57 8.97 -19.64
CA ALA F 23 -35.07 8.91 -18.27
C ALA F 23 -36.35 8.09 -18.26
N ALA F 24 -36.38 7.07 -17.40
CA ALA F 24 -37.50 6.16 -17.31
C ALA F 24 -38.21 6.35 -15.98
N SER F 25 -39.54 6.41 -16.03
CA SER F 25 -40.38 6.49 -14.84
C SER F 25 -41.63 5.64 -15.04
N GLY F 26 -42.14 5.09 -13.94
CA GLY F 26 -43.42 4.40 -13.98
C GLY F 26 -43.38 2.88 -14.05
N PHE F 27 -42.21 2.26 -13.96
CA PHE F 27 -42.04 0.81 -14.00
C PHE F 27 -40.68 0.47 -13.42
N THR F 28 -40.48 -0.81 -13.11
CA THR F 28 -39.22 -1.26 -12.52
C THR F 28 -38.14 -1.36 -13.58
N PHE F 29 -37.53 -0.20 -13.88
CA PHE F 29 -36.57 -0.04 -14.99
C PHE F 29 -35.50 -1.11 -14.99
N SER F 30 -34.93 -1.39 -13.80
CA SER F 30 -33.80 -2.34 -13.70
C SER F 30 -34.19 -3.77 -14.08
N ASN F 31 -35.48 -3.99 -14.36
CA ASN F 31 -35.98 -5.35 -14.69
C ASN F 31 -36.31 -5.47 -16.18
N TYR F 32 -35.98 -4.48 -17.00
CA TYR F 32 -36.44 -4.51 -18.42
C TYR F 32 -35.32 -4.28 -19.44
N ALA F 33 -35.53 -4.84 -20.64
CA ALA F 33 -34.55 -4.53 -21.67
C ALA F 33 -34.81 -3.14 -22.23
N MET F 34 -33.77 -2.55 -22.84
CA MET F 34 -33.79 -1.15 -23.22
C MET F 34 -33.11 -0.97 -24.58
N HIS F 35 -33.78 -0.26 -25.49
CA HIS F 35 -33.35 -0.07 -26.87
C HIS F 35 -32.99 1.37 -27.18
N TRP F 36 -32.28 1.53 -28.31
CA TRP F 36 -32.14 2.78 -29.03
C TRP F 36 -32.59 2.55 -30.46
N VAL F 37 -33.46 3.42 -30.95
CA VAL F 37 -33.92 3.37 -32.34
C VAL F 37 -33.78 4.79 -32.87
N ARG F 38 -33.48 4.90 -34.15
CA ARG F 38 -33.29 6.22 -34.73
C ARG F 38 -34.02 6.31 -36.05
N GLN F 39 -34.33 7.54 -36.43
CA GLN F 39 -35.02 7.78 -37.69
C GLN F 39 -34.39 8.98 -38.37
N ALA F 40 -33.74 8.73 -39.51
CA ALA F 40 -33.14 9.83 -40.26
C ALA F 40 -34.25 10.67 -40.89
N PRO F 41 -33.98 11.98 -41.14
CA PRO F 41 -35.04 12.84 -41.68
C PRO F 41 -35.58 12.32 -43.00
N GLY F 42 -36.85 11.92 -42.96
CA GLY F 42 -37.57 11.31 -44.06
C GLY F 42 -37.26 9.85 -44.34
N LYS F 43 -36.49 9.19 -43.48
CA LYS F 43 -36.20 7.78 -43.61
C LYS F 43 -37.08 6.97 -42.64
N GLY F 44 -36.99 5.65 -42.75
CA GLY F 44 -37.74 4.79 -41.85
C GLY F 44 -37.06 4.62 -40.51
N LEU F 45 -37.67 3.81 -39.65
CA LEU F 45 -37.03 3.45 -38.41
C LEU F 45 -35.88 2.47 -38.69
N GLU F 46 -34.78 2.66 -37.95
CA GLU F 46 -33.60 1.79 -37.97
C GLU F 46 -33.25 1.46 -36.53
N TRP F 47 -33.22 0.17 -36.20
CA TRP F 47 -32.82 -0.25 -34.86
C TRP F 47 -31.31 -0.08 -34.67
N VAL F 48 -30.91 0.46 -33.50
CA VAL F 48 -29.52 0.84 -33.20
C VAL F 48 -28.86 -0.11 -32.19
N ALA F 49 -29.40 -0.18 -30.98
CA ALA F 49 -28.78 -0.98 -29.94
C ALA F 49 -29.82 -1.51 -28.94
N VAL F 50 -29.40 -2.49 -28.14
CA VAL F 50 -30.28 -3.04 -27.07
C VAL F 50 -29.37 -3.42 -25.88
N ILE F 51 -29.86 -3.32 -24.66
CA ILE F 51 -29.07 -3.77 -23.47
C ILE F 51 -29.96 -4.65 -22.59
N SER F 52 -29.35 -5.64 -21.92
CA SER F 52 -30.11 -6.53 -21.00
C SER F 52 -30.41 -5.77 -19.71
N TYR F 53 -31.37 -6.27 -18.91
CA TYR F 53 -31.73 -5.62 -17.62
C TYR F 53 -30.48 -5.61 -16.73
N ASP F 54 -29.70 -6.69 -16.73
CA ASP F 54 -28.46 -6.77 -15.93
C ASP F 54 -27.54 -7.78 -16.61
N GLY F 55 -26.24 -7.76 -16.31
CA GLY F 55 -25.29 -8.65 -16.99
C GLY F 55 -24.84 -8.01 -18.30
N SER F 56 -25.32 -6.80 -18.58
CA SER F 56 -24.93 -6.03 -19.79
C SER F 56 -24.64 -6.95 -20.99
N ASN F 57 -25.66 -7.57 -21.56
CA ASN F 57 -25.48 -8.37 -22.76
C ASN F 57 -25.84 -7.48 -23.97
N LYS F 58 -24.99 -6.51 -24.31
CA LYS F 58 -25.28 -5.51 -25.33
C LYS F 58 -25.20 -6.05 -26.76
N TYR F 59 -26.11 -5.60 -27.63
CA TYR F 59 -26.03 -5.87 -29.07
C TYR F 59 -26.21 -4.60 -29.89
N TYR F 60 -25.60 -4.57 -31.08
CA TYR F 60 -25.51 -3.35 -31.89
C TYR F 60 -25.87 -3.61 -33.35
N ALA F 61 -26.50 -2.60 -33.97
CA ALA F 61 -26.58 -2.59 -35.41
C ALA F 61 -25.19 -2.36 -35.95
N ASP F 62 -24.83 -3.06 -37.04
CA ASP F 62 -23.44 -3.01 -37.44
C ASP F 62 -23.03 -1.63 -37.93
N SER F 63 -23.98 -0.80 -38.34
CA SER F 63 -23.69 0.56 -38.78
C SER F 63 -23.25 1.46 -37.65
N VAL F 64 -23.10 0.96 -36.42
CA VAL F 64 -22.67 1.80 -35.32
C VAL F 64 -21.66 1.02 -34.48
N LYS F 65 -21.39 -0.23 -34.87
CA LYS F 65 -20.47 -1.09 -34.12
C LYS F 65 -19.06 -0.48 -34.12
N GLY F 66 -18.47 -0.38 -32.92
CA GLY F 66 -17.22 0.27 -32.72
C GLY F 66 -17.32 1.73 -32.31
N ARG F 67 -18.32 2.44 -32.80
CA ARG F 67 -18.46 3.86 -32.51
C ARG F 67 -19.35 4.11 -31.29
N PHE F 68 -20.54 3.49 -31.27
CA PHE F 68 -21.54 3.76 -30.24
C PHE F 68 -21.35 2.80 -29.08
N THR F 69 -21.86 3.20 -27.91
CA THR F 69 -21.80 2.36 -26.72
C THR F 69 -23.06 2.55 -25.90
N ILE F 70 -23.74 1.44 -25.65
CA ILE F 70 -24.96 1.43 -24.83
C ILE F 70 -24.61 1.10 -23.39
N SER F 71 -25.25 1.80 -22.46
CA SER F 71 -25.08 1.48 -21.05
C SER F 71 -26.31 1.96 -20.29
N ARG F 72 -26.37 1.59 -19.01
CA ARG F 72 -27.53 1.95 -18.17
C ARG F 72 -27.12 2.06 -16.70
N ASP F 73 -27.67 3.05 -16.00
CA ASP F 73 -27.47 3.18 -14.56
C ASP F 73 -28.78 2.80 -13.89
N ASN F 74 -28.84 1.58 -13.35
CA ASN F 74 -30.10 1.08 -12.73
C ASN F 74 -30.43 1.94 -11.50
N SER F 75 -29.42 2.42 -10.77
CA SER F 75 -29.69 3.23 -9.59
C SER F 75 -30.36 4.55 -9.93
N LYS F 76 -30.28 5.01 -11.17
CA LYS F 76 -30.92 6.27 -11.56
C LYS F 76 -32.00 6.08 -12.62
N ASN F 77 -32.35 4.85 -12.96
CA ASN F 77 -33.38 4.61 -13.97
C ASN F 77 -33.10 5.37 -15.26
N THR F 78 -31.83 5.34 -15.70
CA THR F 78 -31.41 6.10 -16.86
C THR F 78 -30.70 5.19 -17.85
N LEU F 79 -31.03 5.37 -19.12
CA LEU F 79 -30.42 4.67 -20.24
C LEU F 79 -29.55 5.64 -21.03
N TYR F 80 -28.38 5.17 -21.47
CA TYR F 80 -27.40 6.01 -22.14
C TYR F 80 -27.10 5.51 -23.54
N LEU F 81 -26.74 6.45 -24.42
CA LEU F 81 -26.16 6.13 -25.72
C LEU F 81 -25.01 7.09 -26.00
N GLN F 82 -23.79 6.57 -25.91
CA GLN F 82 -22.58 7.32 -26.24
C GLN F 82 -22.31 7.16 -27.73
N MET F 83 -22.34 8.25 -28.46
CA MET F 83 -21.99 8.22 -29.87
C MET F 83 -20.61 8.85 -30.01
N ASN F 84 -19.76 8.21 -30.82
CA ASN F 84 -18.39 8.64 -31.06
C ASN F 84 -18.16 8.68 -32.57
N SER F 85 -17.18 9.49 -32.99
CA SER F 85 -16.86 9.67 -34.41
C SER F 85 -18.13 9.88 -35.23
N LEU F 86 -18.91 10.88 -34.83
CA LEU F 86 -20.22 11.06 -35.43
C LEU F 86 -20.09 11.39 -36.90
N ARG F 87 -21.02 10.88 -37.68
CA ARG F 87 -21.02 11.02 -39.13
C ARG F 87 -22.33 11.67 -39.58
N ALA F 88 -22.32 12.30 -40.75
CA ALA F 88 -23.51 13.02 -41.17
C ALA F 88 -24.69 12.07 -41.36
N GLU F 89 -24.42 10.79 -41.57
CA GLU F 89 -25.49 9.79 -41.63
C GLU F 89 -26.03 9.44 -40.25
N ASP F 90 -25.42 9.95 -39.18
CA ASP F 90 -25.96 9.78 -37.84
C ASP F 90 -27.00 10.83 -37.50
N THR F 91 -27.33 11.72 -38.45
CA THR F 91 -28.33 12.74 -38.25
C THR F 91 -29.70 12.09 -38.30
N ALA F 92 -30.48 12.24 -37.24
CA ALA F 92 -31.71 11.49 -37.07
C ALA F 92 -32.37 11.93 -35.77
N ILE F 93 -33.61 11.50 -35.58
CA ILE F 93 -34.23 11.50 -34.27
C ILE F 93 -33.93 10.17 -33.60
N TYR F 94 -33.56 10.23 -32.32
CA TYR F 94 -33.16 9.07 -31.55
C TYR F 94 -34.20 8.83 -30.45
N TYR F 95 -34.91 7.71 -30.55
CA TYR F 95 -35.87 7.30 -29.53
C TYR F 95 -35.25 6.19 -28.68
N CYS F 96 -35.55 6.20 -27.38
CA CYS F 96 -35.33 5.00 -26.58
C CYS F 96 -36.63 4.21 -26.43
N ALA F 97 -36.47 2.96 -26.00
CA ALA F 97 -37.60 2.03 -25.92
C ALA F 97 -37.30 0.96 -24.88
N SER F 98 -38.38 0.37 -24.35
CA SER F 98 -38.27 -0.70 -23.36
C SER F 98 -39.03 -1.94 -23.80
N GLY F 99 -38.77 -3.04 -23.10
CA GLY F 99 -39.42 -4.30 -23.40
C GLY F 99 -39.13 -5.35 -22.35
N TYR F 100 -39.75 -6.52 -22.55
CA TYR F 100 -39.58 -7.67 -21.70
C TYR F 100 -38.39 -8.47 -22.22
N THR F 101 -37.99 -9.50 -21.46
CA THR F 101 -36.89 -10.37 -21.96
C THR F 101 -37.54 -11.73 -22.25
N GLY F 102 -37.81 -12.03 -23.51
CA GLY F 102 -38.55 -13.27 -23.84
C GLY F 102 -37.64 -14.38 -24.32
N TYR F 103 -38.09 -15.63 -24.22
CA TYR F 103 -37.30 -16.76 -24.76
C TYR F 103 -38.01 -17.25 -26.02
N ASP F 104 -37.28 -17.31 -27.13
CA ASP F 104 -37.88 -17.78 -28.41
C ASP F 104 -37.23 -19.10 -28.81
N TYR F 105 -38.04 -20.05 -29.30
CA TYR F 105 -37.50 -21.39 -29.65
C TYR F 105 -36.98 -21.34 -31.08
N PHE F 106 -37.25 -20.26 -31.82
CA PHE F 106 -36.66 -20.14 -33.17
C PHE F 106 -35.20 -19.71 -33.13
N VAL F 107 -34.72 -19.12 -32.05
CA VAL F 107 -33.28 -18.79 -32.05
C VAL F 107 -32.61 -19.42 -30.85
N ARG F 108 -33.38 -20.19 -30.06
CA ARG F 108 -32.87 -20.93 -28.88
C ARG F 108 -32.45 -20.02 -27.72
N GLY F 109 -32.50 -18.69 -27.88
CA GLY F 109 -31.98 -17.83 -26.79
C GLY F 109 -32.94 -16.72 -26.37
N ASP F 110 -32.40 -15.65 -25.79
CA ASP F 110 -33.22 -14.49 -25.42
C ASP F 110 -33.41 -13.57 -26.60
N TYR F 111 -34.63 -13.04 -26.71
CA TYR F 111 -34.93 -11.99 -27.70
C TYR F 111 -35.48 -10.84 -26.85
N TYR F 112 -35.18 -9.60 -27.19
CA TYR F 112 -35.61 -8.46 -26.39
C TYR F 112 -36.80 -7.75 -27.01
N GLY F 113 -37.86 -7.60 -26.22
CA GLY F 113 -39.06 -7.00 -26.73
C GLY F 113 -38.97 -5.48 -26.76
N LEU F 114 -39.76 -4.89 -27.65
CA LEU F 114 -39.80 -3.45 -27.80
C LEU F 114 -41.28 -3.06 -27.80
N ASP F 115 -41.81 -2.71 -26.63
CA ASP F 115 -43.27 -2.53 -26.46
C ASP F 115 -43.66 -1.12 -26.04
N VAL F 116 -42.69 -0.25 -25.74
CA VAL F 116 -42.92 1.10 -25.23
C VAL F 116 -41.87 2.01 -25.84
N TRP F 117 -42.30 3.11 -26.44
CA TRP F 117 -41.47 4.06 -27.16
C TRP F 117 -41.35 5.38 -26.41
N GLY F 118 -40.22 6.07 -26.57
CA GLY F 118 -40.03 7.40 -26.04
C GLY F 118 -40.51 8.49 -26.98
N GLN F 119 -40.33 9.75 -26.54
CA GLN F 119 -40.81 10.90 -27.32
C GLN F 119 -39.80 11.35 -28.40
N GLY F 120 -38.49 11.20 -28.15
CA GLY F 120 -37.46 11.54 -29.13
C GLY F 120 -36.49 12.66 -28.76
N THR F 121 -35.34 12.69 -29.44
CA THR F 121 -34.36 13.76 -29.30
C THR F 121 -33.60 13.90 -30.62
N THR F 122 -33.32 15.14 -31.03
CA THR F 122 -32.74 15.35 -32.34
C THR F 122 -31.22 15.53 -32.28
N VAL F 123 -30.53 14.86 -33.21
CA VAL F 123 -29.07 14.84 -33.33
C VAL F 123 -28.69 15.23 -34.76
N THR F 124 -28.03 16.38 -34.89
CA THR F 124 -27.62 16.90 -36.20
C THR F 124 -26.09 16.92 -36.28
N VAL F 125 -25.56 16.27 -37.30
CA VAL F 125 -24.12 16.14 -37.53
C VAL F 125 -23.81 16.82 -38.86
N SER F 126 -23.06 17.92 -38.80
CA SER F 126 -22.77 18.73 -39.99
C SER F 126 -21.42 19.44 -39.86
N SER F 127 -20.74 19.55 -40.99
CA SER F 127 -19.64 20.52 -41.12
C SER F 127 -20.27 21.81 -41.62
N ALA F 128 -20.87 22.56 -40.69
CA ALA F 128 -21.40 23.88 -40.99
C ALA F 128 -21.31 24.72 -39.75
N SER F 129 -21.07 26.01 -39.92
CA SER F 129 -20.95 26.92 -38.80
C SER F 129 -22.31 27.57 -38.54
N THR F 130 -22.54 27.95 -37.29
CA THR F 130 -23.75 28.68 -36.97
C THR F 130 -23.86 29.89 -37.87
N LYS F 131 -25.04 30.11 -38.47
CA LYS F 131 -25.20 31.17 -39.47
C LYS F 131 -26.64 31.64 -39.53
N GLY F 132 -26.83 32.97 -39.53
CA GLY F 132 -28.12 33.58 -39.65
C GLY F 132 -28.62 33.61 -41.08
N PRO F 133 -29.93 33.67 -41.25
CA PRO F 133 -30.52 33.61 -42.59
C PRO F 133 -30.54 34.97 -43.28
N SER F 134 -30.72 34.91 -44.59
CA SER F 134 -31.06 36.06 -45.41
C SER F 134 -32.55 36.03 -45.72
N VAL F 135 -33.21 37.17 -45.62
CA VAL F 135 -34.67 37.23 -45.75
C VAL F 135 -35.03 38.10 -46.95
N PHE F 136 -35.62 37.49 -47.97
CA PHE F 136 -36.03 38.11 -49.21
C PHE F 136 -37.53 37.96 -49.43
N PRO F 137 -38.16 38.84 -50.23
CA PRO F 137 -39.62 38.76 -50.41
C PRO F 137 -40.12 37.82 -51.53
N ALA F 151 -51.44 36.14 -52.78
CA ALA F 151 -50.30 35.39 -52.17
C ALA F 151 -48.90 36.07 -52.20
N LEU F 152 -48.28 36.18 -51.02
CA LEU F 152 -46.98 36.82 -50.85
C LEU F 152 -46.21 36.13 -49.73
N GLY F 153 -44.91 36.36 -49.65
CA GLY F 153 -44.21 35.71 -48.57
C GLY F 153 -42.75 36.12 -48.40
N CYS F 154 -42.07 35.29 -47.59
CA CYS F 154 -40.69 35.46 -47.18
C CYS F 154 -39.86 34.24 -47.53
N LEU F 155 -38.71 34.47 -48.16
CA LEU F 155 -37.75 33.42 -48.45
C LEU F 155 -36.66 33.50 -47.37
N VAL F 156 -36.59 32.47 -46.54
CA VAL F 156 -35.63 32.43 -45.43
C VAL F 156 -34.46 31.57 -45.89
N LYS F 157 -33.37 32.21 -46.30
CA LYS F 157 -32.33 31.59 -47.09
C LYS F 157 -31.06 31.40 -46.28
N ASP F 158 -30.47 30.21 -46.41
CA ASP F 158 -29.08 29.88 -46.04
C ASP F 158 -28.78 30.17 -44.56
N TYR F 159 -29.41 29.39 -43.70
CA TYR F 159 -29.14 29.42 -42.27
C TYR F 159 -28.72 28.05 -41.76
N PHE F 160 -28.19 28.03 -40.55
CA PHE F 160 -27.78 26.81 -39.87
C PHE F 160 -27.54 27.13 -38.40
N PRO F 161 -28.00 26.26 -37.48
CA PRO F 161 -28.81 25.07 -37.68
C PRO F 161 -30.27 25.41 -37.61
N GLU F 162 -31.13 24.40 -37.72
CA GLU F 162 -32.54 24.58 -37.41
C GLU F 162 -32.72 25.00 -35.94
N PRO F 163 -33.89 25.56 -35.58
CA PRO F 163 -34.98 26.01 -36.46
C PRO F 163 -35.11 27.53 -36.57
N VAL F 164 -35.89 27.96 -37.55
CA VAL F 164 -36.27 29.35 -37.69
C VAL F 164 -37.79 29.45 -37.57
N THR F 165 -38.28 30.46 -36.85
CA THR F 165 -39.70 30.75 -36.74
C THR F 165 -40.06 31.99 -37.55
N VAL F 166 -41.24 31.95 -38.15
CA VAL F 166 -41.72 33.03 -39.01
C VAL F 166 -43.11 33.39 -38.52
N SER F 167 -43.27 34.60 -38.00
CA SER F 167 -44.58 35.15 -37.71
C SER F 167 -44.82 36.34 -38.62
N TRP F 168 -46.08 36.67 -38.83
CA TRP F 168 -46.45 37.73 -39.75
C TRP F 168 -47.13 38.87 -38.98
N ASN F 169 -46.67 40.10 -39.23
CA ASN F 169 -47.21 41.28 -38.57
C ASN F 169 -47.20 41.09 -37.06
N SER F 170 -46.09 40.54 -36.57
CA SER F 170 -45.87 40.30 -35.15
C SER F 170 -46.93 39.36 -34.57
N GLY F 171 -47.42 38.41 -35.37
CA GLY F 171 -48.43 37.48 -34.92
C GLY F 171 -49.87 37.94 -35.10
N ALA F 172 -50.10 39.25 -35.29
CA ALA F 172 -51.43 39.78 -35.54
C ALA F 172 -52.03 39.27 -36.85
N LEU F 173 -51.24 38.58 -37.68
CA LEU F 173 -51.67 38.05 -38.96
C LEU F 173 -51.45 36.55 -38.95
N THR F 174 -52.53 35.76 -39.04
CA THR F 174 -52.43 34.31 -39.00
C THR F 174 -53.29 33.56 -40.01
N SER F 175 -54.41 34.10 -40.48
CA SER F 175 -55.20 33.39 -41.48
C SER F 175 -54.48 33.40 -42.82
N GLY F 176 -54.33 32.22 -43.42
CA GLY F 176 -53.67 32.10 -44.71
C GLY F 176 -52.16 31.93 -44.64
N VAL F 177 -51.59 32.02 -43.44
CA VAL F 177 -50.17 31.77 -43.24
C VAL F 177 -49.87 30.29 -43.38
N HIS F 178 -48.79 29.95 -44.08
CA HIS F 178 -48.30 28.58 -44.09
C HIS F 178 -46.79 28.62 -44.19
N THR F 179 -46.10 28.16 -43.15
CA THR F 179 -44.65 28.05 -43.14
C THR F 179 -44.26 26.63 -43.56
N PHE F 180 -43.44 26.54 -44.60
CA PHE F 180 -43.05 25.26 -45.16
C PHE F 180 -41.95 24.64 -44.34
N PRO F 181 -41.71 23.35 -44.52
CA PRO F 181 -40.54 22.71 -43.90
C PRO F 181 -39.27 23.21 -44.55
N ALA F 182 -38.19 23.13 -43.79
CA ALA F 182 -36.88 23.46 -44.31
C ALA F 182 -36.50 22.54 -45.47
N VAL F 183 -35.58 23.04 -46.29
CA VAL F 183 -34.90 22.25 -47.30
C VAL F 183 -33.43 22.31 -46.95
N LEU F 184 -32.72 21.22 -47.18
CA LEU F 184 -31.30 21.15 -46.82
C LEU F 184 -30.54 21.01 -48.12
N GLN F 185 -29.78 22.05 -48.46
CA GLN F 185 -29.12 22.10 -49.76
C GLN F 185 -27.79 21.38 -49.68
N SER F 186 -27.29 21.02 -50.86
CA SER F 186 -25.95 20.47 -50.96
C SER F 186 -24.88 21.42 -50.42
N SER F 187 -25.24 22.65 -50.08
CA SER F 187 -24.28 23.52 -49.39
C SER F 187 -24.14 23.14 -47.93
N GLY F 188 -25.09 22.44 -47.34
CA GLY F 188 -25.12 22.23 -45.90
C GLY F 188 -25.93 23.24 -45.10
N LEU F 189 -26.54 24.21 -45.78
CA LEU F 189 -27.33 25.27 -45.16
C LEU F 189 -28.81 25.07 -45.45
N TYR F 190 -29.65 25.51 -44.51
CA TYR F 190 -31.08 25.28 -44.65
C TYR F 190 -31.79 26.48 -45.29
N SER F 191 -32.96 26.19 -45.86
CA SER F 191 -33.81 27.22 -46.43
C SER F 191 -35.27 26.80 -46.22
N LEU F 192 -36.10 27.77 -45.85
CA LEU F 192 -37.55 27.55 -45.82
C LEU F 192 -38.27 28.81 -46.28
N SER F 193 -39.57 28.66 -46.51
CA SER F 193 -40.43 29.74 -46.97
C SER F 193 -41.66 29.81 -46.08
N SER F 194 -42.21 31.02 -45.98
CA SER F 194 -43.51 31.27 -45.34
C SER F 194 -44.34 32.12 -46.29
N VAL F 195 -45.55 31.69 -46.58
CA VAL F 195 -46.40 32.36 -47.54
C VAL F 195 -47.73 32.66 -46.87
N VAL F 196 -48.36 33.76 -47.28
CA VAL F 196 -49.73 34.05 -46.86
C VAL F 196 -50.52 34.49 -48.08
N THR F 197 -51.72 33.92 -48.23
CA THR F 197 -52.65 34.36 -49.25
C THR F 197 -53.49 35.47 -48.65
N VAL F 198 -53.61 36.57 -49.37
CA VAL F 198 -54.28 37.74 -48.85
C VAL F 198 -55.36 38.17 -49.83
N PRO F 199 -56.39 38.86 -49.36
CA PRO F 199 -57.32 39.55 -50.27
C PRO F 199 -56.59 40.53 -51.17
N SER F 200 -56.82 40.38 -52.48
CA SER F 200 -56.04 41.08 -53.50
C SER F 200 -56.08 42.60 -53.31
N SER F 201 -57.21 43.15 -52.85
CA SER F 201 -57.33 44.60 -52.78
C SER F 201 -56.68 45.21 -51.54
N SER F 202 -56.28 44.40 -50.56
CA SER F 202 -55.64 44.92 -49.35
C SER F 202 -54.21 45.40 -49.59
N LEU F 203 -53.69 45.27 -50.81
CA LEU F 203 -52.29 45.53 -51.06
C LEU F 203 -51.99 47.03 -51.02
N GLY F 204 -52.93 47.86 -51.44
CA GLY F 204 -52.62 49.27 -51.36
C GLY F 204 -52.86 49.90 -50.01
N THR F 205 -53.43 49.16 -49.08
CA THR F 205 -53.83 49.73 -47.80
C THR F 205 -53.12 49.11 -46.62
N GLN F 206 -53.11 47.78 -46.47
CA GLN F 206 -52.42 47.16 -45.36
C GLN F 206 -50.97 46.80 -45.68
N THR F 207 -50.21 46.54 -44.62
CA THR F 207 -48.80 46.23 -44.71
C THR F 207 -48.51 44.85 -44.14
N TYR F 208 -47.63 44.12 -44.82
CA TYR F 208 -47.32 42.75 -44.48
C TYR F 208 -45.84 42.66 -44.14
N ILE F 209 -45.53 42.21 -42.93
CA ILE F 209 -44.15 42.15 -42.44
C ILE F 209 -43.93 40.77 -41.85
N CYS F 210 -42.99 40.02 -42.39
CA CYS F 210 -42.71 38.71 -41.81
C CYS F 210 -41.58 38.81 -40.81
N ASN F 211 -41.78 38.20 -39.68
CA ASN F 211 -40.82 38.26 -38.59
C ASN F 211 -40.09 36.92 -38.54
N VAL F 212 -38.81 36.97 -38.85
CA VAL F 212 -37.98 35.79 -38.91
C VAL F 212 -37.09 35.78 -37.69
N ASN F 213 -37.09 34.67 -36.97
CA ASN F 213 -36.39 34.56 -35.69
C ASN F 213 -35.52 33.32 -35.70
N HIS F 214 -34.22 33.51 -35.45
CA HIS F 214 -33.24 32.43 -35.49
C HIS F 214 -32.38 32.51 -34.22
N LYS F 215 -32.84 31.88 -33.14
CA LYS F 215 -32.09 31.96 -31.88
C LYS F 215 -30.66 31.45 -31.96
N PRO F 216 -30.34 30.35 -32.68
CA PRO F 216 -28.95 29.86 -32.70
C PRO F 216 -27.90 30.88 -33.17
N SER F 217 -28.29 31.98 -33.84
CA SER F 217 -27.31 33.00 -34.21
C SER F 217 -27.73 34.38 -33.71
N ASN F 218 -28.70 34.45 -32.80
CA ASN F 218 -29.24 35.70 -32.23
C ASN F 218 -29.74 36.65 -33.29
N THR F 219 -30.20 36.10 -34.41
CA THR F 219 -30.66 36.90 -35.53
C THR F 219 -32.16 37.02 -35.43
N LYS F 220 -32.64 38.25 -35.61
CA LYS F 220 -34.05 38.58 -35.63
C LYS F 220 -34.22 39.59 -36.75
N VAL F 221 -35.04 39.27 -37.73
CA VAL F 221 -35.15 40.10 -38.94
C VAL F 221 -36.62 40.38 -39.21
N ASP F 222 -36.93 41.66 -39.43
CA ASP F 222 -38.26 42.08 -39.87
C ASP F 222 -38.10 42.57 -41.30
N LYS F 223 -38.79 41.93 -42.23
CA LYS F 223 -38.72 42.28 -43.63
C LYS F 223 -40.13 42.59 -44.10
N ARG F 224 -40.30 43.76 -44.70
CA ARG F 224 -41.61 44.19 -45.16
C ARG F 224 -41.74 43.80 -46.63
N VAL F 225 -42.90 43.26 -46.99
CA VAL F 225 -43.10 42.68 -48.31
C VAL F 225 -44.07 43.56 -49.07
N GLU F 226 -43.59 44.25 -50.09
CA GLU F 226 -44.40 45.11 -50.95
C GLU F 226 -44.44 44.55 -52.35
N PRO F 227 -45.38 45.02 -53.19
CA PRO F 227 -45.44 44.72 -54.63
C PRO F 227 -44.30 45.38 -55.44
N GLN G 1 -29.39 -12.85 -40.21
CA GLN G 1 -30.29 -11.75 -39.86
C GLN G 1 -31.45 -11.73 -40.84
N PRO G 2 -32.67 -11.94 -40.34
CA PRO G 2 -33.85 -11.94 -41.21
C PRO G 2 -34.17 -10.56 -41.74
N VAL G 3 -34.95 -10.57 -42.84
CA VAL G 3 -35.34 -9.30 -43.53
C VAL G 3 -36.86 -9.30 -43.71
N LEU G 4 -37.50 -8.15 -43.50
CA LEU G 4 -38.94 -7.96 -43.61
C LEU G 4 -39.27 -7.15 -44.86
N THR G 5 -40.24 -7.61 -45.62
CA THR G 5 -40.59 -7.00 -46.90
C THR G 5 -42.02 -6.45 -46.81
N GLN G 6 -42.13 -5.12 -46.78
CA GLN G 6 -43.42 -4.45 -46.73
C GLN G 6 -43.67 -3.71 -48.04
N SER G 7 -44.92 -3.69 -48.48
CA SER G 7 -45.29 -2.86 -49.61
C SER G 7 -45.10 -1.39 -49.25
N PRO G 8 -44.45 -0.59 -50.11
CA PRO G 8 -44.14 0.81 -49.73
C PRO G 8 -45.34 1.72 -49.50
N SER G 9 -46.52 1.43 -50.05
CA SER G 9 -47.66 2.30 -49.83
C SER G 9 -48.98 1.53 -49.95
N ALA G 10 -50.01 2.07 -49.32
CA ALA G 10 -51.35 1.51 -49.44
C ALA G 10 -52.36 2.60 -49.12
N SER G 11 -53.58 2.44 -49.65
CA SER G 11 -54.65 3.38 -49.36
C SER G 11 -56.00 2.69 -49.44
N ALA G 12 -56.94 3.22 -48.68
CA ALA G 12 -58.34 2.84 -48.74
C ALA G 12 -59.17 4.00 -48.20
N SER G 13 -60.45 4.01 -48.56
CA SER G 13 -61.25 5.17 -48.21
C SER G 13 -61.67 5.12 -46.75
N LEU G 14 -62.05 6.29 -46.23
CA LEU G 14 -62.59 6.38 -44.88
C LEU G 14 -63.70 5.35 -44.72
N GLY G 15 -63.73 4.68 -43.57
CA GLY G 15 -64.70 3.65 -43.32
C GLY G 15 -64.41 2.29 -43.96
N ALA G 16 -63.50 2.24 -44.94
CA ALA G 16 -63.11 0.97 -45.55
C ALA G 16 -62.15 0.23 -44.61
N SER G 17 -61.56 -0.86 -45.09
CA SER G 17 -60.60 -1.65 -44.32
C SER G 17 -59.39 -1.97 -45.18
N VAL G 18 -58.24 -2.14 -44.52
CA VAL G 18 -57.01 -2.51 -45.22
C VAL G 18 -56.38 -3.71 -44.55
N LYS G 19 -55.50 -4.37 -45.31
CA LYS G 19 -54.76 -5.55 -44.88
C LYS G 19 -53.32 -5.22 -45.24
N LEU G 20 -52.60 -4.62 -44.30
CA LEU G 20 -51.19 -4.35 -44.50
C LEU G 20 -50.44 -5.66 -44.35
N THR G 21 -49.59 -5.98 -45.31
CA THR G 21 -48.89 -7.26 -45.30
C THR G 21 -47.38 -7.05 -45.18
N CYS G 22 -46.77 -7.92 -44.38
CA CYS G 22 -45.35 -7.94 -44.11
C CYS G 22 -44.89 -9.38 -44.18
N THR G 23 -43.94 -9.64 -45.07
CA THR G 23 -43.43 -11.02 -45.24
C THR G 23 -42.02 -11.10 -44.67
N LEU G 24 -41.73 -12.12 -43.87
CA LEU G 24 -40.32 -12.30 -43.42
C LEU G 24 -39.61 -13.05 -44.56
N SER G 25 -38.29 -13.15 -44.50
CA SER G 25 -37.55 -13.93 -45.53
C SER G 25 -37.95 -15.40 -45.41
N SER G 26 -37.77 -16.18 -46.48
CA SER G 26 -38.04 -17.64 -46.37
C SER G 26 -37.14 -18.17 -45.26
N GLY G 27 -35.88 -17.73 -45.22
CA GLY G 27 -35.03 -18.07 -44.07
C GLY G 27 -35.56 -17.33 -42.87
N HIS G 28 -35.52 -17.93 -41.68
CA HIS G 28 -36.15 -17.28 -40.50
C HIS G 28 -37.66 -17.09 -40.77
N SER G 29 -38.33 -18.09 -41.34
CA SER G 29 -39.80 -18.03 -41.54
C SER G 29 -40.47 -18.40 -40.20
N SER G 30 -41.80 -18.32 -40.09
CA SER G 30 -42.42 -18.58 -38.80
C SER G 30 -41.79 -17.81 -37.64
N TYR G 31 -40.94 -16.82 -37.93
CA TYR G 31 -40.48 -15.91 -36.90
C TYR G 31 -41.62 -15.01 -36.44
N ALA G 32 -41.65 -14.68 -35.16
CA ALA G 32 -42.68 -13.77 -34.69
C ALA G 32 -42.30 -12.33 -35.03
N ILE G 33 -43.32 -11.47 -35.09
CA ILE G 33 -43.12 -10.07 -35.40
C ILE G 33 -43.94 -9.19 -34.46
N ALA G 34 -43.74 -7.89 -34.60
CA ALA G 34 -44.51 -6.87 -33.90
C ALA G 34 -44.90 -5.80 -34.91
N TRP G 35 -46.01 -5.11 -34.67
CA TRP G 35 -46.44 -3.99 -35.50
C TRP G 35 -46.36 -2.69 -34.72
N HIS G 36 -45.87 -1.66 -35.39
CA HIS G 36 -45.73 -0.34 -34.80
C HIS G 36 -46.40 0.67 -35.73
N GLN G 37 -46.98 1.70 -35.11
CA GLN G 37 -47.68 2.75 -35.83
C GLN G 37 -46.92 4.07 -35.67
N GLN G 38 -46.74 4.79 -36.78
CA GLN G 38 -46.18 6.15 -36.72
C GLN G 38 -47.09 7.12 -37.46
N GLN G 39 -47.87 7.90 -36.70
CA GLN G 39 -48.71 8.97 -37.23
C GLN G 39 -47.87 10.19 -37.56
N PRO G 40 -48.38 11.07 -38.42
CA PRO G 40 -47.57 12.22 -38.84
C PRO G 40 -47.17 13.13 -37.68
N GLU G 41 -45.88 13.53 -37.69
CA GLU G 41 -45.30 14.46 -36.72
C GLU G 41 -45.30 13.89 -35.31
N LYS G 42 -45.28 12.57 -35.18
CA LYS G 42 -45.40 11.86 -33.91
C LYS G 42 -44.36 10.75 -33.79
N GLY G 43 -44.16 10.30 -32.56
CA GLY G 43 -43.32 9.15 -32.29
C GLY G 43 -44.06 7.85 -32.56
N PRO G 44 -43.31 6.75 -32.52
CA PRO G 44 -43.90 5.43 -32.78
C PRO G 44 -44.78 4.98 -31.63
N ARG G 45 -45.65 4.03 -31.93
CA ARG G 45 -46.53 3.41 -30.94
C ARG G 45 -46.64 1.92 -31.18
N TYR G 46 -46.47 1.13 -30.11
CA TYR G 46 -46.52 -0.34 -30.21
C TYR G 46 -47.97 -0.86 -30.32
N LEU G 47 -48.25 -1.61 -31.39
CA LEU G 47 -49.56 -2.20 -31.60
C LEU G 47 -49.70 -3.58 -30.95
N MET G 48 -49.03 -4.58 -31.52
CA MET G 48 -49.18 -5.96 -31.06
C MET G 48 -47.98 -6.79 -31.50
N LYS G 49 -47.81 -7.95 -30.87
CA LYS G 49 -46.93 -9.00 -31.36
C LYS G 49 -47.73 -10.12 -32.03
N LEU G 50 -47.21 -10.66 -33.14
CA LEU G 50 -47.86 -11.72 -33.91
C LEU G 50 -47.01 -12.97 -33.90
N ASN G 51 -47.58 -14.08 -33.44
CA ASN G 51 -46.90 -15.38 -33.48
C ASN G 51 -47.24 -16.11 -34.78
N THR G 52 -46.58 -17.25 -35.00
CA THR G 52 -46.82 -18.02 -36.22
C THR G 52 -48.19 -18.66 -36.24
N ASP G 53 -48.83 -18.83 -35.08
CA ASP G 53 -50.13 -19.50 -34.98
C ASP G 53 -51.31 -18.56 -35.17
N GLY G 54 -51.08 -17.27 -35.35
CA GLY G 54 -52.17 -16.34 -35.53
C GLY G 54 -52.51 -15.60 -34.26
N SER G 55 -51.82 -15.92 -33.17
CA SER G 55 -52.12 -15.40 -31.85
C SER G 55 -51.37 -14.09 -31.62
N HIS G 56 -52.12 -13.07 -31.22
CA HIS G 56 -51.58 -11.75 -30.98
C HIS G 56 -51.49 -11.47 -29.48
N SER G 57 -50.80 -10.39 -29.16
CA SER G 57 -50.84 -9.82 -27.81
C SER G 57 -50.86 -8.31 -27.97
N LYS G 58 -52.00 -7.67 -27.71
CA LYS G 58 -52.00 -6.24 -27.97
C LYS G 58 -51.35 -5.49 -26.82
N GLY G 59 -50.92 -4.27 -27.12
CA GLY G 59 -50.57 -3.36 -26.06
C GLY G 59 -51.85 -2.92 -25.39
N ASP G 60 -51.72 -2.16 -24.31
CA ASP G 60 -52.93 -1.63 -23.72
C ASP G 60 -53.36 -0.37 -24.47
N GLY G 61 -54.67 -0.20 -24.61
CA GLY G 61 -55.26 1.00 -25.20
C GLY G 61 -55.33 1.06 -26.71
N ILE G 62 -55.08 -0.01 -27.43
CA ILE G 62 -55.13 0.02 -28.88
C ILE G 62 -56.46 -0.58 -29.32
N PRO G 63 -57.18 0.04 -30.25
CA PRO G 63 -58.57 -0.36 -30.53
C PRO G 63 -58.70 -1.73 -31.18
N ASP G 64 -59.94 -2.23 -31.14
CA ASP G 64 -60.30 -3.54 -31.70
C ASP G 64 -60.37 -3.56 -33.22
N ARG G 65 -60.38 -2.40 -33.89
CA ARG G 65 -60.39 -2.40 -35.35
C ARG G 65 -59.08 -2.90 -35.94
N PHE G 66 -58.05 -3.10 -35.10
CA PHE G 66 -56.75 -3.63 -35.49
C PHE G 66 -56.66 -5.10 -35.11
N SER G 67 -56.54 -5.98 -36.10
CA SER G 67 -56.32 -7.39 -35.82
C SER G 67 -55.19 -7.94 -36.65
N GLY G 68 -54.51 -8.95 -36.09
CA GLY G 68 -53.40 -9.60 -36.75
C GLY G 68 -53.70 -11.05 -37.06
N SER G 69 -53.09 -11.54 -38.13
CA SER G 69 -53.27 -12.90 -38.61
C SER G 69 -51.99 -13.27 -39.34
N SER G 70 -51.87 -14.55 -39.66
CA SER G 70 -50.58 -15.09 -40.03
C SER G 70 -50.81 -16.23 -41.02
N SER G 71 -49.90 -16.35 -42.00
CA SER G 71 -50.02 -17.37 -43.04
C SER G 71 -48.72 -17.57 -43.82
N GLY G 72 -48.16 -18.78 -43.77
CA GLY G 72 -46.90 -19.03 -44.45
C GLY G 72 -45.82 -18.14 -43.89
N ALA G 73 -45.07 -17.48 -44.77
CA ALA G 73 -44.01 -16.54 -44.32
C ALA G 73 -44.58 -15.11 -44.36
N GLU G 74 -45.90 -14.97 -44.33
CA GLU G 74 -46.53 -13.66 -44.41
C GLU G 74 -47.21 -13.32 -43.08
N ARG G 75 -47.21 -12.02 -42.75
CA ARG G 75 -47.94 -11.51 -41.60
C ARG G 75 -48.77 -10.29 -42.01
N TYR G 76 -49.96 -10.17 -41.44
CA TYR G 76 -50.95 -9.18 -41.86
C TYR G 76 -51.38 -8.33 -40.66
N LEU G 77 -51.44 -7.02 -40.90
CA LEU G 77 -52.15 -6.10 -40.02
C LEU G 77 -53.45 -5.70 -40.71
N THR G 78 -54.56 -5.93 -40.03
CA THR G 78 -55.89 -5.61 -40.54
C THR G 78 -56.49 -4.49 -39.70
N ILE G 79 -56.99 -3.45 -40.37
CA ILE G 79 -57.63 -2.31 -39.73
C ILE G 79 -59.03 -2.17 -40.33
N SER G 80 -60.05 -2.38 -39.52
CA SER G 80 -61.44 -2.29 -39.95
C SER G 80 -62.00 -0.88 -39.73
N SER G 81 -63.09 -0.59 -40.45
CA SER G 81 -63.79 0.69 -40.44
C SER G 81 -62.84 1.88 -40.22
N LEU G 82 -62.03 2.14 -41.24
CA LEU G 82 -60.94 3.12 -41.14
C LEU G 82 -61.41 4.51 -40.72
N GLN G 83 -60.56 5.17 -39.94
CA GLN G 83 -60.81 6.49 -39.43
C GLN G 83 -59.71 7.45 -39.91
N SER G 84 -59.92 8.75 -39.71
CA SER G 84 -58.95 9.73 -40.19
C SER G 84 -57.60 9.55 -39.52
N GLU G 85 -57.60 9.21 -38.22
CA GLU G 85 -56.38 9.06 -37.41
C GLU G 85 -55.54 7.84 -37.78
N ASP G 86 -56.12 6.85 -38.46
CA ASP G 86 -55.34 5.67 -38.82
C ASP G 86 -54.35 5.93 -39.95
N GLU G 87 -54.37 7.13 -40.53
CA GLU G 87 -53.39 7.48 -41.55
C GLU G 87 -52.03 7.60 -40.87
N ALA G 88 -51.08 6.75 -41.28
CA ALA G 88 -49.82 6.66 -40.57
C ALA G 88 -48.90 5.69 -41.30
N ASP G 89 -47.66 5.62 -40.81
CA ASP G 89 -46.69 4.63 -41.26
C ASP G 89 -46.77 3.42 -40.34
N TYR G 90 -46.84 2.22 -40.91
CA TYR G 90 -46.91 0.98 -40.12
C TYR G 90 -45.66 0.15 -40.35
N TYR G 91 -44.85 0.04 -39.31
CA TYR G 91 -43.59 -0.69 -39.35
C TYR G 91 -43.79 -2.02 -38.64
N CYS G 92 -43.55 -3.11 -39.35
CA CYS G 92 -43.39 -4.40 -38.72
C CYS G 92 -41.93 -4.56 -38.35
N GLN G 93 -41.67 -5.22 -37.23
CA GLN G 93 -40.32 -5.50 -36.79
C GLN G 93 -40.28 -6.93 -36.29
N THR G 94 -39.09 -7.52 -36.35
CA THR G 94 -38.91 -8.89 -35.90
C THR G 94 -37.63 -8.95 -35.10
N TRP G 95 -37.24 -10.15 -34.67
CA TRP G 95 -36.02 -10.35 -33.90
C TRP G 95 -35.09 -11.31 -34.62
N GLY G 96 -33.79 -11.05 -34.47
CA GLY G 96 -32.80 -12.01 -34.86
C GLY G 96 -32.08 -12.50 -33.63
N THR G 97 -30.77 -12.64 -33.73
CA THR G 97 -29.95 -13.06 -32.60
C THR G 97 -29.53 -11.81 -31.82
N GLY G 98 -30.29 -11.51 -30.78
CA GLY G 98 -30.01 -10.34 -29.98
C GLY G 98 -30.50 -9.08 -30.65
N ILE G 99 -30.35 -9.03 -31.95
CA ILE G 99 -30.65 -7.81 -32.67
C ILE G 99 -32.09 -7.89 -33.14
N LEU G 100 -32.67 -6.74 -33.43
CA LEU G 100 -33.99 -6.65 -34.03
C LEU G 100 -33.88 -5.92 -35.34
N VAL G 101 -34.82 -6.20 -36.25
CA VAL G 101 -34.82 -5.66 -37.60
C VAL G 101 -36.22 -5.15 -37.94
N PHE G 102 -36.28 -3.96 -38.46
CA PHE G 102 -37.49 -3.35 -39.00
C PHE G 102 -37.60 -3.60 -40.50
N GLY G 103 -38.83 -3.39 -41.01
CA GLY G 103 -39.08 -3.32 -42.43
C GLY G 103 -39.09 -1.88 -42.92
N GLY G 104 -39.23 -1.73 -44.24
CA GLY G 104 -39.21 -0.41 -44.82
C GLY G 104 -40.35 0.48 -44.35
N GLY G 105 -41.47 -0.10 -43.95
CA GLY G 105 -42.63 0.66 -43.56
C GLY G 105 -43.66 0.75 -44.68
N THR G 106 -44.89 1.02 -44.27
CA THR G 106 -46.00 1.21 -45.20
C THR G 106 -46.69 2.53 -44.85
N LYS G 107 -46.71 3.48 -45.80
CA LYS G 107 -47.48 4.69 -45.65
C LYS G 107 -48.93 4.38 -46.04
N LEU G 108 -49.81 4.37 -45.05
CA LEU G 108 -51.26 4.15 -45.33
C LEU G 108 -51.91 5.53 -45.44
N THR G 109 -52.59 5.80 -46.55
CA THR G 109 -53.22 7.14 -46.76
C THR G 109 -54.74 7.00 -46.79
N VAL G 110 -55.45 7.80 -46.00
CA VAL G 110 -56.94 7.79 -46.04
C VAL G 110 -57.38 8.75 -47.14
N LEU G 111 -58.24 8.29 -48.06
CA LEU G 111 -58.66 9.12 -49.21
C LEU G 111 -60.06 9.69 -48.96
N GLY G 112 -60.60 9.54 -47.75
CA GLY G 112 -61.99 9.95 -47.48
C GLY G 112 -62.20 11.45 -47.69
N GLN G 113 -61.23 12.27 -47.26
CA GLN G 113 -61.38 13.75 -47.37
C GLN G 113 -61.29 14.17 -48.84
N PRO G 114 -61.97 15.26 -49.27
CA PRO G 114 -62.04 15.66 -50.69
C PRO G 114 -60.81 15.72 -51.61
N LYS G 115 -60.93 15.20 -52.83
CA LYS G 115 -59.90 15.27 -53.85
C LYS G 115 -59.67 16.73 -54.25
N ALA G 116 -58.42 17.07 -54.59
CA ALA G 116 -58.08 18.47 -54.85
C ALA G 116 -56.82 18.58 -55.69
N ALA G 117 -56.93 19.27 -56.86
CA ALA G 117 -55.79 19.58 -57.70
C ALA G 117 -55.04 20.80 -57.15
N PRO G 118 -53.74 20.90 -57.38
CA PRO G 118 -52.91 21.88 -56.64
C PRO G 118 -52.96 23.31 -57.18
N SER G 119 -52.79 24.27 -56.27
CA SER G 119 -52.50 25.67 -56.62
C SER G 119 -51.00 25.84 -56.77
N VAL G 120 -50.57 26.49 -57.86
CA VAL G 120 -49.15 26.58 -58.24
C VAL G 120 -48.80 28.03 -58.51
N THR G 121 -48.09 28.66 -57.59
CA THR G 121 -47.58 30.03 -57.76
C THR G 121 -46.06 30.00 -57.79
N LEU G 122 -45.47 30.62 -58.81
CA LEU G 122 -44.04 30.56 -59.08
C LEU G 122 -43.44 31.94 -58.96
N PHE G 123 -42.46 32.12 -58.06
CA PHE G 123 -41.88 33.44 -57.81
C PHE G 123 -40.51 33.56 -58.46
N PRO G 124 -40.27 34.54 -59.32
CA PRO G 124 -38.93 34.80 -59.84
C PRO G 124 -38.02 35.31 -58.72
N PRO G 125 -36.72 35.46 -58.96
CA PRO G 125 -35.84 35.92 -57.86
C PRO G 125 -36.12 37.37 -57.54
N SER G 126 -36.27 37.66 -56.25
CA SER G 126 -36.45 39.03 -55.80
C SER G 126 -35.31 39.90 -56.31
N SER G 127 -35.61 41.17 -56.53
CA SER G 127 -34.57 42.10 -56.96
C SER G 127 -33.51 42.24 -55.88
N GLU G 128 -33.92 42.24 -54.61
CA GLU G 128 -32.95 42.31 -53.52
C GLU G 128 -32.01 41.11 -53.52
N GLU G 129 -32.47 39.95 -53.99
CA GLU G 129 -31.61 38.78 -54.02
C GLU G 129 -30.54 38.91 -55.11
N LEU G 130 -30.92 39.45 -56.28
CA LEU G 130 -29.98 39.62 -57.38
C LEU G 130 -28.85 40.58 -57.00
N GLN G 131 -29.19 41.68 -56.33
CA GLN G 131 -28.19 42.62 -55.85
C GLN G 131 -27.26 41.98 -54.84
N ALA G 132 -27.56 40.76 -54.39
CA ALA G 132 -26.72 40.01 -53.48
C ALA G 132 -26.02 38.85 -54.17
N ASN G 133 -26.03 38.84 -55.51
CA ASN G 133 -25.33 37.87 -56.35
C ASN G 133 -25.99 36.50 -56.35
N LYS G 134 -27.19 36.37 -55.81
CA LYS G 134 -27.88 35.11 -55.81
C LYS G 134 -29.16 35.22 -56.62
N ALA G 135 -29.69 34.06 -56.99
CA ALA G 135 -30.97 33.99 -57.69
C ALA G 135 -31.61 32.67 -57.32
N THR G 136 -32.80 32.74 -56.72
CA THR G 136 -33.57 31.54 -56.41
C THR G 136 -34.95 31.71 -57.00
N LEU G 137 -35.47 30.64 -57.58
CA LEU G 137 -36.85 30.59 -58.02
C LEU G 137 -37.64 29.76 -57.02
N VAL G 138 -38.68 30.35 -56.43
CA VAL G 138 -39.46 29.69 -55.39
C VAL G 138 -40.81 29.30 -55.96
N CYS G 139 -41.05 28.01 -56.08
CA CYS G 139 -42.29 27.49 -56.61
C CYS G 139 -43.09 26.84 -55.48
N LEU G 140 -44.26 27.40 -55.18
CA LEU G 140 -45.09 26.93 -54.08
C LEU G 140 -46.33 26.22 -54.61
N ILE G 141 -46.63 25.07 -54.00
CA ILE G 141 -47.78 24.24 -54.35
C ILE G 141 -48.66 24.14 -53.12
N SER G 142 -49.94 24.44 -53.27
CA SER G 142 -50.84 24.46 -52.13
C SER G 142 -52.20 23.89 -52.52
N ASP G 143 -52.99 23.55 -51.49
CA ASP G 143 -54.42 23.19 -51.61
C ASP G 143 -54.65 21.98 -52.51
N PHE G 144 -53.91 20.90 -52.27
CA PHE G 144 -54.15 19.64 -52.95
C PHE G 144 -54.40 18.53 -51.94
N TYR G 145 -55.07 17.46 -52.42
CA TYR G 145 -55.45 16.24 -51.71
C TYR G 145 -55.69 15.16 -52.76
N PRO G 146 -54.98 14.02 -52.70
CA PRO G 146 -54.00 13.65 -51.67
C PRO G 146 -52.63 14.32 -51.85
N GLY G 147 -51.86 14.43 -50.76
CA GLY G 147 -50.56 15.07 -50.78
C GLY G 147 -49.44 14.26 -51.41
N ALA G 148 -49.50 14.08 -52.73
CA ALA G 148 -48.47 13.39 -53.50
C ALA G 148 -48.29 14.12 -54.81
N VAL G 149 -47.09 14.64 -55.07
CA VAL G 149 -46.82 15.47 -56.24
C VAL G 149 -45.41 15.19 -56.76
N THR G 150 -45.22 15.32 -58.08
CA THR G 150 -43.90 15.28 -58.70
C THR G 150 -43.59 16.60 -59.42
N VAL G 151 -42.36 17.09 -59.27
CA VAL G 151 -41.97 18.43 -59.70
C VAL G 151 -40.80 18.35 -60.68
N ALA G 152 -40.94 19.02 -61.82
CA ALA G 152 -39.87 19.10 -62.81
C ALA G 152 -39.72 20.54 -63.29
N TRP G 153 -38.47 21.03 -63.30
CA TRP G 153 -38.18 22.40 -63.78
C TRP G 153 -37.65 22.34 -65.22
N LYS G 154 -38.13 23.21 -66.11
CA LYS G 154 -37.59 23.25 -67.50
C LYS G 154 -37.07 24.64 -67.83
N ALA G 155 -35.84 24.74 -68.34
CA ALA G 155 -35.29 26.05 -68.77
C ALA G 155 -35.39 26.11 -70.29
N ASP G 156 -36.23 27.01 -70.84
CA ASP G 156 -36.44 27.04 -72.31
C ASP G 156 -36.84 25.63 -72.76
N SER G 157 -37.72 24.97 -72.01
CA SER G 157 -38.21 23.59 -72.33
C SER G 157 -37.08 22.54 -72.20
N SER G 158 -36.05 22.82 -71.40
CA SER G 158 -34.99 21.81 -71.17
C SER G 158 -34.97 21.44 -69.68
N PRO G 159 -35.15 20.16 -69.29
CA PRO G 159 -35.22 19.78 -67.87
C PRO G 159 -33.95 20.02 -67.07
N VAL G 160 -33.96 21.00 -66.16
CA VAL G 160 -32.81 21.23 -65.29
C VAL G 160 -32.87 20.22 -64.17
N LYS G 161 -31.72 19.62 -63.84
CA LYS G 161 -31.66 18.68 -62.74
C LYS G 161 -30.84 19.20 -61.57
N ALA G 162 -29.90 20.10 -61.83
CA ALA G 162 -29.05 20.67 -60.81
C ALA G 162 -29.73 21.87 -60.16
N GLY G 163 -29.42 22.10 -58.89
CA GLY G 163 -29.90 23.27 -58.19
C GLY G 163 -31.35 23.19 -57.75
N VAL G 164 -31.89 21.99 -57.63
CA VAL G 164 -33.29 21.78 -57.30
C VAL G 164 -33.39 21.13 -55.93
N GLU G 165 -34.30 21.66 -55.12
CA GLU G 165 -34.68 21.08 -53.85
C GLU G 165 -36.19 21.17 -53.73
N THR G 166 -36.77 20.28 -52.94
CA THR G 166 -38.21 20.17 -52.85
C THR G 166 -38.56 19.61 -51.49
N THR G 167 -39.57 20.20 -50.86
CA THR G 167 -40.04 19.71 -49.58
C THR G 167 -40.96 18.52 -49.78
N THR G 168 -41.11 17.81 -48.81
CA THR G 168 -42.19 16.88 -49.09
C THR G 168 -43.50 17.44 -48.53
N PRO G 169 -44.64 17.03 -49.11
CA PRO G 169 -45.94 17.62 -48.74
C PRO G 169 -46.24 17.57 -47.25
N SER G 170 -47.06 18.52 -46.82
CA SER G 170 -47.49 18.57 -45.42
C SER G 170 -48.83 19.30 -45.37
N LYS G 171 -49.78 18.76 -44.59
CA LYS G 171 -51.14 19.29 -44.64
C LYS G 171 -51.23 20.67 -43.98
N GLN G 172 -52.15 21.47 -44.50
CA GLN G 172 -52.42 22.83 -44.04
C GLN G 172 -53.45 22.84 -42.93
N SER G 173 -53.66 24.03 -42.36
CA SER G 173 -54.64 24.16 -41.28
C SER G 173 -56.08 23.93 -41.75
N ASN G 174 -56.34 23.92 -43.06
CA ASN G 174 -57.64 23.53 -43.59
C ASN G 174 -57.62 22.13 -44.20
N ASN G 175 -56.77 21.24 -43.69
CA ASN G 175 -56.73 19.81 -43.99
C ASN G 175 -56.43 19.51 -45.46
N LYS G 176 -55.88 20.46 -46.19
CA LYS G 176 -55.33 20.18 -47.52
C LYS G 176 -53.81 20.26 -47.45
N TYR G 177 -53.14 19.82 -48.53
CA TYR G 177 -51.68 19.71 -48.52
C TYR G 177 -50.99 20.89 -49.20
N ALA G 178 -49.68 20.93 -49.03
CA ALA G 178 -48.83 21.96 -49.61
C ALA G 178 -47.39 21.46 -49.69
N ALA G 179 -46.65 21.98 -50.66
CA ALA G 179 -45.23 21.68 -50.80
C ALA G 179 -44.55 22.77 -51.63
N SER G 180 -43.26 22.98 -51.37
CA SER G 180 -42.48 24.02 -52.03
C SER G 180 -41.27 23.41 -52.71
N SER G 181 -40.86 24.05 -53.80
CA SER G 181 -39.69 23.63 -54.57
C SER G 181 -38.83 24.85 -54.87
N TYR G 182 -37.52 24.62 -54.94
CA TYR G 182 -36.57 25.69 -55.18
C TYR G 182 -35.64 25.34 -56.31
N LEU G 183 -35.28 26.34 -57.12
CA LEU G 183 -34.33 26.19 -58.21
C LEU G 183 -33.28 27.28 -58.09
N SER G 184 -32.07 26.89 -57.69
CA SER G 184 -30.98 27.85 -57.54
C SER G 184 -30.22 28.00 -58.86
N LEU G 185 -29.91 29.25 -59.19
CA LEU G 185 -29.16 29.60 -60.39
C LEU G 185 -28.18 30.70 -60.04
N THR G 186 -27.21 30.90 -60.92
CA THR G 186 -26.38 32.08 -60.86
C THR G 186 -27.09 33.23 -61.58
N PRO G 187 -26.79 34.47 -61.23
CA PRO G 187 -27.46 35.59 -61.91
C PRO G 187 -27.31 35.58 -63.43
N GLU G 188 -26.14 35.17 -63.97
CA GLU G 188 -26.02 35.03 -65.42
C GLU G 188 -27.07 34.06 -65.95
N GLN G 189 -27.14 32.87 -65.35
CA GLN G 189 -28.10 31.86 -65.74
C GLN G 189 -29.53 32.40 -65.72
N TRP G 190 -29.84 33.27 -64.75
CA TRP G 190 -31.18 33.85 -64.69
C TRP G 190 -31.48 34.70 -65.93
N LYS G 191 -30.51 35.52 -66.34
CA LYS G 191 -30.72 36.53 -67.39
C LYS G 191 -30.73 35.92 -68.78
N SER G 192 -29.88 34.92 -69.01
CA SER G 192 -29.58 34.41 -70.36
C SER G 192 -30.45 33.21 -70.74
N HIS G 193 -31.76 33.35 -70.50
CA HIS G 193 -32.77 32.49 -71.08
C HIS G 193 -33.97 33.38 -71.40
N ARG G 194 -35.00 32.79 -72.00
CA ARG G 194 -36.25 33.50 -72.19
C ARG G 194 -37.36 33.04 -71.26
N SER G 195 -37.19 31.91 -70.57
CA SER G 195 -38.20 31.48 -69.62
C SER G 195 -37.65 30.34 -68.76
N TYR G 196 -38.40 30.05 -67.71
CA TYR G 196 -38.21 28.91 -66.83
C TYR G 196 -39.58 28.38 -66.46
N SER G 197 -39.73 27.07 -66.43
CA SER G 197 -41.00 26.45 -66.11
C SER G 197 -40.94 25.71 -64.79
N CYS G 198 -42.01 25.80 -64.02
CA CYS G 198 -42.28 24.93 -62.88
C CYS G 198 -43.46 24.06 -63.30
N GLN G 199 -43.25 22.74 -63.32
CA GLN G 199 -44.24 21.77 -63.79
C GLN G 199 -44.59 20.80 -62.67
N VAL G 200 -45.84 20.84 -62.23
CA VAL G 200 -46.30 20.12 -61.05
C VAL G 200 -47.31 19.08 -61.50
N THR G 201 -46.99 17.82 -61.26
CA THR G 201 -47.83 16.71 -61.69
C THR G 201 -48.53 16.12 -60.46
N HIS G 202 -49.87 16.06 -60.52
CA HIS G 202 -50.69 15.61 -59.40
C HIS G 202 -51.77 14.67 -59.92
N GLU G 203 -51.60 13.37 -59.66
CA GLU G 203 -52.50 12.33 -60.15
C GLU G 203 -52.59 12.38 -61.68
N GLY G 204 -51.43 12.22 -62.31
CA GLY G 204 -51.37 12.23 -63.76
C GLY G 204 -51.55 13.60 -64.40
N SER G 205 -52.28 14.51 -63.74
CA SER G 205 -52.50 15.86 -64.26
C SER G 205 -51.32 16.77 -63.93
N THR G 206 -51.11 17.76 -64.79
CA THR G 206 -49.94 18.63 -64.71
C THR G 206 -50.34 20.09 -64.78
N VAL G 207 -49.89 20.88 -63.79
CA VAL G 207 -49.97 22.33 -63.81
C VAL G 207 -48.61 22.86 -64.24
N GLU G 208 -48.62 23.98 -64.98
CA GLU G 208 -47.40 24.57 -65.51
C GLU G 208 -47.43 26.07 -65.26
N LYS G 209 -46.40 26.59 -64.59
CA LYS G 209 -46.21 28.01 -64.43
C LYS G 209 -44.88 28.42 -65.05
N THR G 210 -44.87 29.58 -65.70
CA THR G 210 -43.71 30.09 -66.42
C THR G 210 -43.48 31.55 -66.05
N VAL G 211 -42.21 31.90 -65.82
CA VAL G 211 -41.77 33.26 -65.52
C VAL G 211 -40.61 33.58 -66.44
N ALA G 212 -40.35 34.88 -66.64
CA ALA G 212 -39.27 35.32 -67.52
C ALA G 212 -38.60 36.56 -66.95
N PRO G 213 -37.31 36.74 -67.20
CA PRO G 213 -36.61 37.96 -66.77
C PRO G 213 -37.04 39.18 -67.59
N THR G 214 -37.46 40.23 -66.87
CA THR G 214 -37.89 41.51 -67.45
C THR G 214 -37.97 42.58 -66.34
N GLN H 1 -12.22 29.13 -40.22
CA GLN H 1 -12.32 30.44 -39.58
C GLN H 1 -12.32 30.34 -38.05
N VAL H 2 -11.22 30.84 -37.47
CA VAL H 2 -10.95 30.73 -36.04
C VAL H 2 -11.88 31.59 -35.20
N GLN H 3 -12.27 31.07 -34.03
CA GLN H 3 -13.10 31.86 -33.12
C GLN H 3 -12.78 31.53 -31.64
N LEU H 4 -12.71 32.58 -30.84
CA LEU H 4 -12.41 32.49 -29.41
C LEU H 4 -13.58 33.10 -28.65
N VAL H 5 -14.29 32.30 -27.88
CA VAL H 5 -15.48 32.75 -27.16
C VAL H 5 -15.23 32.60 -25.66
N GLU H 6 -15.10 33.74 -24.97
CA GLU H 6 -14.85 33.77 -23.54
C GLU H 6 -16.07 33.36 -22.72
N SER H 7 -15.83 32.60 -21.66
CA SER H 7 -16.89 32.32 -20.70
C SER H 7 -16.86 33.39 -19.61
N GLY H 8 -17.87 33.36 -18.77
CA GLY H 8 -18.30 34.55 -18.09
C GLY H 8 -17.63 34.95 -16.80
N GLY H 9 -17.68 36.26 -16.57
CA GLY H 9 -17.42 36.84 -15.31
C GLY H 9 -18.76 37.41 -14.92
N GLY H 10 -18.76 38.61 -14.38
CA GLY H 10 -19.93 39.14 -13.75
C GLY H 10 -19.50 39.94 -12.54
N VAL H 11 -20.34 39.96 -11.50
CA VAL H 11 -20.09 40.75 -10.31
C VAL H 11 -19.68 39.84 -9.16
N VAL H 12 -18.66 40.26 -8.42
CA VAL H 12 -18.18 39.56 -7.22
C VAL H 12 -17.62 40.57 -6.25
N GLN H 13 -17.61 40.19 -4.93
CA GLN H 13 -17.11 41.03 -3.83
C GLN H 13 -15.59 41.03 -3.82
N PRO H 14 -14.95 42.18 -3.59
CA PRO H 14 -13.49 42.25 -3.56
C PRO H 14 -12.93 41.24 -2.58
N GLY H 15 -11.81 40.62 -2.96
CA GLY H 15 -11.25 39.52 -2.21
C GLY H 15 -11.80 38.15 -2.52
N ARG H 16 -12.83 38.03 -3.37
CA ARG H 16 -13.28 36.72 -3.81
C ARG H 16 -12.56 36.35 -5.12
N SER H 17 -12.97 35.25 -5.76
CA SER H 17 -12.23 34.70 -6.90
C SER H 17 -13.17 34.28 -8.02
N LEU H 18 -12.65 34.26 -9.27
CA LEU H 18 -13.39 33.99 -10.51
C LEU H 18 -12.56 33.18 -11.49
N ARG H 19 -13.18 32.20 -12.14
CA ARG H 19 -12.54 31.48 -13.24
C ARG H 19 -13.19 31.91 -14.57
N LEU H 20 -12.43 32.66 -15.36
CA LEU H 20 -12.78 32.96 -16.74
C LEU H 20 -12.36 31.81 -17.64
N SER H 21 -13.12 31.62 -18.71
CA SER H 21 -12.79 30.56 -19.66
C SER H 21 -12.80 31.11 -21.06
N CYS H 22 -12.10 30.42 -21.95
CA CYS H 22 -11.97 30.84 -23.33
C CYS H 22 -12.05 29.59 -24.17
N ALA H 23 -13.14 29.46 -24.94
CA ALA H 23 -13.35 28.31 -25.78
C ALA H 23 -12.82 28.60 -27.17
N ALA H 24 -11.94 27.73 -27.66
CA ALA H 24 -11.30 27.91 -28.95
C ALA H 24 -11.80 26.87 -29.94
N SER H 25 -12.12 27.31 -31.16
CA SER H 25 -12.54 26.42 -32.24
C SER H 25 -11.92 26.92 -33.54
N GLY H 26 -11.64 26.00 -34.45
CA GLY H 26 -11.22 26.36 -35.79
C GLY H 26 -9.73 26.31 -36.09
N PHE H 27 -8.90 25.84 -35.16
CA PHE H 27 -7.46 25.73 -35.33
C PHE H 27 -6.93 24.75 -34.28
N THR H 28 -5.69 24.30 -34.48
CA THR H 28 -5.07 23.34 -33.58
C THR H 28 -4.61 24.03 -32.29
N PHE H 29 -5.58 24.21 -31.37
CA PHE H 29 -5.39 25.00 -30.15
C PHE H 29 -4.14 24.60 -29.39
N SER H 30 -3.87 23.33 -29.29
CA SER H 30 -2.73 22.88 -28.50
C SER H 30 -1.37 23.19 -29.13
N ASN H 31 -1.26 23.93 -30.25
CA ASN H 31 0.03 24.31 -30.81
C ASN H 31 0.31 25.81 -30.74
N TYR H 32 -0.68 26.62 -30.33
CA TYR H 32 -0.58 28.08 -30.30
C TYR H 32 -0.42 28.60 -28.86
N ALA H 33 0.22 29.75 -28.73
CA ALA H 33 0.25 30.46 -27.46
C ALA H 33 -1.08 31.17 -27.24
N MET H 34 -1.36 31.49 -25.97
CA MET H 34 -2.67 31.95 -25.56
C MET H 34 -2.54 33.06 -24.51
N HIS H 35 -3.24 34.17 -24.72
CA HIS H 35 -3.15 35.38 -23.91
C HIS H 35 -4.44 35.67 -23.16
N TRP H 36 -4.30 36.54 -22.14
CA TRP H 36 -5.40 37.27 -21.53
C TRP H 36 -5.07 38.76 -21.63
N VAL H 37 -6.03 39.54 -22.10
CA VAL H 37 -5.90 40.99 -22.17
C VAL H 37 -7.16 41.55 -21.55
N ARG H 38 -7.04 42.70 -20.90
CA ARG H 38 -8.20 43.28 -20.26
C ARG H 38 -8.27 44.76 -20.57
N GLN H 39 -9.47 45.30 -20.47
CA GLN H 39 -9.69 46.73 -20.72
C GLN H 39 -10.63 47.27 -19.67
N ALA H 40 -10.11 48.14 -18.81
CA ALA H 40 -10.95 48.76 -17.80
C ALA H 40 -11.91 49.74 -18.46
N PRO H 41 -13.09 49.99 -17.84
CA PRO H 41 -14.08 50.87 -18.48
C PRO H 41 -13.50 52.26 -18.75
N GLY H 42 -13.37 52.57 -20.05
CA GLY H 42 -12.78 53.78 -20.56
C GLY H 42 -11.27 53.85 -20.53
N LYS H 43 -10.58 52.77 -20.19
CA LYS H 43 -9.13 52.71 -20.22
C LYS H 43 -8.67 51.99 -21.48
N GLY H 44 -7.35 51.98 -21.68
CA GLY H 44 -6.77 51.28 -22.82
C GLY H 44 -6.66 49.79 -22.58
N LEU H 45 -6.10 49.11 -23.58
CA LEU H 45 -5.79 47.69 -23.39
C LEU H 45 -4.57 47.56 -22.48
N GLU H 46 -4.62 46.55 -21.61
CA GLU H 46 -3.55 46.16 -20.69
C GLU H 46 -3.34 44.66 -20.83
N TRP H 47 -2.13 44.25 -21.20
CA TRP H 47 -1.82 42.83 -21.28
C TRP H 47 -1.71 42.21 -19.88
N VAL H 48 -2.31 41.02 -19.71
CA VAL H 48 -2.43 40.35 -18.40
C VAL H 48 -1.52 39.12 -18.28
N ALA H 49 -1.71 38.12 -19.14
CA ALA H 49 -0.94 36.88 -19.01
C ALA H 49 -0.78 36.21 -20.38
N VAL H 50 0.16 35.26 -20.43
CA VAL H 50 0.37 34.45 -21.67
C VAL H 50 0.76 33.04 -21.22
N ILE H 51 0.41 32.00 -21.99
CA ILE H 51 0.85 30.62 -21.65
C ILE H 51 1.43 29.97 -22.92
N SER H 52 2.45 29.12 -22.76
CA SER H 52 3.01 28.38 -23.91
C SER H 52 2.05 27.28 -24.33
N TYR H 53 2.17 26.79 -25.56
CA TYR H 53 1.27 25.71 -26.06
C TYR H 53 1.42 24.49 -25.16
N ASP H 54 2.66 24.16 -24.77
CA ASP H 54 2.94 23.01 -23.88
C ASP H 54 4.17 23.35 -23.04
N GLY H 55 4.36 22.67 -21.91
CA GLY H 55 5.49 22.99 -21.02
C GLY H 55 5.13 24.16 -20.12
N SER H 56 3.89 24.64 -20.21
CA SER H 56 3.39 25.74 -19.35
C SER H 56 4.48 26.72 -18.95
N ASN H 57 4.96 27.54 -19.90
CA ASN H 57 5.93 28.57 -19.57
C ASN H 57 5.16 29.89 -19.39
N LYS H 58 4.44 30.02 -18.28
CA LYS H 58 3.53 31.15 -18.04
C LYS H 58 4.28 32.46 -17.69
N TYR H 59 3.76 33.59 -18.21
CA TYR H 59 4.24 34.91 -17.81
C TYR H 59 3.07 35.83 -17.46
N TYR H 60 3.33 36.80 -16.56
CA TYR H 60 2.27 37.63 -15.97
C TYR H 60 2.64 39.11 -15.97
N ALA H 61 1.61 39.95 -16.16
CA ALA H 61 1.78 41.36 -15.85
C ALA H 61 1.91 41.47 -14.33
N ASP H 62 2.79 42.35 -13.88
CA ASP H 62 3.09 42.33 -12.45
C ASP H 62 1.89 42.77 -11.61
N SER H 63 0.95 43.50 -12.20
CA SER H 63 -0.25 43.93 -11.50
C SER H 63 -1.20 42.78 -11.19
N VAL H 64 -0.83 41.54 -11.50
CA VAL H 64 -1.71 40.41 -11.20
C VAL H 64 -0.86 39.27 -10.66
N LYS H 65 0.46 39.47 -10.60
CA LYS H 65 1.37 38.42 -10.13
C LYS H 65 1.07 38.05 -8.69
N GLY H 66 0.94 36.74 -8.44
CA GLY H 66 0.53 36.22 -7.17
C GLY H 66 -0.96 35.96 -7.04
N ARG H 67 -1.79 36.78 -7.67
CA ARG H 67 -3.24 36.63 -7.56
C ARG H 67 -3.81 35.76 -8.67
N PHE H 68 -3.46 36.04 -9.93
CA PHE H 68 -4.06 35.37 -11.07
C PHE H 68 -3.24 34.14 -11.43
N THR H 69 -3.88 33.22 -12.14
CA THR H 69 -3.22 32.00 -12.59
C THR H 69 -3.75 31.60 -13.95
N ILE H 70 -2.86 31.48 -14.93
CA ILE H 70 -3.20 31.06 -16.28
C ILE H 70 -2.99 29.56 -16.42
N SER H 71 -3.93 28.91 -17.11
CA SER H 71 -3.77 27.50 -17.41
C SER H 71 -4.58 27.17 -18.65
N ARG H 72 -4.42 25.94 -19.13
CA ARG H 72 -5.12 25.50 -20.33
C ARG H 72 -5.36 24.01 -20.24
N ASP H 73 -6.48 23.56 -20.83
CA ASP H 73 -6.76 22.13 -21.02
C ASP H 73 -6.73 21.86 -22.51
N ASN H 74 -5.65 21.25 -22.98
CA ASN H 74 -5.51 21.03 -24.41
C ASN H 74 -6.51 20.00 -24.90
N SER H 75 -6.91 19.05 -24.04
CA SER H 75 -7.90 18.05 -24.42
C SER H 75 -9.27 18.66 -24.65
N LYS H 76 -9.54 19.86 -24.14
CA LYS H 76 -10.84 20.49 -24.35
C LYS H 76 -10.74 21.81 -25.11
N ASN H 77 -9.57 22.17 -25.62
CA ASN H 77 -9.41 23.41 -26.37
C ASN H 77 -9.91 24.61 -25.58
N THR H 78 -9.58 24.65 -24.28
CA THR H 78 -10.08 25.69 -23.39
C THR H 78 -8.92 26.36 -22.68
N LEU H 79 -8.99 27.68 -22.60
CA LEU H 79 -8.04 28.52 -21.87
C LEU H 79 -8.70 29.09 -20.63
N TYR H 80 -7.96 29.13 -19.53
CA TYR H 80 -8.50 29.53 -18.24
C TYR H 80 -7.76 30.74 -17.69
N LEU H 81 -8.48 31.55 -16.90
CA LEU H 81 -7.87 32.59 -16.08
C LEU H 81 -8.54 32.57 -14.71
N GLN H 82 -7.81 32.10 -13.71
CA GLN H 82 -8.26 32.12 -12.32
C GLN H 82 -7.84 33.44 -11.70
N MET H 83 -8.81 34.23 -11.27
CA MET H 83 -8.53 35.45 -10.57
C MET H 83 -8.84 35.23 -9.09
N ASN H 84 -7.94 35.72 -8.23
CA ASN H 84 -8.06 35.56 -6.79
C ASN H 84 -7.85 36.94 -6.16
N SER H 85 -8.38 37.11 -4.94
CA SER H 85 -8.31 38.37 -4.21
C SER H 85 -8.66 39.54 -5.13
N LEU H 86 -9.84 39.46 -5.73
CA LEU H 86 -10.19 40.43 -6.76
C LEU H 86 -10.29 41.82 -6.15
N ARG H 87 -9.89 42.80 -6.93
CA ARG H 87 -9.83 44.19 -6.49
C ARG H 87 -10.66 45.05 -7.45
N ALA H 88 -11.11 46.21 -6.97
CA ALA H 88 -11.99 47.01 -7.82
C ALA H 88 -11.29 47.48 -9.08
N GLU H 89 -9.96 47.51 -9.07
CA GLU H 89 -9.20 47.81 -10.28
C GLU H 89 -9.15 46.63 -11.24
N ASP H 90 -9.66 45.47 -10.85
CA ASP H 90 -9.78 44.33 -11.75
C ASP H 90 -11.06 44.40 -12.58
N THR H 91 -11.86 45.46 -12.42
CA THR H 91 -13.08 45.63 -13.18
C THR H 91 -12.71 46.03 -14.60
N ALA H 92 -13.16 45.25 -15.57
CA ALA H 92 -12.71 45.42 -16.95
C ALA H 92 -13.43 44.41 -17.81
N ILE H 93 -13.28 44.55 -19.12
CA ILE H 93 -13.59 43.48 -20.06
C ILE H 93 -12.32 42.66 -20.26
N TYR H 94 -12.48 41.35 -20.25
CA TYR H 94 -11.37 40.41 -20.36
C TYR H 94 -11.49 39.66 -21.67
N TYR H 95 -10.53 39.88 -22.58
CA TYR H 95 -10.46 39.15 -23.84
C TYR H 95 -9.38 38.09 -23.75
N CYS H 96 -9.62 36.94 -24.38
CA CYS H 96 -8.52 36.03 -24.67
C CYS H 96 -8.03 36.21 -26.11
N ALA H 97 -6.83 35.68 -26.38
CA ALA H 97 -6.18 35.87 -27.65
C ALA H 97 -5.22 34.71 -27.91
N SER H 98 -4.91 34.49 -29.19
CA SER H 98 -3.99 33.43 -29.60
C SER H 98 -2.88 33.99 -30.47
N GLY H 99 -1.85 33.17 -30.67
CA GLY H 99 -0.72 33.57 -31.50
C GLY H 99 0.21 32.41 -31.76
N TYR H 100 1.28 32.71 -32.49
CA TYR H 100 2.32 31.70 -32.83
C TYR H 100 3.53 31.99 -31.94
N THR H 101 4.63 31.26 -32.15
CA THR H 101 5.87 31.51 -31.37
C THR H 101 7.01 31.82 -32.33
N GLY H 102 7.80 32.86 -32.04
CA GLY H 102 8.95 33.18 -32.91
C GLY H 102 10.22 33.38 -32.10
N TYR H 103 11.39 33.06 -32.67
CA TYR H 103 12.67 33.30 -31.97
C TYR H 103 13.16 34.73 -32.28
N ASP H 104 12.72 35.71 -31.50
CA ASP H 104 13.23 37.09 -31.70
C ASP H 104 14.73 37.17 -31.36
N TYR H 105 15.54 37.68 -32.28
CA TYR H 105 16.98 37.84 -32.05
C TYR H 105 17.24 38.92 -31.02
N PHE H 106 16.31 39.85 -30.85
CA PHE H 106 16.49 40.97 -29.91
C PHE H 106 16.36 40.54 -28.46
N VAL H 107 15.75 39.41 -28.17
CA VAL H 107 15.71 39.00 -26.74
C VAL H 107 16.30 37.61 -26.59
N ARG H 108 16.75 37.03 -27.68
CA ARG H 108 17.39 35.69 -27.70
C ARG H 108 16.49 34.66 -27.05
N GLY H 109 15.19 34.69 -27.33
CA GLY H 109 14.29 33.66 -26.81
C GLY H 109 13.00 33.60 -27.62
N ASP H 110 11.90 33.16 -27.03
CA ASP H 110 10.66 32.98 -27.81
C ASP H 110 9.65 34.07 -27.44
N TYR H 111 9.24 34.87 -28.41
CA TYR H 111 8.17 35.87 -28.14
C TYR H 111 6.84 35.19 -28.43
N TYR H 112 5.78 35.57 -27.72
CA TYR H 112 4.47 35.01 -28.08
C TYR H 112 3.63 36.00 -28.87
N GLY H 113 3.16 35.57 -30.03
CA GLY H 113 2.40 36.44 -30.88
C GLY H 113 0.96 36.55 -30.44
N LEU H 114 0.35 37.67 -30.79
CA LEU H 114 -1.04 37.93 -30.46
C LEU H 114 -1.73 38.39 -31.75
N ASP H 115 -2.33 37.45 -32.50
CA ASP H 115 -2.81 37.73 -33.85
C ASP H 115 -4.31 37.55 -34.02
N VAL H 116 -5.00 37.05 -32.99
CA VAL H 116 -6.42 36.70 -33.03
C VAL H 116 -7.02 37.05 -31.66
N TRP H 117 -8.09 37.82 -31.67
CA TRP H 117 -8.76 38.32 -30.48
C TRP H 117 -10.12 37.66 -30.26
N GLY H 118 -10.53 37.54 -28.99
CA GLY H 118 -11.85 37.06 -28.66
C GLY H 118 -12.89 38.17 -28.60
N GLN H 119 -14.13 37.79 -28.26
CA GLN H 119 -15.24 38.75 -28.23
C GLN H 119 -15.33 39.52 -26.90
N GLY H 120 -14.96 38.89 -25.77
CA GLY H 120 -14.96 39.53 -24.47
C GLY H 120 -15.90 38.98 -23.40
N THR H 121 -15.60 39.28 -22.14
CA THR H 121 -16.47 38.94 -21.01
C THR H 121 -16.28 39.98 -19.91
N THR H 122 -17.37 40.37 -19.26
CA THR H 122 -17.27 41.48 -18.30
C THR H 122 -17.16 40.98 -16.86
N VAL H 123 -16.24 41.61 -16.11
CA VAL H 123 -15.92 41.30 -14.72
C VAL H 123 -16.03 42.57 -13.90
N THR H 124 -16.99 42.60 -12.97
CA THR H 124 -17.24 43.74 -12.11
C THR H 124 -16.95 43.38 -10.65
N VAL H 125 -16.08 44.15 -10.03
CA VAL H 125 -15.63 43.94 -8.66
C VAL H 125 -16.05 45.16 -7.85
N SER H 126 -16.98 44.96 -6.90
CA SER H 126 -17.54 46.06 -6.13
C SER H 126 -17.98 45.59 -4.75
N SER H 127 -17.81 46.47 -3.76
CA SER H 127 -18.51 46.33 -2.49
C SER H 127 -19.83 47.09 -2.63
N ALA H 128 -20.80 46.43 -3.28
CA ALA H 128 -22.14 46.97 -3.38
C ALA H 128 -23.11 45.81 -3.45
N SER H 129 -24.29 45.99 -2.88
CA SER H 129 -25.30 44.96 -2.86
C SER H 129 -26.22 45.16 -4.06
N THR H 130 -26.81 44.06 -4.52
CA THR H 130 -27.80 44.15 -5.58
C THR H 130 -28.89 45.13 -5.15
N LYS H 131 -29.26 46.06 -6.04
CA LYS H 131 -30.17 47.12 -5.68
C LYS H 131 -30.92 47.65 -6.90
N GLY H 132 -32.24 47.80 -6.77
CA GLY H 132 -33.08 48.34 -7.81
C GLY H 132 -33.02 49.84 -7.87
N PRO H 133 -33.33 50.40 -9.05
CA PRO H 133 -33.21 51.85 -9.24
C PRO H 133 -34.44 52.59 -8.76
N SER H 134 -34.25 53.89 -8.59
CA SER H 134 -35.32 54.86 -8.41
C SER H 134 -35.55 55.59 -9.73
N VAL H 135 -36.81 55.77 -10.11
CA VAL H 135 -37.14 56.32 -11.41
C VAL H 135 -37.89 57.63 -11.23
N PHE H 136 -37.28 58.73 -11.65
CA PHE H 136 -37.82 60.08 -11.54
C PHE H 136 -37.94 60.72 -12.92
N PRO H 137 -38.80 61.72 -13.10
CA PRO H 137 -39.00 62.33 -14.43
C PRO H 137 -38.04 63.47 -14.81
N ALA H 151 -38.51 67.88 -25.43
CA ALA H 151 -37.64 66.92 -24.71
C ALA H 151 -38.02 66.59 -23.24
N LEU H 152 -38.16 65.29 -22.94
CA LEU H 152 -38.55 64.78 -21.63
C LEU H 152 -37.87 63.44 -21.38
N GLY H 153 -37.83 63.01 -20.13
CA GLY H 153 -37.20 61.71 -19.91
C GLY H 153 -37.32 61.15 -18.51
N CYS H 154 -36.49 60.12 -18.29
CA CYS H 154 -36.44 59.34 -17.06
C CYS H 154 -35.05 59.34 -16.48
N LEU H 155 -34.95 59.63 -15.18
CA LEU H 155 -33.70 59.54 -14.44
C LEU H 155 -33.70 58.20 -13.70
N VAL H 156 -32.80 57.31 -14.10
CA VAL H 156 -32.71 55.97 -13.52
C VAL H 156 -31.58 56.00 -12.49
N LYS H 157 -31.94 56.12 -11.21
CA LYS H 157 -31.02 56.53 -10.17
C LYS H 157 -30.68 55.36 -9.24
N ASP H 158 -29.39 55.23 -8.93
CA ASP H 158 -28.85 54.45 -7.81
C ASP H 158 -29.26 52.97 -7.87
N TYR H 159 -28.74 52.28 -8.87
CA TYR H 159 -28.90 50.84 -9.01
C TYR H 159 -27.55 50.14 -9.07
N PHE H 160 -27.60 48.82 -8.89
CA PHE H 160 -26.42 47.98 -8.99
C PHE H 160 -26.87 46.53 -9.08
N PRO H 161 -26.25 45.71 -9.96
CA PRO H 161 -25.21 46.08 -10.93
C PRO H 161 -25.84 46.46 -12.25
N GLU H 162 -25.03 46.75 -13.26
CA GLU H 162 -25.53 46.88 -14.62
C GLU H 162 -26.16 45.55 -15.08
N PRO H 163 -27.00 45.60 -16.15
CA PRO H 163 -27.53 46.79 -16.83
C PRO H 163 -29.03 47.03 -16.57
N VAL H 164 -29.47 48.23 -16.93
CA VAL H 164 -30.87 48.58 -16.92
C VAL H 164 -31.28 48.90 -18.35
N THR H 165 -32.46 48.44 -18.76
CA THR H 165 -33.04 48.78 -20.06
C THR H 165 -34.21 49.74 -19.89
N VAL H 166 -34.34 50.66 -20.84
CA VAL H 166 -35.36 51.68 -20.82
C VAL H 166 -36.05 51.66 -22.17
N SER H 167 -37.32 51.29 -22.17
CA SER H 167 -38.16 51.43 -23.35
C SER H 167 -39.25 52.45 -23.05
N TRP H 168 -39.80 53.04 -24.09
CA TRP H 168 -40.79 54.10 -23.96
C TRP H 168 -42.12 53.66 -24.53
N ASN H 169 -43.19 53.83 -23.74
CA ASN H 169 -44.54 53.45 -24.16
C ASN H 169 -44.54 51.99 -24.60
N SER H 170 -43.86 51.16 -23.82
CA SER H 170 -43.76 49.74 -24.07
C SER H 170 -43.13 49.42 -25.43
N GLY H 171 -42.21 50.27 -25.89
CA GLY H 171 -41.58 50.07 -27.18
C GLY H 171 -42.29 50.69 -28.37
N ALA H 172 -43.57 51.04 -28.22
CA ALA H 172 -44.32 51.70 -29.27
C ALA H 172 -43.78 53.08 -29.60
N LEU H 173 -42.84 53.60 -28.79
CA LEU H 173 -42.25 54.92 -28.96
C LEU H 173 -40.74 54.73 -29.10
N THR H 174 -40.19 55.08 -30.27
CA THR H 174 -38.75 54.91 -30.53
C THR H 174 -38.06 56.09 -31.22
N SER H 175 -38.75 56.89 -32.02
CA SER H 175 -38.10 58.03 -32.65
C SER H 175 -37.79 59.10 -31.61
N GLY H 176 -36.53 59.55 -31.57
CA GLY H 176 -36.10 60.57 -30.64
C GLY H 176 -35.65 60.05 -29.28
N VAL H 177 -35.77 58.74 -29.06
CA VAL H 177 -35.28 58.12 -27.85
C VAL H 177 -33.75 58.07 -27.87
N HIS H 178 -33.13 58.39 -26.75
CA HIS H 178 -31.69 58.16 -26.60
C HIS H 178 -31.42 57.81 -25.14
N THR H 179 -30.97 56.58 -24.90
CA THR H 179 -30.57 56.15 -23.57
C THR H 179 -29.06 56.33 -23.42
N PHE H 180 -28.67 57.07 -22.39
CA PHE H 180 -27.28 57.42 -22.17
C PHE H 180 -26.56 56.25 -21.51
N PRO H 181 -25.24 56.27 -21.53
CA PRO H 181 -24.47 55.29 -20.76
C PRO H 181 -24.62 55.57 -19.27
N ALA H 182 -24.41 54.52 -18.49
CA ALA H 182 -24.39 54.65 -17.05
C ALA H 182 -23.28 55.60 -16.59
N VAL H 183 -23.47 56.13 -15.39
CA VAL H 183 -22.44 56.84 -14.67
C VAL H 183 -22.24 56.09 -13.37
N LEU H 184 -21.01 56.01 -12.89
CA LEU H 184 -20.71 55.25 -11.69
C LEU H 184 -20.25 56.25 -10.66
N GLN H 185 -21.06 56.44 -9.61
CA GLN H 185 -20.81 57.48 -8.63
C GLN H 185 -19.84 56.96 -7.57
N SER H 186 -19.25 57.91 -6.86
CA SER H 186 -18.43 57.58 -5.71
C SER H 186 -19.21 56.80 -4.64
N SER H 187 -20.52 56.67 -4.79
CA SER H 187 -21.26 55.80 -3.89
C SER H 187 -21.06 54.33 -4.23
N GLY H 188 -20.65 54.01 -5.45
CA GLY H 188 -20.64 52.62 -5.91
C GLY H 188 -21.89 52.18 -6.65
N LEU H 189 -22.86 53.06 -6.82
CA LEU H 189 -24.13 52.78 -7.47
C LEU H 189 -24.19 53.48 -8.83
N TYR H 190 -24.91 52.86 -9.77
CA TYR H 190 -24.96 53.41 -11.12
C TYR H 190 -26.19 54.31 -11.34
N SER H 191 -26.07 55.17 -12.34
CA SER H 191 -27.15 56.04 -12.74
C SER H 191 -27.07 56.23 -14.25
N LEU H 192 -28.23 56.19 -14.92
CA LEU H 192 -28.31 56.57 -16.33
C LEU H 192 -29.61 57.31 -16.57
N SER H 193 -29.70 57.90 -17.76
CA SER H 193 -30.86 58.66 -18.19
C SER H 193 -31.29 58.20 -19.58
N SER H 194 -32.60 58.34 -19.84
CA SER H 194 -33.18 58.13 -21.16
C SER H 194 -34.05 59.34 -21.48
N VAL H 195 -33.83 59.94 -22.65
CA VAL H 195 -34.53 61.15 -23.01
C VAL H 195 -35.17 60.93 -24.37
N VAL H 196 -36.31 61.57 -24.60
CA VAL H 196 -36.93 61.60 -25.92
C VAL H 196 -37.35 63.03 -26.23
N THR H 197 -37.02 63.48 -27.44
CA THR H 197 -37.50 64.77 -27.93
C THR H 197 -38.83 64.51 -28.62
N VAL H 198 -39.82 65.32 -28.28
CA VAL H 198 -41.17 65.08 -28.79
C VAL H 198 -41.66 66.37 -29.43
N PRO H 199 -42.60 66.27 -30.37
CA PRO H 199 -43.33 67.46 -30.82
C PRO H 199 -44.03 68.17 -29.67
N SER H 200 -43.75 69.48 -29.57
CA SER H 200 -44.14 70.27 -28.41
C SER H 200 -45.65 70.21 -28.13
N SER H 201 -46.47 70.13 -29.18
CA SER H 201 -47.91 70.20 -28.99
C SER H 201 -48.54 68.88 -28.58
N SER H 202 -47.80 67.76 -28.66
CA SER H 202 -48.34 66.46 -28.27
C SER H 202 -48.49 66.30 -26.76
N LEU H 203 -48.08 67.30 -25.98
CA LEU H 203 -48.03 67.13 -24.53
C LEU H 203 -49.42 67.11 -23.92
N GLY H 204 -50.36 67.85 -24.49
CA GLY H 204 -51.69 67.78 -23.90
C GLY H 204 -52.52 66.61 -24.35
N THR H 205 -52.04 65.84 -25.31
CA THR H 205 -52.85 64.78 -25.89
C THR H 205 -52.26 63.39 -25.69
N GLN H 206 -50.98 63.18 -26.03
CA GLN H 206 -50.39 61.85 -25.83
C GLN H 206 -49.70 61.71 -24.46
N THR H 207 -49.44 60.46 -24.11
CA THR H 207 -48.85 60.11 -22.83
C THR H 207 -47.52 59.39 -23.04
N TYR H 208 -46.55 59.74 -22.20
CA TYR H 208 -45.20 59.21 -22.32
C TYR H 208 -44.85 58.45 -21.05
N ILE H 209 -44.52 57.18 -21.19
CA ILE H 209 -44.25 56.31 -20.05
C ILE H 209 -42.95 55.58 -20.33
N CYS H 210 -41.95 55.76 -19.47
CA CYS H 210 -40.70 55.04 -19.66
C CYS H 210 -40.71 53.76 -18.86
N ASN H 211 -40.31 52.69 -19.50
CA ASN H 211 -40.32 51.38 -18.90
C ASN H 211 -38.88 51.03 -18.52
N VAL H 212 -38.63 50.94 -17.23
CA VAL H 212 -37.30 50.68 -16.71
C VAL H 212 -37.28 49.24 -16.21
N ASN H 213 -36.30 48.49 -16.66
CA ASN H 213 -36.22 47.07 -16.38
C ASN H 213 -34.83 46.73 -15.84
N HIS H 214 -34.80 46.13 -14.65
CA HIS H 214 -33.54 45.79 -13.98
C HIS H 214 -33.63 44.34 -13.51
N LYS H 215 -33.23 43.40 -14.37
CA LYS H 215 -33.33 41.98 -14.00
C LYS H 215 -32.53 41.61 -12.76
N PRO H 216 -31.32 42.12 -12.52
CA PRO H 216 -30.55 41.70 -11.33
C PRO H 216 -31.28 41.91 -9.99
N SER H 217 -32.32 42.73 -9.90
CA SER H 217 -33.08 42.86 -8.66
C SER H 217 -34.57 42.62 -8.87
N ASN H 218 -34.94 42.03 -10.01
CA ASN H 218 -36.34 41.73 -10.38
C ASN H 218 -37.23 42.96 -10.34
N THR H 219 -36.64 44.12 -10.59
CA THR H 219 -37.35 45.38 -10.52
C THR H 219 -37.80 45.74 -11.93
N LYS H 220 -39.06 46.14 -12.05
CA LYS H 220 -39.65 46.59 -13.28
C LYS H 220 -40.52 47.77 -12.90
N VAL H 221 -40.25 48.93 -13.48
CA VAL H 221 -40.91 50.17 -13.06
C VAL H 221 -41.45 50.89 -14.30
N ASP H 222 -42.73 51.27 -14.24
CA ASP H 222 -43.33 52.11 -15.27
C ASP H 222 -43.59 53.46 -14.60
N LYS H 223 -42.98 54.50 -15.15
CA LYS H 223 -43.13 55.85 -14.62
C LYS H 223 -43.65 56.74 -15.75
N ARG H 224 -44.74 57.43 -15.47
CA ARG H 224 -45.36 58.28 -16.46
C ARG H 224 -44.82 59.70 -16.28
N VAL H 225 -44.49 60.35 -17.39
CA VAL H 225 -43.78 61.62 -17.35
C VAL H 225 -44.72 62.69 -17.85
N GLU H 226 -45.16 63.57 -16.96
CA GLU H 226 -46.05 64.68 -17.29
C GLU H 226 -45.33 66.00 -17.07
N PRO H 227 -45.86 67.11 -17.61
CA PRO H 227 -45.39 68.47 -17.34
C PRO H 227 -45.69 68.96 -15.91
N GLN I 1 11.80 46.05 -19.52
CA GLN I 1 10.52 46.06 -20.19
C GLN I 1 10.39 47.33 -21.02
N PRO I 2 10.29 47.20 -22.34
CA PRO I 2 10.16 48.37 -23.21
C PRO I 2 8.83 49.07 -23.05
N VAL I 3 8.78 50.34 -23.49
CA VAL I 3 7.57 51.15 -23.41
C VAL I 3 7.32 51.85 -24.73
N LEU I 4 6.05 51.90 -25.13
CA LEU I 4 5.60 52.44 -26.39
C LEU I 4 4.89 53.78 -26.17
N THR I 5 5.26 54.76 -26.98
CA THR I 5 4.77 56.13 -26.83
C THR I 5 3.94 56.49 -28.06
N GLN I 6 2.62 56.59 -27.86
CA GLN I 6 1.70 56.97 -28.92
C GLN I 6 1.09 58.34 -28.63
N SER I 7 0.88 59.13 -29.68
CA SER I 7 0.16 60.38 -29.53
C SER I 7 -1.28 60.08 -29.11
N PRO I 8 -1.81 60.76 -28.08
CA PRO I 8 -3.15 60.40 -27.57
C PRO I 8 -4.31 60.60 -28.55
N SER I 9 -4.20 61.45 -29.57
CA SER I 9 -5.30 61.63 -30.49
C SER I 9 -4.80 62.09 -31.87
N ALA I 10 -5.61 61.82 -32.88
CA ALA I 10 -5.32 62.29 -34.23
C ALA I 10 -6.62 62.36 -35.01
N SER I 11 -6.64 63.22 -36.03
CA SER I 11 -7.81 63.33 -36.90
C SER I 11 -7.40 63.75 -38.30
N ALA I 12 -8.21 63.33 -39.27
CA ALA I 12 -8.10 63.78 -40.64
C ALA I 12 -9.47 63.58 -41.30
N SER I 13 -9.70 64.30 -42.40
CA SER I 13 -11.02 64.30 -42.98
C SER I 13 -11.26 63.01 -43.77
N LEU I 14 -12.53 62.71 -44.00
CA LEU I 14 -12.90 61.60 -44.86
C LEU I 14 -12.15 61.69 -46.17
N GLY I 15 -11.66 60.57 -46.66
CA GLY I 15 -10.87 60.54 -47.88
C GLY I 15 -9.42 60.97 -47.73
N ALA I 16 -9.06 61.63 -46.63
CA ALA I 16 -7.67 62.01 -46.39
C ALA I 16 -6.89 60.78 -45.93
N SER I 17 -5.64 60.99 -45.49
CA SER I 17 -4.79 59.92 -44.99
C SER I 17 -4.13 60.36 -43.69
N VAL I 18 -3.81 59.39 -42.84
CA VAL I 18 -3.11 59.67 -41.59
C VAL I 18 -1.91 58.76 -41.46
N LYS I 19 -0.99 59.18 -40.58
CA LYS I 19 0.24 58.46 -40.27
C LYS I 19 0.27 58.41 -38.76
N LEU I 20 -0.29 57.34 -38.20
CA LEU I 20 -0.26 57.14 -36.77
C LEU I 20 1.14 56.68 -36.41
N THR I 21 1.75 57.34 -35.43
CA THR I 21 3.13 57.02 -35.07
C THR I 21 3.23 56.48 -33.66
N CYS I 22 3.98 55.39 -33.52
CA CYS I 22 4.14 54.71 -32.21
C CYS I 22 5.65 54.61 -31.95
N THR I 23 6.19 55.54 -31.18
CA THR I 23 7.66 55.54 -31.00
C THR I 23 7.98 54.69 -29.76
N LEU I 24 8.64 53.55 -29.96
CA LEU I 24 9.08 52.75 -28.78
C LEU I 24 10.27 53.48 -28.17
N SER I 25 10.60 53.18 -26.92
CA SER I 25 11.68 53.90 -26.22
C SER I 25 13.01 53.65 -26.96
N SER I 26 13.96 54.58 -26.85
CA SER I 26 15.27 54.40 -27.50
C SER I 26 15.87 53.11 -26.94
N GLY I 27 15.70 52.86 -25.63
CA GLY I 27 16.13 51.56 -25.10
C GLY I 27 15.25 50.50 -25.74
N HIS I 28 15.81 49.39 -26.20
CA HIS I 28 15.04 48.36 -26.95
C HIS I 28 14.54 48.94 -28.27
N SER I 29 15.34 49.78 -28.94
CA SER I 29 14.95 50.24 -30.27
C SER I 29 15.20 49.10 -31.23
N SER I 30 14.62 49.21 -32.41
CA SER I 30 14.58 48.14 -33.41
C SER I 30 13.79 46.91 -32.95
N TYR I 31 13.05 47.00 -31.85
CA TYR I 31 12.11 45.94 -31.49
C TYR I 31 10.95 45.91 -32.47
N ALA I 32 10.46 44.71 -32.78
CA ALA I 32 9.30 44.64 -33.66
C ALA I 32 8.03 44.94 -32.88
N ILE I 33 6.99 45.36 -33.61
CA ILE I 33 5.71 45.71 -33.01
C ILE I 33 4.58 45.10 -33.84
N ALA I 34 3.37 45.27 -33.31
CA ALA I 34 2.14 44.90 -33.99
C ALA I 34 1.15 46.04 -33.82
N TRP I 35 0.23 46.19 -34.78
CA TRP I 35 -0.83 47.18 -34.70
C TRP I 35 -2.19 46.50 -34.54
N HIS I 36 -3.01 47.07 -33.65
CA HIS I 36 -4.34 46.56 -33.39
C HIS I 36 -5.33 47.70 -33.52
N GLN I 37 -6.52 47.37 -34.00
CA GLN I 37 -7.59 48.32 -34.21
C GLN I 37 -8.73 48.04 -33.24
N GLN I 38 -9.25 49.09 -32.61
CA GLN I 38 -10.47 48.96 -31.79
C GLN I 38 -11.50 50.01 -32.22
N GLN I 39 -12.50 49.57 -32.98
CA GLN I 39 -13.64 50.39 -33.36
C GLN I 39 -14.62 50.54 -32.22
N PRO I 40 -15.47 51.58 -32.24
CA PRO I 40 -16.37 51.82 -31.11
C PRO I 40 -17.32 50.66 -30.84
N GLU I 41 -17.44 50.32 -29.55
CA GLU I 41 -18.35 49.29 -29.05
C GLU I 41 -18.00 47.90 -29.57
N LYS I 42 -16.71 47.68 -29.89
CA LYS I 42 -16.22 46.45 -30.51
C LYS I 42 -14.96 45.96 -29.82
N GLY I 43 -14.64 44.69 -30.08
CA GLY I 43 -13.40 44.11 -29.64
C GLY I 43 -12.25 44.48 -30.55
N PRO I 44 -11.03 44.17 -30.11
CA PRO I 44 -9.84 44.50 -30.89
C PRO I 44 -9.72 43.63 -32.13
N ARG I 45 -8.93 44.10 -33.09
CA ARG I 45 -8.64 43.37 -34.31
C ARG I 45 -7.18 43.53 -34.70
N TYR I 46 -6.52 42.41 -35.01
CA TYR I 46 -5.09 42.42 -35.37
C TYR I 46 -4.87 42.91 -36.81
N LEU I 47 -4.05 43.95 -36.95
CA LEU I 47 -3.71 44.51 -38.26
C LEU I 47 -2.49 43.85 -38.89
N MET I 48 -1.30 44.11 -38.33
CA MET I 48 -0.06 43.63 -38.92
C MET I 48 1.04 43.63 -37.87
N LYS I 49 2.12 42.90 -38.15
CA LYS I 49 3.38 43.03 -37.43
C LYS I 49 4.39 43.84 -38.25
N LEU I 50 5.17 44.70 -37.59
CA LEU I 50 6.17 45.56 -38.23
C LEU I 50 7.55 45.21 -37.73
N ASN I 51 8.46 44.86 -38.64
CA ASN I 51 9.86 44.61 -38.30
C ASN I 51 10.67 45.90 -38.43
N THR I 52 11.94 45.84 -38.02
CA THR I 52 12.80 47.02 -38.08
C THR I 52 13.15 47.40 -39.51
N ASP I 53 13.03 46.46 -40.46
CA ASP I 53 13.41 46.71 -41.85
C ASP I 53 12.29 47.29 -42.68
N GLY I 54 11.10 47.49 -42.13
CA GLY I 54 10.00 48.06 -42.89
C GLY I 54 9.05 47.00 -43.38
N SER I 55 9.36 45.73 -43.10
CA SER I 55 8.61 44.59 -43.62
C SER I 55 7.46 44.24 -42.69
N HIS I 56 6.27 44.15 -43.26
CA HIS I 56 5.07 43.86 -42.52
C HIS I 56 4.62 42.43 -42.77
N SER I 57 3.67 41.98 -41.97
CA SER I 57 2.92 40.75 -42.24
C SER I 57 1.47 41.01 -41.87
N LYS I 58 0.59 41.14 -42.85
CA LYS I 58 -0.76 41.48 -42.45
C LYS I 58 -1.51 40.25 -41.99
N GLY I 59 -2.57 40.50 -41.22
CA GLY I 59 -3.53 39.45 -40.98
C GLY I 59 -4.30 39.21 -42.25
N ASP I 60 -5.15 38.21 -42.25
CA ASP I 60 -5.99 38.03 -43.42
C ASP I 60 -7.19 38.96 -43.32
N GLY I 61 -7.61 39.48 -44.48
CA GLY I 61 -8.80 40.31 -44.60
C GLY I 61 -8.69 41.77 -44.24
N ILE I 62 -7.50 42.30 -44.04
CA ILE I 62 -7.34 43.72 -43.69
C ILE I 62 -6.96 44.48 -44.95
N PRO I 63 -7.59 45.62 -45.23
CA PRO I 63 -7.46 46.27 -46.54
C PRO I 63 -6.06 46.84 -46.81
N ASP I 64 -5.82 47.13 -48.10
CA ASP I 64 -4.56 47.68 -48.58
C ASP I 64 -4.35 49.14 -48.23
N ARG I 65 -5.39 49.87 -47.79
CA ARG I 65 -5.20 51.26 -47.40
C ARG I 65 -4.38 51.40 -46.13
N PHE I 66 -4.09 50.28 -45.45
CA PHE I 66 -3.26 50.23 -44.25
C PHE I 66 -1.86 49.74 -44.60
N SER I 67 -0.86 50.59 -44.43
CA SER I 67 0.53 50.16 -44.64
C SER I 67 1.39 50.58 -43.46
N GLY I 68 2.43 49.79 -43.22
CA GLY I 68 3.37 50.04 -42.16
C GLY I 68 4.76 50.32 -42.68
N SER I 69 5.50 51.13 -41.94
CA SER I 69 6.85 51.55 -42.27
C SER I 69 7.56 51.84 -40.98
N SER I 70 8.87 52.02 -41.06
CA SER I 70 9.71 51.95 -39.89
C SER I 70 10.89 52.89 -40.09
N SER I 71 11.33 53.54 -39.01
CA SER I 71 12.44 54.50 -39.06
C SER I 71 12.99 54.85 -37.69
N GLY I 72 14.26 54.56 -37.46
CA GLY I 72 14.86 54.82 -36.15
C GLY I 72 14.13 54.03 -35.09
N ALA I 73 13.80 54.68 -33.99
CA ALA I 73 13.01 54.05 -32.94
C ALA I 73 11.51 54.20 -33.16
N GLU I 74 11.10 54.69 -34.32
CA GLU I 74 9.71 55.04 -34.59
C GLU I 74 9.06 53.99 -35.50
N ARG I 75 7.77 53.77 -35.30
CA ARG I 75 6.96 52.93 -36.18
C ARG I 75 5.67 53.63 -36.55
N TYR I 76 5.24 53.45 -37.80
CA TYR I 76 4.14 54.21 -38.38
C TYR I 76 3.07 53.27 -38.91
N LEU I 77 1.81 53.59 -38.61
CA LEU I 77 0.66 53.02 -39.30
C LEU I 77 0.10 54.09 -40.22
N THR I 78 0.01 53.76 -41.50
CA THR I 78 -0.49 54.66 -42.53
C THR I 78 -1.80 54.11 -43.06
N ILE I 79 -2.83 54.97 -43.11
CA ILE I 79 -4.16 54.63 -43.62
C ILE I 79 -4.49 55.63 -44.72
N SER I 80 -4.60 55.13 -45.96
CA SER I 80 -4.92 55.96 -47.11
C SER I 80 -6.42 56.01 -47.36
N SER I 81 -6.82 57.04 -48.12
CA SER I 81 -8.21 57.32 -48.49
C SER I 81 -9.20 56.92 -47.39
N LEU I 82 -9.16 57.66 -46.28
CA LEU I 82 -9.90 57.32 -45.08
C LEU I 82 -11.40 57.15 -45.31
N GLN I 83 -11.97 56.21 -44.58
CA GLN I 83 -13.39 55.88 -44.64
C GLN I 83 -14.03 56.08 -43.26
N SER I 84 -15.36 56.04 -43.22
CA SER I 84 -16.06 56.28 -41.96
C SER I 84 -15.69 55.23 -40.91
N GLU I 85 -15.52 53.97 -41.34
CA GLU I 85 -15.25 52.83 -40.47
C GLU I 85 -13.85 52.85 -39.86
N ASP I 86 -12.91 53.60 -40.43
CA ASP I 86 -11.57 53.63 -39.89
C ASP I 86 -11.47 54.43 -38.60
N GLU I 87 -12.57 55.08 -38.17
CA GLU I 87 -12.56 55.79 -36.90
C GLU I 87 -12.50 54.75 -35.79
N ALA I 88 -11.43 54.80 -34.99
CA ALA I 88 -11.18 53.75 -34.02
C ALA I 88 -9.96 54.11 -33.19
N ASP I 89 -9.70 53.28 -32.18
CA ASP I 89 -8.49 53.34 -31.38
C ASP I 89 -7.46 52.39 -31.98
N TYR I 90 -6.23 52.88 -32.17
CA TYR I 90 -5.15 52.07 -32.74
C TYR I 90 -4.05 51.87 -31.69
N TYR I 91 -3.92 50.62 -31.24
CA TYR I 91 -2.96 50.24 -30.22
C TYR I 91 -1.80 49.53 -30.92
N CYS I 92 -0.59 50.07 -30.75
CA CYS I 92 0.61 49.33 -31.06
C CYS I 92 1.00 48.54 -29.83
N GLN I 93 1.54 47.34 -30.06
CA GLN I 93 2.03 46.50 -28.98
C GLN I 93 3.36 45.92 -29.40
N THR I 94 4.17 45.59 -28.42
CA THR I 94 5.48 45.03 -28.68
C THR I 94 5.70 43.86 -27.72
N TRP I 95 6.88 43.26 -27.74
CA TRP I 95 7.21 42.15 -26.86
C TRP I 95 8.42 42.50 -26.01
N GLY I 96 8.41 41.99 -24.79
CA GLY I 96 9.60 42.01 -23.98
C GLY I 96 10.05 40.58 -23.75
N THR I 97 10.47 40.29 -22.52
CA THR I 97 10.89 38.93 -22.16
C THR I 97 9.67 38.17 -21.69
N GLY I 98 9.07 37.42 -22.62
CA GLY I 98 7.90 36.64 -22.31
C GLY I 98 6.66 37.52 -22.29
N ILE I 99 6.81 38.71 -21.79
CA ILE I 99 5.67 39.58 -21.60
C ILE I 99 5.52 40.46 -22.83
N LEU I 100 4.32 40.97 -23.03
CA LEU I 100 4.05 41.92 -24.08
C LEU I 100 3.54 43.20 -23.44
N VAL I 101 3.73 44.33 -24.14
CA VAL I 101 3.39 45.65 -23.66
C VAL I 101 2.67 46.42 -24.75
N PHE I 102 1.56 47.03 -24.39
CA PHE I 102 0.80 47.93 -25.23
C PHE I 102 1.21 49.38 -24.99
N GLY I 103 0.84 50.23 -25.95
CA GLY I 103 0.90 51.67 -25.78
C GLY I 103 -0.43 52.24 -25.32
N GLY I 104 -0.43 53.54 -25.06
CA GLY I 104 -1.64 54.18 -24.58
C GLY I 104 -2.80 54.13 -25.57
N GLY I 105 -2.49 54.05 -26.86
CA GLY I 105 -3.53 54.06 -27.86
C GLY I 105 -3.68 55.43 -28.51
N THR I 106 -4.24 55.43 -29.72
CA THR I 106 -4.53 56.66 -30.45
C THR I 106 -5.98 56.62 -30.88
N LYS I 107 -6.78 57.60 -30.42
CA LYS I 107 -8.14 57.76 -30.92
C LYS I 107 -8.07 58.55 -32.22
N LEU I 108 -8.36 57.86 -33.33
CA LEU I 108 -8.40 58.53 -34.65
C LEU I 108 -9.86 58.93 -34.90
N THR I 109 -10.11 60.20 -35.20
CA THR I 109 -11.50 60.69 -35.41
C THR I 109 -11.67 61.16 -36.85
N VAL I 110 -12.71 60.69 -37.53
CA VAL I 110 -12.98 61.16 -38.92
C VAL I 110 -13.86 62.41 -38.82
N LEU I 111 -13.45 63.50 -39.47
CA LEU I 111 -14.20 64.79 -39.35
C LEU I 111 -15.05 65.00 -40.61
N GLY I 112 -15.15 63.99 -41.47
CA GLY I 112 -15.88 64.17 -42.76
C GLY I 112 -17.34 64.51 -42.55
N GLN I 113 -18.01 63.88 -41.58
CA GLN I 113 -19.45 64.12 -41.35
C GLN I 113 -19.66 65.52 -40.77
N PRO I 114 -20.80 66.19 -41.04
CA PRO I 114 -21.02 67.60 -40.63
C PRO I 114 -20.71 68.11 -39.21
N LYS I 115 -20.08 69.30 -39.11
CA LYS I 115 -19.81 69.97 -37.85
C LYS I 115 -21.13 70.38 -37.19
N ALA I 116 -21.16 70.35 -35.85
CA ALA I 116 -22.43 70.59 -35.15
C ALA I 116 -22.17 71.05 -33.71
N ALA I 117 -22.71 72.23 -33.34
CA ALA I 117 -22.66 72.71 -31.97
C ALA I 117 -23.78 72.06 -31.15
N PRO I 118 -23.58 71.90 -29.83
CA PRO I 118 -24.46 71.02 -29.05
C PRO I 118 -25.78 71.65 -28.61
N SER I 119 -26.81 70.79 -28.48
CA SER I 119 -28.06 71.14 -27.80
C SER I 119 -27.91 70.85 -26.31
N VAL I 120 -28.30 71.82 -25.46
CA VAL I 120 -28.06 71.75 -24.02
C VAL I 120 -29.36 72.02 -23.27
N THR I 121 -29.96 70.97 -22.71
CA THR I 121 -31.15 71.08 -21.87
C THR I 121 -30.81 70.65 -20.46
N LEU I 122 -31.16 71.50 -19.49
CA LEU I 122 -30.78 71.33 -18.09
C LEU I 122 -32.02 71.14 -17.24
N PHE I 123 -32.11 70.00 -16.54
CA PHE I 123 -33.31 69.68 -15.75
C PHE I 123 -33.06 69.91 -14.27
N PRO I 124 -33.85 70.72 -13.59
CA PRO I 124 -33.77 70.84 -12.12
C PRO I 124 -34.23 69.54 -11.47
N PRO I 125 -34.10 69.39 -10.16
CA PRO I 125 -34.50 68.13 -9.53
C PRO I 125 -36.01 68.00 -9.54
N SER I 126 -36.49 66.84 -9.97
CA SER I 126 -37.91 66.56 -9.94
C SER I 126 -38.46 66.75 -8.53
N SER I 127 -39.72 67.15 -8.46
CA SER I 127 -40.36 67.32 -7.17
C SER I 127 -40.43 65.98 -6.44
N GLU I 128 -40.69 64.89 -7.17
CA GLU I 128 -40.69 63.58 -6.54
C GLU I 128 -39.35 63.22 -5.94
N GLU I 129 -38.25 63.72 -6.51
CA GLU I 129 -36.94 63.42 -5.95
C GLU I 129 -36.70 64.16 -4.63
N LEU I 130 -37.15 65.42 -4.55
CA LEU I 130 -36.98 66.19 -3.33
C LEU I 130 -37.74 65.57 -2.16
N GLN I 131 -38.97 65.11 -2.40
CA GLN I 131 -39.74 64.42 -1.38
C GLN I 131 -39.06 63.13 -0.93
N ALA I 132 -38.00 62.71 -1.61
CA ALA I 132 -37.22 61.54 -1.26
C ALA I 132 -35.86 61.92 -0.68
N ASN I 133 -35.66 63.19 -0.33
CA ASN I 133 -34.49 63.72 0.33
C ASN I 133 -33.29 63.83 -0.59
N LYS I 134 -33.48 63.65 -1.89
CA LYS I 134 -32.38 63.77 -2.83
C LYS I 134 -32.65 64.93 -3.78
N ALA I 135 -31.57 65.37 -4.44
CA ALA I 135 -31.67 66.39 -5.47
C ALA I 135 -30.56 66.14 -6.47
N THR I 136 -30.94 65.93 -7.73
CA THR I 136 -29.99 65.77 -8.80
C THR I 136 -30.35 66.75 -9.89
N LEU I 137 -29.34 67.38 -10.47
CA LEU I 137 -29.51 68.21 -11.65
C LEU I 137 -28.99 67.42 -12.85
N VAL I 138 -29.85 67.22 -13.85
CA VAL I 138 -29.50 66.41 -15.01
C VAL I 138 -29.33 67.32 -16.21
N CYS I 139 -28.10 67.41 -16.70
CA CYS I 139 -27.77 68.26 -17.84
C CYS I 139 -27.45 67.37 -19.04
N LEU I 140 -28.28 67.47 -20.08
CA LEU I 140 -28.14 66.63 -21.27
C LEU I 140 -27.62 67.44 -22.44
N ILE I 141 -26.64 66.87 -23.15
CA ILE I 141 -26.02 67.49 -24.32
C ILE I 141 -26.26 66.56 -25.51
N SER I 142 -26.79 67.12 -26.59
CA SER I 142 -27.14 66.29 -27.74
C SER I 142 -26.81 67.03 -29.03
N ASP I 143 -26.78 66.25 -30.13
CA ASP I 143 -26.69 66.75 -31.51
C ASP I 143 -25.45 67.60 -31.77
N PHE I 144 -24.28 67.09 -31.39
CA PHE I 144 -23.02 67.72 -31.73
C PHE I 144 -22.12 66.74 -32.49
N TYR I 145 -21.16 67.33 -33.22
CA TYR I 145 -20.15 66.68 -34.06
C TYR I 145 -19.01 67.67 -34.23
N PRO I 146 -17.77 67.33 -33.86
CA PRO I 146 -17.34 66.04 -33.30
C PRO I 146 -17.70 65.86 -31.82
N GLY I 147 -17.79 64.59 -31.37
CA GLY I 147 -18.15 64.27 -30.00
C GLY I 147 -17.05 64.49 -28.97
N ALA I 148 -16.72 65.75 -28.70
CA ALA I 148 -15.74 66.13 -27.69
C ALA I 148 -16.24 67.39 -27.00
N VAL I 149 -16.46 67.31 -25.69
CA VAL I 149 -17.07 68.40 -24.93
C VAL I 149 -16.43 68.46 -23.55
N THR I 150 -16.37 69.67 -22.96
CA THR I 150 -15.98 69.88 -21.58
C THR I 150 -17.09 70.58 -20.79
N VAL I 151 -17.34 70.09 -19.56
CA VAL I 151 -18.51 70.48 -18.79
C VAL I 151 -18.08 71.06 -17.44
N ALA I 152 -18.60 72.24 -17.10
CA ALA I 152 -18.33 72.87 -15.82
C ALA I 152 -19.63 73.38 -15.21
N TRP I 153 -19.85 73.06 -13.92
CA TRP I 153 -21.07 73.54 -13.21
C TRP I 153 -20.70 74.74 -12.34
N LYS I 154 -21.53 75.79 -12.34
CA LYS I 154 -21.28 76.96 -11.46
C LYS I 154 -22.49 77.22 -10.56
N ALA I 155 -22.27 77.36 -9.25
CA ALA I 155 -23.37 77.70 -8.33
C ALA I 155 -23.26 79.18 -7.98
N ASP I 156 -24.22 80.00 -8.41
CA ASP I 156 -24.10 81.48 -8.20
C ASP I 156 -22.75 81.93 -8.78
N SER I 157 -22.38 81.43 -9.96
CA SER I 157 -21.10 81.77 -10.65
C SER I 157 -19.89 81.26 -9.87
N SER I 158 -20.05 80.19 -9.07
CA SER I 158 -18.88 79.59 -8.38
C SER I 158 -18.72 78.14 -8.82
N PRO I 159 -17.56 77.74 -9.40
CA PRO I 159 -17.39 76.38 -9.94
C PRO I 159 -17.47 75.26 -8.91
N VAL I 160 -18.54 74.45 -8.94
CA VAL I 160 -18.65 73.31 -8.05
C VAL I 160 -17.83 72.18 -8.65
N LYS I 161 -17.06 71.49 -7.81
CA LYS I 161 -16.28 70.36 -8.27
C LYS I 161 -16.77 69.03 -7.70
N ALA I 162 -17.42 69.07 -6.54
CA ALA I 162 -17.94 67.88 -5.90
C ALA I 162 -19.34 67.55 -6.42
N GLY I 163 -19.66 66.26 -6.43
CA GLY I 163 -20.99 65.82 -6.81
C GLY I 163 -21.26 65.82 -8.28
N VAL I 164 -20.21 65.78 -9.10
CA VAL I 164 -20.33 65.87 -10.55
C VAL I 164 -19.91 64.55 -11.16
N GLU I 165 -20.70 64.07 -12.11
CA GLU I 165 -20.39 62.93 -12.94
C GLU I 165 -20.79 63.28 -14.37
N THR I 166 -20.15 62.64 -15.33
CA THR I 166 -20.34 62.97 -16.73
C THR I 166 -20.06 61.73 -17.56
N THR I 167 -20.91 61.47 -18.54
CA THR I 167 -20.70 60.34 -19.43
C THR I 167 -19.72 60.73 -20.52
N THR I 168 -19.16 59.80 -21.08
CA THR I 168 -18.45 60.33 -22.23
C THR I 168 -19.33 60.21 -23.48
N PRO I 169 -19.09 61.07 -24.48
CA PRO I 169 -19.96 61.15 -25.65
C PRO I 169 -20.18 59.81 -26.35
N SER I 170 -21.32 59.70 -27.03
CA SER I 170 -21.65 58.50 -27.80
C SER I 170 -22.62 58.89 -28.89
N LYS I 171 -22.39 58.40 -30.11
CA LYS I 171 -23.17 58.88 -31.25
C LYS I 171 -24.61 58.38 -31.19
N GLN I 172 -25.52 59.19 -31.73
CA GLN I 172 -26.94 58.92 -31.79
C GLN I 172 -27.31 58.17 -33.06
N SER I 173 -28.58 57.77 -33.13
CA SER I 173 -29.05 57.04 -34.31
C SER I 173 -29.04 57.90 -35.57
N ASN I 174 -28.92 59.23 -35.46
CA ASN I 174 -28.73 60.09 -36.63
C ASN I 174 -27.29 60.56 -36.77
N ASN I 175 -26.32 59.76 -36.31
CA ASN I 175 -24.88 59.94 -36.52
C ASN I 175 -24.34 61.23 -35.90
N LYS I 176 -25.05 61.84 -34.97
CA LYS I 176 -24.50 62.93 -34.17
C LYS I 176 -24.27 62.41 -32.75
N TYR I 177 -23.58 63.21 -31.94
CA TYR I 177 -23.18 62.77 -30.60
C TYR I 177 -24.10 63.29 -29.50
N ALA I 178 -23.90 62.75 -28.30
CA ALA I 178 -24.65 63.12 -27.11
C ALA I 178 -23.86 62.74 -25.87
N ALA I 179 -24.09 63.49 -24.79
CA ALA I 179 -23.49 63.18 -23.50
C ALA I 179 -24.31 63.85 -22.39
N SER I 180 -24.28 63.24 -21.19
CA SER I 180 -25.06 63.70 -20.06
C SER I 180 -24.13 63.95 -18.88
N SER I 181 -24.52 64.91 -18.05
CA SER I 181 -23.78 65.28 -16.84
C SER I 181 -24.75 65.40 -15.68
N TYR I 182 -24.26 65.06 -14.48
CA TYR I 182 -25.08 65.07 -13.29
C TYR I 182 -24.39 65.87 -12.20
N LEU I 183 -25.19 66.59 -11.41
CA LEU I 183 -24.71 67.35 -10.26
C LEU I 183 -25.56 67.00 -9.06
N SER I 184 -25.01 66.23 -8.13
CA SER I 184 -25.72 65.83 -6.93
C SER I 184 -25.55 66.87 -5.82
N LEU I 185 -26.66 67.19 -5.16
CA LEU I 185 -26.69 68.13 -4.05
C LEU I 185 -27.61 67.58 -2.98
N THR I 186 -27.49 68.16 -1.78
CA THR I 186 -28.48 67.93 -0.76
C THR I 186 -29.63 68.91 -0.96
N PRO I 187 -30.84 68.57 -0.48
CA PRO I 187 -31.97 69.49 -0.66
C PRO I 187 -31.72 70.90 -0.12
N GLU I 188 -31.02 71.03 1.02
CA GLU I 188 -30.66 72.37 1.50
C GLU I 188 -29.87 73.12 0.44
N GLN I 189 -28.81 72.49 -0.05
CA GLN I 189 -27.96 73.08 -1.09
C GLN I 189 -28.78 73.52 -2.31
N TRP I 190 -29.82 72.75 -2.65
CA TRP I 190 -30.64 73.13 -3.79
C TRP I 190 -31.37 74.45 -3.53
N LYS I 191 -31.92 74.61 -2.33
CA LYS I 191 -32.81 75.74 -2.02
C LYS I 191 -32.03 77.03 -1.78
N SER I 192 -30.86 76.93 -1.16
CA SER I 192 -30.13 78.09 -0.62
C SER I 192 -29.09 78.63 -1.60
N HIS I 193 -29.51 78.79 -2.86
CA HIS I 193 -28.81 79.59 -3.84
C HIS I 193 -29.88 80.31 -4.67
N ARG I 194 -29.43 81.14 -5.61
CA ARG I 194 -30.34 81.74 -6.58
C ARG I 194 -30.24 81.14 -7.97
N SER I 195 -29.20 80.36 -8.26
CA SER I 195 -29.11 79.72 -9.56
C SER I 195 -28.01 78.66 -9.54
N TYR I 196 -28.01 77.86 -10.59
CA TYR I 196 -26.98 76.88 -10.91
C TYR I 196 -26.80 76.91 -12.42
N SER I 197 -25.55 76.82 -12.86
CA SER I 197 -25.26 76.86 -14.29
C SER I 197 -24.69 75.52 -14.76
N CYS I 198 -25.11 75.11 -15.95
CA CYS I 198 -24.46 74.05 -16.70
C CYS I 198 -23.81 74.73 -17.90
N GLN I 199 -22.47 74.61 -18.00
CA GLN I 199 -21.67 75.28 -19.02
C GLN I 199 -20.94 74.24 -19.87
N VAL I 200 -21.29 74.19 -21.15
CA VAL I 200 -20.85 73.16 -22.07
C VAL I 200 -19.98 73.81 -23.13
N THR I 201 -18.72 73.40 -23.19
CA THR I 201 -17.75 73.99 -24.11
C THR I 201 -17.49 72.98 -25.23
N HIS I 202 -17.68 73.42 -26.48
CA HIS I 202 -17.56 72.56 -27.66
C HIS I 202 -16.80 73.32 -28.74
N GLU I 203 -15.54 72.92 -28.96
CA GLU I 203 -14.64 73.58 -29.90
C GLU I 203 -14.51 75.07 -29.55
N GLY I 204 -14.04 75.33 -28.34
CA GLY I 204 -13.85 76.69 -27.88
C GLY I 204 -15.13 77.45 -27.57
N SER I 205 -16.24 77.10 -28.22
CA SER I 205 -17.53 77.74 -27.97
C SER I 205 -18.22 77.15 -26.74
N THR I 206 -19.02 77.98 -26.08
CA THR I 206 -19.64 77.61 -24.82
C THR I 206 -21.13 77.91 -24.83
N VAL I 207 -21.93 76.88 -24.50
CA VAL I 207 -23.36 77.02 -24.24
C VAL I 207 -23.55 77.07 -22.73
N GLU I 208 -24.54 77.85 -22.28
CA GLU I 208 -24.79 78.04 -20.86
C GLU I 208 -26.29 77.90 -20.62
N LYS I 209 -26.66 77.00 -19.71
CA LYS I 209 -28.03 76.90 -19.24
C LYS I 209 -28.08 77.12 -17.74
N THR I 210 -29.12 77.82 -17.29
CA THR I 210 -29.29 78.19 -15.90
C THR I 210 -30.71 77.88 -15.45
N VAL I 211 -30.83 77.31 -14.25
CA VAL I 211 -32.10 76.99 -13.60
C VAL I 211 -32.05 77.55 -12.19
N ALA I 212 -33.23 77.75 -11.59
CA ALA I 212 -33.33 78.30 -10.24
C ALA I 212 -34.48 77.64 -9.49
N PRO I 213 -34.35 77.52 -8.17
CA PRO I 213 -35.46 76.98 -7.35
C PRO I 213 -36.62 77.97 -7.26
N THR I 214 -37.82 77.48 -7.59
CA THR I 214 -39.07 78.25 -7.55
C THR I 214 -40.26 77.29 -7.67
#